data_2DGM
#
_entry.id   2DGM
#
_cell.length_a   91.336
_cell.length_b   91.804
_cell.length_c   93.914
_cell.angle_alpha   76.65
_cell.angle_beta   76.94
_cell.angle_gamma   78.04
#
_symmetry.space_group_name_H-M   'P 1'
#
loop_
_entity.id
_entity.type
_entity.pdbx_description
1 polymer 'Glutamate decarboxylase beta'
2 non-polymer 'IODIDE ION'
3 non-polymer "PYRIDOXAL-5'-PHOSPHATE"
4 non-polymer 'FORMIC ACID'
5 non-polymer 'ACETIC ACID'
6 non-polymer DI(HYDROXYETHYL)ETHER
7 water water
#
_entity_poly.entity_id   1
_entity_poly.type   'polypeptide(L)'
_entity_poly.pdbx_seq_one_letter_code
;MDKKQVTDLRSELLDSRFGAKSISTIAESKRFPLHEMRDDVAFQIINDELYLDGNARQNLATFCQTWDDENVHKLMDLSI
NKNWIDKEEYPQSAAIDLRCVNMVADLWHAPAPKNGQAVGTNTIGSSEACMLGGMAMKWRWRKRMEAAGKPTDKPNLVCG
PVQICWHKFARYWDVELREIPMRPGQLFMDPKRMIEACDENTIGVVPTFGVTYTGNYEFPQPLHDALDKFQADTGIDIDM
HIDAASGGFLAPFVAPDIVWDFRLPRVKSISASGHKFGLAPLGCGWVIWRDEEALPQELVFNVDYLGGQIGTFAINFSRP
AGQVIAQYYEFLRLGREGYTKVQNASYQVAAYLADEIAKLGPYEFICTGRPDEGIPAVCFKLKDGEDPGYTLYDLSERLR
LRGWQVPAFTLGGEATDIVVMRIMCRRGFEMDFAELLLEDYKASLKYLSDHPKLQGIAQQNSFKHT
;
_entity_poly.pdbx_strand_id   A,B,C,D,E,F
#
loop_
_chem_comp.id
_chem_comp.type
_chem_comp.name
_chem_comp.formula
ACY non-polymer 'ACETIC ACID' 'C2 H4 O2'
FMT non-polymer 'FORMIC ACID' 'C H2 O2'
IOD non-polymer 'IODIDE ION' 'I -1'
PEG non-polymer DI(HYDROXYETHYL)ETHER 'C4 H10 O3'
PLP non-polymer PYRIDOXAL-5'-PHOSPHATE 'C8 H10 N O6 P'
#
# COMPACT_ATOMS: atom_id res chain seq x y z
N LYS A 3 24.27 30.37 -16.49
CA LYS A 3 22.87 29.91 -16.34
C LYS A 3 22.72 28.42 -16.60
N LYS A 4 23.77 27.80 -17.14
CA LYS A 4 23.72 26.37 -17.45
C LYS A 4 23.46 25.51 -16.22
N GLN A 5 24.13 25.83 -15.12
CA GLN A 5 23.97 25.07 -13.89
C GLN A 5 22.51 25.03 -13.45
N VAL A 6 21.87 26.19 -13.42
CA VAL A 6 20.48 26.30 -13.00
C VAL A 6 19.54 25.64 -14.00
N THR A 7 19.95 25.66 -15.27
CA THR A 7 19.14 25.04 -16.33
C THR A 7 19.14 23.53 -16.13
N ASP A 8 20.31 22.96 -15.91
CA ASP A 8 20.41 21.52 -15.72
C ASP A 8 19.70 21.10 -14.43
N LEU A 9 19.75 21.95 -13.42
CA LEU A 9 19.10 21.63 -12.15
C LEU A 9 17.58 21.57 -12.32
N ARG A 10 17.04 22.47 -13.13
CA ARG A 10 15.60 22.47 -13.37
C ARG A 10 15.21 21.13 -13.99
N SER A 11 16.01 20.66 -14.94
CA SER A 11 15.73 19.38 -15.59
C SER A 11 15.85 18.24 -14.58
N GLU A 12 16.84 18.31 -13.70
CA GLU A 12 17.03 17.30 -12.67
C GLU A 12 15.80 17.20 -11.80
N LEU A 13 15.16 18.34 -11.54
CA LEU A 13 13.97 18.38 -10.71
C LEU A 13 12.69 17.95 -11.43
N LEU A 14 12.54 18.39 -12.67
CA LEU A 14 11.32 18.12 -13.43
C LEU A 14 11.28 16.95 -14.41
N ASP A 15 12.43 16.51 -14.90
CA ASP A 15 12.44 15.41 -15.87
C ASP A 15 11.78 14.14 -15.36
N SER A 16 11.19 13.40 -16.30
CA SER A 16 10.57 12.14 -15.96
C SER A 16 11.69 11.13 -15.75
N ARG A 17 11.34 9.97 -15.24
CA ARG A 17 12.28 8.91 -14.95
C ARG A 17 13.16 8.48 -16.13
N PHE A 18 12.56 8.33 -17.30
CA PHE A 18 13.32 7.88 -18.45
C PHE A 18 13.86 8.99 -19.33
N GLY A 19 13.41 10.22 -19.10
CA GLY A 19 13.91 11.35 -19.86
C GLY A 19 15.04 12.03 -19.12
N ALA A 20 15.26 11.63 -17.86
CA ALA A 20 16.30 12.23 -17.03
C ALA A 20 17.72 12.02 -17.57
N LYS A 21 18.57 13.03 -17.37
CA LYS A 21 19.95 12.94 -17.83
C LYS A 21 20.72 11.83 -17.11
N SER A 22 20.42 11.64 -15.82
CA SER A 22 21.13 10.63 -15.04
C SER A 22 20.82 9.19 -15.41
N ILE A 23 19.85 8.96 -16.30
CA ILE A 23 19.53 7.60 -16.69
C ILE A 23 19.95 7.36 -18.15
N SER A 24 20.71 8.31 -18.69
CA SER A 24 21.18 8.23 -20.06
C SER A 24 22.54 7.52 -20.18
N THR A 25 23.08 7.02 -19.08
CA THR A 25 24.37 6.32 -19.14
C THR A 25 24.32 4.92 -18.54
N ILE A 26 25.35 4.15 -18.83
CA ILE A 26 25.49 2.78 -18.32
C ILE A 26 25.89 2.89 -16.84
N ALA A 27 25.32 2.05 -15.99
CA ALA A 27 25.63 2.09 -14.55
C ALA A 27 27.09 1.78 -14.24
N GLU A 28 27.64 2.45 -13.23
CA GLU A 28 29.04 2.25 -12.85
C GLU A 28 29.33 0.81 -12.44
N SER A 29 30.44 0.26 -12.93
CA SER A 29 30.80 -1.11 -12.62
C SER A 29 32.28 -1.28 -12.26
N LYS A 30 33.04 -0.19 -12.28
CA LYS A 30 34.47 -0.25 -11.99
C LYS A 30 34.95 0.52 -10.77
N ARG A 31 34.50 1.76 -10.61
CA ARG A 31 34.94 2.57 -9.49
C ARG A 31 33.80 3.03 -8.60
N PHE A 32 34.14 3.46 -7.39
CA PHE A 32 33.14 3.95 -6.47
C PHE A 32 32.62 5.24 -7.08
N PRO A 33 31.29 5.39 -7.20
CA PRO A 33 30.63 6.57 -7.76
C PRO A 33 31.00 7.87 -7.05
N LEU A 34 31.16 8.93 -7.82
CA LEU A 34 31.53 10.23 -7.27
C LEU A 34 30.35 11.04 -6.75
N HIS A 35 29.37 11.24 -7.61
CA HIS A 35 28.21 12.05 -7.26
C HIS A 35 26.97 11.32 -6.75
N GLU A 36 26.11 12.13 -6.14
CA GLU A 36 24.83 11.74 -5.59
C GLU A 36 23.91 11.76 -6.80
N MET A 37 22.90 10.89 -6.86
CA MET A 37 22.00 10.90 -8.00
C MET A 37 20.53 10.69 -7.57
N ARG A 38 19.60 11.04 -8.45
CA ARG A 38 18.17 10.89 -8.14
C ARG A 38 17.87 9.48 -7.67
N ASP A 39 17.25 9.38 -6.49
CA ASP A 39 16.93 8.08 -5.92
C ASP A 39 16.03 7.21 -6.80
N ASP A 40 15.07 7.82 -7.50
CA ASP A 40 14.19 7.02 -8.35
C ASP A 40 14.93 6.39 -9.52
N VAL A 41 15.87 7.13 -10.11
CA VAL A 41 16.63 6.60 -11.24
C VAL A 41 17.52 5.45 -10.75
N ALA A 42 18.13 5.60 -9.58
CA ALA A 42 19.00 4.55 -9.05
C ALA A 42 18.20 3.27 -8.83
N PHE A 43 17.02 3.41 -8.24
CA PHE A 43 16.17 2.25 -7.99
C PHE A 43 15.73 1.59 -9.31
N GLN A 44 15.19 2.40 -10.21
CA GLN A 44 14.71 1.92 -11.51
C GLN A 44 15.75 1.13 -12.27
N ILE A 45 16.96 1.68 -12.36
CA ILE A 45 18.05 1.02 -13.06
C ILE A 45 18.31 -0.37 -12.49
N ILE A 46 18.42 -0.44 -11.17
CA ILE A 46 18.68 -1.70 -10.50
C ILE A 46 17.50 -2.66 -10.65
N ASN A 47 16.30 -2.14 -10.43
CA ASN A 47 15.09 -2.95 -10.56
C ASN A 47 15.06 -3.60 -11.94
N ASP A 48 15.36 -2.81 -12.97
CA ASP A 48 15.34 -3.31 -14.34
C ASP A 48 16.42 -4.36 -14.64
N GLU A 49 17.63 -4.14 -14.14
CA GLU A 49 18.70 -5.12 -14.37
C GLU A 49 18.31 -6.49 -13.83
N LEU A 50 17.62 -6.51 -12.70
CA LEU A 50 17.21 -7.74 -12.06
C LEU A 50 16.26 -8.63 -12.88
N TYR A 51 15.69 -8.09 -13.95
CA TYR A 51 14.80 -8.89 -14.79
C TYR A 51 15.64 -9.95 -15.49
N LEU A 52 16.94 -9.72 -15.59
CA LEU A 52 17.82 -10.68 -16.23
C LEU A 52 18.10 -11.91 -15.36
N ASP A 53 17.59 -11.91 -14.13
CA ASP A 53 17.76 -13.06 -13.26
C ASP A 53 16.75 -14.13 -13.69
N GLY A 54 15.67 -13.70 -14.33
CA GLY A 54 14.65 -14.65 -14.75
C GLY A 54 13.57 -14.80 -13.70
N ASN A 55 12.73 -15.84 -13.81
CA ASN A 55 11.67 -16.03 -12.85
C ASN A 55 11.97 -17.16 -11.86
N ALA A 56 12.04 -16.80 -10.59
CA ALA A 56 12.33 -17.75 -9.53
C ALA A 56 11.28 -18.86 -9.45
N ARG A 57 10.02 -18.52 -9.71
CA ARG A 57 8.96 -19.53 -9.65
C ARG A 57 9.18 -20.61 -10.72
N GLN A 58 9.83 -20.24 -11.82
CA GLN A 58 10.11 -21.18 -12.91
C GLN A 58 11.46 -21.89 -12.77
N ASN A 59 12.21 -21.50 -11.74
CA ASN A 59 13.51 -22.11 -11.47
C ASN A 59 13.24 -23.44 -10.77
N LEU A 60 13.30 -24.52 -11.54
CA LEU A 60 13.04 -25.84 -10.98
C LEU A 60 14.33 -26.57 -10.59
N ALA A 61 15.42 -25.82 -10.55
CA ALA A 61 16.71 -26.38 -10.17
C ALA A 61 16.97 -26.21 -8.67
N THR A 62 16.54 -25.09 -8.09
CA THR A 62 16.77 -24.82 -6.66
C THR A 62 15.89 -25.61 -5.67
N PHE A 63 16.42 -25.75 -4.46
CA PHE A 63 15.75 -26.45 -3.34
C PHE A 63 15.19 -25.41 -2.37
N CYS A 64 15.64 -24.16 -2.52
CA CYS A 64 15.24 -23.07 -1.64
C CYS A 64 13.88 -22.44 -1.97
N GLN A 65 13.23 -21.89 -0.96
CA GLN A 65 11.93 -21.25 -1.12
C GLN A 65 11.92 -20.14 -2.15
N THR A 66 10.94 -20.17 -3.05
CA THR A 66 10.80 -19.14 -4.07
C THR A 66 9.48 -18.38 -3.93
N TRP A 67 8.79 -18.62 -2.81
CA TRP A 67 7.52 -17.97 -2.52
C TRP A 67 7.31 -17.97 -1.00
N ASP A 68 6.71 -16.92 -0.47
CA ASP A 68 6.44 -16.80 0.96
C ASP A 68 5.09 -16.12 1.07
N ASP A 69 4.31 -16.41 2.12
CA ASP A 69 3.02 -15.75 2.21
C ASP A 69 3.14 -14.30 2.68
N GLU A 70 2.04 -13.58 2.58
CA GLU A 70 1.98 -12.16 2.95
C GLU A 70 2.44 -11.86 4.37
N ASN A 71 2.09 -12.71 5.32
CA ASN A 71 2.50 -12.48 6.71
C ASN A 71 4.01 -12.59 6.89
N VAL A 72 4.65 -13.41 6.07
CA VAL A 72 6.10 -13.58 6.15
C VAL A 72 6.76 -12.33 5.55
N HIS A 73 6.16 -11.81 4.48
CA HIS A 73 6.70 -10.61 3.86
C HIS A 73 6.65 -9.49 4.90
N LYS A 74 5.54 -9.41 5.63
CA LYS A 74 5.38 -8.39 6.67
C LYS A 74 6.36 -8.59 7.83
N LEU A 75 6.54 -9.84 8.27
CA LEU A 75 7.46 -10.11 9.37
C LEU A 75 8.90 -9.81 8.94
N MET A 76 9.22 -10.14 7.71
CA MET A 76 10.57 -9.87 7.22
C MET A 76 10.85 -8.37 7.14
N ASP A 77 9.89 -7.60 6.62
CA ASP A 77 10.04 -6.15 6.51
C ASP A 77 10.10 -5.49 7.89
N LEU A 78 9.35 -6.04 8.83
CA LEU A 78 9.27 -5.56 10.20
C LEU A 78 10.57 -5.85 10.97
N SER A 79 11.27 -6.91 10.58
CA SER A 79 12.50 -7.33 11.25
C SER A 79 13.77 -7.02 10.46
N ILE A 80 13.64 -6.25 9.38
CA ILE A 80 14.78 -5.92 8.53
C ILE A 80 16.00 -5.41 9.31
N ASN A 81 15.76 -4.77 10.46
CA ASN A 81 16.85 -4.21 11.28
C ASN A 81 17.07 -4.88 12.63
N LYS A 82 16.44 -6.02 12.86
CA LYS A 82 16.61 -6.72 14.14
C LYS A 82 17.84 -7.61 14.04
N ASN A 83 18.77 -7.44 14.97
CA ASN A 83 20.02 -8.21 14.95
C ASN A 83 19.95 -9.51 15.74
N TRP A 84 19.98 -10.63 15.02
CA TRP A 84 19.94 -11.97 15.59
C TRP A 84 20.99 -12.23 16.68
N ILE A 85 22.16 -11.61 16.55
CA ILE A 85 23.26 -11.83 17.49
C ILE A 85 23.17 -11.09 18.82
N ASP A 86 22.54 -9.92 18.82
CA ASP A 86 22.39 -9.10 20.02
C ASP A 86 21.24 -9.60 20.89
N LYS A 87 21.48 -10.70 21.59
CA LYS A 87 20.48 -11.33 22.45
C LYS A 87 19.91 -10.40 23.53
N GLU A 88 20.75 -9.52 24.06
CA GLU A 88 20.33 -8.59 25.10
C GLU A 88 19.55 -7.40 24.56
N GLU A 89 19.88 -6.97 23.35
CA GLU A 89 19.21 -5.83 22.73
C GLU A 89 17.88 -6.20 22.05
N TYR A 90 17.76 -7.46 21.62
CA TYR A 90 16.53 -7.95 20.98
C TYR A 90 16.17 -9.25 21.71
N PRO A 91 15.90 -9.15 23.02
CA PRO A 91 15.55 -10.29 23.87
C PRO A 91 14.37 -11.17 23.47
N GLN A 92 13.32 -10.60 22.90
CA GLN A 92 12.19 -11.42 22.51
C GLN A 92 12.50 -12.17 21.22
N SER A 93 13.26 -11.54 20.33
CA SER A 93 13.65 -12.20 19.08
C SER A 93 14.48 -13.42 19.50
N ALA A 94 15.32 -13.23 20.53
CA ALA A 94 16.16 -14.30 21.04
C ALA A 94 15.33 -15.44 21.64
N ALA A 95 14.30 -15.10 22.42
CA ALA A 95 13.42 -16.09 23.04
C ALA A 95 12.69 -16.91 21.98
N ILE A 96 12.20 -16.23 20.95
CA ILE A 96 11.49 -16.89 19.87
C ILE A 96 12.41 -17.91 19.20
N ASP A 97 13.65 -17.50 18.94
CA ASP A 97 14.65 -18.37 18.34
C ASP A 97 14.84 -19.64 19.18
N LEU A 98 14.87 -19.47 20.50
CA LEU A 98 15.04 -20.60 21.41
C LEU A 98 13.84 -21.55 21.40
N ARG A 99 12.65 -21.02 21.10
CA ARG A 99 11.46 -21.87 21.04
C ARG A 99 11.57 -22.75 19.81
N CYS A 100 12.05 -22.17 18.72
CA CYS A 100 12.23 -22.91 17.49
C CYS A 100 13.23 -24.05 17.71
N VAL A 101 14.31 -23.76 18.42
CA VAL A 101 15.30 -24.78 18.69
C VAL A 101 14.59 -25.96 19.34
N ASN A 102 13.79 -25.69 20.38
CA ASN A 102 13.04 -26.74 21.07
C ASN A 102 12.13 -27.50 20.11
N MET A 103 11.39 -26.75 19.30
CA MET A 103 10.45 -27.33 18.36
C MET A 103 11.11 -28.22 17.31
N VAL A 104 12.27 -27.82 16.82
CA VAL A 104 12.96 -28.62 15.81
C VAL A 104 13.59 -29.84 16.47
N ALA A 105 14.06 -29.68 17.70
CA ALA A 105 14.65 -30.81 18.44
C ALA A 105 13.56 -31.85 18.71
N ASP A 106 12.36 -31.37 19.03
CA ASP A 106 11.23 -32.26 19.31
C ASP A 106 10.85 -33.01 18.04
N LEU A 107 10.79 -32.29 16.91
CA LEU A 107 10.43 -32.90 15.63
C LEU A 107 11.38 -34.06 15.31
N TRP A 108 12.65 -33.90 15.67
CA TRP A 108 13.66 -34.94 15.39
C TRP A 108 13.88 -35.98 16.49
N HIS A 109 12.95 -36.04 17.45
CA HIS A 109 13.04 -37.00 18.55
C HIS A 109 14.27 -36.87 19.43
N ALA A 110 14.76 -35.66 19.62
CA ALA A 110 15.91 -35.45 20.48
C ALA A 110 15.45 -35.69 21.92
N PRO A 111 16.30 -36.27 22.77
CA PRO A 111 15.85 -36.49 24.15
C PRO A 111 15.36 -35.19 24.78
N ALA A 112 14.28 -35.28 25.54
CA ALA A 112 13.69 -34.11 26.19
C ALA A 112 14.69 -33.38 27.07
N PRO A 113 14.83 -32.06 26.88
CA PRO A 113 15.77 -31.30 27.70
C PRO A 113 15.26 -31.14 29.14
N LYS A 114 16.01 -31.70 30.09
CA LYS A 114 15.63 -31.63 31.50
C LYS A 114 15.51 -30.19 31.97
N ASN A 115 16.32 -29.30 31.42
CA ASN A 115 16.30 -27.89 31.81
C ASN A 115 15.32 -27.08 30.95
N GLY A 116 14.57 -27.78 30.09
CA GLY A 116 13.60 -27.11 29.25
C GLY A 116 14.12 -26.42 28.00
N GLN A 117 15.40 -26.62 27.69
CA GLN A 117 15.96 -25.99 26.50
C GLN A 117 16.84 -26.97 25.75
N ALA A 118 16.47 -27.29 24.52
CA ALA A 118 17.26 -28.21 23.72
C ALA A 118 18.58 -27.55 23.35
N VAL A 119 19.58 -28.37 23.09
CA VAL A 119 20.90 -27.89 22.70
C VAL A 119 20.92 -27.75 21.18
N GLY A 120 21.16 -26.55 20.68
CA GLY A 120 21.17 -26.35 19.24
C GLY A 120 21.13 -24.88 18.88
N THR A 121 21.16 -24.58 17.60
CA THR A 121 21.14 -23.18 17.19
C THR A 121 20.64 -22.95 15.78
N ASN A 122 20.19 -21.72 15.53
CA ASN A 122 19.75 -21.33 14.21
C ASN A 122 21.03 -20.90 13.50
N THR A 123 21.00 -20.95 12.18
CA THR A 123 22.15 -20.58 11.35
C THR A 123 21.63 -19.93 10.07
N ILE A 124 22.54 -19.41 9.24
CA ILE A 124 22.17 -18.78 7.98
C ILE A 124 21.67 -19.83 6.98
N GLY A 125 22.12 -21.07 7.15
CA GLY A 125 21.72 -22.14 6.27
C GLY A 125 22.37 -23.44 6.71
N SER A 126 22.20 -24.50 5.92
CA SER A 126 22.79 -25.78 6.27
C SER A 126 24.30 -25.77 6.23
N SER A 127 24.89 -24.95 5.37
CA SER A 127 26.35 -24.91 5.29
C SER A 127 26.94 -24.59 6.67
N GLU A 128 26.59 -23.45 7.23
CA GLU A 128 27.10 -23.08 8.55
C GLU A 128 26.75 -24.15 9.59
N ALA A 129 25.55 -24.70 9.49
CA ALA A 129 25.09 -25.74 10.42
C ALA A 129 25.96 -27.01 10.33
N CYS A 130 26.33 -27.38 9.10
CA CYS A 130 27.17 -28.56 8.90
C CYS A 130 28.60 -28.28 9.38
N MET A 131 29.07 -27.05 9.23
CA MET A 131 30.42 -26.70 9.67
C MET A 131 30.46 -26.76 11.20
N LEU A 132 29.38 -26.31 11.83
CA LEU A 132 29.30 -26.32 13.28
C LEU A 132 29.26 -27.79 13.70
N GLY A 133 28.45 -28.58 13.01
CA GLY A 133 28.36 -30.00 13.31
C GLY A 133 29.69 -30.68 13.08
N GLY A 134 30.38 -30.29 12.01
CA GLY A 134 31.67 -30.88 11.70
C GLY A 134 32.72 -30.54 12.74
N MET A 135 32.77 -29.28 13.18
CA MET A 135 33.75 -28.90 14.19
C MET A 135 33.52 -29.68 15.48
N ALA A 136 32.25 -29.82 15.89
CA ALA A 136 31.95 -30.54 17.10
C ALA A 136 32.39 -32.00 16.95
N MET A 137 32.26 -32.54 15.72
CA MET A 137 32.67 -33.92 15.46
C MET A 137 34.18 -34.04 15.60
N LYS A 138 34.90 -33.09 15.01
CA LYS A 138 36.35 -33.11 15.05
C LYS A 138 36.84 -32.98 16.49
N TRP A 139 36.18 -32.11 17.25
CA TRP A 139 36.56 -31.89 18.64
C TRP A 139 36.28 -33.10 19.54
N ARG A 140 35.13 -33.74 19.33
CA ARG A 140 34.81 -34.92 20.14
C ARG A 140 35.83 -36.02 19.82
N TRP A 141 36.16 -36.19 18.54
CA TRP A 141 37.12 -37.19 18.12
C TRP A 141 38.48 -36.94 18.78
N ARG A 142 38.97 -35.71 18.69
CA ARG A 142 40.24 -35.33 19.29
C ARG A 142 40.31 -35.74 20.75
N LYS A 143 39.25 -35.44 21.49
CA LYS A 143 39.19 -35.80 22.90
C LYS A 143 39.27 -37.31 23.09
N ARG A 144 38.60 -38.06 22.21
CA ARG A 144 38.60 -39.53 22.30
C ARG A 144 40.01 -40.07 22.08
N MET A 145 40.69 -39.57 21.04
CA MET A 145 42.05 -40.02 20.74
C MET A 145 43.02 -39.60 21.85
N GLU A 146 42.76 -38.46 22.46
CA GLU A 146 43.62 -37.99 23.54
C GLU A 146 43.42 -38.87 24.77
N ALA A 147 42.21 -39.37 24.97
CA ALA A 147 41.93 -40.24 26.10
C ALA A 147 42.60 -41.59 25.85
N ALA A 148 42.74 -41.97 24.58
CA ALA A 148 43.35 -43.23 24.19
C ALA A 148 44.86 -43.09 23.98
N GLY A 149 45.36 -41.86 24.04
CA GLY A 149 46.79 -41.62 23.87
C GLY A 149 47.30 -41.75 22.45
N LYS A 150 46.41 -41.53 21.47
CA LYS A 150 46.77 -41.64 20.07
C LYS A 150 46.87 -40.26 19.39
N PRO A 151 47.65 -40.16 18.30
CA PRO A 151 47.84 -38.91 17.54
C PRO A 151 46.54 -38.36 16.97
N THR A 152 46.42 -37.04 16.91
CA THR A 152 45.21 -36.39 16.39
C THR A 152 45.52 -35.55 15.14
N ASP A 153 46.62 -35.86 14.46
CA ASP A 153 47.03 -35.08 13.30
C ASP A 153 46.50 -35.51 11.92
N LYS A 154 45.83 -36.65 11.84
CA LYS A 154 45.33 -37.11 10.54
C LYS A 154 43.84 -37.47 10.53
N PRO A 155 42.97 -36.51 10.89
CA PRO A 155 41.54 -36.81 10.89
C PRO A 155 40.95 -36.96 9.48
N ASN A 156 39.95 -37.83 9.35
CA ASN A 156 39.26 -38.02 8.08
C ASN A 156 37.77 -38.10 8.39
N LEU A 157 36.94 -37.85 7.37
CA LEU A 157 35.49 -37.89 7.50
C LEU A 157 34.95 -38.77 6.37
N VAL A 158 34.08 -39.73 6.70
CA VAL A 158 33.51 -40.63 5.70
C VAL A 158 32.09 -40.21 5.32
N CYS A 159 31.83 -40.17 4.02
CA CYS A 159 30.51 -39.75 3.53
C CYS A 159 30.18 -40.32 2.15
N GLY A 160 28.97 -40.01 1.70
CA GLY A 160 28.52 -40.44 0.39
C GLY A 160 28.57 -39.24 -0.53
N PRO A 161 27.63 -39.13 -1.49
CA PRO A 161 27.54 -38.02 -2.45
C PRO A 161 27.07 -36.71 -1.79
N VAL A 162 27.93 -36.14 -0.94
CA VAL A 162 27.61 -34.91 -0.23
C VAL A 162 27.57 -33.64 -1.07
N GLN A 163 26.90 -32.63 -0.52
CA GLN A 163 26.79 -31.32 -1.16
C GLN A 163 28.15 -30.65 -0.95
N ILE A 164 28.48 -29.70 -1.81
CA ILE A 164 29.78 -29.03 -1.74
C ILE A 164 30.24 -28.46 -0.39
N CYS A 165 29.32 -28.14 0.53
CA CYS A 165 29.75 -27.58 1.81
C CYS A 165 30.66 -28.53 2.61
N TRP A 166 30.50 -29.84 2.43
CA TRP A 166 31.35 -30.79 3.15
C TRP A 166 32.77 -30.78 2.58
N HIS A 167 32.88 -30.51 1.29
CA HIS A 167 34.19 -30.45 0.65
C HIS A 167 34.88 -29.19 1.19
N LYS A 168 34.12 -28.13 1.42
CA LYS A 168 34.70 -26.91 1.93
C LYS A 168 35.08 -27.11 3.39
N PHE A 169 34.25 -27.84 4.13
CA PHE A 169 34.55 -28.12 5.53
C PHE A 169 35.92 -28.79 5.62
N ALA A 170 36.09 -29.83 4.80
CA ALA A 170 37.32 -30.59 4.75
C ALA A 170 38.55 -29.72 4.46
N ARG A 171 38.45 -28.86 3.47
CA ARG A 171 39.55 -27.98 3.09
C ARG A 171 39.87 -26.96 4.17
N TYR A 172 38.85 -26.26 4.65
CA TYR A 172 39.05 -25.23 5.66
C TYR A 172 39.52 -25.77 7.01
N TRP A 173 39.07 -26.97 7.38
CA TRP A 173 39.47 -27.54 8.66
C TRP A 173 40.50 -28.68 8.60
N ASP A 174 41.18 -28.79 7.45
CA ASP A 174 42.22 -29.80 7.24
C ASP A 174 41.85 -31.23 7.61
N VAL A 175 40.72 -31.68 7.10
CA VAL A 175 40.24 -33.04 7.37
C VAL A 175 40.20 -33.78 6.03
N GLU A 176 40.65 -35.03 6.03
CA GLU A 176 40.64 -35.82 4.80
C GLU A 176 39.23 -36.29 4.52
N LEU A 177 38.69 -35.94 3.37
CA LEU A 177 37.33 -36.37 3.04
C LEU A 177 37.37 -37.69 2.29
N ARG A 178 36.69 -38.69 2.84
CA ARG A 178 36.61 -40.01 2.22
C ARG A 178 35.19 -40.19 1.71
N GLU A 179 34.98 -39.80 0.46
CA GLU A 179 33.68 -39.89 -0.18
C GLU A 179 33.50 -41.18 -0.96
N ILE A 180 32.51 -41.97 -0.58
CA ILE A 180 32.23 -43.20 -1.30
C ILE A 180 31.54 -42.71 -2.58
N PRO A 181 32.18 -42.94 -3.74
CA PRO A 181 31.68 -42.54 -5.06
C PRO A 181 30.43 -43.23 -5.56
N MET A 182 29.61 -42.50 -6.31
CA MET A 182 28.40 -43.07 -6.89
C MET A 182 28.84 -44.04 -7.96
N ARG A 183 28.00 -45.02 -8.25
CA ARG A 183 28.26 -45.98 -9.31
C ARG A 183 26.92 -46.50 -9.78
N PRO A 184 26.81 -46.86 -11.08
CA PRO A 184 25.58 -47.37 -11.67
C PRO A 184 24.88 -48.40 -10.78
N GLY A 185 23.62 -48.15 -10.46
CA GLY A 185 22.90 -49.09 -9.62
C GLY A 185 22.80 -48.61 -8.19
N GLN A 186 23.87 -47.96 -7.70
CA GLN A 186 23.87 -47.44 -6.34
C GLN A 186 24.60 -46.09 -6.28
N LEU A 187 23.81 -45.04 -6.40
CA LEU A 187 24.28 -43.67 -6.40
C LEU A 187 24.28 -43.13 -4.97
N PHE A 188 24.83 -43.91 -4.05
CA PHE A 188 24.88 -43.52 -2.65
C PHE A 188 25.90 -44.34 -1.88
N MET A 189 26.13 -43.94 -0.64
CA MET A 189 27.07 -44.65 0.23
C MET A 189 26.39 -45.84 0.89
N ASP A 190 26.84 -47.04 0.51
CA ASP A 190 26.29 -48.27 1.07
C ASP A 190 27.09 -48.63 2.31
N PRO A 191 26.56 -49.52 3.16
CA PRO A 191 27.26 -49.92 4.38
C PRO A 191 28.63 -50.54 4.14
N LYS A 192 28.70 -51.46 3.19
CA LYS A 192 29.97 -52.14 2.90
C LYS A 192 31.13 -51.22 2.54
N ARG A 193 30.91 -50.30 1.60
CA ARG A 193 31.99 -49.39 1.21
C ARG A 193 32.25 -48.31 2.26
N MET A 194 31.24 -48.01 3.08
CA MET A 194 31.42 -47.03 4.14
C MET A 194 32.41 -47.60 5.15
N ILE A 195 32.12 -48.82 5.61
CA ILE A 195 32.99 -49.47 6.58
C ILE A 195 34.41 -49.63 6.05
N GLU A 196 34.54 -49.97 4.77
CA GLU A 196 35.85 -50.14 4.17
C GLU A 196 36.71 -48.88 4.24
N ALA A 197 36.06 -47.72 4.38
CA ALA A 197 36.79 -46.44 4.46
C ALA A 197 37.03 -45.96 5.91
N CYS A 198 36.32 -46.55 6.87
CA CYS A 198 36.46 -46.18 8.28
C CYS A 198 37.70 -46.73 8.99
N ASP A 199 38.24 -45.93 9.93
CA ASP A 199 39.39 -46.34 10.76
C ASP A 199 39.45 -45.49 12.03
N GLU A 200 40.49 -45.67 12.84
CA GLU A 200 40.60 -44.93 14.10
C GLU A 200 40.71 -43.41 13.92
N ASN A 201 41.02 -42.97 12.71
CA ASN A 201 41.15 -41.55 12.45
C ASN A 201 39.89 -40.88 11.90
N THR A 202 38.85 -41.69 11.72
CA THR A 202 37.56 -41.22 11.21
C THR A 202 36.85 -40.44 12.30
N ILE A 203 36.63 -39.14 12.09
CA ILE A 203 35.96 -38.32 13.10
C ILE A 203 34.45 -38.58 13.13
N GLY A 204 33.93 -39.17 12.05
CA GLY A 204 32.51 -39.47 12.00
C GLY A 204 32.02 -39.79 10.60
N VAL A 205 30.76 -40.19 10.50
CA VAL A 205 30.14 -40.51 9.21
C VAL A 205 28.97 -39.55 9.00
N VAL A 206 28.85 -39.05 7.77
CA VAL A 206 27.79 -38.12 7.42
C VAL A 206 26.87 -38.62 6.31
N PRO A 207 25.73 -39.20 6.70
CA PRO A 207 24.78 -39.71 5.72
C PRO A 207 24.00 -38.48 5.27
N THR A 208 23.65 -38.42 3.99
CA THR A 208 22.89 -37.29 3.48
C THR A 208 21.44 -37.73 3.32
N PHE A 209 20.59 -37.27 4.23
CA PHE A 209 19.18 -37.63 4.21
C PHE A 209 18.46 -36.75 3.20
N GLY A 210 18.74 -37.00 1.93
CA GLY A 210 18.14 -36.23 0.85
C GLY A 210 19.26 -35.78 -0.05
N VAL A 211 19.81 -36.70 -0.84
CA VAL A 211 20.91 -36.40 -1.75
C VAL A 211 20.47 -35.40 -2.82
N THR A 212 21.19 -34.30 -2.94
CA THR A 212 20.88 -33.24 -3.90
C THR A 212 20.82 -33.68 -5.36
N TYR A 213 21.83 -34.44 -5.78
CA TYR A 213 21.97 -34.90 -7.15
C TYR A 213 20.87 -35.83 -7.66
N THR A 214 20.32 -36.65 -6.78
CA THR A 214 19.29 -37.61 -7.16
C THR A 214 17.94 -37.40 -6.48
N GLY A 215 17.94 -36.73 -5.34
CA GLY A 215 16.71 -36.50 -4.61
C GLY A 215 16.34 -37.64 -3.65
N ASN A 216 17.13 -38.71 -3.64
CA ASN A 216 16.82 -39.83 -2.76
C ASN A 216 17.49 -39.77 -1.40
N TYR A 217 16.92 -40.48 -0.45
CA TYR A 217 17.46 -40.53 0.91
C TYR A 217 18.55 -41.59 1.08
N GLU A 218 19.57 -41.27 1.85
CA GLU A 218 20.60 -42.26 2.21
C GLU A 218 20.01 -42.61 3.57
N PHE A 219 19.61 -43.86 3.78
CA PHE A 219 19.01 -44.26 5.06
C PHE A 219 20.07 -44.51 6.15
N PRO A 220 19.99 -43.75 7.25
CA PRO A 220 20.94 -43.88 8.36
C PRO A 220 20.93 -45.23 9.11
N GLN A 221 19.76 -45.85 9.25
CA GLN A 221 19.66 -47.10 9.99
C GLN A 221 20.59 -48.25 9.56
N PRO A 222 20.62 -48.59 8.26
CA PRO A 222 21.51 -49.69 7.83
C PRO A 222 22.98 -49.32 8.06
N LEU A 223 23.32 -48.03 7.92
CA LEU A 223 24.68 -47.58 8.15
C LEU A 223 24.98 -47.66 9.66
N HIS A 224 23.99 -47.28 10.46
CA HIS A 224 24.12 -47.31 11.91
C HIS A 224 24.41 -48.75 12.33
N ASP A 225 23.65 -49.68 11.77
CA ASP A 225 23.84 -51.11 12.05
C ASP A 225 25.29 -51.50 11.76
N ALA A 226 25.80 -51.05 10.63
CA ALA A 226 27.17 -51.36 10.22
C ALA A 226 28.19 -50.81 11.21
N LEU A 227 27.96 -49.60 11.72
CA LEU A 227 28.88 -48.98 12.68
C LEU A 227 28.84 -49.70 14.02
N ASP A 228 27.69 -50.28 14.35
CA ASP A 228 27.57 -51.03 15.61
C ASP A 228 28.45 -52.25 15.49
N LYS A 229 28.39 -52.92 14.34
CA LYS A 229 29.20 -54.11 14.13
C LYS A 229 30.67 -53.75 14.06
N PHE A 230 30.97 -52.61 13.46
CA PHE A 230 32.36 -52.17 13.34
C PHE A 230 32.95 -51.97 14.74
N GLN A 231 32.18 -51.39 15.67
CA GLN A 231 32.71 -51.20 17.01
C GLN A 231 32.88 -52.56 17.68
N ALA A 232 31.89 -53.42 17.52
CA ALA A 232 31.97 -54.75 18.12
C ALA A 232 33.19 -55.51 17.62
N ASP A 233 33.57 -55.30 16.36
CA ASP A 233 34.73 -56.01 15.79
C ASP A 233 36.08 -55.34 16.01
N THR A 234 36.11 -54.01 16.02
CA THR A 234 37.37 -53.30 16.18
C THR A 234 37.54 -52.46 17.45
N GLY A 235 36.44 -52.20 18.14
CA GLY A 235 36.51 -51.40 19.34
C GLY A 235 36.46 -49.91 18.99
N ILE A 236 36.39 -49.63 17.69
CA ILE A 236 36.33 -48.26 17.20
C ILE A 236 34.88 -47.77 17.25
N ASP A 237 34.64 -46.70 18.01
CA ASP A 237 33.32 -46.13 18.18
C ASP A 237 33.15 -44.84 17.36
N ILE A 238 32.42 -44.95 16.25
CA ILE A 238 32.21 -43.83 15.35
C ILE A 238 30.79 -43.27 15.42
N ASP A 239 30.69 -41.94 15.49
CA ASP A 239 29.38 -41.33 15.55
C ASP A 239 28.93 -40.75 14.22
N MET A 240 27.67 -40.35 14.15
CA MET A 240 27.12 -39.80 12.93
C MET A 240 26.56 -38.40 13.08
N HIS A 241 26.56 -37.66 11.97
CA HIS A 241 25.96 -36.35 11.88
C HIS A 241 25.10 -36.48 10.63
N ILE A 242 23.81 -36.22 10.76
CA ILE A 242 22.93 -36.34 9.61
C ILE A 242 22.75 -35.01 8.90
N ASP A 243 23.14 -34.97 7.62
CA ASP A 243 22.94 -33.76 6.83
C ASP A 243 21.55 -33.96 6.23
N ALA A 244 20.55 -33.46 6.95
CA ALA A 244 19.16 -33.58 6.52
C ALA A 244 18.66 -32.24 5.97
N ALA A 245 19.52 -31.58 5.19
CA ALA A 245 19.17 -30.28 4.62
C ALA A 245 17.77 -30.23 4.05
N SER A 246 17.38 -31.27 3.32
CA SER A 246 16.05 -31.35 2.75
C SER A 246 15.14 -32.29 3.54
N GLY A 247 15.61 -33.51 3.79
CA GLY A 247 14.80 -34.48 4.52
C GLY A 247 14.34 -34.12 5.93
N GLY A 248 15.06 -33.25 6.61
CA GLY A 248 14.71 -32.88 7.97
C GLY A 248 13.31 -32.30 8.18
N PHE A 249 12.77 -31.69 7.12
CA PHE A 249 11.45 -31.08 7.19
C PHE A 249 10.46 -31.76 6.25
N LEU A 250 10.74 -33.02 5.91
CA LEU A 250 9.88 -33.81 5.04
C LEU A 250 9.46 -35.10 5.72
N ALA A 251 10.43 -35.96 6.01
CA ALA A 251 10.16 -37.26 6.63
C ALA A 251 9.32 -37.24 7.90
N PRO A 252 9.53 -36.26 8.79
CA PRO A 252 8.72 -36.25 10.01
C PRO A 252 7.23 -36.07 9.74
N PHE A 253 6.91 -35.49 8.59
CA PHE A 253 5.53 -35.22 8.23
C PHE A 253 4.88 -36.25 7.31
N VAL A 254 5.61 -36.71 6.31
CA VAL A 254 5.05 -37.66 5.35
C VAL A 254 5.53 -39.09 5.49
N ALA A 255 6.58 -39.31 6.26
CA ALA A 255 7.12 -40.67 6.46
C ALA A 255 7.73 -40.78 7.85
N PRO A 256 6.90 -40.65 8.91
CA PRO A 256 7.34 -40.73 10.30
C PRO A 256 8.00 -42.03 10.74
N ASP A 257 7.72 -43.13 10.05
CA ASP A 257 8.32 -44.41 10.42
C ASP A 257 9.78 -44.59 10.03
N ILE A 258 10.28 -43.80 9.09
CA ILE A 258 11.69 -43.92 8.73
C ILE A 258 12.50 -43.51 9.96
N VAL A 259 13.34 -44.41 10.46
CA VAL A 259 14.17 -44.14 11.63
C VAL A 259 15.51 -43.58 11.13
N TRP A 260 15.61 -42.25 11.12
CA TRP A 260 16.82 -41.59 10.61
C TRP A 260 17.43 -40.56 11.56
N ASP A 261 16.67 -40.19 12.60
CA ASP A 261 17.09 -39.15 13.53
C ASP A 261 17.68 -39.58 14.86
N PHE A 262 17.39 -38.82 15.91
CA PHE A 262 17.93 -39.11 17.24
C PHE A 262 17.46 -40.44 17.85
N ARG A 263 16.54 -41.11 17.16
CA ARG A 263 16.07 -42.41 17.61
C ARG A 263 17.27 -43.35 17.48
N LEU A 264 18.23 -42.98 16.64
CA LEU A 264 19.44 -43.77 16.43
C LEU A 264 20.49 -43.23 17.39
N PRO A 265 21.02 -44.10 18.28
CA PRO A 265 22.03 -43.76 19.29
C PRO A 265 23.28 -43.01 18.81
N ARG A 266 23.83 -43.42 17.67
CA ARG A 266 25.04 -42.79 17.13
C ARG A 266 24.88 -41.40 16.54
N VAL A 267 23.64 -40.97 16.28
CA VAL A 267 23.40 -39.64 15.74
C VAL A 267 23.54 -38.65 16.89
N LYS A 268 24.63 -37.90 16.86
CA LYS A 268 24.93 -36.91 17.89
C LYS A 268 24.47 -35.52 17.53
N SER A 269 24.24 -35.29 16.22
CA SER A 269 23.77 -34.01 15.75
C SER A 269 23.14 -34.18 14.37
N ILE A 270 22.28 -33.22 14.02
CA ILE A 270 21.55 -33.21 12.74
C ILE A 270 21.39 -31.76 12.31
N SER A 271 21.47 -31.52 11.01
CA SER A 271 21.29 -30.17 10.49
C SER A 271 20.27 -30.18 9.35
N ALA A 272 19.64 -29.04 9.08
CA ALA A 272 18.68 -28.93 8.00
C ALA A 272 18.53 -27.47 7.60
N SER A 273 17.97 -27.23 6.41
CA SER A 273 17.77 -25.88 5.92
C SER A 273 16.32 -25.49 6.14
N GLY A 274 16.12 -24.45 6.94
CA GLY A 274 14.77 -24.00 7.19
C GLY A 274 14.23 -23.46 5.87
N HIS A 275 15.13 -22.84 5.09
CA HIS A 275 14.74 -22.24 3.82
C HIS A 275 14.63 -23.20 2.63
N LYS A 276 14.66 -24.50 2.91
CA LYS A 276 14.44 -25.45 1.85
C LYS A 276 13.03 -25.90 2.18
N PHE A 277 12.82 -27.17 2.56
CA PHE A 277 11.46 -27.59 2.87
C PHE A 277 10.92 -27.15 4.23
N GLY A 278 11.71 -26.37 4.97
CA GLY A 278 11.26 -25.86 6.25
C GLY A 278 10.30 -24.70 6.00
N LEU A 279 10.18 -24.30 4.74
CA LEU A 279 9.28 -23.23 4.32
C LEU A 279 9.65 -21.82 4.78
N ALA A 280 10.84 -21.64 5.33
CA ALA A 280 11.27 -20.32 5.76
C ALA A 280 11.92 -19.54 4.60
N PRO A 281 12.01 -18.21 4.72
CA PRO A 281 12.63 -17.41 3.64
C PRO A 281 14.14 -17.65 3.68
N LEU A 282 14.80 -17.51 2.55
CA LEU A 282 16.25 -17.68 2.46
C LEU A 282 16.99 -17.02 3.61
N GLY A 283 17.89 -17.78 4.23
CA GLY A 283 18.66 -17.26 5.35
C GLY A 283 18.30 -17.90 6.67
N CYS A 284 17.94 -19.18 6.61
CA CYS A 284 17.58 -19.91 7.82
C CYS A 284 17.97 -21.38 7.76
N GLY A 285 18.75 -21.82 8.74
CA GLY A 285 19.19 -23.22 8.81
C GLY A 285 19.20 -23.62 10.27
N TRP A 286 19.26 -24.92 10.54
CA TRP A 286 19.25 -25.43 11.92
C TRP A 286 20.21 -26.59 12.16
N VAL A 287 20.75 -26.64 13.38
CA VAL A 287 21.61 -27.75 13.79
C VAL A 287 21.29 -28.00 15.26
N ILE A 288 20.98 -29.25 15.57
CA ILE A 288 20.63 -29.69 16.92
C ILE A 288 21.58 -30.81 17.34
N TRP A 289 21.95 -30.84 18.61
CA TRP A 289 22.80 -31.89 19.16
C TRP A 289 21.88 -32.74 20.05
N ARG A 290 22.20 -34.02 20.25
CA ARG A 290 21.30 -34.83 21.06
C ARG A 290 21.27 -34.44 22.53
N ASP A 291 22.34 -33.84 23.02
CA ASP A 291 22.44 -33.38 24.41
C ASP A 291 23.68 -32.52 24.59
N GLU A 292 23.87 -31.96 25.78
CA GLU A 292 25.02 -31.11 26.02
C GLU A 292 26.38 -31.81 25.87
N GLU A 293 26.41 -33.12 26.11
CA GLU A 293 27.64 -33.87 26.00
C GLU A 293 28.15 -33.94 24.56
N ALA A 294 27.22 -33.95 23.60
CA ALA A 294 27.58 -34.01 22.18
C ALA A 294 28.19 -32.72 21.63
N LEU A 295 28.15 -31.65 22.41
CA LEU A 295 28.71 -30.36 21.99
C LEU A 295 29.82 -29.86 22.91
N PRO A 296 31.09 -29.94 22.45
CA PRO A 296 32.24 -29.49 23.24
C PRO A 296 32.09 -28.03 23.69
N GLN A 297 32.14 -27.78 25.00
CA GLN A 297 31.96 -26.42 25.50
C GLN A 297 33.06 -25.44 25.08
N GLU A 298 34.22 -25.94 24.68
CA GLU A 298 35.30 -25.06 24.23
C GLU A 298 34.93 -24.37 22.92
N LEU A 299 33.89 -24.87 22.27
CA LEU A 299 33.44 -24.29 21.00
C LEU A 299 32.33 -23.27 21.23
N VAL A 300 31.81 -23.22 22.45
CA VAL A 300 30.73 -22.30 22.77
C VAL A 300 31.16 -21.02 23.48
N PHE A 301 30.61 -19.90 23.05
CA PHE A 301 30.91 -18.61 23.66
C PHE A 301 29.64 -18.13 24.34
N ASN A 302 29.68 -18.07 25.68
CA ASN A 302 28.54 -17.64 26.47
C ASN A 302 28.38 -16.13 26.44
N VAL A 303 27.12 -15.68 26.40
CA VAL A 303 26.84 -14.25 26.38
C VAL A 303 25.74 -13.91 27.39
N ASP A 304 25.76 -12.67 27.86
CA ASP A 304 24.78 -12.19 28.83
C ASP A 304 23.38 -12.24 28.25
N TYR A 305 22.42 -12.71 29.04
CA TYR A 305 21.04 -12.78 28.60
C TYR A 305 20.06 -12.82 29.77
N LEU A 306 19.33 -11.72 29.95
CA LEU A 306 18.34 -11.59 31.01
C LEU A 306 18.85 -12.04 32.38
N GLY A 307 19.81 -11.30 32.93
CA GLY A 307 20.36 -11.64 34.23
C GLY A 307 21.09 -12.98 34.26
N GLY A 308 21.34 -13.55 33.09
CA GLY A 308 22.03 -14.82 33.02
C GLY A 308 22.98 -14.89 31.84
N GLN A 309 23.25 -16.10 31.38
CA GLN A 309 24.12 -16.33 30.24
C GLN A 309 23.57 -17.41 29.32
N ILE A 310 23.71 -17.20 28.02
CA ILE A 310 23.26 -18.16 27.04
C ILE A 310 24.46 -18.56 26.18
N GLY A 311 24.54 -19.84 25.83
CA GLY A 311 25.64 -20.30 25.01
C GLY A 311 25.38 -20.07 23.53
N THR A 312 26.38 -19.54 22.84
CA THR A 312 26.25 -19.28 21.41
C THR A 312 27.34 -20.03 20.68
N PHE A 313 27.01 -20.54 19.50
CA PHE A 313 27.95 -21.28 18.67
C PHE A 313 27.59 -20.93 17.24
N ALA A 314 28.37 -20.05 16.64
CA ALA A 314 28.11 -19.60 15.28
C ALA A 314 29.37 -19.05 14.61
N ILE A 315 29.35 -19.07 13.28
CA ILE A 315 30.46 -18.56 12.49
C ILE A 315 30.18 -17.10 12.13
N ASN A 316 28.92 -16.78 11.89
CA ASN A 316 28.53 -15.41 11.56
C ASN A 316 28.21 -14.70 12.88
N PHE A 317 28.23 -13.37 12.86
CA PHE A 317 27.89 -12.60 14.06
C PHE A 317 26.58 -11.88 13.77
N SER A 318 26.66 -10.59 13.43
CA SER A 318 25.46 -9.82 13.12
C SER A 318 24.76 -10.31 11.87
N ARG A 319 23.43 -10.40 11.95
CA ARG A 319 22.58 -10.82 10.83
C ARG A 319 21.12 -10.63 11.23
N PRO A 320 20.22 -10.46 10.22
CA PRO A 320 18.79 -10.26 10.50
C PRO A 320 18.10 -11.42 11.18
N ALA A 321 17.18 -11.10 12.09
CA ALA A 321 16.44 -12.13 12.82
C ALA A 321 15.09 -12.43 12.15
N GLY A 322 14.85 -11.80 11.02
CA GLY A 322 13.60 -12.00 10.31
C GLY A 322 13.28 -13.43 9.91
N GLN A 323 14.27 -14.17 9.43
CA GLN A 323 14.02 -15.55 9.00
C GLN A 323 13.63 -16.52 10.11
N VAL A 324 14.18 -16.34 11.31
CA VAL A 324 13.85 -17.22 12.42
C VAL A 324 12.44 -16.86 12.91
N ILE A 325 12.13 -15.57 12.87
CA ILE A 325 10.80 -15.10 13.28
C ILE A 325 9.79 -15.67 12.29
N ALA A 326 10.12 -15.59 11.00
CA ALA A 326 9.25 -16.12 9.96
C ALA A 326 9.07 -17.63 10.15
N GLN A 327 10.17 -18.31 10.49
CA GLN A 327 10.14 -19.75 10.73
C GLN A 327 9.15 -20.07 11.84
N TYR A 328 9.23 -19.35 12.97
CA TYR A 328 8.32 -19.60 14.08
C TYR A 328 6.85 -19.39 13.63
N TYR A 329 6.61 -18.35 12.86
CA TYR A 329 5.27 -18.08 12.35
C TYR A 329 4.71 -19.32 11.61
N GLU A 330 5.52 -19.92 10.73
CA GLU A 330 5.09 -21.09 9.98
C GLU A 330 4.82 -22.25 10.92
N PHE A 331 5.71 -22.44 11.89
CA PHE A 331 5.54 -23.50 12.86
C PHE A 331 4.19 -23.35 13.56
N LEU A 332 3.89 -22.15 14.03
CA LEU A 332 2.63 -21.90 14.72
C LEU A 332 1.42 -21.94 13.80
N ARG A 333 1.54 -21.34 12.61
CA ARG A 333 0.43 -21.28 11.66
C ARG A 333 0.09 -22.60 10.97
N LEU A 334 1.11 -23.40 10.64
CA LEU A 334 0.86 -24.67 9.97
C LEU A 334 0.82 -25.86 10.91
N GLY A 335 1.80 -25.97 11.80
CA GLY A 335 1.86 -27.09 12.71
C GLY A 335 2.09 -28.36 11.89
N ARG A 336 2.04 -29.53 12.52
CA ARG A 336 2.26 -30.77 11.79
C ARG A 336 1.24 -30.95 10.68
N GLU A 337 -0.04 -30.71 10.99
CA GLU A 337 -1.14 -30.83 10.03
C GLU A 337 -0.87 -30.03 8.76
N GLY A 338 -0.55 -28.75 8.96
CA GLY A 338 -0.27 -27.85 7.86
C GLY A 338 0.94 -28.27 7.05
N TYR A 339 2.04 -28.59 7.73
CA TYR A 339 3.24 -29.01 6.99
C TYR A 339 2.94 -30.28 6.21
N THR A 340 2.18 -31.18 6.81
CA THR A 340 1.86 -32.42 6.12
C THR A 340 1.12 -32.12 4.82
N LYS A 341 0.16 -31.20 4.88
CA LYS A 341 -0.60 -30.83 3.69
C LYS A 341 0.25 -30.14 2.61
N VAL A 342 1.13 -29.24 3.02
CA VAL A 342 1.98 -28.57 2.04
C VAL A 342 2.93 -29.59 1.39
N GLN A 343 3.62 -30.37 2.20
CA GLN A 343 4.54 -31.37 1.66
C GLN A 343 3.78 -32.37 0.79
N ASN A 344 2.58 -32.76 1.20
CA ASN A 344 1.78 -33.70 0.41
C ASN A 344 1.55 -33.09 -0.98
N ALA A 345 1.30 -31.78 -1.00
CA ALA A 345 1.04 -31.08 -2.26
C ALA A 345 2.23 -31.19 -3.22
N SER A 346 3.44 -31.06 -2.69
CA SER A 346 4.64 -31.18 -3.52
C SER A 346 4.78 -32.61 -4.04
N TYR A 347 4.59 -33.58 -3.14
CA TYR A 347 4.71 -34.98 -3.52
C TYR A 347 3.69 -35.39 -4.59
N GLN A 348 2.50 -34.82 -4.55
CA GLN A 348 1.50 -35.17 -5.56
C GLN A 348 1.93 -34.62 -6.90
N VAL A 349 2.52 -33.43 -6.91
CA VAL A 349 2.98 -32.83 -8.15
C VAL A 349 4.16 -33.64 -8.70
N ALA A 350 5.08 -34.03 -7.83
CA ALA A 350 6.24 -34.80 -8.27
C ALA A 350 5.78 -36.13 -8.87
N ALA A 351 4.87 -36.81 -8.19
CA ALA A 351 4.36 -38.09 -8.68
C ALA A 351 3.68 -37.90 -10.03
N TYR A 352 2.86 -36.86 -10.12
CA TYR A 352 2.15 -36.55 -11.36
C TYR A 352 3.12 -36.42 -12.53
N LEU A 353 4.04 -35.47 -12.43
CA LEU A 353 5.02 -35.26 -13.50
C LEU A 353 5.81 -36.52 -13.83
N ALA A 354 6.24 -37.25 -12.81
CA ALA A 354 7.01 -38.48 -13.03
C ALA A 354 6.21 -39.45 -13.91
N ASP A 355 4.94 -39.62 -13.56
CA ASP A 355 4.03 -40.51 -14.29
C ASP A 355 3.75 -40.01 -15.71
N GLU A 356 3.53 -38.71 -15.86
CA GLU A 356 3.26 -38.14 -17.17
C GLU A 356 4.49 -38.12 -18.07
N ILE A 357 5.63 -37.71 -17.53
CA ILE A 357 6.85 -37.65 -18.32
C ILE A 357 7.27 -39.05 -18.77
N ALA A 358 6.99 -40.05 -17.95
CA ALA A 358 7.34 -41.42 -18.27
C ALA A 358 6.70 -41.90 -19.57
N LYS A 359 5.54 -41.34 -19.91
CA LYS A 359 4.84 -41.73 -21.13
C LYS A 359 5.41 -41.12 -22.38
N LEU A 360 6.21 -40.06 -22.22
CA LEU A 360 6.78 -39.34 -23.35
C LEU A 360 8.11 -39.80 -23.95
N GLY A 361 8.86 -40.63 -23.24
CA GLY A 361 10.13 -41.07 -23.77
C GLY A 361 10.74 -42.27 -23.07
N PRO A 362 11.83 -42.84 -23.61
CA PRO A 362 12.51 -44.00 -23.04
C PRO A 362 13.32 -43.57 -21.83
N TYR A 363 12.64 -43.30 -20.71
CA TYR A 363 13.32 -42.84 -19.51
C TYR A 363 13.32 -43.84 -18.36
N GLU A 364 14.42 -43.87 -17.62
CA GLU A 364 14.55 -44.74 -16.46
C GLU A 364 14.64 -43.76 -15.29
N PHE A 365 13.68 -43.85 -14.36
CA PHE A 365 13.67 -42.95 -13.22
C PHE A 365 14.50 -43.35 -12.02
N ILE A 366 15.14 -42.34 -11.41
CA ILE A 366 15.96 -42.51 -10.22
C ILE A 366 15.17 -42.01 -9.02
N CYS A 367 14.29 -41.04 -9.26
CA CYS A 367 13.44 -40.47 -8.22
C CYS A 367 12.08 -40.17 -8.88
N THR A 368 11.00 -40.61 -8.24
CA THR A 368 9.66 -40.39 -8.77
C THR A 368 8.73 -39.72 -7.74
N GLY A 369 9.33 -39.00 -6.80
CA GLY A 369 8.56 -38.30 -5.79
C GLY A 369 7.86 -39.18 -4.76
N ARG A 370 8.46 -40.30 -4.39
CA ARG A 370 7.86 -41.18 -3.39
C ARG A 370 8.34 -40.73 -2.01
N PRO A 371 7.40 -40.41 -1.10
CA PRO A 371 7.73 -39.97 0.26
C PRO A 371 8.65 -40.91 1.03
N ASP A 372 8.48 -42.21 0.85
CA ASP A 372 9.29 -43.19 1.55
C ASP A 372 10.69 -43.37 0.99
N GLU A 373 10.94 -42.84 -0.21
CA GLU A 373 12.25 -42.97 -0.85
C GLU A 373 13.08 -41.70 -0.85
N GLY A 374 12.42 -40.55 -0.78
CA GLY A 374 13.16 -39.30 -0.80
C GLY A 374 12.32 -38.04 -0.83
N ILE A 375 12.84 -37.00 -1.49
CA ILE A 375 12.18 -35.71 -1.58
C ILE A 375 11.24 -35.57 -2.78
N PRO A 376 10.41 -34.52 -2.79
CA PRO A 376 9.46 -34.27 -3.89
C PRO A 376 10.21 -33.79 -5.14
N ALA A 377 10.83 -34.73 -5.84
CA ALA A 377 11.56 -34.40 -7.05
C ALA A 377 11.40 -35.50 -8.07
N VAL A 378 11.72 -35.18 -9.32
CA VAL A 378 11.65 -36.12 -10.42
C VAL A 378 13.07 -36.15 -10.99
N CYS A 379 13.69 -37.32 -11.03
CA CYS A 379 15.03 -37.43 -11.56
C CYS A 379 15.09 -38.64 -12.47
N PHE A 380 15.56 -38.45 -13.69
CA PHE A 380 15.63 -39.57 -14.64
C PHE A 380 16.74 -39.43 -15.66
N LYS A 381 17.02 -40.53 -16.34
CA LYS A 381 18.05 -40.57 -17.36
C LYS A 381 17.46 -41.28 -18.58
N LEU A 382 18.19 -41.27 -19.69
CA LEU A 382 17.74 -41.98 -20.88
C LEU A 382 18.13 -43.43 -20.68
N LYS A 383 17.24 -44.36 -21.03
CA LYS A 383 17.52 -45.77 -20.88
C LYS A 383 18.82 -46.07 -21.63
N ASP A 384 19.81 -46.60 -20.91
CA ASP A 384 21.09 -46.91 -21.52
C ASP A 384 20.89 -47.60 -22.87
N GLY A 385 21.52 -47.05 -23.91
CA GLY A 385 21.39 -47.63 -25.24
C GLY A 385 20.33 -46.98 -26.13
N GLU A 386 19.26 -46.47 -25.52
CA GLU A 386 18.18 -45.83 -26.28
C GLU A 386 18.58 -44.45 -26.80
N ASP A 387 18.26 -44.19 -28.06
CA ASP A 387 18.57 -42.91 -28.70
C ASP A 387 17.28 -42.30 -29.27
N PRO A 388 16.54 -41.52 -28.47
CA PRO A 388 15.30 -40.88 -28.89
C PRO A 388 15.48 -39.71 -29.88
N GLY A 389 16.73 -39.40 -30.21
CA GLY A 389 16.99 -38.32 -31.13
C GLY A 389 17.36 -37.00 -30.46
N TYR A 390 17.65 -37.05 -29.17
CA TYR A 390 18.01 -35.84 -28.42
C TYR A 390 18.67 -36.23 -27.10
N THR A 391 19.36 -35.28 -26.48
CA THR A 391 19.98 -35.53 -25.18
C THR A 391 19.17 -34.72 -24.18
N LEU A 392 19.31 -35.02 -22.90
CA LEU A 392 18.58 -34.28 -21.88
C LEU A 392 19.06 -32.85 -21.82
N TYR A 393 20.25 -32.60 -22.35
CA TYR A 393 20.80 -31.25 -22.38
C TYR A 393 19.98 -30.45 -23.39
N ASP A 394 19.74 -31.04 -24.56
CA ASP A 394 18.97 -30.38 -25.61
C ASP A 394 17.54 -30.08 -25.15
N LEU A 395 16.96 -31.00 -24.39
CA LEU A 395 15.62 -30.82 -23.86
C LEU A 395 15.61 -29.70 -22.82
N SER A 396 16.63 -29.68 -21.97
CA SER A 396 16.76 -28.64 -20.96
C SER A 396 16.82 -27.27 -21.63
N GLU A 397 17.51 -27.18 -22.77
CA GLU A 397 17.62 -25.90 -23.47
C GLU A 397 16.28 -25.44 -24.06
N ARG A 398 15.53 -26.37 -24.66
CA ARG A 398 14.23 -26.00 -25.24
C ARG A 398 13.29 -25.48 -24.16
N LEU A 399 13.36 -26.08 -22.98
CA LEU A 399 12.51 -25.67 -21.87
C LEU A 399 12.87 -24.27 -21.36
N ARG A 400 14.15 -23.91 -21.46
CA ARG A 400 14.58 -22.58 -21.01
C ARG A 400 14.00 -21.48 -21.88
N LEU A 401 13.61 -21.82 -23.12
CA LEU A 401 13.03 -20.84 -24.03
C LEU A 401 11.71 -20.30 -23.48
N ARG A 402 11.05 -21.10 -22.65
CA ARG A 402 9.79 -20.72 -22.04
C ARG A 402 9.96 -20.23 -20.60
N GLY A 403 11.19 -19.95 -20.21
CA GLY A 403 11.46 -19.44 -18.88
C GLY A 403 11.75 -20.47 -17.79
N TRP A 404 11.69 -21.75 -18.10
CA TRP A 404 11.94 -22.79 -17.10
C TRP A 404 13.42 -23.09 -16.94
N GLN A 405 13.81 -23.37 -15.70
CA GLN A 405 15.19 -23.75 -15.41
C GLN A 405 15.10 -25.19 -14.88
N VAL A 406 15.35 -26.14 -15.78
CA VAL A 406 15.31 -27.57 -15.44
C VAL A 406 16.71 -28.07 -15.78
N PRO A 407 17.52 -28.32 -14.75
CA PRO A 407 18.88 -28.79 -14.94
C PRO A 407 19.08 -30.22 -15.42
N ALA A 408 20.03 -30.37 -16.33
CA ALA A 408 20.43 -31.66 -16.86
C ALA A 408 21.91 -31.69 -16.51
N PHE A 409 22.40 -32.81 -15.98
CA PHE A 409 23.79 -32.90 -15.59
C PHE A 409 24.29 -34.32 -15.43
N THR A 410 25.61 -34.48 -15.41
CA THR A 410 26.22 -35.80 -15.27
C THR A 410 26.45 -36.10 -13.80
N LEU A 411 26.23 -37.36 -13.42
CA LEU A 411 26.43 -37.79 -12.04
C LEU A 411 27.92 -37.86 -11.78
N GLY A 412 28.30 -38.12 -10.54
CA GLY A 412 29.72 -38.19 -10.21
C GLY A 412 30.27 -39.58 -9.98
N GLY A 413 31.45 -39.62 -9.37
CA GLY A 413 32.09 -40.89 -9.07
C GLY A 413 32.25 -41.82 -10.26
N GLU A 414 31.71 -43.02 -10.12
CA GLU A 414 31.78 -44.03 -11.17
C GLU A 414 30.57 -43.96 -12.09
N ALA A 415 29.89 -42.82 -12.11
CA ALA A 415 28.71 -42.65 -12.95
C ALA A 415 28.80 -41.37 -13.78
N THR A 416 30.02 -40.94 -14.09
CA THR A 416 30.21 -39.72 -14.86
C THR A 416 29.66 -39.79 -16.28
N ASP A 417 29.43 -41.00 -16.79
CA ASP A 417 28.91 -41.15 -18.14
C ASP A 417 27.39 -41.06 -18.18
N ILE A 418 26.78 -40.99 -17.00
CA ILE A 418 25.33 -40.91 -16.92
C ILE A 418 24.87 -39.46 -16.79
N VAL A 419 23.90 -39.08 -17.62
CA VAL A 419 23.35 -37.73 -17.59
C VAL A 419 21.91 -37.82 -17.09
N VAL A 420 21.58 -37.00 -16.10
CA VAL A 420 20.23 -37.00 -15.55
C VAL A 420 19.57 -35.64 -15.62
N MET A 421 18.25 -35.64 -15.54
CA MET A 421 17.47 -34.41 -15.54
C MET A 421 16.74 -34.38 -14.20
N ARG A 422 16.78 -33.27 -13.50
CA ARG A 422 16.13 -33.20 -12.20
C ARG A 422 15.12 -32.06 -12.11
N ILE A 423 13.93 -32.37 -11.62
CA ILE A 423 12.87 -31.38 -11.47
C ILE A 423 12.47 -31.25 -9.99
N MET A 424 12.72 -30.08 -9.41
CA MET A 424 12.37 -29.86 -8.01
C MET A 424 10.95 -29.34 -7.90
N CYS A 425 10.15 -29.96 -7.03
CA CYS A 425 8.76 -29.57 -6.82
C CYS A 425 8.57 -28.97 -5.42
N ARG A 426 8.75 -27.66 -5.33
CA ARG A 426 8.64 -26.94 -4.06
C ARG A 426 7.27 -26.34 -3.82
N ARG A 427 7.09 -25.76 -2.62
CA ARG A 427 5.83 -25.09 -2.31
C ARG A 427 5.69 -23.97 -3.33
N GLY A 428 4.50 -23.81 -3.89
CA GLY A 428 4.33 -22.76 -4.87
C GLY A 428 4.44 -23.25 -6.29
N PHE A 429 4.61 -24.56 -6.47
CA PHE A 429 4.68 -25.13 -7.81
C PHE A 429 3.44 -26.03 -7.82
N GLU A 430 2.28 -25.39 -7.88
CA GLU A 430 1.02 -26.10 -7.83
C GLU A 430 0.73 -26.94 -9.08
N MET A 431 -0.16 -27.91 -8.93
CA MET A 431 -0.53 -28.81 -10.02
C MET A 431 -0.81 -28.09 -11.34
N ASP A 432 -1.62 -27.04 -11.29
CA ASP A 432 -1.96 -26.29 -12.51
C ASP A 432 -0.73 -25.71 -13.19
N PHE A 433 0.21 -25.22 -12.38
CA PHE A 433 1.45 -24.62 -12.88
C PHE A 433 2.35 -25.70 -13.49
N ALA A 434 2.37 -26.85 -12.83
CA ALA A 434 3.16 -27.99 -13.28
C ALA A 434 2.62 -28.53 -14.61
N GLU A 435 1.30 -28.44 -14.79
CA GLU A 435 0.67 -28.92 -16.01
C GLU A 435 1.21 -28.10 -17.18
N LEU A 436 1.48 -26.82 -16.92
CA LEU A 436 2.03 -25.95 -17.95
C LEU A 436 3.41 -26.45 -18.35
N LEU A 437 4.21 -26.84 -17.37
CA LEU A 437 5.54 -27.37 -17.65
C LEU A 437 5.40 -28.62 -18.51
N LEU A 438 4.46 -29.49 -18.13
CA LEU A 438 4.23 -30.73 -18.86
C LEU A 438 3.89 -30.40 -20.32
N GLU A 439 3.08 -29.36 -20.53
CA GLU A 439 2.71 -28.95 -21.88
C GLU A 439 3.94 -28.51 -22.68
N ASP A 440 4.81 -27.74 -22.06
CA ASP A 440 6.01 -27.26 -22.74
C ASP A 440 6.99 -28.39 -23.04
N TYR A 441 6.98 -29.39 -22.16
CA TYR A 441 7.84 -30.55 -22.30
C TYR A 441 7.43 -31.28 -23.59
N LYS A 442 6.13 -31.47 -23.76
CA LYS A 442 5.62 -32.14 -24.96
C LYS A 442 5.99 -31.34 -26.21
N ALA A 443 5.83 -30.02 -26.14
CA ALA A 443 6.16 -29.16 -27.28
C ALA A 443 7.64 -29.31 -27.61
N SER A 444 8.48 -29.27 -26.59
CA SER A 444 9.91 -29.41 -26.78
C SER A 444 10.25 -30.69 -27.52
N LEU A 445 9.67 -31.81 -27.08
CA LEU A 445 9.91 -33.11 -27.71
C LEU A 445 9.46 -33.08 -29.16
N LYS A 446 8.30 -32.49 -29.38
CA LYS A 446 7.74 -32.38 -30.73
C LYS A 446 8.69 -31.57 -31.61
N TYR A 447 9.27 -30.51 -31.07
CA TYR A 447 10.20 -29.69 -31.84
C TYR A 447 11.50 -30.46 -32.13
N LEU A 448 12.01 -31.13 -31.12
CA LEU A 448 13.24 -31.90 -31.27
C LEU A 448 13.07 -33.00 -32.31
N SER A 449 11.87 -33.57 -32.36
CA SER A 449 11.56 -34.63 -33.32
C SER A 449 11.54 -34.07 -34.73
N ASP A 450 11.05 -32.84 -34.88
CA ASP A 450 10.97 -32.19 -36.18
C ASP A 450 12.32 -31.63 -36.63
N HIS A 451 13.18 -31.31 -35.65
CA HIS A 451 14.50 -30.76 -35.96
C HIS A 451 15.61 -31.63 -35.36
N PRO A 452 15.85 -32.81 -35.94
CA PRO A 452 16.87 -33.77 -35.51
C PRO A 452 18.32 -33.30 -35.60
N LYS A 453 18.58 -32.24 -36.35
CA LYS A 453 19.95 -31.74 -36.47
C LYS A 453 20.44 -31.20 -35.13
N LEU A 454 19.51 -31.01 -34.20
CA LEU A 454 19.84 -30.49 -32.87
C LEU A 454 20.53 -31.53 -31.99
N LYS B 3 -22.93 -31.17 17.29
CA LYS B 3 -23.40 -29.76 17.06
C LYS B 3 -22.32 -28.74 17.39
N LYS B 4 -21.56 -28.99 18.45
CA LYS B 4 -20.53 -28.04 18.86
C LYS B 4 -19.41 -27.92 17.82
N GLN B 5 -19.23 -28.95 17.01
CA GLN B 5 -18.18 -28.92 16.00
C GLN B 5 -18.53 -27.89 14.93
N VAL B 6 -19.80 -27.79 14.59
CA VAL B 6 -20.26 -26.84 13.58
C VAL B 6 -20.31 -25.43 14.16
N THR B 7 -20.71 -25.31 15.43
CA THR B 7 -20.78 -24.00 16.05
C THR B 7 -19.38 -23.44 16.32
N ASP B 8 -18.42 -24.32 16.61
CA ASP B 8 -17.06 -23.87 16.86
C ASP B 8 -16.45 -23.36 15.56
N LEU B 9 -16.76 -24.04 14.45
CA LEU B 9 -16.23 -23.64 13.15
C LEU B 9 -16.77 -22.28 12.74
N ARG B 10 -18.04 -22.03 13.03
CA ARG B 10 -18.67 -20.76 12.71
C ARG B 10 -17.92 -19.62 13.41
N SER B 11 -17.57 -19.85 14.68
CA SER B 11 -16.84 -18.85 15.45
C SER B 11 -15.43 -18.67 14.89
N GLU B 12 -14.82 -19.76 14.46
CA GLU B 12 -13.48 -19.69 13.89
C GLU B 12 -13.49 -18.83 12.64
N LEU B 13 -14.58 -18.89 11.90
CA LEU B 13 -14.72 -18.11 10.68
C LEU B 13 -15.08 -16.65 10.93
N LEU B 14 -16.04 -16.41 11.83
CA LEU B 14 -16.51 -15.05 12.09
C LEU B 14 -15.91 -14.26 13.26
N ASP B 15 -15.28 -14.94 14.22
CA ASP B 15 -14.72 -14.23 15.36
C ASP B 15 -13.68 -13.18 14.96
N SER B 16 -13.67 -12.06 15.69
CA SER B 16 -12.70 -11.01 15.40
C SER B 16 -11.33 -11.46 15.91
N ARG B 17 -10.30 -10.70 15.56
CA ARG B 17 -8.92 -10.99 15.94
C ARG B 17 -8.72 -11.38 17.41
N PHE B 18 -9.18 -10.54 18.33
CA PHE B 18 -8.98 -10.82 19.75
C PHE B 18 -10.08 -11.58 20.49
N GLY B 19 -11.21 -11.81 19.83
CA GLY B 19 -12.29 -12.54 20.46
C GLY B 19 -12.23 -14.01 20.08
N ALA B 20 -11.24 -14.34 19.25
CA ALA B 20 -11.05 -15.71 18.77
C ALA B 20 -10.48 -16.67 19.81
N LYS B 21 -10.95 -17.91 19.75
CA LYS B 21 -10.51 -18.96 20.66
C LYS B 21 -9.03 -19.27 20.47
N SER B 22 -8.55 -19.23 19.23
CA SER B 22 -7.16 -19.54 18.97
C SER B 22 -6.18 -18.54 19.60
N ILE B 23 -6.66 -17.39 20.03
CA ILE B 23 -5.75 -16.42 20.64
C ILE B 23 -6.00 -16.34 22.14
N SER B 24 -6.74 -17.32 22.67
CA SER B 24 -7.04 -17.35 24.09
C SER B 24 -5.98 -18.07 24.90
N THR B 25 -4.95 -18.59 24.24
CA THR B 25 -3.89 -19.32 24.94
C THR B 25 -2.49 -18.77 24.70
N ILE B 26 -1.54 -19.17 25.55
CA ILE B 26 -0.15 -18.76 25.44
C ILE B 26 0.49 -19.53 24.28
N ALA B 27 1.36 -18.86 23.51
CA ALA B 27 2.00 -19.52 22.38
C ALA B 27 2.83 -20.73 22.78
N GLU B 28 2.96 -21.68 21.85
CA GLU B 28 3.73 -22.90 22.07
C GLU B 28 5.23 -22.59 22.07
N SER B 29 5.98 -23.24 22.95
CA SER B 29 7.42 -23.01 23.05
C SER B 29 8.25 -24.25 23.36
N LYS B 30 7.58 -25.40 23.46
CA LYS B 30 8.27 -26.65 23.78
C LYS B 30 8.26 -27.72 22.70
N ARG B 31 7.09 -27.98 22.12
CA ARG B 31 6.97 -29.01 21.10
C ARG B 31 6.40 -28.46 19.80
N PHE B 32 6.63 -29.17 18.71
CA PHE B 32 6.13 -28.74 17.42
C PHE B 32 4.60 -28.77 17.49
N PRO B 33 3.94 -27.68 17.08
CA PRO B 33 2.47 -27.59 17.10
C PRO B 33 1.81 -28.73 16.33
N LEU B 34 0.65 -29.17 16.80
CA LEU B 34 -0.08 -30.25 16.14
C LEU B 34 -0.99 -29.83 14.99
N HIS B 35 -1.82 -28.81 15.21
CA HIS B 35 -2.78 -28.36 14.20
C HIS B 35 -2.43 -27.00 13.60
N GLU B 36 -3.05 -26.69 12.47
CA GLU B 36 -2.84 -25.39 11.85
C GLU B 36 -3.82 -24.44 12.53
N MET B 37 -3.60 -23.14 12.40
CA MET B 37 -4.50 -22.17 13.03
C MET B 37 -4.71 -20.97 12.13
N ARG B 38 -5.62 -20.09 12.50
CA ARG B 38 -5.90 -18.89 11.73
C ARG B 38 -4.59 -18.14 11.53
N ASP B 39 -4.29 -17.79 10.28
CA ASP B 39 -3.03 -17.09 10.02
C ASP B 39 -2.99 -15.68 10.59
N ASP B 40 -4.14 -15.01 10.70
CA ASP B 40 -4.14 -13.65 11.24
C ASP B 40 -3.80 -13.65 12.73
N VAL B 41 -4.19 -14.70 13.44
CA VAL B 41 -3.91 -14.83 14.85
C VAL B 41 -2.44 -15.19 15.08
N ALA B 42 -1.89 -16.04 14.22
CA ALA B 42 -0.49 -16.45 14.35
C ALA B 42 0.41 -15.22 14.14
N PHE B 43 0.06 -14.39 13.17
CA PHE B 43 0.83 -13.18 12.88
C PHE B 43 0.69 -12.14 13.99
N GLN B 44 -0.52 -11.98 14.50
CA GLN B 44 -0.78 -10.99 15.56
C GLN B 44 0.01 -11.32 16.84
N ILE B 45 -0.02 -12.60 17.21
CA ILE B 45 0.69 -13.05 18.40
C ILE B 45 2.18 -12.75 18.33
N ILE B 46 2.79 -13.06 17.19
CA ILE B 46 4.22 -12.84 17.02
C ILE B 46 4.57 -11.37 16.88
N ASN B 47 3.76 -10.64 16.14
CA ASN B 47 3.95 -9.21 15.94
C ASN B 47 3.98 -8.54 17.33
N ASP B 48 2.98 -8.87 18.15
CA ASP B 48 2.86 -8.30 19.49
C ASP B 48 4.03 -8.68 20.41
N GLU B 49 4.48 -9.93 20.34
CA GLU B 49 5.60 -10.36 21.17
C GLU B 49 6.84 -9.51 20.90
N LEU B 50 7.08 -9.21 19.63
CA LEU B 50 8.25 -8.42 19.21
C LEU B 50 8.36 -7.02 19.79
N TYR B 51 7.30 -6.51 20.41
CA TYR B 51 7.36 -5.18 21.02
C TYR B 51 8.31 -5.25 22.22
N LEU B 52 8.52 -6.45 22.73
CA LEU B 52 9.42 -6.62 23.87
C LEU B 52 10.88 -6.51 23.49
N ASP B 53 11.15 -6.29 22.20
CA ASP B 53 12.52 -6.12 21.73
C ASP B 53 12.93 -4.67 21.99
N GLY B 54 11.94 -3.78 22.04
CA GLY B 54 12.24 -2.38 22.27
C GLY B 54 12.39 -1.63 20.96
N ASN B 55 12.86 -0.38 21.01
CA ASN B 55 12.99 0.43 19.81
C ASN B 55 14.42 0.49 19.28
N ALA B 56 14.64 -0.09 18.10
CA ALA B 56 15.96 -0.12 17.47
C ALA B 56 16.55 1.26 17.22
N ARG B 57 15.70 2.24 16.91
CA ARG B 57 16.18 3.59 16.66
C ARG B 57 16.75 4.20 17.95
N GLN B 58 16.30 3.67 19.09
CA GLN B 58 16.78 4.14 20.39
C GLN B 58 17.91 3.28 20.95
N ASN B 59 18.30 2.25 20.20
CA ASN B 59 19.39 1.37 20.60
C ASN B 59 20.67 2.07 20.17
N LEU B 60 21.34 2.70 21.13
CA LEU B 60 22.58 3.41 20.82
C LEU B 60 23.79 2.56 21.14
N ALA B 61 23.57 1.27 21.36
CA ALA B 61 24.64 0.34 21.65
C ALA B 61 25.15 -0.32 20.37
N THR B 62 24.26 -0.52 19.40
CA THR B 62 24.65 -1.17 18.16
C THR B 62 25.38 -0.32 17.12
N PHE B 63 26.16 -1.01 16.29
CA PHE B 63 26.93 -0.40 15.21
C PHE B 63 26.20 -0.66 13.89
N CYS B 64 25.24 -1.59 13.90
CA CYS B 64 24.52 -1.95 12.69
C CYS B 64 23.34 -1.03 12.35
N GLN B 65 23.01 -0.98 11.07
CA GLN B 65 21.92 -0.13 10.59
C GLN B 65 20.58 -0.42 11.24
N THR B 66 19.92 0.63 11.72
CA THR B 66 18.60 0.49 12.34
C THR B 66 17.53 1.22 11.53
N TRP B 67 17.92 1.69 10.35
CA TRP B 67 17.01 2.40 9.44
C TRP B 67 17.45 2.19 8.00
N ASP B 68 16.51 2.08 7.08
CA ASP B 68 16.82 1.91 5.65
C ASP B 68 15.79 2.73 4.88
N ASP B 69 16.17 3.32 3.75
CA ASP B 69 15.17 4.11 3.00
C ASP B 69 14.18 3.20 2.29
N GLU B 70 13.09 3.78 1.82
CA GLU B 70 12.03 3.01 1.18
C GLU B 70 12.48 2.18 -0.01
N ASN B 71 13.40 2.69 -0.82
CA ASN B 71 13.85 1.92 -1.96
C ASN B 71 14.58 0.65 -1.53
N VAL B 72 15.23 0.69 -0.36
CA VAL B 72 15.93 -0.48 0.15
C VAL B 72 14.90 -1.50 0.62
N HIS B 73 13.86 -1.03 1.28
CA HIS B 73 12.80 -1.93 1.74
C HIS B 73 12.19 -2.59 0.51
N LYS B 74 12.02 -1.83 -0.56
CA LYS B 74 11.45 -2.39 -1.78
C LYS B 74 12.39 -3.37 -2.43
N LEU B 75 13.68 -3.03 -2.53
CA LEU B 75 14.67 -3.92 -3.13
C LEU B 75 14.79 -5.20 -2.33
N MET B 76 14.74 -5.08 -1.00
CA MET B 76 14.83 -6.25 -0.14
C MET B 76 13.60 -7.14 -0.33
N ASP B 77 12.41 -6.55 -0.39
CA ASP B 77 11.20 -7.34 -0.57
C ASP B 77 11.21 -8.06 -1.92
N LEU B 78 11.70 -7.37 -2.95
CA LEU B 78 11.80 -7.94 -4.30
C LEU B 78 12.82 -9.08 -4.40
N SER B 79 13.81 -9.06 -3.51
CA SER B 79 14.88 -10.06 -3.53
C SER B 79 14.76 -11.11 -2.42
N ILE B 80 13.65 -11.09 -1.69
CA ILE B 80 13.46 -12.02 -0.59
C ILE B 80 13.80 -13.47 -0.97
N ASN B 81 13.64 -13.82 -2.24
CA ASN B 81 13.92 -15.18 -2.70
C ASN B 81 15.06 -15.34 -3.69
N LYS B 82 15.87 -14.30 -3.87
CA LYS B 82 17.01 -14.38 -4.79
C LYS B 82 18.19 -14.96 -4.03
N ASN B 83 18.68 -16.11 -4.47
CA ASN B 83 19.80 -16.80 -3.82
C ASN B 83 21.18 -16.32 -4.25
N TRP B 84 21.85 -15.60 -3.37
CA TRP B 84 23.20 -15.08 -3.62
C TRP B 84 24.21 -16.13 -4.15
N ILE B 85 24.08 -17.36 -3.71
CA ILE B 85 25.02 -18.41 -4.11
C ILE B 85 24.84 -18.99 -5.51
N ASP B 86 23.60 -19.03 -6.00
CA ASP B 86 23.33 -19.59 -7.32
C ASP B 86 23.69 -18.59 -8.42
N LYS B 87 24.98 -18.44 -8.69
CA LYS B 87 25.45 -17.49 -9.69
C LYS B 87 24.89 -17.75 -11.08
N GLU B 88 24.60 -19.02 -11.38
CA GLU B 88 24.07 -19.39 -12.68
C GLU B 88 22.57 -19.13 -12.80
N GLU B 89 21.86 -19.31 -11.70
CA GLU B 89 20.42 -19.12 -11.71
C GLU B 89 19.98 -17.66 -11.54
N TYR B 90 20.79 -16.89 -10.82
CA TYR B 90 20.53 -15.47 -10.58
C TYR B 90 21.80 -14.72 -11.03
N PRO B 91 22.11 -14.80 -12.33
CA PRO B 91 23.27 -14.18 -12.96
C PRO B 91 23.44 -12.66 -12.86
N GLN B 92 22.36 -11.91 -12.88
CA GLN B 92 22.51 -10.46 -12.78
C GLN B 92 22.75 -10.06 -11.33
N SER B 93 22.15 -10.78 -10.39
CA SER B 93 22.41 -10.48 -8.98
C SER B 93 23.90 -10.76 -8.79
N ALA B 94 24.38 -11.82 -9.43
CA ALA B 94 25.79 -12.19 -9.36
C ALA B 94 26.67 -11.09 -9.96
N ALA B 95 26.22 -10.50 -11.07
CA ALA B 95 26.95 -9.44 -11.73
C ALA B 95 27.00 -8.16 -10.89
N ILE B 96 25.90 -7.87 -10.20
CA ILE B 96 25.86 -6.67 -9.37
C ILE B 96 26.84 -6.82 -8.21
N ASP B 97 26.86 -8.01 -7.63
CA ASP B 97 27.75 -8.31 -6.53
C ASP B 97 29.21 -8.09 -6.96
N LEU B 98 29.54 -8.52 -8.16
CA LEU B 98 30.88 -8.36 -8.70
C LEU B 98 31.27 -6.90 -8.89
N ARG B 99 30.29 -6.05 -9.20
CA ARG B 99 30.55 -4.63 -9.37
C ARG B 99 30.87 -4.00 -8.01
N CYS B 100 30.14 -4.41 -6.97
CA CYS B 100 30.39 -3.89 -5.63
C CYS B 100 31.82 -4.23 -5.18
N VAL B 101 32.27 -5.45 -5.46
CA VAL B 101 33.62 -5.85 -5.09
C VAL B 101 34.62 -4.88 -5.74
N ASN B 102 34.37 -4.51 -7.00
CA ASN B 102 35.24 -3.57 -7.70
C ASN B 102 35.22 -2.21 -7.02
N MET B 103 34.04 -1.74 -6.65
CA MET B 103 33.90 -0.43 -6.03
C MET B 103 34.53 -0.34 -4.64
N VAL B 104 34.34 -1.37 -3.83
CA VAL B 104 34.91 -1.40 -2.48
C VAL B 104 36.44 -1.45 -2.59
N ALA B 105 36.95 -2.32 -3.45
CA ALA B 105 38.40 -2.44 -3.67
C ALA B 105 38.95 -1.09 -4.15
N ASP B 106 38.22 -0.42 -5.02
CA ASP B 106 38.64 0.89 -5.52
C ASP B 106 38.67 1.90 -4.37
N LEU B 107 37.64 1.87 -3.54
CA LEU B 107 37.54 2.77 -2.39
C LEU B 107 38.73 2.60 -1.45
N TRP B 108 39.23 1.38 -1.35
CA TRP B 108 40.37 1.09 -0.46
C TRP B 108 41.74 1.15 -1.12
N HIS B 109 41.77 1.68 -2.34
CA HIS B 109 43.00 1.84 -3.10
C HIS B 109 43.73 0.57 -3.48
N ALA B 110 42.98 -0.49 -3.76
CA ALA B 110 43.61 -1.75 -4.16
C ALA B 110 44.19 -1.56 -5.55
N PRO B 111 45.29 -2.26 -5.87
CA PRO B 111 45.90 -2.15 -7.19
C PRO B 111 44.86 -2.43 -8.28
N ALA B 112 44.82 -1.57 -9.29
CA ALA B 112 43.86 -1.73 -10.39
C ALA B 112 43.95 -3.14 -10.95
N PRO B 113 42.81 -3.82 -11.07
CA PRO B 113 42.75 -5.19 -11.60
C PRO B 113 43.05 -5.20 -13.09
N LYS B 114 44.00 -6.02 -13.52
CA LYS B 114 44.36 -6.12 -14.93
C LYS B 114 43.21 -6.67 -15.77
N ASN B 115 42.50 -7.64 -15.21
CA ASN B 115 41.38 -8.30 -15.89
C ASN B 115 40.02 -7.64 -15.64
N GLY B 116 40.04 -6.43 -15.07
CA GLY B 116 38.78 -5.73 -14.81
C GLY B 116 37.94 -6.22 -13.64
N GLN B 117 38.50 -7.10 -12.81
CA GLN B 117 37.76 -7.61 -11.68
C GLN B 117 38.65 -7.76 -10.45
N ALA B 118 38.34 -7.01 -9.41
CA ALA B 118 39.10 -7.08 -8.17
C ALA B 118 38.90 -8.43 -7.49
N VAL B 119 39.83 -8.78 -6.63
CA VAL B 119 39.81 -10.03 -5.89
C VAL B 119 39.15 -9.76 -4.56
N GLY B 120 37.99 -10.36 -4.33
CA GLY B 120 37.28 -10.13 -3.10
C GLY B 120 35.92 -10.77 -3.16
N THR B 121 35.17 -10.67 -2.07
CA THR B 121 33.85 -11.27 -2.04
C THR B 121 32.93 -10.67 -1.01
N ASN B 122 31.64 -10.79 -1.25
CA ASN B 122 30.66 -10.30 -0.33
C ASN B 122 30.49 -11.39 0.72
N THR B 123 30.03 -11.01 1.91
CA THR B 123 29.81 -11.97 2.99
C THR B 123 28.58 -11.55 3.80
N ILE B 124 28.18 -12.39 4.75
CA ILE B 124 27.04 -12.08 5.60
C ILE B 124 27.38 -10.90 6.53
N GLY B 125 28.65 -10.81 6.91
CA GLY B 125 29.11 -9.75 7.80
C GLY B 125 30.61 -9.81 7.95
N SER B 126 31.17 -8.95 8.80
CA SER B 126 32.62 -8.95 9.01
C SER B 126 33.15 -10.21 9.66
N SER B 127 32.32 -10.89 10.46
CA SER B 127 32.75 -12.12 11.12
C SER B 127 33.23 -13.10 10.05
N GLU B 128 32.38 -13.40 9.07
CA GLU B 128 32.77 -14.31 8.00
C GLU B 128 33.93 -13.71 7.20
N ALA B 129 33.86 -12.42 6.93
CA ALA B 129 34.92 -11.74 6.18
C ALA B 129 36.28 -11.91 6.89
N CYS B 130 36.31 -11.73 8.21
CA CYS B 130 37.52 -11.87 9.00
C CYS B 130 38.07 -13.30 9.02
N MET B 131 37.15 -14.27 9.01
CA MET B 131 37.56 -15.67 9.02
C MET B 131 38.17 -16.04 7.67
N LEU B 132 37.60 -15.50 6.60
CA LEU B 132 38.11 -15.73 5.27
C LEU B 132 39.49 -15.08 5.19
N GLY B 133 39.61 -13.87 5.74
CA GLY B 133 40.89 -13.19 5.71
C GLY B 133 41.89 -13.91 6.59
N GLY B 134 41.41 -14.45 7.70
CA GLY B 134 42.28 -15.16 8.62
C GLY B 134 42.78 -16.47 8.03
N MET B 135 41.90 -17.21 7.37
CA MET B 135 42.28 -18.48 6.76
C MET B 135 43.35 -18.24 5.70
N ALA B 136 43.16 -17.20 4.91
CA ALA B 136 44.10 -16.86 3.87
C ALA B 136 45.45 -16.53 4.53
N MET B 137 45.43 -15.83 5.66
CA MET B 137 46.67 -15.48 6.35
C MET B 137 47.37 -16.75 6.82
N LYS B 138 46.63 -17.62 7.49
CA LYS B 138 47.23 -18.85 7.99
C LYS B 138 47.89 -19.63 6.87
N TRP B 139 47.20 -19.71 5.73
CA TRP B 139 47.70 -20.42 4.56
C TRP B 139 48.98 -19.79 4.00
N ARG B 140 49.00 -18.46 3.84
CA ARG B 140 50.19 -17.81 3.31
C ARG B 140 51.37 -18.02 4.26
N TRP B 141 51.11 -17.95 5.56
CA TRP B 141 52.16 -18.16 6.56
C TRP B 141 52.73 -19.57 6.43
N ARG B 142 51.87 -20.58 6.32
CA ARG B 142 52.35 -21.94 6.21
C ARG B 142 53.24 -22.10 4.97
N LYS B 143 52.86 -21.48 3.87
CA LYS B 143 53.67 -21.56 2.65
C LYS B 143 55.03 -20.90 2.87
N ARG B 144 55.04 -19.79 3.61
CA ARG B 144 56.27 -19.08 3.89
C ARG B 144 57.20 -19.95 4.74
N MET B 145 56.61 -20.59 5.75
CA MET B 145 57.37 -21.45 6.64
C MET B 145 57.86 -22.70 5.90
N GLU B 146 56.98 -23.26 5.07
CA GLU B 146 57.34 -24.45 4.32
C GLU B 146 58.46 -24.14 3.33
N ALA B 147 58.51 -22.90 2.84
CA ALA B 147 59.56 -22.51 1.91
C ALA B 147 60.94 -22.57 2.58
N ALA B 148 60.96 -22.64 3.91
CA ALA B 148 62.21 -22.73 4.66
C ALA B 148 62.34 -24.04 5.42
N GLY B 149 61.44 -24.98 5.15
CA GLY B 149 61.46 -26.27 5.80
C GLY B 149 61.15 -26.24 7.29
N LYS B 150 60.50 -25.17 7.74
CA LYS B 150 60.16 -25.02 9.16
C LYS B 150 58.77 -25.55 9.51
N PRO B 151 58.60 -26.02 10.76
CA PRO B 151 57.33 -26.56 11.25
C PRO B 151 56.22 -25.50 11.25
N THR B 152 54.98 -25.95 11.10
CA THR B 152 53.84 -25.03 11.06
C THR B 152 52.78 -25.39 12.09
N ASP B 153 53.18 -25.99 13.18
CA ASP B 153 52.20 -26.39 14.18
C ASP B 153 51.92 -25.40 15.32
N LYS B 154 52.61 -24.25 15.33
CA LYS B 154 52.41 -23.26 16.38
C LYS B 154 52.08 -21.86 15.87
N PRO B 155 51.04 -21.74 15.04
CA PRO B 155 50.74 -20.39 14.56
C PRO B 155 50.10 -19.47 15.62
N ASN B 156 50.42 -18.18 15.55
CA ASN B 156 49.83 -17.20 16.45
C ASN B 156 49.42 -15.99 15.62
N LEU B 157 48.52 -15.18 16.17
CA LEU B 157 48.01 -13.99 15.51
C LEU B 157 48.12 -12.80 16.47
N VAL B 158 48.83 -11.76 16.06
CA VAL B 158 49.02 -10.59 16.91
C VAL B 158 47.95 -9.53 16.67
N CYS B 159 47.36 -9.03 17.76
CA CYS B 159 46.31 -8.04 17.63
C CYS B 159 46.06 -7.19 18.89
N GLY B 160 45.18 -6.20 18.76
CA GLY B 160 44.84 -5.34 19.88
C GLY B 160 43.48 -5.72 20.43
N PRO B 161 42.69 -4.75 20.94
CA PRO B 161 41.35 -4.99 21.49
C PRO B 161 40.35 -5.34 20.38
N VAL B 162 40.49 -6.55 19.83
CA VAL B 162 39.62 -6.98 18.74
C VAL B 162 38.22 -7.39 19.16
N GLN B 163 37.33 -7.44 18.17
CA GLN B 163 35.96 -7.85 18.38
C GLN B 163 36.02 -9.36 18.55
N ILE B 164 35.02 -9.92 19.22
CA ILE B 164 34.99 -11.34 19.52
C ILE B 164 35.16 -12.30 18.33
N CYS B 165 34.81 -11.89 17.12
CA CYS B 165 34.96 -12.77 15.98
C CYS B 165 36.39 -13.30 15.85
N TRP B 166 37.38 -12.51 16.26
CA TRP B 166 38.77 -12.95 16.15
C TRP B 166 39.13 -14.01 17.21
N HIS B 167 38.42 -14.01 18.33
CA HIS B 167 38.65 -15.00 19.36
C HIS B 167 38.10 -16.32 18.82
N LYS B 168 36.97 -16.22 18.11
CA LYS B 168 36.35 -17.40 17.52
C LYS B 168 37.24 -17.96 16.43
N PHE B 169 37.84 -17.07 15.64
CA PHE B 169 38.73 -17.50 14.58
C PHE B 169 39.87 -18.31 15.22
N ALA B 170 40.47 -17.76 16.26
CA ALA B 170 41.57 -18.41 16.94
C ALA B 170 41.15 -19.76 17.49
N ARG B 171 39.95 -19.84 18.04
CA ARG B 171 39.46 -21.08 18.60
C ARG B 171 39.14 -22.14 17.55
N TYR B 172 38.41 -21.74 16.50
CA TYR B 172 38.02 -22.69 15.45
C TYR B 172 39.18 -23.15 14.55
N TRP B 173 40.18 -22.31 14.35
CA TRP B 173 41.29 -22.69 13.49
C TRP B 173 42.61 -22.98 14.20
N ASP B 174 42.55 -23.21 15.51
CA ASP B 174 43.73 -23.53 16.32
C ASP B 174 44.90 -22.58 16.11
N VAL B 175 44.67 -21.30 16.34
CA VAL B 175 45.71 -20.29 16.21
C VAL B 175 45.80 -19.57 17.54
N GLU B 176 47.00 -19.44 18.07
CA GLU B 176 47.19 -18.76 19.35
C GLU B 176 46.95 -17.27 19.18
N LEU B 177 45.96 -16.74 19.90
CA LEU B 177 45.66 -15.33 19.80
C LEU B 177 46.52 -14.53 20.79
N ARG B 178 47.38 -13.67 20.24
CA ARG B 178 48.22 -12.83 21.07
C ARG B 178 47.63 -11.44 21.06
N GLU B 179 46.65 -11.22 21.92
CA GLU B 179 45.97 -9.94 22.01
C GLU B 179 46.69 -9.01 22.98
N ILE B 180 47.25 -7.93 22.46
CA ILE B 180 47.92 -6.96 23.31
C ILE B 180 46.77 -6.31 24.10
N PRO B 181 46.79 -6.42 25.43
CA PRO B 181 45.74 -5.85 26.28
C PRO B 181 45.71 -4.34 26.45
N MET B 182 44.52 -3.82 26.74
CA MET B 182 44.34 -2.39 26.97
C MET B 182 44.90 -2.04 28.35
N ARG B 183 45.40 -0.81 28.48
CA ARG B 183 45.89 -0.32 29.77
C ARG B 183 45.72 1.19 29.80
N PRO B 184 45.50 1.76 30.99
CA PRO B 184 45.30 3.21 31.16
C PRO B 184 46.17 4.09 30.26
N GLY B 185 45.51 4.90 29.42
CA GLY B 185 46.24 5.80 28.53
C GLY B 185 46.80 5.15 27.28
N GLN B 186 46.51 3.87 27.10
CA GLN B 186 46.99 3.15 25.92
C GLN B 186 46.01 2.01 25.69
N LEU B 187 44.79 2.38 25.29
CA LEU B 187 43.72 1.43 25.04
C LEU B 187 43.81 0.83 23.63
N PHE B 188 45.03 0.56 23.18
CA PHE B 188 45.23 0.01 21.86
C PHE B 188 46.57 -0.71 21.75
N MET B 189 46.80 -1.34 20.61
CA MET B 189 48.05 -2.05 20.37
C MET B 189 49.05 -1.06 19.79
N ASP B 190 50.07 -0.74 20.57
CA ASP B 190 51.11 0.20 20.14
C ASP B 190 52.21 -0.60 19.42
N PRO B 191 53.04 0.08 18.62
CA PRO B 191 54.12 -0.58 17.88
C PRO B 191 55.05 -1.42 18.77
N LYS B 192 55.53 -0.83 19.86
CA LYS B 192 56.44 -1.52 20.77
C LYS B 192 55.92 -2.87 21.24
N ARG B 193 54.71 -2.90 21.81
CA ARG B 193 54.16 -4.15 22.28
C ARG B 193 53.84 -5.11 21.13
N MET B 194 53.40 -4.57 19.99
CA MET B 194 53.11 -5.41 18.83
C MET B 194 54.36 -6.20 18.47
N ILE B 195 55.48 -5.49 18.36
CA ILE B 195 56.73 -6.16 18.02
C ILE B 195 57.15 -7.17 19.09
N GLU B 196 56.92 -6.86 20.36
CA GLU B 196 57.28 -7.80 21.40
C GLU B 196 56.55 -9.13 21.21
N ALA B 197 55.30 -9.05 20.76
CA ALA B 197 54.48 -10.24 20.55
C ALA B 197 54.76 -10.98 19.24
N CYS B 198 55.31 -10.29 18.25
CA CYS B 198 55.61 -10.89 16.96
C CYS B 198 56.83 -11.81 16.92
N ASP B 199 56.71 -12.95 16.25
CA ASP B 199 57.86 -13.85 16.08
C ASP B 199 57.68 -14.62 14.77
N GLU B 200 58.52 -15.64 14.54
CA GLU B 200 58.44 -16.42 13.31
C GLU B 200 57.11 -17.17 13.17
N ASN B 201 56.42 -17.40 14.28
CA ASN B 201 55.16 -18.13 14.22
C ASN B 201 53.93 -17.26 14.03
N THR B 202 54.14 -15.94 13.92
CA THR B 202 53.03 -15.00 13.73
C THR B 202 52.52 -15.03 12.28
N ILE B 203 51.25 -15.38 12.11
CA ILE B 203 50.69 -15.46 10.76
C ILE B 203 50.37 -14.11 10.18
N GLY B 204 50.22 -13.12 11.06
CA GLY B 204 49.92 -11.78 10.63
C GLY B 204 49.55 -10.90 11.79
N VAL B 205 49.40 -9.61 11.52
CA VAL B 205 49.01 -8.63 12.52
C VAL B 205 47.67 -8.07 12.07
N VAL B 206 46.74 -7.93 12.99
CA VAL B 206 45.41 -7.38 12.67
C VAL B 206 45.08 -6.08 13.40
N PRO B 207 45.32 -4.94 12.76
CA PRO B 207 45.02 -3.65 13.37
C PRO B 207 43.51 -3.48 13.27
N THR B 208 42.87 -2.96 14.32
CA THR B 208 41.42 -2.76 14.28
C THR B 208 41.15 -1.29 13.97
N PHE B 209 40.79 -1.03 12.72
CA PHE B 209 40.51 0.33 12.26
C PHE B 209 39.13 0.76 12.70
N GLY B 210 38.97 0.90 14.01
CA GLY B 210 37.69 1.28 14.58
C GLY B 210 37.37 0.34 15.71
N VAL B 211 38.06 0.52 16.84
CA VAL B 211 37.88 -0.31 18.02
C VAL B 211 36.46 -0.17 18.58
N THR B 212 35.77 -1.29 18.70
CA THR B 212 34.40 -1.28 19.20
C THR B 212 34.25 -0.65 20.59
N TYR B 213 35.10 -1.07 21.52
CA TYR B 213 35.03 -0.61 22.90
C TYR B 213 35.18 0.90 23.14
N THR B 214 36.03 1.54 22.36
CA THR B 214 36.30 2.97 22.51
C THR B 214 35.87 3.85 21.35
N GLY B 215 35.75 3.25 20.17
CA GLY B 215 35.37 4.01 19.00
C GLY B 215 36.57 4.61 18.26
N ASN B 216 37.78 4.42 18.80
CA ASN B 216 38.98 4.97 18.16
C ASN B 216 39.71 4.05 17.17
N TYR B 217 40.38 4.67 16.22
CA TYR B 217 41.15 3.95 15.22
C TYR B 217 42.52 3.51 15.72
N GLU B 218 42.92 2.30 15.34
CA GLU B 218 44.26 1.81 15.63
C GLU B 218 44.88 2.15 14.28
N PHE B 219 45.79 3.12 14.25
CA PHE B 219 46.40 3.53 12.99
C PHE B 219 47.41 2.52 12.46
N PRO B 220 47.16 1.96 11.27
CA PRO B 220 48.05 0.97 10.67
C PRO B 220 49.46 1.45 10.29
N GLN B 221 49.56 2.69 9.82
CA GLN B 221 50.85 3.24 9.37
C GLN B 221 52.01 3.05 10.35
N PRO B 222 51.86 3.48 11.62
CA PRO B 222 52.96 3.32 12.58
C PRO B 222 53.33 1.85 12.81
N LEU B 223 52.33 0.98 12.76
CA LEU B 223 52.55 -0.45 12.94
C LEU B 223 53.33 -0.97 11.75
N HIS B 224 52.91 -0.53 10.57
CA HIS B 224 53.54 -0.92 9.32
C HIS B 224 55.01 -0.52 9.32
N ASP B 225 55.32 0.65 9.85
CA ASP B 225 56.72 1.09 9.89
C ASP B 225 57.50 0.14 10.78
N ALA B 226 56.88 -0.31 11.87
CA ALA B 226 57.53 -1.21 12.81
C ALA B 226 57.77 -2.59 12.20
N LEU B 227 56.86 -3.04 11.34
CA LEU B 227 57.03 -4.34 10.70
C LEU B 227 58.15 -4.28 9.67
N ASP B 228 58.32 -3.11 9.05
CA ASP B 228 59.40 -2.94 8.08
C ASP B 228 60.74 -3.05 8.80
N LYS B 229 60.85 -2.43 9.97
CA LYS B 229 62.07 -2.47 10.75
C LYS B 229 62.26 -3.88 11.29
N PHE B 230 61.16 -4.54 11.64
CA PHE B 230 61.23 -5.89 12.16
C PHE B 230 61.82 -6.83 11.11
N GLN B 231 61.40 -6.67 9.86
CA GLN B 231 61.93 -7.53 8.82
C GLN B 231 63.42 -7.24 8.61
N ALA B 232 63.79 -5.97 8.65
CA ALA B 232 65.20 -5.60 8.48
C ALA B 232 66.05 -6.26 9.57
N ASP B 233 65.63 -6.12 10.82
CA ASP B 233 66.35 -6.68 11.96
C ASP B 233 66.37 -8.20 12.08
N THR B 234 65.26 -8.86 11.78
CA THR B 234 65.16 -10.32 11.94
C THR B 234 64.99 -11.15 10.67
N GLY B 235 64.61 -10.52 9.58
CA GLY B 235 64.40 -11.27 8.35
C GLY B 235 62.98 -11.83 8.28
N ILE B 236 62.22 -11.64 9.36
CA ILE B 236 60.84 -12.12 9.40
C ILE B 236 59.89 -11.12 8.73
N ASP B 237 59.19 -11.60 7.70
CA ASP B 237 58.27 -10.78 6.91
C ASP B 237 56.81 -11.05 7.29
N ILE B 238 56.17 -10.11 7.97
CA ILE B 238 54.79 -10.26 8.44
C ILE B 238 53.77 -9.37 7.72
N ASP B 239 52.69 -9.98 7.23
CA ASP B 239 51.61 -9.28 6.53
C ASP B 239 50.57 -8.75 7.52
N MET B 240 49.70 -7.88 7.01
CA MET B 240 48.63 -7.30 7.80
C MET B 240 47.28 -7.55 7.15
N HIS B 241 46.25 -7.63 7.99
CA HIS B 241 44.86 -7.75 7.54
C HIS B 241 44.21 -6.70 8.41
N ILE B 242 43.57 -5.72 7.77
CA ILE B 242 42.92 -4.65 8.51
C ILE B 242 41.46 -4.98 8.76
N ASP B 243 41.07 -5.04 10.04
CA ASP B 243 39.67 -5.28 10.38
C ASP B 243 39.03 -3.89 10.43
N ALA B 244 38.50 -3.43 9.30
CA ALA B 244 37.88 -2.12 9.22
C ALA B 244 36.36 -2.21 9.22
N ALA B 245 35.82 -3.10 10.05
CA ALA B 245 34.38 -3.29 10.13
C ALA B 245 33.63 -1.96 10.08
N SER B 246 34.08 -0.98 10.85
CA SER B 246 33.42 0.32 10.85
C SER B 246 34.23 1.33 10.04
N GLY B 247 35.53 1.38 10.28
CA GLY B 247 36.37 2.34 9.58
C GLY B 247 36.41 2.32 8.06
N GLY B 248 36.28 1.16 7.46
CA GLY B 248 36.34 1.08 6.00
C GLY B 248 35.31 1.87 5.22
N PHE B 249 34.24 2.29 5.88
CA PHE B 249 33.19 3.06 5.22
C PHE B 249 33.02 4.43 5.85
N LEU B 250 34.08 4.91 6.52
CA LEU B 250 34.09 6.22 7.15
C LEU B 250 35.28 7.03 6.66
N ALA B 251 36.50 6.61 7.02
CA ALA B 251 37.70 7.33 6.63
C ALA B 251 37.82 7.70 5.15
N PRO B 252 37.50 6.76 4.25
CA PRO B 252 37.60 7.08 2.81
C PRO B 252 36.83 8.34 2.45
N PHE B 253 35.79 8.64 3.21
CA PHE B 253 34.95 9.80 2.95
C PHE B 253 35.27 11.05 3.75
N VAL B 254 35.51 10.89 5.05
CA VAL B 254 35.76 12.04 5.91
C VAL B 254 37.21 12.30 6.34
N ALA B 255 38.10 11.35 6.09
CA ALA B 255 39.51 11.51 6.45
C ALA B 255 40.36 10.73 5.45
N PRO B 256 40.28 11.13 4.17
CA PRO B 256 41.05 10.45 3.12
C PRO B 256 42.56 10.44 3.29
N ASP B 257 43.10 11.40 4.01
CA ASP B 257 44.54 11.47 4.21
C ASP B 257 45.12 10.39 5.14
N ILE B 258 44.25 9.73 5.91
CA ILE B 258 44.72 8.66 6.78
C ILE B 258 45.14 7.49 5.89
N VAL B 259 46.40 7.08 6.02
CA VAL B 259 46.96 5.98 5.25
C VAL B 259 46.79 4.68 6.04
N TRP B 260 45.73 3.94 5.75
CA TRP B 260 45.43 2.71 6.46
C TRP B 260 45.15 1.49 5.59
N ASP B 261 44.89 1.72 4.31
CA ASP B 261 44.51 0.65 3.38
C ASP B 261 45.59 -0.01 2.52
N PHE B 262 45.22 -0.35 1.29
CA PHE B 262 46.15 -1.01 0.38
C PHE B 262 47.30 -0.11 -0.05
N ARG B 263 47.27 1.15 0.35
CA ARG B 263 48.36 2.06 0.03
C ARG B 263 49.58 1.55 0.82
N LEU B 264 49.30 0.77 1.86
CA LEU B 264 50.36 0.18 2.68
C LEU B 264 50.70 -1.21 2.12
N PRO B 265 51.95 -1.39 1.66
CA PRO B 265 52.50 -2.63 1.07
C PRO B 265 52.18 -3.93 1.81
N ARG B 266 52.27 -3.90 3.13
CA ARG B 266 52.02 -5.09 3.95
C ARG B 266 50.55 -5.49 4.13
N VAL B 267 49.62 -4.60 3.77
CA VAL B 267 48.21 -4.93 3.88
C VAL B 267 47.83 -5.80 2.69
N LYS B 268 47.55 -7.08 2.96
CA LYS B 268 47.19 -8.04 1.92
C LYS B 268 45.68 -8.25 1.78
N SER B 269 44.94 -7.87 2.80
CA SER B 269 43.48 -7.98 2.78
C SER B 269 42.86 -7.02 3.77
N ILE B 270 41.60 -6.67 3.53
CA ILE B 270 40.86 -5.76 4.38
C ILE B 270 39.41 -6.23 4.40
N SER B 271 38.76 -6.13 5.56
CA SER B 271 37.35 -6.50 5.68
C SER B 271 36.57 -5.34 6.30
N ALA B 272 35.26 -5.29 6.06
CA ALA B 272 34.41 -4.22 6.60
C ALA B 272 32.95 -4.64 6.56
N SER B 273 32.14 -4.09 7.47
CA SER B 273 30.72 -4.41 7.55
C SER B 273 29.87 -3.45 6.72
N GLY B 274 29.27 -3.97 5.66
CA GLY B 274 28.42 -3.14 4.84
C GLY B 274 27.26 -2.66 5.69
N HIS B 275 26.75 -3.54 6.54
CA HIS B 275 25.61 -3.20 7.38
C HIS B 275 25.96 -2.36 8.62
N LYS B 276 27.20 -1.89 8.71
CA LYS B 276 27.52 -0.98 9.78
C LYS B 276 27.53 0.36 9.07
N PHE B 277 28.66 1.06 9.02
CA PHE B 277 28.67 2.34 8.34
C PHE B 277 28.61 2.29 6.81
N GLY B 278 28.48 1.09 6.25
CA GLY B 278 28.37 0.94 4.81
C GLY B 278 26.95 1.26 4.35
N LEU B 279 26.06 1.44 5.34
CA LEU B 279 24.65 1.79 5.13
C LEU B 279 23.74 0.71 4.55
N ALA B 280 24.23 -0.51 4.48
CA ALA B 280 23.43 -1.61 3.96
C ALA B 280 22.60 -2.27 5.07
N PRO B 281 21.51 -2.97 4.70
CA PRO B 281 20.68 -3.64 5.70
C PRO B 281 21.44 -4.84 6.30
N LEU B 282 21.11 -5.23 7.53
CA LEU B 282 21.77 -6.36 8.18
C LEU B 282 21.94 -7.54 7.24
N GLY B 283 23.16 -8.10 7.23
CA GLY B 283 23.45 -9.24 6.37
C GLY B 283 24.38 -8.94 5.21
N CYS B 284 25.25 -7.94 5.36
CA CYS B 284 26.19 -7.62 4.29
C CYS B 284 27.57 -7.27 4.84
N GLY B 285 28.59 -7.95 4.32
CA GLY B 285 29.96 -7.72 4.74
C GLY B 285 30.87 -7.83 3.53
N TRP B 286 32.12 -7.42 3.69
CA TRP B 286 33.05 -7.47 2.56
C TRP B 286 34.48 -7.80 2.97
N VAL B 287 35.21 -8.46 2.07
CA VAL B 287 36.62 -8.74 2.25
C VAL B 287 37.26 -8.64 0.87
N ILE B 288 38.31 -7.82 0.79
CA ILE B 288 39.03 -7.58 -0.46
C ILE B 288 40.49 -7.98 -0.28
N TRP B 289 41.08 -8.60 -1.29
CA TRP B 289 42.49 -8.97 -1.22
C TRP B 289 43.30 -8.05 -2.11
N ARG B 290 44.56 -7.88 -1.74
CA ARG B 290 45.47 -7.02 -2.47
C ARG B 290 45.50 -7.36 -3.97
N ASP B 291 45.63 -8.65 -4.25
CA ASP B 291 45.67 -9.17 -5.60
C ASP B 291 45.57 -10.69 -5.53
N GLU B 292 45.66 -11.35 -6.67
CA GLU B 292 45.56 -12.80 -6.76
C GLU B 292 46.56 -13.52 -5.86
N GLU B 293 47.79 -13.04 -5.81
CA GLU B 293 48.84 -13.65 -4.98
C GLU B 293 48.53 -13.62 -3.47
N ALA B 294 47.65 -12.72 -3.05
CA ALA B 294 47.30 -12.63 -1.65
C ALA B 294 46.28 -13.68 -1.22
N LEU B 295 45.59 -14.27 -2.18
CA LEU B 295 44.56 -15.27 -1.88
C LEU B 295 44.90 -16.65 -2.44
N PRO B 296 45.20 -17.62 -1.56
CA PRO B 296 45.55 -19.00 -1.95
C PRO B 296 44.43 -19.66 -2.74
N GLN B 297 44.71 -20.06 -3.99
CA GLN B 297 43.70 -20.68 -4.84
C GLN B 297 43.13 -21.96 -4.24
N GLU B 298 43.90 -22.62 -3.38
CA GLU B 298 43.46 -23.85 -2.75
C GLU B 298 42.24 -23.61 -1.87
N LEU B 299 41.97 -22.35 -1.53
CA LEU B 299 40.83 -22.00 -0.68
C LEU B 299 39.62 -21.57 -1.51
N VAL B 300 39.83 -21.40 -2.81
CA VAL B 300 38.76 -20.95 -3.69
C VAL B 300 38.12 -22.10 -4.46
N PHE B 301 36.79 -22.11 -4.48
CA PHE B 301 36.04 -23.12 -5.21
C PHE B 301 35.39 -22.44 -6.41
N ASN B 302 35.80 -22.86 -7.61
CA ASN B 302 35.27 -22.28 -8.85
C ASN B 302 33.93 -22.88 -9.21
N VAL B 303 33.06 -22.05 -9.78
CA VAL B 303 31.73 -22.49 -10.21
C VAL B 303 31.46 -21.93 -11.61
N ASP B 304 30.68 -22.65 -12.40
CA ASP B 304 30.37 -22.22 -13.75
C ASP B 304 29.62 -20.89 -13.73
N TYR B 305 29.91 -20.02 -14.70
CA TYR B 305 29.23 -18.73 -14.79
C TYR B 305 29.37 -18.06 -16.17
N LEU B 306 28.30 -18.08 -16.94
CA LEU B 306 28.27 -17.46 -18.25
C LEU B 306 29.44 -17.83 -19.17
N GLY B 307 29.53 -19.10 -19.55
CA GLY B 307 30.60 -19.53 -20.43
C GLY B 307 31.97 -19.69 -19.77
N GLY B 308 32.09 -19.21 -18.54
CA GLY B 308 33.35 -19.33 -17.84
C GLY B 308 33.15 -19.80 -16.41
N GLN B 309 33.97 -19.27 -15.50
CA GLN B 309 33.87 -19.64 -14.10
C GLN B 309 34.25 -18.48 -13.19
N ILE B 310 33.60 -18.42 -12.04
CA ILE B 310 33.86 -17.40 -11.05
C ILE B 310 34.38 -18.11 -9.81
N GLY B 311 35.40 -17.55 -9.18
CA GLY B 311 35.93 -18.17 -7.99
C GLY B 311 35.08 -17.77 -6.79
N THR B 312 34.80 -18.72 -5.92
CA THR B 312 34.01 -18.43 -4.73
C THR B 312 34.76 -18.90 -3.48
N PHE B 313 34.71 -18.07 -2.44
CA PHE B 313 35.36 -18.37 -1.18
C PHE B 313 34.40 -17.86 -0.13
N ALA B 314 33.63 -18.78 0.44
CA ALA B 314 32.64 -18.42 1.45
C ALA B 314 32.38 -19.60 2.38
N ILE B 315 31.91 -19.27 3.58
CA ILE B 315 31.58 -20.27 4.58
C ILE B 315 30.10 -20.62 4.40
N ASN B 316 29.28 -19.60 4.19
CA ASN B 316 27.85 -19.82 3.98
C ASN B 316 27.60 -20.22 2.52
N PHE B 317 26.50 -20.90 2.26
CA PHE B 317 26.17 -21.27 0.88
C PHE B 317 24.93 -20.45 0.49
N SER B 318 23.73 -21.01 0.63
CA SER B 318 22.52 -20.25 0.27
C SER B 318 22.23 -19.12 1.26
N ARG B 319 21.88 -17.96 0.71
CA ARG B 319 21.53 -16.79 1.50
C ARG B 319 20.91 -15.75 0.56
N PRO B 320 20.10 -14.83 1.11
CA PRO B 320 19.46 -13.83 0.26
C PRO B 320 20.43 -12.86 -0.42
N ALA B 321 20.07 -12.43 -1.62
CA ALA B 321 20.89 -11.50 -2.41
C ALA B 321 20.46 -10.05 -2.19
N GLY B 322 19.35 -9.85 -1.49
CA GLY B 322 18.85 -8.50 -1.25
C GLY B 322 19.80 -7.48 -0.65
N GLN B 323 20.58 -7.87 0.35
CA GLN B 323 21.51 -6.94 0.97
C GLN B 323 22.57 -6.39 0.02
N VAL B 324 23.13 -7.23 -0.84
CA VAL B 324 24.16 -6.76 -1.76
C VAL B 324 23.54 -5.88 -2.85
N ILE B 325 22.31 -6.21 -3.24
CA ILE B 325 21.60 -5.42 -4.21
C ILE B 325 21.35 -4.05 -3.59
N ALA B 326 20.91 -4.04 -2.33
CA ALA B 326 20.66 -2.79 -1.60
C ALA B 326 21.96 -1.99 -1.47
N GLN B 327 23.07 -2.68 -1.23
CA GLN B 327 24.37 -2.01 -1.10
C GLN B 327 24.75 -1.30 -2.40
N TYR B 328 24.55 -1.97 -3.53
CA TYR B 328 24.87 -1.39 -4.82
C TYR B 328 23.98 -0.16 -5.03
N TYR B 329 22.72 -0.25 -4.59
CA TYR B 329 21.81 0.89 -4.70
C TYR B 329 22.35 2.08 -3.92
N GLU B 330 22.86 1.85 -2.72
CA GLU B 330 23.40 2.95 -1.91
C GLU B 330 24.63 3.53 -2.59
N PHE B 331 25.48 2.66 -3.12
CA PHE B 331 26.69 3.10 -3.81
C PHE B 331 26.31 4.02 -4.98
N LEU B 332 25.34 3.58 -5.79
CA LEU B 332 24.92 4.37 -6.93
C LEU B 332 24.15 5.63 -6.56
N ARG B 333 23.24 5.50 -5.59
CA ARG B 333 22.40 6.63 -5.20
C ARG B 333 23.11 7.71 -4.40
N LEU B 334 24.05 7.31 -3.55
CA LEU B 334 24.78 8.28 -2.73
C LEU B 334 26.14 8.66 -3.31
N GLY B 335 26.94 7.66 -3.70
CA GLY B 335 28.26 7.94 -4.23
C GLY B 335 29.15 8.52 -3.14
N ARG B 336 30.35 8.97 -3.52
CA ARG B 336 31.26 9.54 -2.54
C ARG B 336 30.60 10.73 -1.86
N GLU B 337 30.00 11.59 -2.68
CA GLU B 337 29.31 12.79 -2.19
C GLU B 337 28.22 12.46 -1.16
N GLY B 338 27.37 11.50 -1.52
CA GLY B 338 26.29 11.10 -0.63
C GLY B 338 26.80 10.54 0.68
N TYR B 339 27.75 9.61 0.61
CA TYR B 339 28.32 9.03 1.82
C TYR B 339 28.97 10.07 2.72
N THR B 340 29.68 11.03 2.12
CA THR B 340 30.32 12.06 2.92
C THR B 340 29.30 12.86 3.73
N LYS B 341 28.19 13.24 3.09
CA LYS B 341 27.15 13.99 3.78
C LYS B 341 26.53 13.17 4.91
N VAL B 342 26.22 11.91 4.63
CA VAL B 342 25.63 11.06 5.67
C VAL B 342 26.59 10.83 6.84
N GLN B 343 27.85 10.52 6.54
CA GLN B 343 28.80 10.29 7.63
C GLN B 343 29.08 11.59 8.37
N ASN B 344 29.13 12.70 7.65
CA ASN B 344 29.37 14.01 8.27
C ASN B 344 28.23 14.32 9.25
N ALA B 345 27.02 13.86 8.91
CA ALA B 345 25.88 14.12 9.79
C ALA B 345 26.10 13.38 11.11
N SER B 346 26.55 12.13 11.03
CA SER B 346 26.81 11.33 12.22
C SER B 346 27.89 11.97 13.10
N TYR B 347 28.96 12.43 12.48
CA TYR B 347 30.04 13.06 13.22
C TYR B 347 29.59 14.35 13.89
N GLN B 348 28.73 15.11 13.22
CA GLN B 348 28.26 16.37 13.82
C GLN B 348 27.48 16.10 15.10
N VAL B 349 26.65 15.06 15.07
CA VAL B 349 25.87 14.69 16.23
C VAL B 349 26.79 14.18 17.34
N ALA B 350 27.76 13.34 16.98
CA ALA B 350 28.69 12.81 17.97
C ALA B 350 29.43 13.96 18.65
N ALA B 351 29.94 14.89 17.85
CA ALA B 351 30.66 16.03 18.39
C ALA B 351 29.76 16.88 19.29
N TYR B 352 28.49 16.99 18.91
CA TYR B 352 27.51 17.76 19.69
C TYR B 352 27.30 17.17 21.09
N LEU B 353 26.94 15.90 21.13
CA LEU B 353 26.72 15.21 22.38
C LEU B 353 27.95 15.22 23.28
N ALA B 354 29.13 15.05 22.67
CA ALA B 354 30.38 15.05 23.42
C ALA B 354 30.57 16.40 24.12
N ASP B 355 30.28 17.47 23.39
CA ASP B 355 30.43 18.82 23.92
C ASP B 355 29.41 19.15 25.00
N GLU B 356 28.14 18.83 24.74
CA GLU B 356 27.07 19.10 25.69
C GLU B 356 27.18 18.25 26.95
N ILE B 357 27.52 16.98 26.78
CA ILE B 357 27.62 16.08 27.92
C ILE B 357 28.77 16.44 28.85
N ALA B 358 29.87 16.93 28.31
CA ALA B 358 31.02 17.32 29.12
C ALA B 358 30.64 18.41 30.13
N LYS B 359 29.68 19.25 29.76
CA LYS B 359 29.22 20.33 30.63
C LYS B 359 28.39 19.83 31.81
N LEU B 360 27.99 18.55 31.77
CA LEU B 360 27.15 17.97 32.81
C LEU B 360 27.81 17.19 33.93
N GLY B 361 29.11 16.95 33.84
CA GLY B 361 29.77 16.19 34.88
C GLY B 361 31.27 16.09 34.77
N PRO B 362 31.93 15.50 35.79
CA PRO B 362 33.38 15.31 35.87
C PRO B 362 33.77 14.10 35.03
N TYR B 363 33.72 14.27 33.71
CA TYR B 363 34.02 13.18 32.79
C TYR B 363 35.32 13.36 32.03
N GLU B 364 35.88 12.25 31.59
CA GLU B 364 37.09 12.26 30.78
C GLU B 364 36.71 11.46 29.54
N PHE B 365 36.78 12.10 28.38
CA PHE B 365 36.42 11.44 27.15
C PHE B 365 37.53 10.65 26.49
N ILE B 366 37.15 9.51 25.92
CA ILE B 366 38.06 8.61 25.22
C ILE B 366 37.82 8.83 23.72
N CYS B 367 36.57 9.08 23.36
CA CYS B 367 36.20 9.33 21.97
C CYS B 367 35.21 10.50 21.95
N THR B 368 35.48 11.50 21.12
CA THR B 368 34.60 12.68 21.03
C THR B 368 34.05 12.91 19.62
N GLY B 369 33.98 11.84 18.84
CA GLY B 369 33.44 11.95 17.48
C GLY B 369 34.30 12.72 16.50
N ARG B 370 35.61 12.63 16.63
CA ARG B 370 36.52 13.32 15.72
C ARG B 370 36.82 12.39 14.53
N PRO B 371 36.51 12.82 13.30
CA PRO B 371 36.77 11.99 12.12
C PRO B 371 38.22 11.59 11.88
N ASP B 372 39.17 12.37 12.41
CA ASP B 372 40.58 12.02 12.24
C ASP B 372 41.07 11.09 13.35
N GLU B 373 40.23 10.82 14.34
CA GLU B 373 40.63 9.94 15.43
C GLU B 373 39.87 8.62 15.49
N GLY B 374 38.67 8.58 14.93
CA GLY B 374 37.89 7.35 14.97
C GLY B 374 36.52 7.48 14.35
N ILE B 375 35.57 6.71 14.89
CA ILE B 375 34.21 6.69 14.38
C ILE B 375 33.28 7.70 15.06
N PRO B 376 32.01 7.80 14.59
CA PRO B 376 31.08 8.75 15.21
C PRO B 376 30.49 8.14 16.48
N ALA B 377 31.21 8.27 17.57
CA ALA B 377 30.75 7.76 18.84
C ALA B 377 31.26 8.67 19.94
N VAL B 378 30.61 8.57 21.09
CA VAL B 378 30.97 9.35 22.27
C VAL B 378 31.28 8.31 23.32
N CYS B 379 32.51 8.31 23.82
CA CYS B 379 32.92 7.36 24.84
C CYS B 379 33.63 8.12 25.97
N PHE B 380 33.19 7.88 27.20
CA PHE B 380 33.78 8.57 28.33
C PHE B 380 33.66 7.79 29.63
N LYS B 381 34.41 8.26 30.63
CA LYS B 381 34.40 7.66 31.96
C LYS B 381 34.41 8.80 32.96
N LEU B 382 34.16 8.48 34.23
CA LEU B 382 34.22 9.49 35.27
C LEU B 382 35.70 9.72 35.52
N LYS B 383 36.08 10.97 35.78
CA LYS B 383 37.48 11.29 36.03
C LYS B 383 37.96 10.51 37.25
N ASP B 384 39.19 10.00 37.18
CA ASP B 384 39.73 9.23 38.30
C ASP B 384 39.66 10.02 39.61
N GLY B 385 39.08 9.40 40.63
CA GLY B 385 38.98 10.05 41.93
C GLY B 385 37.74 10.86 42.18
N GLU B 386 36.99 11.19 41.12
CA GLU B 386 35.78 11.97 41.28
C GLU B 386 34.54 11.10 41.54
N ASP B 387 33.72 11.52 42.50
CA ASP B 387 32.51 10.80 42.86
C ASP B 387 31.33 11.77 42.79
N PRO B 388 30.62 11.81 41.64
CA PRO B 388 29.47 12.70 41.45
C PRO B 388 28.19 12.23 42.13
N GLY B 389 28.24 11.09 42.80
CA GLY B 389 27.06 10.58 43.47
C GLY B 389 26.33 9.52 42.66
N TYR B 390 27.00 8.96 41.66
CA TYR B 390 26.41 7.93 40.81
C TYR B 390 27.48 7.30 39.94
N THR B 391 27.18 6.13 39.38
CA THR B 391 28.12 5.47 38.49
C THR B 391 27.49 5.55 37.10
N LEU B 392 28.26 5.22 36.07
CA LEU B 392 27.72 5.27 34.72
C LEU B 392 26.66 4.20 34.52
N TYR B 393 26.69 3.16 35.34
CA TYR B 393 25.71 2.07 35.27
C TYR B 393 24.36 2.61 35.71
N ASP B 394 24.35 3.42 36.76
CA ASP B 394 23.13 4.02 37.27
C ASP B 394 22.52 4.91 36.20
N LEU B 395 23.37 5.72 35.59
CA LEU B 395 22.94 6.64 34.54
C LEU B 395 22.35 5.88 33.35
N SER B 396 23.00 4.78 32.96
CA SER B 396 22.51 3.96 31.87
C SER B 396 21.12 3.43 32.19
N GLU B 397 20.92 3.00 33.43
CA GLU B 397 19.62 2.48 33.84
C GLU B 397 18.52 3.55 33.80
N ARG B 398 18.85 4.78 34.18
CA ARG B 398 17.86 5.86 34.15
C ARG B 398 17.44 6.10 32.70
N LEU B 399 18.41 6.13 31.80
CA LEU B 399 18.14 6.36 30.39
C LEU B 399 17.25 5.28 29.78
N ARG B 400 17.40 4.05 30.27
CA ARG B 400 16.59 2.93 29.77
C ARG B 400 15.09 3.07 30.09
N LEU B 401 14.78 3.88 31.09
CA LEU B 401 13.38 4.10 31.47
C LEU B 401 12.66 4.89 30.39
N ARG B 402 13.44 5.51 29.50
CA ARG B 402 12.90 6.31 28.40
C ARG B 402 13.04 5.61 27.04
N GLY B 403 13.50 4.36 27.06
CA GLY B 403 13.64 3.60 25.84
C GLY B 403 15.04 3.50 25.27
N TRP B 404 15.95 4.33 25.78
CA TRP B 404 17.33 4.35 25.29
C TRP B 404 18.20 3.19 25.78
N GLN B 405 19.01 2.66 24.87
CA GLN B 405 19.96 1.63 25.23
C GLN B 405 21.31 2.27 25.05
N VAL B 406 21.91 2.69 26.16
CA VAL B 406 23.23 3.30 26.17
C VAL B 406 24.07 2.43 27.08
N PRO B 407 24.98 1.62 26.51
CA PRO B 407 25.84 0.74 27.30
C PRO B 407 26.91 1.39 28.15
N ALA B 408 27.04 0.85 29.35
CA ALA B 408 28.05 1.27 30.31
C ALA B 408 28.76 -0.07 30.56
N PHE B 409 30.09 -0.08 30.46
CA PHE B 409 30.82 -1.31 30.68
C PHE B 409 32.26 -1.06 31.07
N THR B 410 32.93 -2.13 31.50
CA THR B 410 34.33 -2.01 31.89
C THR B 410 35.19 -2.42 30.72
N LEU B 411 36.37 -1.81 30.60
CA LEU B 411 37.27 -2.16 29.52
C LEU B 411 37.98 -3.45 29.94
N GLY B 412 38.70 -4.08 29.02
CA GLY B 412 39.39 -5.32 29.34
C GLY B 412 40.86 -5.13 29.62
N GLY B 413 41.61 -6.23 29.58
CA GLY B 413 43.04 -6.17 29.83
C GLY B 413 43.42 -5.59 31.18
N GLU B 414 44.23 -4.54 31.15
CA GLU B 414 44.70 -3.88 32.37
C GLU B 414 43.87 -2.68 32.77
N ALA B 415 42.74 -2.49 32.08
CA ALA B 415 41.86 -1.36 32.38
C ALA B 415 40.51 -1.84 32.91
N THR B 416 40.49 -3.04 33.48
CA THR B 416 39.25 -3.61 33.99
C THR B 416 38.60 -2.79 35.11
N ASP B 417 39.35 -1.85 35.68
CA ASP B 417 38.83 -1.00 36.75
C ASP B 417 38.14 0.23 36.19
N ILE B 418 38.29 0.44 34.88
CA ILE B 418 37.70 1.60 34.24
C ILE B 418 36.34 1.29 33.64
N VAL B 419 35.35 2.14 33.97
CA VAL B 419 33.99 1.97 33.47
C VAL B 419 33.69 3.09 32.50
N VAL B 420 33.31 2.74 31.28
CA VAL B 420 32.99 3.75 30.28
C VAL B 420 31.56 3.62 29.78
N MET B 421 31.08 4.71 29.19
CA MET B 421 29.75 4.75 28.61
C MET B 421 30.00 5.09 27.15
N ARG B 422 29.33 4.40 26.23
CA ARG B 422 29.52 4.64 24.80
C ARG B 422 28.20 4.89 24.08
N ILE B 423 28.15 5.95 23.29
CA ILE B 423 26.95 6.29 22.53
C ILE B 423 27.29 6.22 21.05
N MET B 424 26.58 5.38 20.30
CA MET B 424 26.84 5.26 18.86
C MET B 424 25.92 6.19 18.07
N CYS B 425 26.49 7.00 17.18
CA CYS B 425 25.69 7.92 16.38
C CYS B 425 25.61 7.49 14.93
N ARG B 426 24.65 6.61 14.65
CA ARG B 426 24.44 6.06 13.31
C ARG B 426 23.53 6.90 12.43
N ARG B 427 23.41 6.49 11.18
CA ARG B 427 22.52 7.18 10.26
C ARG B 427 21.14 6.98 10.84
N GLY B 428 20.34 8.05 10.87
CA GLY B 428 19.01 7.93 11.40
C GLY B 428 18.95 8.44 12.83
N PHE B 429 20.09 8.90 13.35
CA PHE B 429 20.12 9.46 14.69
C PHE B 429 20.40 10.93 14.46
N GLU B 430 19.40 11.60 13.90
CA GLU B 430 19.48 13.02 13.58
C GLU B 430 19.64 13.92 14.80
N MET B 431 20.17 15.10 14.57
CA MET B 431 20.42 16.09 15.63
C MET B 431 19.20 16.30 16.55
N ASP B 432 18.02 16.48 15.96
CA ASP B 432 16.83 16.71 16.76
C ASP B 432 16.54 15.53 17.71
N PHE B 433 16.81 14.33 17.24
CA PHE B 433 16.59 13.11 18.01
C PHE B 433 17.60 13.02 19.16
N ALA B 434 18.86 13.35 18.87
CA ALA B 434 19.93 13.33 19.86
C ALA B 434 19.73 14.41 20.93
N GLU B 435 19.04 15.50 20.56
CA GLU B 435 18.76 16.58 21.50
C GLU B 435 17.79 16.00 22.54
N LEU B 436 16.92 15.12 22.08
CA LEU B 436 15.97 14.48 23.00
C LEU B 436 16.76 13.60 23.96
N LEU B 437 17.78 12.92 23.46
CA LEU B 437 18.60 12.08 24.32
C LEU B 437 19.28 12.94 25.38
N LEU B 438 19.78 14.10 24.96
CA LEU B 438 20.45 15.01 25.90
C LEU B 438 19.51 15.45 27.01
N GLU B 439 18.29 15.84 26.64
CA GLU B 439 17.31 16.26 27.64
C GLU B 439 17.09 15.15 28.66
N ASP B 440 17.08 13.91 28.20
CA ASP B 440 16.85 12.78 29.10
C ASP B 440 18.07 12.57 29.98
N TYR B 441 19.23 12.90 29.45
CA TYR B 441 20.48 12.76 30.19
C TYR B 441 20.46 13.78 31.34
N LYS B 442 20.06 15.01 31.04
CA LYS B 442 19.98 16.07 32.04
C LYS B 442 18.96 15.71 33.12
N ALA B 443 17.83 15.15 32.70
CA ALA B 443 16.81 14.74 33.63
C ALA B 443 17.31 13.59 34.51
N SER B 444 18.02 12.64 33.91
CA SER B 444 18.55 11.51 34.65
C SER B 444 19.51 11.97 35.74
N LEU B 445 20.37 12.93 35.40
CA LEU B 445 21.34 13.47 36.36
C LEU B 445 20.63 14.16 37.51
N LYS B 446 19.60 14.95 37.18
CA LYS B 446 18.83 15.64 38.21
C LYS B 446 18.17 14.65 39.14
N TYR B 447 17.67 13.55 38.60
CA TYR B 447 17.02 12.54 39.42
C TYR B 447 18.07 11.90 40.33
N LEU B 448 19.19 11.48 39.75
CA LEU B 448 20.26 10.85 40.51
C LEU B 448 20.73 11.80 41.61
N SER B 449 20.57 13.10 41.38
CA SER B 449 20.96 14.09 42.36
C SER B 449 20.00 14.13 43.53
N ASP B 450 18.70 14.00 43.25
CA ASP B 450 17.70 14.02 44.30
C ASP B 450 17.52 12.66 44.97
N HIS B 451 18.29 11.68 44.53
CA HIS B 451 18.20 10.34 45.10
C HIS B 451 19.56 9.67 45.24
N PRO B 452 20.43 10.22 46.11
CA PRO B 452 21.78 9.70 46.35
C PRO B 452 21.84 8.18 46.46
N LYS B 453 20.79 7.59 47.01
CA LYS B 453 20.72 6.14 47.14
C LYS B 453 19.99 5.57 45.92
N LYS C 3 27.08 31.34 -7.31
CA LYS C 3 27.13 29.88 -7.61
C LYS C 3 26.77 29.09 -6.35
N LYS C 4 26.87 29.75 -5.20
CA LYS C 4 26.58 29.12 -3.92
C LYS C 4 25.10 28.76 -3.76
N GLN C 5 24.21 29.67 -4.17
CA GLN C 5 22.78 29.42 -4.04
C GLN C 5 22.36 28.21 -4.86
N VAL C 6 22.89 28.11 -6.08
CA VAL C 6 22.57 27.01 -6.97
C VAL C 6 23.16 25.69 -6.48
N THR C 7 24.33 25.74 -5.87
CA THR C 7 24.97 24.53 -5.37
C THR C 7 24.18 23.95 -4.20
N ASP C 8 23.75 24.80 -3.27
CA ASP C 8 22.99 24.31 -2.13
C ASP C 8 21.62 23.84 -2.55
N LEU C 9 21.09 24.42 -3.63
CA LEU C 9 19.78 24.03 -4.14
C LEU C 9 19.89 22.61 -4.71
N ARG C 10 20.97 22.36 -5.43
CA ARG C 10 21.19 21.04 -5.98
C ARG C 10 21.18 20.04 -4.84
N SER C 11 21.83 20.38 -3.73
CA SER C 11 21.88 19.50 -2.57
C SER C 11 20.49 19.25 -1.99
N GLU C 12 19.70 20.31 -1.84
CA GLU C 12 18.34 20.16 -1.32
C GLU C 12 17.55 19.16 -2.16
N LEU C 13 17.80 19.13 -3.46
CA LEU C 13 17.11 18.21 -4.36
C LEU C 13 17.60 16.78 -4.28
N LEU C 14 18.93 16.62 -4.36
CA LEU C 14 19.54 15.30 -4.37
C LEU C 14 19.90 14.64 -3.05
N ASP C 15 20.17 15.44 -2.01
CA ASP C 15 20.53 14.88 -0.71
C ASP C 15 19.52 13.84 -0.19
N SER C 16 20.03 12.85 0.53
CA SER C 16 19.18 11.81 1.10
C SER C 16 18.57 12.36 2.38
N ARG C 17 17.62 11.62 2.93
CA ARG C 17 16.90 11.96 4.16
C ARG C 17 17.78 12.49 5.29
N PHE C 18 18.78 11.71 5.66
CA PHE C 18 19.65 12.10 6.77
C PHE C 18 20.91 12.87 6.41
N GLY C 19 21.14 13.04 5.12
CA GLY C 19 22.31 13.80 4.68
C GLY C 19 21.96 15.25 4.37
N ALA C 20 20.67 15.56 4.34
CA ALA C 20 20.19 16.90 4.03
C ALA C 20 20.52 17.97 5.08
N LYS C 21 20.81 19.18 4.61
CA LYS C 21 21.14 20.28 5.51
C LYS C 21 19.97 20.60 6.44
N SER C 22 18.75 20.48 5.92
CA SER C 22 17.54 20.78 6.68
C SER C 22 17.32 19.90 7.90
N ILE C 23 18.01 18.77 7.96
CA ILE C 23 17.85 17.86 9.10
C ILE C 23 19.09 17.92 10.00
N SER C 24 19.95 18.91 9.76
CA SER C 24 21.16 19.06 10.56
C SER C 24 20.98 19.89 11.82
N THR C 25 19.77 20.39 12.05
CA THR C 25 19.52 21.20 13.25
C THR C 25 18.38 20.68 14.12
N ILE C 26 18.24 21.28 15.30
CA ILE C 26 17.19 20.90 16.24
C ILE C 26 15.87 21.56 15.78
N ALA C 27 14.77 20.82 15.87
CA ALA C 27 13.48 21.35 15.44
C ALA C 27 13.10 22.63 16.19
N GLU C 28 12.43 23.54 15.49
CA GLU C 28 12.01 24.81 16.08
C GLU C 28 11.04 24.52 17.23
N SER C 29 11.12 25.33 18.28
CA SER C 29 10.25 25.14 19.44
C SER C 29 9.82 26.44 20.10
N LYS C 30 10.33 27.57 19.61
CA LYS C 30 10.02 28.87 20.21
C LYS C 30 9.18 29.80 19.35
N ARG C 31 9.54 29.91 18.07
CA ARG C 31 8.85 30.82 17.18
C ARG C 31 8.30 30.13 15.94
N PHE C 32 7.41 30.83 15.25
CA PHE C 32 6.82 30.29 14.05
C PHE C 32 7.91 30.18 13.00
N PRO C 33 8.06 29.00 12.37
CA PRO C 33 9.09 28.78 11.34
C PRO C 33 8.99 29.80 10.21
N LEU C 34 10.14 30.24 9.71
CA LEU C 34 10.16 31.23 8.64
C LEU C 34 10.01 30.65 7.22
N HIS C 35 10.86 29.68 6.89
CA HIS C 35 10.86 29.07 5.57
C HIS C 35 10.14 27.74 5.46
N GLU C 36 9.84 27.34 4.23
CA GLU C 36 9.21 26.05 4.02
C GLU C 36 10.39 25.10 3.88
N MET C 37 10.19 23.82 4.15
CA MET C 37 11.28 22.85 4.05
C MET C 37 10.83 21.52 3.46
N ARG C 38 11.79 20.69 3.08
CA ARG C 38 11.49 19.39 2.50
C ARG C 38 10.47 18.65 3.36
N ASP C 39 9.41 18.19 2.72
CA ASP C 39 8.36 17.48 3.43
C ASP C 39 8.82 16.16 4.05
N ASP C 40 9.74 15.46 3.37
CA ASP C 40 10.19 14.19 3.93
C ASP C 40 11.00 14.36 5.20
N VAL C 41 11.78 15.44 5.28
CA VAL C 41 12.57 15.71 6.47
C VAL C 41 11.63 16.14 7.58
N ALA C 42 10.63 16.97 7.27
CA ALA C 42 9.70 17.41 8.29
C ALA C 42 8.95 16.21 8.88
N PHE C 43 8.52 15.30 8.00
CA PHE C 43 7.81 14.11 8.48
C PHE C 43 8.72 13.21 9.33
N GLN C 44 9.94 12.99 8.84
CA GLN C 44 10.91 12.14 9.51
C GLN C 44 11.22 12.62 10.93
N ILE C 45 11.50 13.90 11.07
CA ILE C 45 11.83 14.47 12.36
C ILE C 45 10.73 14.21 13.38
N ILE C 46 9.49 14.46 12.97
CA ILE C 46 8.36 14.27 13.87
C ILE C 46 8.12 12.80 14.14
N ASN C 47 8.18 11.98 13.09
CA ASN C 47 7.97 10.55 13.23
C ASN C 47 8.95 10.01 14.28
N ASP C 48 10.21 10.44 14.18
CA ASP C 48 11.23 9.97 15.10
C ASP C 48 11.03 10.48 16.54
N GLU C 49 10.63 11.73 16.69
CA GLU C 49 10.39 12.29 18.02
C GLU C 49 9.34 11.48 18.76
N LEU C 50 8.33 11.03 18.04
CA LEU C 50 7.24 10.26 18.61
C LEU C 50 7.62 8.91 19.23
N TYR C 51 8.82 8.42 18.94
CA TYR C 51 9.24 7.15 19.52
C TYR C 51 9.42 7.33 21.03
N LEU C 52 9.64 8.57 21.44
CA LEU C 52 9.81 8.86 22.85
C LEU C 52 8.52 8.67 23.63
N ASP C 53 7.38 8.61 22.93
CA ASP C 53 6.13 8.33 23.62
C ASP C 53 6.28 6.85 23.96
N GLY C 54 5.48 6.35 24.89
CA GLY C 54 5.62 4.93 25.21
C GLY C 54 4.89 4.03 24.21
N ASN C 55 5.33 2.79 24.08
CA ASN C 55 4.65 1.88 23.17
C ASN C 55 3.24 1.77 23.76
N ALA C 56 2.25 2.25 23.01
CA ALA C 56 0.87 2.23 23.47
C ALA C 56 0.36 0.84 23.88
N ARG C 57 0.80 -0.20 23.16
CA ARG C 57 0.35 -1.55 23.47
C ARG C 57 0.84 -1.99 24.85
N GLN C 58 1.95 -1.41 25.30
CA GLN C 58 2.51 -1.74 26.61
C GLN C 58 2.05 -0.78 27.68
N ASN C 59 1.19 0.15 27.31
CA ASN C 59 0.66 1.11 28.26
C ASN C 59 -0.51 0.43 28.96
N LEU C 60 -0.27 -0.02 30.19
CA LEU C 60 -1.31 -0.72 30.94
C LEU C 60 -1.99 0.21 31.94
N ALA C 61 -1.74 1.50 31.82
CA ALA C 61 -2.36 2.49 32.70
C ALA C 61 -3.63 3.07 32.07
N THR C 62 -3.65 3.16 30.75
CA THR C 62 -4.81 3.74 30.04
C THR C 62 -6.03 2.82 29.92
N PHE C 63 -7.21 3.45 29.85
CA PHE C 63 -8.47 2.76 29.71
C PHE C 63 -8.90 2.81 28.25
N CYS C 64 -8.25 3.69 27.48
CA CYS C 64 -8.59 3.90 26.09
C CYS C 64 -8.01 2.91 25.09
N GLN C 65 -8.66 2.78 23.94
CA GLN C 65 -8.23 1.84 22.92
C GLN C 65 -6.81 2.08 22.43
N THR C 66 -6.01 1.02 22.41
CA THR C 66 -4.65 1.14 21.94
C THR C 66 -4.46 0.31 20.67
N TRP C 67 -5.56 -0.22 20.16
CA TRP C 67 -5.53 -1.03 18.92
C TRP C 67 -6.88 -0.97 18.22
N ASP C 68 -6.87 -0.96 16.89
CA ASP C 68 -8.11 -0.93 16.10
C ASP C 68 -7.87 -1.84 14.89
N ASP C 69 -8.89 -2.55 14.43
CA ASP C 69 -8.69 -3.43 13.28
C ASP C 69 -8.52 -2.67 11.97
N GLU C 70 -8.13 -3.39 10.91
CA GLU C 70 -7.88 -2.77 9.62
C GLU C 70 -9.04 -1.96 9.05
N ASN C 71 -10.27 -2.45 9.19
CA ASN C 71 -11.41 -1.73 8.65
C ASN C 71 -11.62 -0.39 9.34
N VAL C 72 -11.31 -0.32 10.63
CA VAL C 72 -11.47 0.93 11.37
C VAL C 72 -10.42 1.93 10.89
N HIS C 73 -9.21 1.44 10.60
CA HIS C 73 -8.16 2.31 10.09
C HIS C 73 -8.62 2.91 8.76
N LYS C 74 -9.17 2.06 7.89
CA LYS C 74 -9.67 2.50 6.59
C LYS C 74 -10.82 3.49 6.76
N LEU C 75 -11.78 3.16 7.61
CA LEU C 75 -12.92 4.04 7.84
C LEU C 75 -12.48 5.40 8.38
N MET C 76 -11.52 5.39 9.31
CA MET C 76 -11.01 6.64 9.88
C MET C 76 -10.30 7.47 8.81
N ASP C 77 -9.51 6.81 7.96
CA ASP C 77 -8.79 7.52 6.90
C ASP C 77 -9.79 8.11 5.90
N LEU C 78 -10.84 7.36 5.59
CA LEU C 78 -11.88 7.82 4.66
C LEU C 78 -12.71 8.98 5.18
N SER C 79 -12.82 9.09 6.51
CA SER C 79 -13.62 10.12 7.13
C SER C 79 -12.82 11.24 7.77
N ILE C 80 -11.52 11.27 7.52
CA ILE C 80 -10.66 12.30 8.09
C ILE C 80 -11.20 13.73 7.94
N ASN C 81 -11.96 13.97 6.86
CA ASN C 81 -12.51 15.30 6.62
C ASN C 81 -14.02 15.42 6.72
N LYS C 82 -14.71 14.39 7.19
CA LYS C 82 -16.16 14.46 7.32
C LYS C 82 -16.44 15.17 8.64
N ASN C 83 -17.20 16.27 8.58
CA ASN C 83 -17.52 17.05 9.77
C ASN C 83 -18.79 16.59 10.48
N TRP C 84 -18.62 16.06 11.70
CA TRP C 84 -19.71 15.55 12.53
C TRP C 84 -20.81 16.56 12.79
N ILE C 85 -20.45 17.84 12.88
CA ILE C 85 -21.40 18.89 13.18
C ILE C 85 -22.31 19.31 12.03
N ASP C 86 -21.82 19.27 10.81
CA ASP C 86 -22.59 19.69 9.63
C ASP C 86 -23.55 18.58 9.20
N LYS C 87 -24.66 18.46 9.92
CA LYS C 87 -25.66 17.43 9.66
C LYS C 87 -26.24 17.50 8.25
N GLU C 88 -26.33 18.70 7.69
CA GLU C 88 -26.89 18.88 6.37
C GLU C 88 -25.87 18.63 5.26
N GLU C 89 -24.59 18.88 5.55
CA GLU C 89 -23.55 18.67 4.54
C GLU C 89 -23.02 17.24 4.50
N TYR C 90 -23.17 16.51 5.60
CA TYR C 90 -22.74 15.11 5.68
C TYR C 90 -23.94 14.39 6.28
N PRO C 91 -25.08 14.39 5.55
CA PRO C 91 -26.33 13.77 5.99
C PRO C 91 -26.34 12.28 6.34
N GLN C 92 -25.53 11.47 5.68
CA GLN C 92 -25.53 10.05 5.99
C GLN C 92 -24.67 9.79 7.23
N SER C 93 -23.58 10.55 7.38
CA SER C 93 -22.74 10.39 8.56
C SER C 93 -23.64 10.71 9.75
N ALA C 94 -24.54 11.68 9.57
CA ALA C 94 -25.46 12.09 10.62
C ALA C 94 -26.48 10.97 10.87
N ALA C 95 -26.96 10.36 9.79
CA ALA C 95 -27.91 9.28 9.90
C ALA C 95 -27.31 8.12 10.69
N ILE C 96 -26.07 7.76 10.36
CA ILE C 96 -25.39 6.65 11.04
C ILE C 96 -25.25 6.95 12.54
N ASP C 97 -24.94 8.20 12.86
CA ASP C 97 -24.79 8.63 14.24
C ASP C 97 -26.07 8.39 15.05
N LEU C 98 -27.21 8.77 14.48
CA LEU C 98 -28.50 8.59 15.14
C LEU C 98 -28.81 7.12 15.36
N ARG C 99 -28.36 6.26 14.45
CA ARG C 99 -28.59 4.83 14.61
C ARG C 99 -27.85 4.34 15.84
N CYS C 100 -26.62 4.84 16.02
CA CYS C 100 -25.80 4.49 17.18
C CYS C 100 -26.47 4.93 18.45
N VAL C 101 -27.07 6.12 18.42
CA VAL C 101 -27.77 6.64 19.57
C VAL C 101 -28.87 5.64 19.95
N ASN C 102 -29.62 5.16 18.95
CA ASN C 102 -30.69 4.19 19.24
C ASN C 102 -30.14 2.91 19.83
N MET C 103 -29.06 2.40 19.24
CA MET C 103 -28.47 1.16 19.71
C MET C 103 -27.93 1.23 21.14
N VAL C 104 -27.31 2.35 21.48
CA VAL C 104 -26.78 2.53 22.82
C VAL C 104 -27.92 2.65 23.82
N ALA C 105 -28.95 3.42 23.47
CA ALA C 105 -30.10 3.59 24.36
C ALA C 105 -30.72 2.21 24.62
N ASP C 106 -30.86 1.43 23.55
CA ASP C 106 -31.42 0.08 23.65
C ASP C 106 -30.57 -0.80 24.57
N LEU C 107 -29.26 -0.70 24.43
CA LEU C 107 -28.34 -1.49 25.25
C LEU C 107 -28.54 -1.19 26.74
N TRP C 108 -28.87 0.06 27.05
CA TRP C 108 -29.05 0.48 28.43
C TRP C 108 -30.50 0.44 28.93
N HIS C 109 -31.37 -0.18 28.16
CA HIS C 109 -32.78 -0.32 28.49
C HIS C 109 -33.56 0.97 28.58
N ALA C 110 -33.21 1.96 27.76
CA ALA C 110 -33.93 3.22 27.78
C ALA C 110 -35.33 2.92 27.25
N PRO C 111 -36.35 3.65 27.74
CA PRO C 111 -37.72 3.41 27.24
C PRO C 111 -37.69 3.46 25.72
N ALA C 112 -38.35 2.50 25.07
CA ALA C 112 -38.39 2.48 23.62
C ALA C 112 -38.93 3.81 23.10
N PRO C 113 -38.20 4.45 22.17
CA PRO C 113 -38.64 5.72 21.61
C PRO C 113 -39.87 5.59 20.72
N LYS C 114 -40.94 6.29 21.08
CA LYS C 114 -42.18 6.24 20.33
C LYS C 114 -42.03 6.81 18.92
N ASN C 115 -41.22 7.87 18.77
CA ASN C 115 -41.01 8.47 17.46
C ASN C 115 -39.90 7.74 16.69
N GLY C 116 -39.38 6.67 17.28
CA GLY C 116 -38.33 5.89 16.64
C GLY C 116 -36.90 6.39 16.81
N GLN C 117 -36.73 7.47 17.55
CA GLN C 117 -35.40 8.03 17.79
C GLN C 117 -35.16 8.34 19.26
N ALA C 118 -34.19 7.65 19.86
CA ALA C 118 -33.88 7.87 21.27
C ALA C 118 -33.27 9.26 21.49
N VAL C 119 -33.35 9.77 22.71
CA VAL C 119 -32.81 11.08 23.06
C VAL C 119 -31.38 10.92 23.57
N GLY C 120 -30.43 11.50 22.85
CA GLY C 120 -29.04 11.38 23.25
C GLY C 120 -28.10 11.90 22.18
N THR C 121 -26.81 11.82 22.45
CA THR C 121 -25.85 12.31 21.47
C THR C 121 -24.46 11.73 21.62
N ASN C 122 -23.71 11.77 20.53
CA ASN C 122 -22.34 11.32 20.52
C ASN C 122 -21.52 12.52 20.97
N THR C 123 -20.38 12.27 21.59
CA THR C 123 -19.48 13.31 22.07
C THR C 123 -18.03 12.88 21.83
N ILE C 124 -17.10 13.79 22.08
CA ILE C 124 -15.67 13.51 21.90
C ILE C 124 -15.21 12.47 22.92
N GLY C 125 -15.86 12.45 24.09
CA GLY C 125 -15.52 11.49 25.12
C GLY C 125 -16.48 11.59 26.29
N SER C 126 -16.20 10.87 27.37
CA SER C 126 -17.08 10.93 28.53
C SER C 126 -17.07 12.30 29.20
N SER C 127 -15.94 13.00 29.13
CA SER C 127 -15.90 14.31 29.77
C SER C 127 -17.04 15.21 29.26
N GLU C 128 -17.11 15.41 27.95
CA GLU C 128 -18.17 16.25 27.38
C GLU C 128 -19.53 15.66 27.73
N ALA C 129 -19.67 14.35 27.61
CA ALA C 129 -20.92 13.67 27.89
C ALA C 129 -21.38 13.96 29.33
N CYS C 130 -20.47 13.83 30.28
CA CYS C 130 -20.76 14.09 31.69
C CYS C 130 -21.12 15.54 31.94
N MET C 131 -20.45 16.45 31.23
CA MET C 131 -20.74 17.87 31.39
C MET C 131 -22.13 18.16 30.86
N LEU C 132 -22.49 17.53 29.73
CA LEU C 132 -23.82 17.71 29.18
C LEU C 132 -24.80 17.11 30.19
N GLY C 133 -24.46 15.95 30.73
CA GLY C 133 -25.32 15.31 31.71
C GLY C 133 -25.47 16.18 32.95
N GLY C 134 -24.37 16.80 33.36
CA GLY C 134 -24.40 17.67 34.52
C GLY C 134 -25.22 18.93 34.28
N MET C 135 -25.06 19.55 33.11
CA MET C 135 -25.82 20.76 32.82
C MET C 135 -27.31 20.47 32.87
N ALA C 136 -27.70 19.32 32.32
CA ALA C 136 -29.09 18.94 32.31
C ALA C 136 -29.59 18.73 33.74
N MET C 137 -28.76 18.13 34.60
CA MET C 137 -29.17 17.93 36.00
C MET C 137 -29.35 19.29 36.65
N LYS C 138 -28.39 20.18 36.42
CA LYS C 138 -28.45 21.51 37.03
C LYS C 138 -29.72 22.23 36.59
N TRP C 139 -30.04 22.14 35.31
CA TRP C 139 -31.24 22.79 34.77
C TRP C 139 -32.54 22.19 35.29
N ARG C 140 -32.60 20.86 35.40
CA ARG C 140 -33.82 20.24 35.92
C ARG C 140 -34.01 20.65 37.39
N TRP C 141 -32.93 20.64 38.16
CA TRP C 141 -32.95 21.04 39.57
C TRP C 141 -33.49 22.47 39.73
N ARG C 142 -32.96 23.38 38.91
CA ARG C 142 -33.37 24.78 38.94
C ARG C 142 -34.88 24.90 38.75
N LYS C 143 -35.41 24.19 37.75
CA LYS C 143 -36.83 24.21 37.46
C LYS C 143 -37.63 23.62 38.64
N ARG C 144 -37.05 22.66 39.33
CA ARG C 144 -37.74 22.06 40.47
C ARG C 144 -37.82 23.10 41.58
N MET C 145 -36.68 23.75 41.86
CA MET C 145 -36.60 24.77 42.90
C MET C 145 -37.48 25.99 42.60
N GLU C 146 -37.49 26.40 41.34
CA GLU C 146 -38.30 27.55 40.93
C GLU C 146 -39.77 27.23 41.14
N ALA C 147 -40.14 25.97 40.94
CA ALA C 147 -41.52 25.54 41.12
C ALA C 147 -41.84 25.53 42.62
N ALA C 148 -40.82 25.32 43.44
CA ALA C 148 -40.99 25.27 44.89
C ALA C 148 -40.83 26.64 45.53
N GLY C 149 -40.36 27.61 44.74
CA GLY C 149 -40.16 28.95 45.24
C GLY C 149 -38.91 29.08 46.11
N LYS C 150 -37.93 28.23 45.87
CA LYS C 150 -36.69 28.25 46.65
C LYS C 150 -35.49 28.72 45.83
N PRO C 151 -34.49 29.33 46.50
CA PRO C 151 -33.27 29.84 45.85
C PRO C 151 -32.58 28.78 45.01
N THR C 152 -31.85 29.23 43.99
CA THR C 152 -31.13 28.32 43.11
C THR C 152 -29.66 28.76 43.00
N ASP C 153 -29.17 29.46 44.01
CA ASP C 153 -27.81 29.96 43.97
C ASP C 153 -26.76 29.14 44.72
N LYS C 154 -27.16 28.02 45.32
CA LYS C 154 -26.21 27.19 46.05
C LYS C 154 -26.32 25.70 45.70
N PRO C 155 -26.20 25.37 44.40
CA PRO C 155 -26.29 23.97 43.98
C PRO C 155 -25.07 23.13 44.36
N ASN C 156 -25.29 21.86 44.65
CA ASN C 156 -24.21 20.94 44.96
C ASN C 156 -24.49 19.61 44.27
N LEU C 157 -23.46 18.79 44.13
CA LEU C 157 -23.56 17.49 43.47
C LEU C 157 -22.94 16.45 44.39
N VAL C 158 -23.63 15.33 44.58
CA VAL C 158 -23.12 14.28 45.46
C VAL C 158 -22.59 13.10 44.66
N CYS C 159 -21.36 12.70 44.98
CA CYS C 159 -20.70 11.62 44.27
C CYS C 159 -19.68 10.87 45.12
N GLY C 160 -19.12 9.82 44.53
CA GLY C 160 -18.11 9.04 45.22
C GLY C 160 -16.76 9.42 44.62
N PRO C 161 -15.82 8.47 44.51
CA PRO C 161 -14.48 8.74 43.95
C PRO C 161 -14.53 8.91 42.43
N VAL C 162 -15.05 10.06 41.99
CA VAL C 162 -15.19 10.35 40.56
C VAL C 162 -13.89 10.74 39.85
N GLN C 163 -13.93 10.65 38.52
CA GLN C 163 -12.79 11.00 37.70
C GLN C 163 -12.74 12.52 37.66
N ILE C 164 -11.55 13.07 37.40
CA ILE C 164 -11.35 14.51 37.38
C ILE C 164 -12.36 15.35 36.59
N CYS C 165 -12.98 14.80 35.54
CA CYS C 165 -13.93 15.59 34.76
C CYS C 165 -15.06 16.15 35.61
N TRP C 166 -15.39 15.50 36.72
CA TRP C 166 -16.46 16.01 37.57
C TRP C 166 -15.98 17.16 38.44
N HIS C 167 -14.69 17.21 38.73
CA HIS C 167 -14.14 18.30 39.52
C HIS C 167 -14.13 19.51 38.59
N LYS C 168 -13.92 19.27 37.31
CA LYS C 168 -13.90 20.35 36.34
C LYS C 168 -15.32 20.88 36.16
N PHE C 169 -16.30 19.98 36.10
CA PHE C 169 -17.70 20.40 35.96
C PHE C 169 -18.06 21.33 37.10
N ALA C 170 -17.74 20.89 38.31
CA ALA C 170 -18.01 21.64 39.54
C ALA C 170 -17.45 23.06 39.51
N ARG C 171 -16.20 23.18 39.08
CA ARG C 171 -15.53 24.47 39.00
C ARG C 171 -16.08 25.35 37.88
N TYR C 172 -16.20 24.79 36.68
CA TYR C 172 -16.68 25.56 35.54
C TYR C 172 -18.14 26.02 35.62
N TRP C 173 -18.99 25.23 36.28
CA TRP C 173 -20.40 25.56 36.40
C TRP C 173 -20.82 25.97 37.82
N ASP C 174 -19.84 26.39 38.62
CA ASP C 174 -20.07 26.85 39.99
C ASP C 174 -20.96 25.97 40.85
N VAL C 175 -20.70 24.66 40.83
CA VAL C 175 -21.46 23.71 41.62
C VAL C 175 -20.57 23.20 42.73
N GLU C 176 -21.10 23.12 43.95
CA GLU C 176 -20.31 22.62 45.08
C GLU C 176 -20.25 21.09 45.00
N LEU C 177 -19.05 20.54 44.88
CA LEU C 177 -18.91 19.08 44.79
C LEU C 177 -18.80 18.46 46.17
N ARG C 178 -19.73 17.55 46.49
CA ARG C 178 -19.73 16.86 47.77
C ARG C 178 -19.31 15.41 47.54
N GLU C 179 -18.00 15.19 47.47
CA GLU C 179 -17.45 13.87 47.22
C GLU C 179 -17.26 13.04 48.47
N ILE C 180 -17.90 11.88 48.52
CA ILE C 180 -17.77 10.98 49.66
C ILE C 180 -16.38 10.38 49.50
N PRO C 181 -15.50 10.59 50.49
CA PRO C 181 -14.13 10.07 50.42
C PRO C 181 -13.96 8.57 50.60
N MET C 182 -12.92 8.02 49.99
CA MET C 182 -12.64 6.59 50.14
C MET C 182 -12.08 6.42 51.54
N ARG C 183 -12.23 5.23 52.10
CA ARG C 183 -11.68 4.91 53.41
C ARG C 183 -11.45 3.41 53.42
N PRO C 184 -10.43 2.94 54.17
CA PRO C 184 -10.12 1.51 54.24
C PRO C 184 -11.37 0.65 54.41
N GLY C 185 -11.47 -0.41 53.63
CA GLY C 185 -12.63 -1.27 53.72
C GLY C 185 -13.65 -0.92 52.65
N GLN C 186 -13.84 0.36 52.39
CA GLN C 186 -14.80 0.77 51.36
C GLN C 186 -14.29 1.95 50.55
N LEU C 187 -13.77 1.62 49.38
CA LEU C 187 -13.22 2.60 48.46
C LEU C 187 -14.30 3.11 47.51
N PHE C 188 -15.43 3.50 48.06
CA PHE C 188 -16.54 4.00 47.24
C PHE C 188 -17.58 4.73 48.07
N MET C 189 -18.63 5.20 47.40
CA MET C 189 -19.71 5.91 48.05
C MET C 189 -20.80 4.94 48.49
N ASP C 190 -20.96 4.81 49.80
CA ASP C 190 -21.99 3.91 50.37
C ASP C 190 -23.27 4.71 50.54
N PRO C 191 -24.42 4.02 50.60
CA PRO C 191 -25.70 4.73 50.77
C PRO C 191 -25.76 5.67 51.97
N LYS C 192 -25.29 5.19 53.13
CA LYS C 192 -25.32 5.98 54.36
C LYS C 192 -24.65 7.34 54.23
N ARG C 193 -23.39 7.35 53.79
CA ARG C 193 -22.70 8.62 53.63
C ARG C 193 -23.22 9.46 52.48
N MET C 194 -23.79 8.82 51.46
CA MET C 194 -24.33 9.56 50.33
C MET C 194 -25.47 10.43 50.87
N ILE C 195 -26.46 9.76 51.47
CA ILE C 195 -27.61 10.43 52.04
C ILE C 195 -27.24 11.57 53.00
N GLU C 196 -26.19 11.39 53.78
CA GLU C 196 -25.78 12.42 54.73
C GLU C 196 -25.29 13.70 54.08
N ALA C 197 -24.95 13.62 52.80
CA ALA C 197 -24.46 14.79 52.05
C ALA C 197 -25.58 15.47 51.25
N CYS C 198 -26.66 14.74 51.01
CA CYS C 198 -27.80 15.25 50.24
C CYS C 198 -28.71 16.24 50.99
N ASP C 199 -29.21 17.24 50.26
CA ASP C 199 -30.15 18.23 50.80
C ASP C 199 -30.93 18.84 49.64
N GLU C 200 -31.80 19.82 49.91
CA GLU C 200 -32.60 20.41 48.85
C GLU C 200 -31.80 21.09 47.73
N ASN C 201 -30.53 21.35 47.96
CA ASN C 201 -29.71 22.01 46.95
C ASN C 201 -28.90 21.03 46.08
N THR C 202 -29.09 19.74 46.34
CA THR C 202 -28.41 18.67 45.60
C THR C 202 -29.05 18.47 44.24
N ILE C 203 -28.33 18.82 43.18
CA ILE C 203 -28.88 18.69 41.82
C ILE C 203 -28.98 17.25 41.35
N GLY C 204 -28.29 16.36 42.04
CA GLY C 204 -28.32 14.95 41.68
C GLY C 204 -27.19 14.16 42.31
N VAL C 205 -27.19 12.86 42.05
CA VAL C 205 -26.17 11.97 42.57
C VAL C 205 -25.51 11.28 41.38
N VAL C 206 -24.20 11.18 41.40
CA VAL C 206 -23.47 10.53 40.31
C VAL C 206 -22.63 9.35 40.74
N PRO C 207 -23.18 8.13 40.60
CA PRO C 207 -22.52 6.88 40.95
C PRO C 207 -21.58 6.57 39.79
N THR C 208 -20.37 6.10 40.09
CA THR C 208 -19.42 5.78 39.04
C THR C 208 -19.43 4.27 38.78
N PHE C 209 -19.99 3.89 37.64
CA PHE C 209 -20.08 2.47 37.30
C PHE C 209 -18.80 2.01 36.63
N GLY C 210 -17.74 1.96 37.43
CA GLY C 210 -16.43 1.58 36.95
C GLY C 210 -15.45 2.63 37.44
N VAL C 211 -15.13 2.59 38.73
CA VAL C 211 -14.20 3.54 39.33
C VAL C 211 -12.80 3.38 38.74
N THR C 212 -12.20 4.47 38.28
CA THR C 212 -10.87 4.43 37.66
C THR C 212 -9.76 3.94 38.59
N TYR C 213 -9.77 4.45 39.81
CA TYR C 213 -8.75 4.13 40.80
C TYR C 213 -8.68 2.66 41.21
N THR C 214 -9.83 2.00 41.27
CA THR C 214 -9.91 0.60 41.70
C THR C 214 -10.38 -0.42 40.68
N GLY C 215 -11.18 0.02 39.70
CA GLY C 215 -11.68 -0.90 38.71
C GLY C 215 -13.01 -1.52 39.11
N ASN C 216 -13.45 -1.25 40.34
CA ASN C 216 -14.71 -1.80 40.82
C ASN C 216 -15.92 -0.91 40.53
N TYR C 217 -17.08 -1.55 40.40
CA TYR C 217 -18.32 -0.84 40.13
C TYR C 217 -18.94 -0.27 41.40
N GLU C 218 -19.56 0.88 41.29
CA GLU C 218 -20.32 1.46 42.39
C GLU C 218 -21.70 1.03 41.92
N PHE C 219 -22.41 0.24 42.71
CA PHE C 219 -23.73 -0.25 42.31
C PHE C 219 -24.84 0.77 42.57
N PRO C 220 -25.50 1.24 41.50
CA PRO C 220 -26.58 2.22 41.61
C PRO C 220 -27.81 1.78 42.41
N GLN C 221 -28.14 0.48 42.32
CA GLN C 221 -29.31 -0.06 43.00
C GLN C 221 -29.49 0.28 44.49
N PRO C 222 -28.49 -0.04 45.34
CA PRO C 222 -28.65 0.29 46.77
C PRO C 222 -28.75 1.79 47.02
N LEU C 223 -28.08 2.56 46.18
CA LEU C 223 -28.09 4.01 46.28
C LEU C 223 -29.45 4.54 45.84
N HIS C 224 -29.99 3.93 44.79
CA HIS C 224 -31.30 4.30 44.29
C HIS C 224 -32.31 4.05 45.40
N ASP C 225 -32.17 2.90 46.07
CA ASP C 225 -33.04 2.53 47.18
C ASP C 225 -33.00 3.61 48.26
N ALA C 226 -31.80 4.05 48.61
CA ALA C 226 -31.62 5.09 49.63
C ALA C 226 -32.31 6.39 49.23
N LEU C 227 -32.21 6.76 47.96
CA LEU C 227 -32.83 7.99 47.48
C LEU C 227 -34.36 7.91 47.54
N ASP C 228 -34.92 6.73 47.32
CA ASP C 228 -36.37 6.56 47.40
C ASP C 228 -36.80 6.84 48.85
N LYS C 229 -36.08 6.23 49.79
CA LYS C 229 -36.36 6.41 51.21
C LYS C 229 -36.19 7.86 51.63
N PHE C 230 -35.17 8.52 51.06
CA PHE C 230 -34.90 9.92 51.37
C PHE C 230 -36.06 10.80 50.92
N GLN C 231 -36.65 10.50 49.76
CA GLN C 231 -37.77 11.30 49.31
C GLN C 231 -38.95 11.06 50.23
N ALA C 232 -39.14 9.80 50.62
CA ALA C 232 -40.23 9.42 51.53
C ALA C 232 -40.10 10.09 52.89
N ASP C 233 -38.86 10.31 53.34
CA ASP C 233 -38.64 10.93 54.64
C ASP C 233 -38.61 12.46 54.62
N THR C 234 -38.13 13.03 53.52
CA THR C 234 -38.01 14.49 53.42
C THR C 234 -38.81 15.19 52.34
N GLY C 235 -39.30 14.43 51.36
CA GLY C 235 -40.06 15.03 50.27
C GLY C 235 -39.10 15.53 49.19
N ILE C 236 -37.80 15.34 49.41
CA ILE C 236 -36.79 15.77 48.45
C ILE C 236 -36.58 14.67 47.40
N ASP C 237 -36.87 15.01 46.14
CA ASP C 237 -36.73 14.07 45.02
C ASP C 237 -35.42 14.30 44.25
N ILE C 238 -34.46 13.40 44.42
CA ILE C 238 -33.16 13.52 43.78
C ILE C 238 -32.94 12.47 42.68
N ASP C 239 -32.47 12.90 41.53
CA ASP C 239 -32.23 11.95 40.45
C ASP C 239 -30.76 11.58 40.28
N MET C 240 -30.51 10.63 39.40
CA MET C 240 -29.15 10.16 39.14
C MET C 240 -28.69 10.28 37.69
N HIS C 241 -27.38 10.35 37.52
CA HIS C 241 -26.74 10.35 36.21
C HIS C 241 -25.65 9.32 36.43
N ILE C 242 -25.66 8.24 35.66
CA ILE C 242 -24.63 7.22 35.84
C ILE C 242 -23.41 7.50 34.98
N ASP C 243 -22.23 7.59 35.61
CA ASP C 243 -21.00 7.78 34.87
C ASP C 243 -20.49 6.36 34.57
N ALA C 244 -20.92 5.82 33.44
CA ALA C 244 -20.57 4.47 33.06
C ALA C 244 -19.47 4.47 32.01
N ALA C 245 -18.53 5.39 32.15
CA ALA C 245 -17.41 5.53 31.22
C ALA C 245 -16.88 4.20 30.75
N SER C 246 -16.60 3.30 31.69
CA SER C 246 -16.10 1.97 31.35
C SER C 246 -17.22 0.94 31.41
N GLY C 247 -17.91 0.87 32.54
CA GLY C 247 -18.98 -0.10 32.72
C GLY C 247 -20.08 -0.14 31.70
N GLY C 248 -20.32 1.00 31.03
CA GLY C 248 -21.39 1.05 30.04
C GLY C 248 -21.30 0.04 28.90
N PHE C 249 -20.08 -0.34 28.52
CA PHE C 249 -19.88 -1.28 27.44
C PHE C 249 -19.29 -2.60 27.90
N LEU C 250 -19.53 -2.91 29.17
CA LEU C 250 -19.07 -4.15 29.78
C LEU C 250 -20.24 -4.94 30.37
N ALA C 251 -20.83 -4.41 31.45
CA ALA C 251 -21.95 -5.05 32.14
C ALA C 251 -23.07 -5.61 31.24
N PRO C 252 -23.49 -4.85 30.22
CA PRO C 252 -24.55 -5.34 29.33
C PRO C 252 -24.24 -6.66 28.66
N PHE C 253 -22.95 -6.90 28.40
CA PHE C 253 -22.52 -8.12 27.73
C PHE C 253 -22.12 -9.29 28.63
N VAL C 254 -21.41 -9.01 29.72
CA VAL C 254 -20.95 -10.07 30.61
C VAL C 254 -21.65 -10.15 31.97
N ALA C 255 -22.47 -9.16 32.29
CA ALA C 255 -23.19 -9.15 33.57
C ALA C 255 -24.53 -8.47 33.38
N PRO C 256 -25.40 -9.04 32.52
CA PRO C 256 -26.74 -8.52 32.20
C PRO C 256 -27.67 -8.31 33.39
N ASP C 257 -27.54 -9.17 34.40
CA ASP C 257 -28.39 -9.09 35.58
C ASP C 257 -28.14 -7.91 36.50
N ILE C 258 -26.96 -7.27 36.42
CA ILE C 258 -26.73 -6.11 37.28
C ILE C 258 -27.69 -5.01 36.86
N VAL C 259 -28.54 -4.57 37.77
CA VAL C 259 -29.49 -3.51 37.50
C VAL C 259 -28.80 -2.18 37.81
N TRP C 260 -28.25 -1.54 36.78
CA TRP C 260 -27.53 -0.28 36.97
C TRP C 260 -27.99 0.84 36.03
N ASP C 261 -28.76 0.48 35.00
CA ASP C 261 -29.19 1.43 33.98
C ASP C 261 -30.59 2.06 34.09
N PHE C 262 -31.21 2.29 32.94
CA PHE C 262 -32.53 2.92 32.89
C PHE C 262 -33.61 2.05 33.50
N ARG C 263 -33.26 0.84 33.90
CA ARG C 263 -34.21 -0.05 34.56
C ARG C 263 -34.52 0.60 35.91
N LEU C 264 -33.64 1.51 36.33
CA LEU C 264 -33.80 2.24 37.59
C LEU C 264 -34.46 3.60 37.28
N PRO C 265 -35.67 3.83 37.83
CA PRO C 265 -36.48 5.05 37.67
C PRO C 265 -35.78 6.40 37.84
N ARG C 266 -34.91 6.51 38.83
CA ARG C 266 -34.20 7.76 39.07
C ARG C 266 -33.08 8.07 38.09
N VAL C 267 -32.66 7.08 37.31
CA VAL C 267 -31.60 7.30 36.33
C VAL C 267 -32.19 8.06 35.15
N LYS C 268 -31.91 9.35 35.09
CA LYS C 268 -32.43 10.20 34.00
C LYS C 268 -31.46 10.31 32.83
N SER C 269 -30.21 9.93 33.05
CA SER C 269 -29.20 9.97 31.99
C SER C 269 -27.99 9.10 32.32
N ILE C 270 -27.30 8.64 31.29
CA ILE C 270 -26.12 7.80 31.44
C ILE C 270 -25.10 8.19 30.37
N SER C 271 -23.82 8.18 30.75
CA SER C 271 -22.78 8.50 29.78
C SER C 271 -21.70 7.42 29.83
N ALA C 272 -21.02 7.21 28.71
CA ALA C 272 -19.95 6.21 28.65
C ALA C 272 -18.95 6.56 27.56
N SER C 273 -17.76 5.95 27.63
CA SER C 273 -16.73 6.20 26.64
C SER C 273 -16.70 5.14 25.56
N GLY C 274 -17.01 5.54 24.32
CA GLY C 274 -16.96 4.59 23.22
C GLY C 274 -15.52 4.14 23.01
N HIS C 275 -14.58 5.06 23.19
CA HIS C 275 -13.17 4.75 22.99
C HIS C 275 -12.51 4.03 24.16
N LYS C 276 -13.31 3.63 25.15
CA LYS C 276 -12.77 2.84 26.22
C LYS C 276 -13.28 1.45 25.83
N PHE C 277 -14.06 0.79 26.65
CA PHE C 277 -14.52 -0.56 26.28
C PHE C 277 -15.55 -0.64 25.14
N GLY C 278 -15.96 0.50 24.60
CA GLY C 278 -16.88 0.50 23.48
C GLY C 278 -16.14 0.09 22.21
N LEU C 279 -14.83 -0.07 22.33
CA LEU C 279 -13.98 -0.48 21.20
C LEU C 279 -13.82 0.54 20.07
N ALA C 280 -14.23 1.78 20.29
CA ALA C 280 -14.07 2.79 19.25
C ALA C 280 -12.71 3.46 19.40
N PRO C 281 -12.19 4.05 18.32
CA PRO C 281 -10.90 4.71 18.41
C PRO C 281 -11.09 6.01 19.21
N LEU C 282 -10.02 6.51 19.83
CA LEU C 282 -10.07 7.74 20.61
C LEU C 282 -10.85 8.86 19.93
N GLY C 283 -11.79 9.45 20.66
CA GLY C 283 -12.59 10.54 20.12
C GLY C 283 -14.06 10.21 20.03
N CYS C 284 -14.52 9.30 20.88
CA CYS C 284 -15.92 8.91 20.87
C CYS C 284 -16.50 8.66 22.26
N GLY C 285 -17.60 9.34 22.56
CA GLY C 285 -18.27 9.19 23.84
C GLY C 285 -19.77 9.24 23.62
N TRP C 286 -20.53 8.84 24.62
CA TRP C 286 -21.99 8.84 24.50
C TRP C 286 -22.71 9.26 25.77
N VAL C 287 -23.85 9.91 25.58
CA VAL C 287 -24.70 10.31 26.68
C VAL C 287 -26.14 10.15 26.18
N ILE C 288 -26.92 9.37 26.91
CA ILE C 288 -28.32 9.09 26.57
C ILE C 288 -29.24 9.54 27.70
N TRP C 289 -30.38 10.09 27.33
CA TRP C 289 -31.36 10.54 28.32
C TRP C 289 -32.54 9.57 28.28
N ARG C 290 -33.20 9.33 29.41
CA ARG C 290 -34.29 8.37 29.42
C ARG C 290 -35.47 8.74 28.52
N ASP C 291 -35.70 10.04 28.35
CA ASP C 291 -36.77 10.55 27.48
C ASP C 291 -36.61 12.05 27.28
N GLU C 292 -37.47 12.64 26.45
CA GLU C 292 -37.40 14.08 26.18
C GLU C 292 -37.45 14.93 27.44
N GLU C 293 -38.29 14.53 28.39
CA GLU C 293 -38.47 15.25 29.65
C GLU C 293 -37.19 15.41 30.46
N ALA C 294 -36.32 14.42 30.38
CA ALA C 294 -35.07 14.45 31.15
C ALA C 294 -34.05 15.45 30.61
N LEU C 295 -34.27 15.95 29.39
CA LEU C 295 -33.36 16.91 28.77
C LEU C 295 -34.00 18.27 28.50
N PRO C 296 -33.69 19.28 29.33
CA PRO C 296 -34.22 20.63 29.20
C PRO C 296 -34.05 21.18 27.78
N GLN C 297 -35.15 21.55 27.14
CA GLN C 297 -35.12 22.07 25.78
C GLN C 297 -34.31 23.35 25.59
N GLU C 298 -34.17 24.12 26.66
CA GLU C 298 -33.40 25.36 26.57
C GLU C 298 -31.91 25.09 26.37
N LEU C 299 -31.49 23.84 26.52
CA LEU C 299 -30.08 23.50 26.33
C LEU C 299 -29.80 22.95 24.94
N VAL C 300 -30.86 22.70 24.17
CA VAL C 300 -30.72 22.15 22.83
C VAL C 300 -30.86 23.21 21.76
N PHE C 301 -29.98 23.14 20.76
CA PHE C 301 -30.01 24.07 19.64
C PHE C 301 -30.38 23.25 18.40
N ASN C 302 -31.60 23.47 17.91
CA ASN C 302 -32.09 22.75 16.73
C ASN C 302 -31.42 23.23 15.44
N VAL C 303 -31.23 22.31 14.50
CA VAL C 303 -30.62 22.64 13.22
C VAL C 303 -31.40 21.97 12.10
N ASP C 304 -31.35 22.55 10.91
CA ASP C 304 -32.05 22.00 9.77
C ASP C 304 -31.49 20.63 9.40
N TYR C 305 -32.39 19.68 9.16
CA TYR C 305 -31.99 18.33 8.78
C TYR C 305 -33.03 17.66 7.89
N LEU C 306 -32.66 17.39 6.64
CA LEU C 306 -33.53 16.74 5.68
C LEU C 306 -35.01 17.16 5.77
N GLY C 307 -35.30 18.38 5.36
CA GLY C 307 -36.67 18.87 5.39
C GLY C 307 -37.24 19.05 6.79
N GLY C 308 -36.45 18.69 7.79
CA GLY C 308 -36.92 18.84 9.17
C GLY C 308 -35.91 19.49 10.07
N GLN C 309 -35.93 19.12 11.34
CA GLN C 309 -35.02 19.67 12.33
C GLN C 309 -34.55 18.62 13.32
N ILE C 310 -33.27 18.70 13.66
CA ILE C 310 -32.67 17.80 14.62
C ILE C 310 -32.09 18.64 15.74
N GLY C 311 -32.33 18.24 16.98
CA GLY C 311 -31.82 18.99 18.11
C GLY C 311 -30.38 18.61 18.39
N THR C 312 -29.55 19.59 18.72
CA THR C 312 -28.16 19.33 19.03
C THR C 312 -27.84 19.87 20.42
N PHE C 313 -27.03 19.13 21.15
CA PHE C 313 -26.60 19.52 22.48
C PHE C 313 -25.15 19.06 22.58
N ALA C 314 -24.22 19.99 22.39
CA ALA C 314 -22.81 19.66 22.44
C ALA C 314 -21.98 20.88 22.81
N ILE C 315 -20.80 20.62 23.35
CA ILE C 315 -19.89 21.70 23.72
C ILE C 315 -18.97 22.00 22.55
N ASN C 316 -18.57 20.96 21.83
CA ASN C 316 -17.69 21.15 20.67
C ASN C 316 -18.57 21.41 19.44
N PHE C 317 -17.97 21.95 18.38
CA PHE C 317 -18.70 22.19 17.15
C PHE C 317 -18.08 21.28 16.08
N SER C 318 -17.27 21.83 15.17
CA SER C 318 -16.65 21.00 14.15
C SER C 318 -15.69 19.97 14.75
N ARG C 319 -15.78 18.73 14.25
CA ARG C 319 -14.92 17.63 14.67
C ARG C 319 -15.13 16.45 13.71
N PRO C 320 -14.16 15.51 13.65
CA PRO C 320 -14.20 14.34 12.78
C PRO C 320 -15.37 13.40 13.04
N ALA C 321 -15.96 12.87 11.96
CA ALA C 321 -17.08 11.93 12.09
C ALA C 321 -16.57 10.48 12.01
N GLY C 322 -15.27 10.32 11.82
CA GLY C 322 -14.70 9.00 11.71
C GLY C 322 -14.95 8.06 12.89
N GLN C 323 -14.85 8.57 14.11
CA GLN C 323 -15.06 7.70 15.27
C GLN C 323 -16.48 7.14 15.42
N VAL C 324 -17.49 7.93 15.08
CA VAL C 324 -18.85 7.42 15.18
C VAL C 324 -19.08 6.36 14.10
N ILE C 325 -18.50 6.58 12.93
CA ILE C 325 -18.64 5.62 11.84
C ILE C 325 -17.96 4.32 12.26
N ALA C 326 -16.78 4.44 12.84
CA ALA C 326 -16.04 3.27 13.31
C ALA C 326 -16.85 2.57 14.39
N GLN C 327 -17.49 3.35 15.26
CA GLN C 327 -18.30 2.78 16.34
C GLN C 327 -19.45 1.97 15.76
N TYR C 328 -20.09 2.48 14.73
CA TYR C 328 -21.21 1.78 14.09
C TYR C 328 -20.72 0.48 13.48
N TYR C 329 -19.55 0.52 12.84
CA TYR C 329 -18.95 -0.66 12.22
C TYR C 329 -18.76 -1.75 13.27
N GLU C 330 -18.22 -1.39 14.44
CA GLU C 330 -18.01 -2.36 15.52
C GLU C 330 -19.35 -2.93 15.96
N PHE C 331 -20.35 -2.06 16.12
CA PHE C 331 -21.68 -2.51 16.51
C PHE C 331 -22.20 -3.57 15.55
N LEU C 332 -22.13 -3.28 14.25
CA LEU C 332 -22.60 -4.21 13.23
C LEU C 332 -21.74 -5.46 13.08
N ARG C 333 -20.42 -5.29 13.08
CA ARG C 333 -19.52 -6.41 12.87
C ARG C 333 -19.46 -7.38 14.05
N LEU C 334 -19.58 -6.87 15.27
CA LEU C 334 -19.50 -7.72 16.45
C LEU C 334 -20.85 -8.12 17.03
N GLY C 335 -21.72 -7.14 17.25
CA GLY C 335 -23.01 -7.42 17.84
C GLY C 335 -22.77 -7.84 19.29
N ARG C 336 -23.85 -8.22 19.99
CA ARG C 336 -23.74 -8.66 21.38
C ARG C 336 -22.84 -9.87 21.49
N GLU C 337 -22.87 -10.73 20.47
CA GLU C 337 -22.05 -11.94 20.47
C GLU C 337 -20.57 -11.59 20.40
N GLY C 338 -20.22 -10.72 19.45
CA GLY C 338 -18.84 -10.29 19.27
C GLY C 338 -18.29 -9.53 20.46
N TYR C 339 -19.09 -8.63 21.02
CA TYR C 339 -18.65 -7.85 22.18
C TYR C 339 -18.46 -8.73 23.40
N THR C 340 -19.34 -9.71 23.58
CA THR C 340 -19.23 -10.61 24.71
C THR C 340 -17.92 -11.39 24.63
N LYS C 341 -17.55 -11.83 23.43
CA LYS C 341 -16.31 -12.58 23.23
C LYS C 341 -15.09 -11.71 23.51
N VAL C 342 -15.07 -10.51 22.94
CA VAL C 342 -13.95 -9.60 23.15
C VAL C 342 -13.84 -9.23 24.63
N GLN C 343 -14.96 -8.95 25.30
CA GLN C 343 -14.89 -8.58 26.71
C GLN C 343 -14.52 -9.79 27.56
N ASN C 344 -15.06 -10.96 27.23
CA ASN C 344 -14.73 -12.18 27.99
C ASN C 344 -13.21 -12.37 27.90
N ALA C 345 -12.65 -12.09 26.73
CA ALA C 345 -11.21 -12.22 26.52
C ALA C 345 -10.41 -11.38 27.51
N SER C 346 -10.82 -10.13 27.69
CA SER C 346 -10.13 -9.24 28.62
C SER C 346 -10.25 -9.76 30.06
N TYR C 347 -11.44 -10.20 30.44
CA TYR C 347 -11.67 -10.72 31.78
C TYR C 347 -10.85 -11.97 32.07
N GLN C 348 -10.69 -12.82 31.07
CA GLN C 348 -9.89 -14.03 31.24
C GLN C 348 -8.43 -13.66 31.50
N VAL C 349 -7.95 -12.65 30.78
CA VAL C 349 -6.57 -12.21 30.93
C VAL C 349 -6.36 -11.57 32.31
N ALA C 350 -7.30 -10.73 32.73
CA ALA C 350 -7.21 -10.07 34.03
C ALA C 350 -7.26 -11.08 35.16
N ALA C 351 -8.15 -12.06 35.03
CA ALA C 351 -8.31 -13.10 36.04
C ALA C 351 -7.03 -13.93 36.12
N TYR C 352 -6.41 -14.15 34.97
CA TYR C 352 -5.17 -14.91 34.90
C TYR C 352 -4.09 -14.18 35.70
N LEU C 353 -3.83 -12.93 35.33
CA LEU C 353 -2.81 -12.14 36.00
C LEU C 353 -3.05 -12.05 37.50
N ALA C 354 -4.31 -11.89 37.89
CA ALA C 354 -4.64 -11.80 39.31
C ALA C 354 -4.23 -13.07 40.04
N ASP C 355 -4.58 -14.23 39.46
CA ASP C 355 -4.25 -15.50 40.08
C ASP C 355 -2.73 -15.70 40.16
N GLU C 356 -2.04 -15.43 39.05
CA GLU C 356 -0.60 -15.60 39.02
C GLU C 356 0.16 -14.62 39.91
N ILE C 357 -0.23 -13.36 39.89
CA ILE C 357 0.44 -12.35 40.71
C ILE C 357 0.27 -12.62 42.20
N ALA C 358 -0.86 -13.18 42.58
CA ALA C 358 -1.13 -13.49 43.99
C ALA C 358 -0.08 -14.46 44.53
N LYS C 359 0.46 -15.31 43.67
CA LYS C 359 1.46 -16.30 44.06
C LYS C 359 2.85 -15.72 44.31
N LEU C 360 3.10 -14.51 43.79
CA LEU C 360 4.42 -13.90 43.90
C LEU C 360 4.71 -13.00 45.11
N GLY C 361 3.70 -12.71 45.93
CA GLY C 361 3.96 -11.86 47.08
C GLY C 361 2.78 -11.67 48.01
N PRO C 362 2.98 -10.98 49.15
CA PRO C 362 1.95 -10.69 50.14
C PRO C 362 1.04 -9.54 49.69
N TYR C 363 0.16 -9.83 48.74
CA TYR C 363 -0.73 -8.81 48.22
C TYR C 363 -2.19 -8.98 48.64
N GLU C 364 -2.90 -7.86 48.76
CA GLU C 364 -4.31 -7.84 49.12
C GLU C 364 -4.98 -7.27 47.86
N PHE C 365 -5.84 -8.05 47.23
CA PHE C 365 -6.48 -7.58 46.01
C PHE C 365 -7.77 -6.81 46.22
N ILE C 366 -7.88 -5.72 45.47
CA ILE C 366 -9.04 -4.84 45.51
C ILE C 366 -9.94 -5.15 44.32
N CYS C 367 -9.32 -5.56 43.21
CA CYS C 367 -10.03 -5.91 41.99
C CYS C 367 -9.29 -7.09 41.35
N THR C 368 -10.02 -8.14 40.99
CA THR C 368 -9.39 -9.32 40.39
C THR C 368 -9.98 -9.72 39.03
N GLY C 369 -10.54 -8.75 38.32
CA GLY C 369 -11.10 -9.03 37.01
C GLY C 369 -12.39 -9.84 37.01
N ARG C 370 -13.19 -9.69 38.05
CA ARG C 370 -14.46 -10.42 38.12
C ARG C 370 -15.53 -9.55 37.46
N PRO C 371 -16.18 -10.07 36.40
CA PRO C 371 -17.23 -9.32 35.69
C PRO C 371 -18.42 -8.87 36.55
N ASP C 372 -18.66 -9.55 37.66
CA ASP C 372 -19.77 -9.16 38.51
C ASP C 372 -19.39 -8.05 39.50
N GLU C 373 -18.10 -7.76 39.62
CA GLU C 373 -17.64 -6.73 40.55
C GLU C 373 -17.15 -5.46 39.87
N GLY C 374 -16.63 -5.59 38.65
CA GLY C 374 -16.13 -4.42 37.97
C GLY C 374 -15.59 -4.70 36.59
N ILE C 375 -14.59 -3.91 36.20
CA ILE C 375 -13.97 -4.00 34.88
C ILE C 375 -12.82 -5.00 34.81
N PRO C 376 -12.31 -5.27 33.59
CA PRO C 376 -11.20 -6.21 33.40
C PRO C 376 -9.90 -5.56 33.88
N ALA C 377 -9.67 -5.58 35.18
CA ALA C 377 -8.47 -5.00 35.74
C ALA C 377 -7.99 -5.76 36.96
N VAL C 378 -6.73 -5.51 37.31
CA VAL C 378 -6.12 -6.12 38.48
C VAL C 378 -5.61 -4.94 39.30
N CYS C 379 -6.06 -4.83 40.54
CA CYS C 379 -5.64 -3.75 41.41
C CYS C 379 -5.32 -4.35 42.77
N PHE C 380 -4.13 -4.07 43.28
CA PHE C 380 -3.74 -4.62 44.58
C PHE C 380 -2.79 -3.73 45.36
N LYS C 381 -2.61 -4.08 46.63
CA LYS C 381 -1.75 -3.34 47.53
C LYS C 381 -0.97 -4.36 48.35
N LEU C 382 0.08 -3.91 49.01
CA LEU C 382 0.85 -4.80 49.87
C LEU C 382 -0.01 -5.00 51.11
N LYS C 383 -0.03 -6.23 51.63
CA LYS C 383 -0.83 -6.50 52.82
C LYS C 383 -0.35 -5.63 53.97
N ASP C 384 -1.30 -5.01 54.67
CA ASP C 384 -0.99 -4.14 55.80
C ASP C 384 0.10 -4.74 56.69
N GLY C 385 1.21 -4.03 56.83
CA GLY C 385 2.29 -4.50 57.68
C GLY C 385 3.41 -5.29 57.00
N GLU C 386 3.05 -6.15 56.05
CA GLU C 386 4.03 -6.95 55.33
C GLU C 386 5.05 -6.07 54.60
N ASP C 387 6.32 -6.47 54.67
CA ASP C 387 7.39 -5.76 54.00
C ASP C 387 8.22 -6.75 53.20
N PRO C 388 7.96 -6.87 51.89
CA PRO C 388 8.69 -7.81 51.03
C PRO C 388 10.07 -7.33 50.57
N GLY C 389 10.45 -6.12 50.98
CA GLY C 389 11.74 -5.59 50.59
C GLY C 389 11.66 -4.71 49.36
N TYR C 390 10.48 -4.12 49.15
CA TYR C 390 10.26 -3.24 48.01
C TYR C 390 8.87 -2.64 48.10
N THR C 391 8.66 -1.56 47.37
CA THR C 391 7.35 -0.91 47.33
C THR C 391 6.84 -1.14 45.91
N LEU C 392 5.56 -0.88 45.69
CA LEU C 392 4.99 -1.06 44.36
C LEU C 392 5.57 -0.02 43.39
N TYR C 393 6.06 1.09 43.93
CA TYR C 393 6.66 2.12 43.11
C TYR C 393 7.93 1.56 42.45
N ASP C 394 8.73 0.88 43.27
CA ASP C 394 9.98 0.28 42.80
C ASP C 394 9.69 -0.77 41.74
N LEU C 395 8.67 -1.59 41.99
CA LEU C 395 8.26 -2.63 41.06
C LEU C 395 7.80 -2.00 39.75
N SER C 396 7.02 -0.93 39.87
CA SER C 396 6.52 -0.22 38.71
C SER C 396 7.70 0.25 37.88
N GLU C 397 8.74 0.76 38.55
CA GLU C 397 9.92 1.26 37.87
C GLU C 397 10.70 0.15 37.15
N ARG C 398 10.83 -1.01 37.78
CA ARG C 398 11.55 -2.11 37.15
C ARG C 398 10.82 -2.55 35.88
N LEU C 399 9.49 -2.57 35.95
CA LEU C 399 8.70 -2.97 34.80
C LEU C 399 8.86 -1.99 33.64
N ARG C 400 8.95 -0.71 33.95
CA ARG C 400 9.11 0.32 32.93
C ARG C 400 10.40 0.13 32.13
N LEU C 401 11.36 -0.59 32.69
CA LEU C 401 12.63 -0.83 32.01
C LEU C 401 12.40 -1.74 30.82
N ARG C 402 11.27 -2.44 30.83
CA ARG C 402 10.91 -3.35 29.76
C ARG C 402 9.83 -2.72 28.86
N GLY C 403 9.60 -1.42 29.06
CA GLY C 403 8.62 -0.71 28.26
C GLY C 403 7.19 -0.73 28.80
N TRP C 404 6.96 -1.43 29.89
CA TRP C 404 5.61 -1.49 30.44
C TRP C 404 5.28 -0.28 31.30
N GLN C 405 4.06 0.22 31.17
CA GLN C 405 3.61 1.32 32.00
C GLN C 405 2.55 0.71 32.90
N VAL C 406 2.95 0.44 34.14
CA VAL C 406 2.07 -0.13 35.15
C VAL C 406 2.08 0.86 36.30
N PRO C 407 1.01 1.65 36.42
CA PRO C 407 0.92 2.66 37.49
C PRO C 407 0.80 2.15 38.92
N ALA C 408 1.49 2.85 39.80
CA ALA C 408 1.47 2.58 41.24
C ALA C 408 1.11 3.95 41.80
N PHE C 409 0.14 4.00 42.70
CA PHE C 409 -0.27 5.29 43.24
C PHE C 409 -1.05 5.18 44.53
N THR C 410 -1.15 6.29 45.25
CA THR C 410 -1.87 6.32 46.52
C THR C 410 -3.34 6.62 46.27
N LEU C 411 -4.21 6.00 47.04
CA LEU C 411 -5.64 6.23 46.92
C LEU C 411 -5.94 7.57 47.57
N GLY C 412 -7.19 8.01 47.50
CA GLY C 412 -7.53 9.30 48.07
C GLY C 412 -8.33 9.25 49.36
N GLY C 413 -8.93 10.39 49.70
CA GLY C 413 -9.75 10.48 50.90
C GLY C 413 -9.05 10.06 52.18
N GLU C 414 -9.66 9.09 52.86
CA GLU C 414 -9.13 8.59 54.12
C GLU C 414 -8.20 7.40 53.90
N ALA C 415 -7.85 7.12 52.64
CA ALA C 415 -6.97 6.01 52.31
C ALA C 415 -5.70 6.47 51.62
N THR C 416 -5.23 7.66 51.98
CA THR C 416 -4.03 8.21 51.38
C THR C 416 -2.75 7.46 51.74
N ASP C 417 -2.81 6.61 52.75
CA ASP C 417 -1.63 5.83 53.16
C ASP C 417 -1.56 4.53 52.41
N ILE C 418 -2.58 4.25 51.61
CA ILE C 418 -2.62 3.01 50.85
C ILE C 418 -2.12 3.18 49.43
N VAL C 419 -1.10 2.41 49.07
CA VAL C 419 -0.52 2.46 47.74
C VAL C 419 -0.97 1.25 46.94
N VAL C 420 -1.50 1.50 45.75
CA VAL C 420 -1.96 0.40 44.90
C VAL C 420 -1.32 0.40 43.52
N MET C 421 -1.37 -0.76 42.89
CA MET C 421 -0.85 -0.93 41.54
C MET C 421 -2.07 -1.39 40.76
N ARG C 422 -2.25 -0.87 39.56
CA ARG C 422 -3.41 -1.23 38.74
C ARG C 422 -2.95 -1.59 37.34
N ILE C 423 -3.46 -2.70 36.82
CA ILE C 423 -3.12 -3.16 35.47
C ILE C 423 -4.43 -3.18 34.67
N MET C 424 -4.46 -2.51 33.53
CA MET C 424 -5.67 -2.50 32.71
C MET C 424 -5.51 -3.53 31.61
N CYS C 425 -6.52 -4.40 31.46
CA CYS C 425 -6.49 -5.45 30.44
C CYS C 425 -7.46 -5.12 29.32
N ARG C 426 -6.98 -4.39 28.32
CA ARG C 426 -7.82 -3.99 27.21
C ARG C 426 -7.79 -4.93 26.03
N ARG C 427 -8.64 -4.63 25.04
CA ARG C 427 -8.68 -5.43 23.84
C ARG C 427 -7.28 -5.29 23.26
N GLY C 428 -6.70 -6.40 22.82
CA GLY C 428 -5.37 -6.29 22.27
C GLY C 428 -4.27 -6.65 23.25
N PHE C 429 -4.64 -7.00 24.48
CA PHE C 429 -3.66 -7.42 25.46
C PHE C 429 -3.99 -8.89 25.63
N GLU C 430 -3.66 -9.67 24.60
CA GLU C 430 -3.97 -11.08 24.60
C GLU C 430 -3.17 -11.89 25.62
N MET C 431 -3.65 -13.10 25.91
CA MET C 431 -3.03 -13.99 26.88
C MET C 431 -1.51 -14.13 26.72
N ASP C 432 -1.06 -14.37 25.49
CA ASP C 432 0.37 -14.53 25.25
C ASP C 432 1.14 -13.29 25.65
N PHE C 433 0.61 -12.12 25.30
CA PHE C 433 1.23 -10.83 25.59
C PHE C 433 1.33 -10.61 27.11
N ALA C 434 0.24 -10.92 27.80
CA ALA C 434 0.20 -10.77 29.26
C ALA C 434 1.13 -11.76 29.95
N GLU C 435 1.41 -12.88 29.29
CA GLU C 435 2.30 -13.87 29.86
C GLU C 435 3.71 -13.30 29.87
N LEU C 436 4.00 -12.44 28.90
CA LEU C 436 5.30 -11.81 28.84
C LEU C 436 5.44 -10.83 30.00
N LEU C 437 4.35 -10.15 30.33
CA LEU C 437 4.35 -9.20 31.44
C LEU C 437 4.61 -9.97 32.73
N LEU C 438 3.96 -11.12 32.88
CA LEU C 438 4.12 -11.94 34.07
C LEU C 438 5.59 -12.35 34.20
N GLU C 439 6.22 -12.65 33.07
CA GLU C 439 7.62 -13.03 33.05
C GLU C 439 8.50 -11.88 33.54
N ASP C 440 8.13 -10.65 33.16
CA ASP C 440 8.92 -9.49 33.59
C ASP C 440 8.66 -9.14 35.04
N TYR C 441 7.45 -9.42 35.50
CA TYR C 441 7.08 -9.15 36.88
C TYR C 441 7.94 -10.03 37.79
N LYS C 442 8.10 -11.30 37.42
CA LYS C 442 8.91 -12.23 38.19
C LYS C 442 10.38 -11.83 38.18
N ALA C 443 10.88 -11.39 37.03
CA ALA C 443 12.27 -10.97 36.90
C ALA C 443 12.54 -9.73 37.76
N SER C 444 11.60 -8.79 37.77
CA SER C 444 11.73 -7.57 38.55
C SER C 444 11.77 -7.93 40.04
N LEU C 445 10.96 -8.90 40.44
CA LEU C 445 10.93 -9.33 41.84
C LEU C 445 12.25 -9.95 42.23
N LYS C 446 12.79 -10.81 41.36
CA LYS C 446 14.07 -11.46 41.63
C LYS C 446 15.18 -10.42 41.72
N TYR C 447 15.07 -9.36 40.93
CA TYR C 447 16.09 -8.31 40.94
C TYR C 447 15.97 -7.49 42.22
N LEU C 448 14.74 -7.21 42.62
CA LEU C 448 14.50 -6.42 43.83
C LEU C 448 14.98 -7.16 45.08
N SER C 449 14.96 -8.49 45.02
CA SER C 449 15.41 -9.30 46.15
C SER C 449 16.92 -9.38 46.17
N ASP C 450 17.55 -9.31 44.99
CA ASP C 450 19.00 -9.36 44.91
C ASP C 450 19.62 -7.99 45.14
N HIS C 451 18.78 -6.96 45.20
CA HIS C 451 19.23 -5.60 45.43
C HIS C 451 18.32 -4.92 46.46
N PRO C 452 18.40 -5.37 47.72
CA PRO C 452 17.61 -4.85 48.84
C PRO C 452 17.59 -3.34 49.02
N LYS C 453 18.73 -2.69 48.76
CA LYS C 453 18.82 -1.25 48.93
C LYS C 453 17.96 -0.43 47.96
N LEU C 454 17.25 -1.10 47.07
CA LEU C 454 16.39 -0.41 46.12
C LEU C 454 15.07 -0.01 46.77
N GLN C 455 14.68 -0.76 47.81
CA GLN C 455 13.43 -0.49 48.52
C GLN C 455 13.29 0.97 48.93
N GLY C 456 12.08 1.49 48.76
CA GLY C 456 11.81 2.88 49.11
C GLY C 456 11.75 3.76 47.87
N LYS D 3 -27.24 -30.55 8.36
CA LYS D 3 -27.36 -30.31 6.90
C LYS D 3 -27.35 -28.82 6.56
N LYS D 4 -28.42 -28.13 6.93
CA LYS D 4 -28.57 -26.70 6.68
C LYS D 4 -27.47 -25.84 7.27
N GLN D 5 -27.13 -26.09 8.54
CA GLN D 5 -26.09 -25.32 9.21
C GLN D 5 -24.74 -25.43 8.50
N VAL D 6 -24.43 -26.62 8.00
CA VAL D 6 -23.17 -26.87 7.32
C VAL D 6 -23.09 -26.17 5.96
N THR D 7 -24.12 -26.36 5.14
CA THR D 7 -24.15 -25.74 3.83
C THR D 7 -24.19 -24.22 3.95
N ASP D 8 -24.84 -23.72 5.01
CA ASP D 8 -24.91 -22.28 5.21
C ASP D 8 -23.52 -21.75 5.56
N LEU D 9 -22.81 -22.45 6.43
CA LEU D 9 -21.48 -22.02 6.83
C LEU D 9 -20.53 -22.05 5.64
N ARG D 10 -20.69 -23.04 4.76
CA ARG D 10 -19.85 -23.12 3.57
C ARG D 10 -20.07 -21.87 2.71
N SER D 11 -21.33 -21.48 2.54
CA SER D 11 -21.64 -20.30 1.74
C SER D 11 -21.06 -19.06 2.41
N GLU D 12 -21.19 -19.01 3.74
CA GLU D 12 -20.67 -17.89 4.51
C GLU D 12 -19.17 -17.72 4.29
N LEU D 13 -18.47 -18.84 4.12
CA LEU D 13 -17.03 -18.83 3.90
C LEU D 13 -16.62 -18.52 2.46
N LEU D 14 -17.29 -19.16 1.50
CA LEU D 14 -16.97 -18.98 0.09
C LEU D 14 -17.73 -17.92 -0.71
N ASP D 15 -18.85 -17.44 -0.19
CA ASP D 15 -19.65 -16.43 -0.91
C ASP D 15 -18.91 -15.12 -1.13
N SER D 16 -19.10 -14.55 -2.32
CA SER D 16 -18.47 -13.28 -2.66
C SER D 16 -19.17 -12.14 -1.92
N ARG D 17 -18.52 -11.00 -1.92
CA ARG D 17 -19.00 -9.78 -1.28
C ARG D 17 -20.49 -9.50 -1.45
N PHE D 18 -20.96 -9.48 -2.69
CA PHE D 18 -22.36 -9.17 -2.94
C PHE D 18 -23.31 -10.35 -3.09
N GLY D 19 -22.77 -11.55 -3.14
CA GLY D 19 -23.61 -12.73 -3.25
C GLY D 19 -23.86 -13.33 -1.88
N ALA D 20 -23.25 -12.72 -0.86
CA ALA D 20 -23.37 -13.20 0.52
C ALA D 20 -24.73 -12.94 1.15
N LYS D 21 -25.22 -13.92 1.90
CA LYS D 21 -26.50 -13.82 2.56
C LYS D 21 -26.53 -12.63 3.53
N SER D 22 -25.42 -12.40 4.21
CA SER D 22 -25.35 -11.30 5.17
C SER D 22 -25.54 -9.90 4.58
N ILE D 23 -25.39 -9.76 3.26
CA ILE D 23 -25.55 -8.45 2.64
C ILE D 23 -26.91 -8.36 1.93
N SER D 24 -27.76 -9.35 2.17
CA SER D 24 -29.08 -9.40 1.55
C SER D 24 -30.14 -8.59 2.31
N THR D 25 -29.76 -7.96 3.41
CA THR D 25 -30.71 -7.19 4.21
C THR D 25 -30.30 -5.75 4.46
N ILE D 26 -31.24 -4.98 5.03
CA ILE D 26 -31.03 -3.58 5.37
C ILE D 26 -30.34 -3.50 6.73
N ALA D 27 -29.35 -2.62 6.85
CA ALA D 27 -28.60 -2.46 8.09
C ALA D 27 -29.47 -2.10 9.29
N GLU D 28 -29.07 -2.58 10.46
CA GLU D 28 -29.79 -2.33 11.70
C GLU D 28 -29.71 -0.87 12.08
N SER D 29 -30.84 -0.31 12.52
CA SER D 29 -30.86 1.10 12.90
C SER D 29 -31.67 1.37 14.17
N LYS D 30 -32.16 0.32 14.81
CA LYS D 30 -32.97 0.50 16.02
C LYS D 30 -32.46 -0.15 17.30
N ARG D 31 -31.98 -1.38 17.22
CA ARG D 31 -31.50 -2.07 18.41
C ARG D 31 -30.08 -2.59 18.22
N PHE D 32 -29.44 -2.93 19.33
CA PHE D 32 -28.08 -3.44 19.26
C PHE D 32 -28.13 -4.78 18.53
N PRO D 33 -27.27 -4.96 17.52
CA PRO D 33 -27.23 -6.22 16.75
C PRO D 33 -26.97 -7.41 17.66
N LEU D 34 -27.67 -8.52 17.40
CA LEU D 34 -27.53 -9.72 18.22
C LEU D 34 -26.31 -10.57 17.89
N HIS D 35 -26.04 -10.76 16.60
CA HIS D 35 -24.93 -11.61 16.18
C HIS D 35 -23.76 -10.91 15.48
N GLU D 36 -22.68 -11.67 15.38
CA GLU D 36 -21.43 -11.29 14.74
C GLU D 36 -21.59 -11.52 13.24
N MET D 37 -20.92 -10.73 12.40
CA MET D 37 -21.02 -10.93 10.95
C MET D 37 -19.69 -10.71 10.21
N ARG D 38 -19.62 -11.21 8.98
CA ARG D 38 -18.42 -11.06 8.16
C ARG D 38 -18.00 -9.60 8.18
N ASP D 39 -16.74 -9.38 8.54
CA ASP D 39 -16.18 -8.04 8.61
C ASP D 39 -16.12 -7.31 7.28
N ASP D 40 -15.91 -8.04 6.18
CA ASP D 40 -15.85 -7.39 4.87
C ASP D 40 -17.21 -6.85 4.46
N VAL D 41 -18.28 -7.56 4.82
CA VAL D 41 -19.62 -7.13 4.50
C VAL D 41 -20.00 -5.91 5.34
N ALA D 42 -19.61 -5.91 6.62
CA ALA D 42 -19.93 -4.79 7.48
C ALA D 42 -19.25 -3.52 6.96
N PHE D 43 -17.97 -3.63 6.62
CA PHE D 43 -17.24 -2.48 6.09
C PHE D 43 -17.86 -1.98 4.78
N GLN D 44 -18.15 -2.92 3.88
CA GLN D 44 -18.73 -2.61 2.57
C GLN D 44 -20.02 -1.81 2.67
N ILE D 45 -20.92 -2.27 3.53
CA ILE D 45 -22.21 -1.61 3.73
C ILE D 45 -22.04 -0.16 4.17
N ILE D 46 -21.21 0.07 5.18
CA ILE D 46 -20.98 1.41 5.69
C ILE D 46 -20.25 2.29 4.68
N ASN D 47 -19.21 1.74 4.07
CA ASN D 47 -18.45 2.46 3.06
C ASN D 47 -19.41 2.97 1.99
N ASP D 48 -20.30 2.08 1.54
CA ASP D 48 -21.24 2.45 0.50
C ASP D 48 -22.26 3.50 0.95
N GLU D 49 -22.75 3.40 2.19
CA GLU D 49 -23.72 4.36 2.69
C GLU D 49 -23.14 5.77 2.67
N LEU D 50 -21.87 5.87 3.03
CA LEU D 50 -21.18 7.15 3.08
C LEU D 50 -21.09 7.91 1.75
N TYR D 51 -21.42 7.26 0.64
CA TYR D 51 -21.38 7.95 -0.65
C TYR D 51 -22.50 8.97 -0.67
N LEU D 52 -23.51 8.78 0.18
CA LEU D 52 -24.62 9.72 0.24
C LEU D 52 -24.27 11.02 0.96
N ASP D 53 -23.04 11.12 1.43
CA ASP D 53 -22.58 12.34 2.09
C ASP D 53 -22.20 13.35 1.00
N GLY D 54 -21.91 12.84 -0.18
CA GLY D 54 -21.54 13.72 -1.28
C GLY D 54 -20.03 13.93 -1.29
N ASN D 55 -19.55 14.86 -2.10
CA ASN D 55 -18.12 15.10 -2.19
C ASN D 55 -17.66 16.31 -1.37
N ALA D 56 -16.82 16.05 -0.37
CA ALA D 56 -16.32 17.11 0.49
C ALA D 56 -15.53 18.17 -0.29
N ARG D 57 -14.84 17.75 -1.36
CA ARG D 57 -14.05 18.70 -2.14
C ARG D 57 -14.95 19.69 -2.88
N GLN D 58 -16.19 19.29 -3.16
CA GLN D 58 -17.14 20.16 -3.84
C GLN D 58 -18.01 20.90 -2.83
N ASN D 59 -17.73 20.70 -1.55
CA ASN D 59 -18.47 21.36 -0.48
C ASN D 59 -17.86 22.73 -0.29
N LEU D 60 -18.51 23.76 -0.85
CA LEU D 60 -18.00 25.11 -0.75
C LEU D 60 -18.67 25.91 0.36
N ALA D 61 -19.41 25.22 1.23
CA ALA D 61 -20.08 25.85 2.35
C ALA D 61 -19.23 25.81 3.62
N THR D 62 -18.41 24.77 3.76
CA THR D 62 -17.56 24.61 4.95
C THR D 62 -16.28 25.44 4.97
N PHE D 63 -15.82 25.75 6.19
CA PHE D 63 -14.60 26.52 6.42
C PHE D 63 -13.50 25.52 6.77
N CYS D 64 -13.90 24.30 7.09
CA CYS D 64 -12.97 23.26 7.50
C CYS D 64 -12.22 22.54 6.38
N GLN D 65 -11.02 22.09 6.69
CA GLN D 65 -10.17 21.38 5.72
C GLN D 65 -10.87 20.15 5.12
N THR D 66 -10.80 20.04 3.80
CA THR D 66 -11.40 18.92 3.09
C THR D 66 -10.33 18.12 2.33
N TRP D 67 -9.07 18.47 2.58
CA TRP D 67 -7.92 17.78 1.97
C TRP D 67 -6.72 17.86 2.91
N ASP D 68 -5.90 16.82 2.93
CA ASP D 68 -4.69 16.79 3.78
C ASP D 68 -3.61 16.10 2.97
N ASP D 69 -2.35 16.48 3.12
CA ASP D 69 -1.33 15.79 2.32
C ASP D 69 -1.05 14.41 2.88
N GLU D 70 -0.32 13.61 2.10
CA GLU D 70 -0.02 12.25 2.50
C GLU D 70 0.67 12.08 3.84
N ASN D 71 1.60 12.98 4.18
CA ASN D 71 2.30 12.87 5.45
C ASN D 71 1.36 13.07 6.61
N VAL D 72 0.31 13.86 6.41
CA VAL D 72 -0.65 14.09 7.47
C VAL D 72 -1.52 12.85 7.62
N HIS D 73 -1.87 12.22 6.50
CA HIS D 73 -2.67 11.00 6.56
C HIS D 73 -1.85 9.96 7.32
N LYS D 74 -0.54 9.97 7.10
CA LYS D 74 0.33 9.02 7.77
C LYS D 74 0.49 9.32 9.27
N LEU D 75 0.69 10.59 9.61
CA LEU D 75 0.84 10.97 11.01
C LEU D 75 -0.43 10.68 11.79
N MET D 76 -1.58 10.93 11.15
CA MET D 76 -2.85 10.67 11.79
C MET D 76 -3.04 9.18 12.05
N ASP D 77 -2.73 8.36 11.05
CA ASP D 77 -2.88 6.91 11.20
C ASP D 77 -1.95 6.39 12.29
N LEU D 78 -0.73 6.91 12.33
CA LEU D 78 0.26 6.51 13.33
C LEU D 78 -0.13 6.98 14.74
N SER D 79 -0.94 8.02 14.82
CA SER D 79 -1.36 8.59 16.11
C SER D 79 -2.79 8.26 16.50
N ILE D 80 -3.45 7.43 15.71
CA ILE D 80 -4.84 7.06 15.95
C ILE D 80 -5.15 6.74 17.41
N ASN D 81 -4.17 6.19 18.13
CA ASN D 81 -4.36 5.83 19.53
C ASN D 81 -3.55 6.63 20.55
N LYS D 82 -2.89 7.70 20.12
CA LYS D 82 -2.12 8.51 21.07
C LYS D 82 -3.10 9.46 21.75
N ASN D 83 -3.16 9.41 23.09
CA ASN D 83 -4.06 10.24 23.87
C ASN D 83 -3.48 11.60 24.26
N TRP D 84 -4.08 12.66 23.71
CA TRP D 84 -3.66 14.04 23.96
C TRP D 84 -3.63 14.44 25.44
N ILE D 85 -4.58 13.92 26.22
CA ILE D 85 -4.66 14.28 27.64
C ILE D 85 -3.62 13.63 28.55
N ASP D 86 -3.22 12.40 28.25
CA ASP D 86 -2.25 11.69 29.07
C ASP D 86 -0.83 12.22 28.85
N LYS D 87 -0.53 13.36 29.45
CA LYS D 87 0.76 14.02 29.30
C LYS D 87 1.97 13.19 29.74
N GLU D 88 1.78 12.37 30.77
CA GLU D 88 2.84 11.54 31.31
C GLU D 88 3.07 10.28 30.49
N GLU D 89 1.99 9.76 29.90
CA GLU D 89 2.05 8.55 29.10
C GLU D 89 2.51 8.77 27.66
N TYR D 90 2.21 9.95 27.13
CA TYR D 90 2.59 10.31 25.75
C TYR D 90 3.31 11.66 25.88
N PRO D 91 4.46 11.66 26.57
CA PRO D 91 5.34 12.80 26.85
C PRO D 91 5.81 13.65 25.67
N GLN D 92 6.17 13.01 24.58
CA GLN D 92 6.67 13.76 23.42
C GLN D 92 5.51 14.37 22.64
N SER D 93 4.36 13.72 22.62
CA SER D 93 3.20 14.30 21.94
C SER D 93 2.87 15.57 22.72
N ALA D 94 3.03 15.49 24.04
CA ALA D 94 2.77 16.63 24.92
C ALA D 94 3.75 17.77 24.65
N ALA D 95 5.03 17.42 24.50
CA ALA D 95 6.05 18.42 24.23
C ALA D 95 5.80 19.13 22.89
N ILE D 96 5.42 18.36 21.86
CA ILE D 96 5.15 18.94 20.56
C ILE D 96 3.98 19.92 20.65
N ASP D 97 2.95 19.54 21.39
CA ASP D 97 1.81 20.42 21.57
C ASP D 97 2.26 21.76 22.17
N LEU D 98 3.10 21.68 23.19
CA LEU D 98 3.61 22.87 23.86
C LEU D 98 4.39 23.79 22.91
N ARG D 99 5.10 23.18 21.95
CA ARG D 99 5.86 23.96 20.98
C ARG D 99 4.88 24.73 20.10
N CYS D 100 3.80 24.05 19.70
CA CYS D 100 2.78 24.68 18.87
C CYS D 100 2.19 25.89 19.59
N VAL D 101 2.01 25.78 20.90
CA VAL D 101 1.46 26.89 21.68
C VAL D 101 2.40 28.09 21.54
N ASN D 102 3.70 27.85 21.67
CA ASN D 102 4.68 28.93 21.54
C ASN D 102 4.65 29.53 20.14
N MET D 103 4.50 28.68 19.13
CA MET D 103 4.48 29.14 17.75
C MET D 103 3.27 29.99 17.42
N VAL D 104 2.09 29.56 17.87
CA VAL D 104 0.86 30.34 17.61
C VAL D 104 0.90 31.65 18.39
N ALA D 105 1.40 31.60 19.62
CA ALA D 105 1.49 32.78 20.45
C ALA D 105 2.45 33.75 19.77
N ASP D 106 3.55 33.22 19.23
CA ASP D 106 4.53 34.06 18.52
C ASP D 106 3.88 34.69 17.29
N LEU D 107 3.14 33.88 16.53
CA LEU D 107 2.47 34.35 15.33
C LEU D 107 1.53 35.52 15.62
N TRP D 108 0.94 35.52 16.81
CA TRP D 108 0.00 36.57 17.20
C TRP D 108 0.61 37.69 18.05
N HIS D 109 1.93 37.78 18.08
CA HIS D 109 2.64 38.83 18.82
C HIS D 109 2.39 38.87 20.31
N ALA D 110 2.19 37.70 20.91
CA ALA D 110 2.00 37.66 22.35
C ALA D 110 3.33 38.07 22.95
N PRO D 111 3.33 38.65 24.16
CA PRO D 111 4.59 39.05 24.78
C PRO D 111 5.48 37.83 24.97
N ALA D 112 6.75 37.93 24.58
CA ALA D 112 7.67 36.80 24.73
C ALA D 112 7.61 36.30 26.18
N PRO D 113 7.40 35.00 26.37
CA PRO D 113 7.31 34.38 27.70
C PRO D 113 8.68 34.28 28.37
N LYS D 114 8.79 34.81 29.58
CA LYS D 114 10.05 34.78 30.33
C LYS D 114 10.54 33.37 30.61
N ASN D 115 9.62 32.48 30.97
CA ASN D 115 9.96 31.10 31.29
C ASN D 115 10.00 30.15 30.10
N GLY D 116 10.02 30.71 28.89
CA GLY D 116 10.09 29.90 27.68
C GLY D 116 8.84 29.16 27.23
N GLN D 117 7.71 29.41 27.89
CA GLN D 117 6.47 28.74 27.50
C GLN D 117 5.29 29.70 27.54
N ALA D 118 4.65 29.88 26.38
CA ALA D 118 3.49 30.76 26.31
C ALA D 118 2.30 30.13 27.03
N VAL D 119 1.36 30.99 27.43
CA VAL D 119 0.17 30.55 28.13
C VAL D 119 -0.93 30.27 27.11
N GLY D 120 -1.33 29.01 26.99
CA GLY D 120 -2.37 28.68 26.04
C GLY D 120 -2.54 27.18 25.91
N THR D 121 -3.49 26.76 25.09
CA THR D 121 -3.70 25.33 24.94
C THR D 121 -4.35 24.95 23.62
N ASN D 122 -4.17 23.69 23.26
CA ASN D 122 -4.78 23.15 22.08
C ASN D 122 -6.19 22.75 22.50
N THR D 123 -7.11 22.72 21.54
CA THR D 123 -8.50 22.33 21.80
C THR D 123 -9.03 21.57 20.59
N ILE D 124 -10.23 21.01 20.71
CA ILE D 124 -10.84 20.27 19.61
C ILE D 124 -11.17 21.19 18.45
N GLY D 125 -11.49 22.45 18.76
CA GLY D 125 -11.82 23.44 17.76
C GLY D 125 -12.03 24.81 18.41
N SER D 126 -12.45 25.81 17.63
CA SER D 126 -12.67 27.14 18.19
C SER D 126 -13.79 27.17 19.22
N SER D 127 -14.76 26.27 19.09
CA SER D 127 -15.87 26.27 20.04
C SER D 127 -15.34 26.13 21.47
N GLU D 128 -14.62 25.05 21.75
CA GLU D 128 -14.07 24.84 23.09
C GLU D 128 -13.10 25.99 23.44
N ALA D 129 -12.32 26.42 22.47
CA ALA D 129 -11.38 27.51 22.70
C ALA D 129 -12.12 28.78 23.15
N CYS D 130 -13.20 29.14 22.45
CA CYS D 130 -14.00 30.32 22.79
C CYS D 130 -14.65 30.20 24.16
N MET D 131 -15.03 28.98 24.51
CA MET D 131 -15.66 28.73 25.81
C MET D 131 -14.64 28.92 26.93
N LEU D 132 -13.42 28.49 26.69
CA LEU D 132 -12.34 28.67 27.65
C LEU D 132 -12.05 30.17 27.77
N GLY D 133 -11.96 30.85 26.64
CA GLY D 133 -11.69 32.27 26.68
C GLY D 133 -12.83 33.01 27.36
N GLY D 134 -14.05 32.53 27.13
CA GLY D 134 -15.21 33.15 27.74
C GLY D 134 -15.23 32.95 29.24
N MET D 135 -14.85 31.76 29.69
CA MET D 135 -14.83 31.48 31.12
C MET D 135 -13.82 32.37 31.80
N ALA D 136 -12.61 32.45 31.25
CA ALA D 136 -11.58 33.29 31.83
C ALA D 136 -12.07 34.73 31.87
N MET D 137 -12.75 35.13 30.80
CA MET D 137 -13.30 36.48 30.69
C MET D 137 -14.29 36.73 31.83
N LYS D 138 -15.20 35.79 32.05
CA LYS D 138 -16.19 35.94 33.10
C LYS D 138 -15.55 36.02 34.47
N TRP D 139 -14.52 35.20 34.68
CA TRP D 139 -13.78 35.16 35.95
C TRP D 139 -13.02 36.44 36.24
N ARG D 140 -12.40 37.01 35.23
CA ARG D 140 -11.65 38.25 35.43
C ARG D 140 -12.62 39.38 35.75
N TRP D 141 -13.77 39.36 35.08
CA TRP D 141 -14.78 40.39 35.30
C TRP D 141 -15.26 40.29 36.75
N ARG D 142 -15.54 39.07 37.21
CA ARG D 142 -16.00 38.86 38.57
C ARG D 142 -15.00 39.45 39.58
N LYS D 143 -13.72 39.21 39.34
CA LYS D 143 -12.69 39.73 40.24
C LYS D 143 -12.66 41.25 40.21
N ARG D 144 -12.84 41.83 39.03
CA ARG D 144 -12.83 43.29 38.90
C ARG D 144 -13.99 43.87 39.72
N MET D 145 -15.18 43.32 39.50
CA MET D 145 -16.37 43.74 40.21
C MET D 145 -16.21 43.54 41.72
N GLU D 146 -15.66 42.40 42.13
CA GLU D 146 -15.49 42.13 43.54
C GLU D 146 -14.49 43.07 44.21
N ALA D 147 -13.54 43.58 43.44
CA ALA D 147 -12.54 44.50 43.97
C ALA D 147 -13.19 45.81 44.41
N ALA D 148 -14.43 46.02 43.99
CA ALA D 148 -15.16 47.23 44.37
C ALA D 148 -16.43 46.90 45.14
N GLY D 149 -16.55 45.65 45.58
CA GLY D 149 -17.73 45.24 46.33
C GLY D 149 -19.05 45.22 45.58
N LYS D 150 -18.98 45.18 44.25
CA LYS D 150 -20.20 45.19 43.44
C LYS D 150 -20.69 43.78 43.08
N PRO D 151 -22.02 43.59 42.94
CA PRO D 151 -22.61 42.30 42.61
C PRO D 151 -22.19 41.80 41.23
N THR D 152 -22.20 40.48 41.07
CA THR D 152 -21.78 39.85 39.83
C THR D 152 -22.85 38.90 39.28
N ASP D 153 -24.10 39.22 39.58
CA ASP D 153 -25.22 38.39 39.16
C ASP D 153 -25.76 38.69 37.75
N LYS D 154 -25.29 39.77 37.11
CA LYS D 154 -25.82 40.12 35.79
C LYS D 154 -24.80 40.35 34.68
N PRO D 155 -23.91 39.38 34.41
CA PRO D 155 -22.94 39.63 33.35
C PRO D 155 -23.53 39.58 31.93
N ASN D 156 -22.94 40.36 31.04
CA ASN D 156 -23.34 40.37 29.64
C ASN D 156 -22.06 40.38 28.80
N LEU D 157 -22.17 39.96 27.55
CA LEU D 157 -21.03 39.90 26.64
C LEU D 157 -21.45 40.66 25.40
N VAL D 158 -20.64 41.62 24.98
CA VAL D 158 -20.96 42.43 23.80
C VAL D 158 -20.24 41.86 22.58
N CYS D 159 -20.97 41.74 21.47
CA CYS D 159 -20.39 41.17 20.25
C CYS D 159 -21.19 41.52 19.00
N GLY D 160 -20.69 41.08 17.84
CA GLY D 160 -21.36 41.33 16.59
C GLY D 160 -21.97 40.04 16.06
N PRO D 161 -22.00 39.84 14.73
CA PRO D 161 -22.55 38.64 14.09
C PRO D 161 -21.67 37.43 14.39
N VAL D 162 -21.72 36.97 15.64
CA VAL D 162 -20.91 35.84 16.07
C VAL D 162 -21.40 34.51 15.57
N GLN D 163 -20.52 33.52 15.64
CA GLN D 163 -20.84 32.16 15.23
C GLN D 163 -21.64 31.56 16.40
N ILE D 164 -22.45 30.55 16.11
CA ILE D 164 -23.30 29.95 17.11
C ILE D 164 -22.64 29.53 18.43
N CYS D 165 -21.33 29.28 18.42
CA CYS D 165 -20.70 28.85 19.66
C CYS D 165 -20.79 29.91 20.77
N TRP D 166 -20.93 31.18 20.40
CA TRP D 166 -21.04 32.18 21.45
C TRP D 166 -22.43 32.20 22.08
N HIS D 167 -23.44 31.78 21.32
CA HIS D 167 -24.80 31.71 21.84
C HIS D 167 -24.85 30.56 22.84
N LYS D 168 -24.07 29.51 22.55
CA LYS D 168 -24.02 28.35 23.42
C LYS D 168 -23.27 28.72 24.70
N PHE D 169 -22.21 29.52 24.56
CA PHE D 169 -21.45 29.95 25.73
C PHE D 169 -22.39 30.75 26.64
N ALA D 170 -23.12 31.68 26.03
CA ALA D 170 -24.05 32.53 26.75
C ALA D 170 -25.12 31.72 27.49
N ARG D 171 -25.64 30.69 26.83
CA ARG D 171 -26.69 29.85 27.44
C ARG D 171 -26.13 28.95 28.55
N TYR D 172 -25.05 28.24 28.25
CA TYR D 172 -24.46 27.33 29.22
C TYR D 172 -23.89 28.02 30.46
N TRP D 173 -23.34 29.22 30.29
CA TRP D 173 -22.76 29.94 31.41
C TRP D 173 -23.54 31.12 31.95
N ASP D 174 -24.83 31.15 31.65
CA ASP D 174 -25.73 32.20 32.14
C ASP D 174 -25.21 33.62 31.98
N VAL D 175 -24.80 33.96 30.77
CA VAL D 175 -24.29 35.30 30.47
C VAL D 175 -25.24 35.87 29.42
N GLU D 176 -25.66 37.12 29.61
CA GLU D 176 -26.55 37.75 28.66
C GLU D 176 -25.76 38.16 27.42
N LEU D 177 -26.12 37.61 26.27
CA LEU D 177 -25.42 37.93 25.03
C LEU D 177 -26.01 39.18 24.40
N ARG D 178 -25.20 40.23 24.31
CA ARG D 178 -25.66 41.45 23.68
C ARG D 178 -25.08 41.50 22.29
N GLU D 179 -25.78 40.85 21.36
CA GLU D 179 -25.34 40.77 19.98
C GLU D 179 -25.86 41.95 19.17
N ILE D 180 -24.95 42.79 18.71
CA ILE D 180 -25.36 43.92 17.89
C ILE D 180 -25.71 43.31 16.53
N PRO D 181 -26.96 43.52 16.07
CA PRO D 181 -27.40 42.96 14.78
C PRO D 181 -26.85 43.62 13.52
N MET D 182 -26.80 42.84 12.44
CA MET D 182 -26.33 43.36 11.15
C MET D 182 -27.39 44.31 10.62
N ARG D 183 -26.95 45.34 9.91
CA ARG D 183 -27.86 46.31 9.30
C ARG D 183 -27.37 46.53 7.87
N PRO D 184 -28.28 46.74 6.92
CA PRO D 184 -27.84 46.95 5.54
C PRO D 184 -26.76 48.04 5.45
N GLY D 185 -25.61 47.69 4.89
CA GLY D 185 -24.53 48.63 4.78
C GLY D 185 -23.65 48.65 6.02
N GLN D 186 -24.02 47.85 7.01
CA GLN D 186 -23.26 47.75 8.26
C GLN D 186 -23.52 46.37 8.85
N LEU D 187 -22.95 45.35 8.20
CA LEU D 187 -23.10 43.96 8.62
C LEU D 187 -22.09 43.55 9.68
N PHE D 188 -21.89 44.42 10.66
CA PHE D 188 -20.93 44.13 11.72
C PHE D 188 -21.16 45.04 12.93
N MET D 189 -20.39 44.78 13.98
CA MET D 189 -20.45 45.57 15.19
C MET D 189 -19.53 46.77 15.06
N ASP D 190 -20.10 47.96 14.91
CA ASP D 190 -19.33 49.20 14.78
C ASP D 190 -19.07 49.78 16.17
N PRO D 191 -18.05 50.64 16.31
CA PRO D 191 -17.71 51.26 17.58
C PRO D 191 -18.85 51.94 18.33
N LYS D 192 -19.64 52.74 17.61
CA LYS D 192 -20.75 53.45 18.24
C LYS D 192 -21.75 52.50 18.92
N ARG D 193 -22.22 51.50 18.20
CA ARG D 193 -23.18 50.56 18.79
C ARG D 193 -22.54 49.69 19.86
N MET D 194 -21.25 49.36 19.70
CA MET D 194 -20.57 48.56 20.70
C MET D 194 -20.61 49.29 22.04
N ILE D 195 -20.23 50.56 22.02
CA ILE D 195 -20.24 51.37 23.23
C ILE D 195 -21.65 51.48 23.83
N GLU D 196 -22.67 51.64 23.00
CA GLU D 196 -24.03 51.75 23.53
C GLU D 196 -24.37 50.50 24.35
N ALA D 197 -23.93 49.34 23.89
CA ALA D 197 -24.21 48.07 24.56
C ALA D 197 -23.33 47.81 25.79
N CYS D 198 -22.18 48.48 25.86
CA CYS D 198 -21.27 48.27 26.99
C CYS D 198 -21.68 48.99 28.28
N ASP D 199 -21.49 48.32 29.41
CA ASP D 199 -21.77 48.92 30.71
C ASP D 199 -20.91 48.21 31.77
N GLU D 200 -21.14 48.51 33.04
CA GLU D 200 -20.35 47.89 34.10
C GLU D 200 -20.46 46.37 34.20
N ASN D 201 -21.52 45.80 33.63
CA ASN D 201 -21.74 44.37 33.67
C ASN D 201 -21.18 43.59 32.48
N THR D 202 -20.55 44.30 31.55
CA THR D 202 -19.95 43.68 30.38
C THR D 202 -18.64 42.96 30.75
N ILE D 203 -18.60 41.64 30.56
CA ILE D 203 -17.40 40.88 30.88
C ILE D 203 -16.32 41.05 29.83
N GLY D 204 -16.73 41.47 28.64
CA GLY D 204 -15.75 41.68 27.59
C GLY D 204 -16.42 41.92 26.25
N VAL D 205 -15.61 42.25 25.26
CA VAL D 205 -16.10 42.47 23.90
C VAL D 205 -15.43 41.41 23.04
N VAL D 206 -16.21 40.79 22.16
CA VAL D 206 -15.68 39.75 21.28
C VAL D 206 -15.79 40.11 19.79
N PRO D 207 -14.73 40.71 19.25
CA PRO D 207 -14.72 41.08 17.83
C PRO D 207 -14.54 39.79 17.04
N THR D 208 -15.25 39.61 15.92
CA THR D 208 -15.09 38.40 15.13
C THR D 208 -14.20 38.72 13.92
N PHE D 209 -12.95 38.30 14.01
CA PHE D 209 -11.94 38.54 12.97
C PHE D 209 -12.09 37.51 11.87
N GLY D 210 -13.20 37.63 11.13
CA GLY D 210 -13.50 36.71 10.05
C GLY D 210 -14.92 36.21 10.28
N VAL D 211 -15.90 37.05 9.96
CA VAL D 211 -17.31 36.74 10.12
C VAL D 211 -17.76 35.63 9.18
N THR D 212 -18.37 34.60 9.73
CA THR D 212 -18.82 33.47 8.92
C THR D 212 -19.82 33.84 7.82
N TYR D 213 -20.82 34.63 8.17
CA TYR D 213 -21.88 35.01 7.24
C TYR D 213 -21.46 35.84 6.03
N THR D 214 -20.42 36.66 6.17
CA THR D 214 -19.98 37.53 5.09
C THR D 214 -18.54 37.32 4.64
N GLY D 215 -17.70 36.79 5.53
CA GLY D 215 -16.31 36.57 5.20
C GLY D 215 -15.44 37.80 5.45
N ASN D 216 -16.03 38.87 5.98
CA ASN D 216 -15.26 40.09 6.25
C ASN D 216 -14.73 40.19 7.68
N TYR D 217 -13.62 40.91 7.81
CA TYR D 217 -13.01 41.10 9.12
C TYR D 217 -13.69 42.22 9.90
N GLU D 218 -13.86 42.00 11.20
CA GLU D 218 -14.40 43.02 12.09
C GLU D 218 -13.05 43.50 12.65
N PHE D 219 -12.66 44.74 12.37
CA PHE D 219 -11.36 45.26 12.82
C PHE D 219 -11.34 45.67 14.28
N PRO D 220 -10.54 44.98 15.10
CA PRO D 220 -10.46 45.29 16.53
C PRO D 220 -9.86 46.65 16.87
N GLN D 221 -8.97 47.17 16.02
CA GLN D 221 -8.33 48.46 16.29
C GLN D 221 -9.32 49.59 16.59
N PRO D 222 -10.24 49.88 15.66
CA PRO D 222 -11.20 50.96 15.91
C PRO D 222 -12.02 50.76 17.19
N LEU D 223 -12.35 49.50 17.49
CA LEU D 223 -13.11 49.17 18.68
C LEU D 223 -12.25 49.44 19.92
N HIS D 224 -10.98 49.04 19.84
CA HIS D 224 -10.04 49.21 20.93
C HIS D 224 -9.95 50.70 21.30
N ASP D 225 -9.88 51.56 20.28
CA ASP D 225 -9.83 53.00 20.54
C ASP D 225 -11.06 53.43 21.32
N ALA D 226 -12.21 52.87 20.93
CA ALA D 226 -13.46 53.19 21.59
C ALA D 226 -13.46 52.74 23.05
N LEU D 227 -12.87 51.58 23.33
CA LEU D 227 -12.83 51.11 24.72
C LEU D 227 -11.91 51.99 25.55
N ASP D 228 -10.86 52.53 24.92
CA ASP D 228 -9.94 53.41 25.60
C ASP D 228 -10.68 54.69 26.03
N LYS D 229 -11.46 55.25 25.11
CA LYS D 229 -12.23 56.46 25.38
C LYS D 229 -13.30 56.18 26.44
N PHE D 230 -13.92 55.00 26.33
CA PHE D 230 -14.96 54.58 27.27
C PHE D 230 -14.42 54.54 28.70
N GLN D 231 -13.23 53.96 28.89
CA GLN D 231 -12.65 53.88 30.23
C GLN D 231 -12.31 55.29 30.71
N ALA D 232 -11.85 56.13 29.79
CA ALA D 232 -11.51 57.50 30.12
C ALA D 232 -12.77 58.25 30.59
N ASP D 233 -13.88 58.04 29.89
CA ASP D 233 -15.14 58.71 30.23
C ASP D 233 -15.89 58.13 31.43
N THR D 234 -15.88 56.81 31.58
CA THR D 234 -16.63 56.16 32.66
C THR D 234 -15.85 55.44 33.74
N GLY D 235 -14.56 55.22 33.51
CA GLY D 235 -13.76 54.48 34.48
C GLY D 235 -13.91 52.98 34.33
N ILE D 236 -14.77 52.55 33.41
CA ILE D 236 -14.98 51.12 33.17
C ILE D 236 -13.93 50.57 32.19
N ASP D 237 -13.18 49.58 32.65
CA ASP D 237 -12.10 48.96 31.88
C ASP D 237 -12.59 47.60 31.35
N ILE D 238 -12.78 47.52 30.04
CA ILE D 238 -13.27 46.31 29.38
C ILE D 238 -12.21 45.66 28.48
N ASP D 239 -12.06 44.35 28.62
CA ASP D 239 -11.08 43.62 27.82
C ASP D 239 -11.72 43.01 26.58
N MET D 240 -10.87 42.51 25.69
CA MET D 240 -11.33 41.88 24.47
C MET D 240 -10.78 40.46 24.37
N HIS D 241 -11.52 39.64 23.64
CA HIS D 241 -11.13 38.28 23.30
C HIS D 241 -11.43 38.25 21.82
N ILE D 242 -10.43 38.02 20.99
CA ILE D 242 -10.66 37.97 19.55
C ILE D 242 -11.02 36.57 19.07
N ASP D 243 -12.16 36.43 18.41
CA ASP D 243 -12.54 35.14 17.85
C ASP D 243 -11.98 35.17 16.42
N ALA D 244 -10.75 34.69 16.28
CA ALA D 244 -10.07 34.66 14.99
C ALA D 244 -10.08 33.25 14.42
N ALA D 245 -11.21 32.55 14.57
CA ALA D 245 -11.33 31.18 14.08
C ALA D 245 -10.73 31.03 12.68
N SER D 246 -11.06 31.94 11.77
CA SER D 246 -10.51 31.89 10.43
C SER D 246 -9.33 32.85 10.29
N GLY D 247 -9.53 34.11 10.62
CA GLY D 247 -8.48 35.11 10.50
C GLY D 247 -7.14 34.90 11.19
N GLY D 248 -7.13 34.14 12.29
CA GLY D 248 -5.87 33.92 13.02
C GLY D 248 -4.78 33.23 12.21
N PHE D 249 -5.17 32.53 11.15
CA PHE D 249 -4.18 31.84 10.33
C PHE D 249 -4.17 32.39 8.91
N LEU D 250 -4.66 33.62 8.76
CA LEU D 250 -4.68 34.28 7.45
C LEU D 250 -3.92 35.62 7.47
N ALA D 251 -4.45 36.59 8.20
CA ALA D 251 -3.85 37.92 8.30
C ALA D 251 -2.35 37.96 8.59
N PRO D 252 -1.88 37.14 9.55
CA PRO D 252 -0.45 37.16 9.85
C PRO D 252 0.43 36.90 8.63
N PHE D 253 -0.10 36.16 7.66
CA PHE D 253 0.65 35.81 6.46
C PHE D 253 0.45 36.70 5.25
N VAL D 254 -0.78 37.15 5.04
CA VAL D 254 -1.09 37.97 3.88
C VAL D 254 -1.45 39.43 4.16
N ALA D 255 -1.61 39.79 5.43
CA ALA D 255 -1.93 41.18 5.79
C ALA D 255 -1.37 41.45 7.19
N PRO D 256 -0.03 41.36 7.34
CA PRO D 256 0.63 41.59 8.62
C PRO D 256 0.44 42.94 9.27
N ASP D 257 0.16 43.96 8.47
CA ASP D 257 -0.02 45.30 9.01
C ASP D 257 -1.34 45.53 9.74
N ILE D 258 -2.30 44.63 9.57
CA ILE D 258 -3.55 44.80 10.30
C ILE D 258 -3.22 44.54 11.78
N VAL D 259 -3.52 45.52 12.63
CA VAL D 259 -3.26 45.40 14.05
C VAL D 259 -4.53 44.84 14.69
N TRP D 260 -4.57 43.53 14.88
CA TRP D 260 -5.75 42.87 15.43
C TRP D 260 -5.46 41.97 16.64
N ASP D 261 -4.20 41.65 16.86
CA ASP D 261 -3.80 40.72 17.93
C ASP D 261 -3.32 41.29 19.26
N PHE D 262 -2.39 40.58 19.91
CA PHE D 262 -1.86 41.02 21.20
C PHE D 262 -1.10 42.34 21.14
N ARG D 263 -0.93 42.87 19.93
CA ARG D 263 -0.28 44.18 19.79
C ARG D 263 -1.23 45.20 20.42
N LEU D 264 -2.49 44.80 20.59
CA LEU D 264 -3.51 45.65 21.20
C LEU D 264 -3.62 45.27 22.68
N PRO D 265 -3.25 46.21 23.58
CA PRO D 265 -3.26 46.02 25.03
C PRO D 265 -4.50 45.37 25.65
N ARG D 266 -5.69 45.72 25.19
CA ARG D 266 -6.94 45.16 25.75
C ARG D 266 -7.22 43.72 25.35
N VAL D 267 -6.54 43.23 24.32
CA VAL D 267 -6.74 41.85 23.89
C VAL D 267 -6.02 40.94 24.88
N LYS D 268 -6.78 40.23 25.71
CA LYS D 268 -6.22 39.35 26.73
C LYS D 268 -6.14 37.90 26.27
N SER D 269 -6.85 37.59 25.18
CA SER D 269 -6.83 36.26 24.61
C SER D 269 -7.36 36.24 23.18
N ILE D 270 -6.95 35.23 22.43
CA ILE D 270 -7.34 35.04 21.04
C ILE D 270 -7.53 33.54 20.79
N SER D 271 -8.53 33.18 20.00
CA SER D 271 -8.77 31.76 19.69
C SER D 271 -8.84 31.62 18.17
N ALA D 272 -8.60 30.42 17.66
CA ALA D 272 -8.65 30.18 16.22
C ALA D 272 -8.76 28.69 15.95
N SER D 273 -9.30 28.34 14.78
CA SER D 273 -9.47 26.94 14.39
C SER D 273 -8.30 26.47 13.53
N GLY D 274 -7.51 25.53 14.07
CA GLY D 274 -6.41 25.02 13.30
C GLY D 274 -6.93 24.30 12.08
N HIS D 275 -8.07 23.63 12.23
CA HIS D 275 -8.64 22.87 11.12
C HIS D 275 -9.40 23.73 10.11
N LYS D 276 -9.34 25.04 10.27
CA LYS D 276 -9.95 25.89 9.27
C LYS D 276 -8.74 26.33 8.45
N PHE D 277 -8.36 27.60 8.49
CA PHE D 277 -7.22 28.03 7.70
C PHE D 277 -5.83 27.67 8.27
N GLY D 278 -5.81 27.04 9.44
CA GLY D 278 -4.55 26.62 10.03
C GLY D 278 -4.02 25.37 9.32
N LEU D 279 -4.82 24.86 8.38
CA LEU D 279 -4.47 23.69 7.58
C LEU D 279 -4.35 22.33 8.29
N ALA D 280 -4.84 22.26 9.52
CA ALA D 280 -4.81 21.01 10.28
C ALA D 280 -6.06 20.20 9.94
N PRO D 281 -6.01 18.88 10.15
CA PRO D 281 -7.21 18.10 9.84
C PRO D 281 -8.24 18.34 10.95
N LEU D 282 -9.51 18.08 10.65
CA LEU D 282 -10.59 18.27 11.62
C LEU D 282 -10.25 17.78 13.02
N GLY D 283 -10.45 18.65 14.02
CA GLY D 283 -10.18 18.28 15.40
C GLY D 283 -9.06 19.04 16.08
N CYS D 284 -8.82 20.28 15.66
CA CYS D 284 -7.77 21.09 16.24
C CYS D 284 -8.15 22.57 16.33
N GLY D 285 -7.98 23.13 17.52
CA GLY D 285 -8.28 24.54 17.75
C GLY D 285 -7.22 25.11 18.67
N TRP D 286 -7.18 26.43 18.80
CA TRP D 286 -6.19 27.09 19.65
C TRP D 286 -6.70 28.30 20.40
N VAL D 287 -6.22 28.47 21.63
CA VAL D 287 -6.54 29.62 22.44
C VAL D 287 -5.26 29.99 23.19
N ILE D 288 -4.87 31.25 23.06
CA ILE D 288 -3.67 31.77 23.70
C ILE D 288 -4.10 32.96 24.56
N TRP D 289 -3.46 33.12 25.72
CA TRP D 289 -3.73 34.25 26.60
C TRP D 289 -2.49 35.12 26.51
N ARG D 290 -2.62 36.44 26.68
CA ARG D 290 -1.44 37.28 26.56
C ARG D 290 -0.38 37.03 27.62
N ASP D 291 -0.79 36.50 28.77
CA ASP D 291 0.15 36.20 29.85
C ASP D 291 -0.53 35.54 31.06
N GLU D 292 0.27 35.23 32.07
CA GLU D 292 -0.22 34.58 33.28
C GLU D 292 -1.45 35.25 33.89
N GLU D 293 -1.38 36.57 34.06
CA GLU D 293 -2.47 37.33 34.66
C GLU D 293 -3.80 37.30 33.92
N ALA D 294 -3.77 36.98 32.62
CA ALA D 294 -4.99 36.92 31.83
C ALA D 294 -5.77 35.63 32.06
N LEU D 295 -5.11 34.63 32.63
CA LEU D 295 -5.76 33.34 32.90
C LEU D 295 -5.84 33.00 34.38
N PRO D 296 -7.05 33.08 34.96
CA PRO D 296 -7.29 32.78 36.37
C PRO D 296 -6.85 31.37 36.74
N GLN D 297 -5.91 31.25 37.69
CA GLN D 297 -5.39 29.96 38.09
C GLN D 297 -6.45 29.00 38.60
N GLU D 298 -7.54 29.53 39.11
CA GLU D 298 -8.60 28.69 39.63
C GLU D 298 -9.22 27.84 38.52
N LEU D 299 -9.06 28.26 37.27
CA LEU D 299 -9.62 27.51 36.14
C LEU D 299 -8.67 26.45 35.60
N VAL D 300 -7.43 26.46 36.08
CA VAL D 300 -6.42 25.52 35.60
C VAL D 300 -6.24 24.31 36.52
N PHE D 301 -6.09 23.13 35.93
CA PHE D 301 -5.89 21.91 36.69
C PHE D 301 -4.50 21.35 36.37
N ASN D 302 -3.59 21.43 37.33
CA ASN D 302 -2.22 20.95 37.12
C ASN D 302 -2.10 19.44 37.19
N VAL D 303 -1.26 18.89 36.32
CA VAL D 303 -1.01 17.46 36.27
C VAL D 303 0.49 17.23 36.30
N ASP D 304 0.89 16.01 36.67
CA ASP D 304 2.30 15.67 36.74
C ASP D 304 2.86 15.55 35.32
N TYR D 305 4.10 16.00 35.12
CA TYR D 305 4.74 15.94 33.83
C TYR D 305 6.27 16.02 33.94
N LEU D 306 6.92 14.88 33.79
CA LEU D 306 8.38 14.81 33.85
C LEU D 306 8.98 15.47 35.09
N GLY D 307 8.63 14.95 36.26
CA GLY D 307 9.15 15.49 37.50
C GLY D 307 8.70 16.91 37.84
N GLY D 308 7.83 17.46 37.00
CA GLY D 308 7.32 18.80 37.23
C GLY D 308 5.82 18.79 37.09
N GLN D 309 5.26 19.93 36.68
CA GLN D 309 3.82 20.06 36.48
C GLN D 309 3.49 21.13 35.44
N ILE D 310 2.50 20.86 34.60
CA ILE D 310 2.06 21.82 33.60
C ILE D 310 0.56 21.97 33.77
N GLY D 311 0.07 23.19 33.63
CA GLY D 311 -1.35 23.43 33.78
C GLY D 311 -2.15 22.97 32.60
N THR D 312 -3.39 22.55 32.85
CA THR D 312 -4.27 22.10 31.79
C THR D 312 -5.61 22.81 32.00
N PHE D 313 -6.18 23.27 30.89
CA PHE D 313 -7.46 23.96 30.92
C PHE D 313 -8.19 23.45 29.69
N ALA D 314 -9.13 22.54 29.90
CA ALA D 314 -9.87 21.96 28.80
C ALA D 314 -11.20 21.41 29.29
N ILE D 315 -12.16 21.34 28.38
CA ILE D 315 -13.46 20.81 28.73
C ILE D 315 -13.43 19.31 28.39
N ASN D 316 -12.75 18.96 27.30
CA ASN D 316 -12.63 17.56 26.91
C ASN D 316 -11.48 16.91 27.68
N PHE D 317 -11.46 15.59 27.74
CA PHE D 317 -10.38 14.88 28.42
C PHE D 317 -9.64 14.04 27.36
N SER D 318 -9.93 12.74 27.29
CA SER D 318 -9.28 11.91 26.30
C SER D 318 -9.71 12.27 24.87
N ARG D 319 -8.75 12.34 23.97
CA ARG D 319 -8.98 12.65 22.56
C ARG D 319 -7.67 12.39 21.81
N PRO D 320 -7.75 12.16 20.49
CA PRO D 320 -6.57 11.88 19.65
C PRO D 320 -5.54 13.01 19.62
N ALA D 321 -4.27 12.62 19.62
CA ALA D 321 -3.18 13.61 19.59
C ALA D 321 -2.73 13.86 18.15
N GLY D 322 -3.27 13.09 17.21
CA GLY D 322 -2.88 13.25 15.81
C GLY D 322 -3.02 14.62 15.18
N GLN D 323 -4.14 15.31 15.43
CA GLN D 323 -4.34 16.62 14.84
C GLN D 323 -3.29 17.65 15.25
N VAL D 324 -2.90 17.66 16.52
CA VAL D 324 -1.90 18.62 16.95
C VAL D 324 -0.53 18.21 16.39
N ILE D 325 -0.31 16.91 16.24
CA ILE D 325 0.95 16.41 15.68
C ILE D 325 0.98 16.84 14.21
N ALA D 326 -0.17 16.76 13.54
CA ALA D 326 -0.28 17.16 12.14
C ALA D 326 -0.01 18.65 12.00
N GLN D 327 -0.56 19.44 12.93
CA GLN D 327 -0.40 20.90 12.93
C GLN D 327 1.07 21.29 12.98
N TYR D 328 1.81 20.67 13.89
CA TYR D 328 3.23 20.91 14.05
C TYR D 328 3.95 20.59 12.75
N TYR D 329 3.56 19.50 12.10
CA TYR D 329 4.15 19.14 10.82
C TYR D 329 3.91 20.26 9.80
N GLU D 330 2.68 20.77 9.74
CA GLU D 330 2.38 21.85 8.78
C GLU D 330 3.19 23.09 9.12
N PHE D 331 3.33 23.38 10.42
CA PHE D 331 4.10 24.54 10.87
C PHE D 331 5.55 24.42 10.41
N LEU D 332 6.12 23.24 10.61
CA LEU D 332 7.50 22.99 10.24
C LEU D 332 7.73 22.85 8.73
N ARG D 333 6.82 22.17 8.05
CA ARG D 333 6.97 21.95 6.62
C ARG D 333 6.72 23.19 5.77
N LEU D 334 5.73 23.97 6.16
CA LEU D 334 5.39 25.18 5.40
C LEU D 334 6.03 26.44 5.94
N GLY D 335 5.93 26.65 7.25
CA GLY D 335 6.48 27.84 7.85
C GLY D 335 5.70 29.05 7.37
N ARG D 336 6.23 30.25 7.65
CA ARG D 336 5.58 31.47 7.23
C ARG D 336 5.52 31.55 5.70
N GLU D 337 6.62 31.18 5.05
CA GLU D 337 6.70 31.20 3.59
C GLU D 337 5.65 30.29 2.93
N GLY D 338 5.56 29.06 3.41
CA GLY D 338 4.61 28.10 2.87
C GLY D 338 3.17 28.50 3.12
N TYR D 339 2.85 28.93 4.33
CA TYR D 339 1.48 29.37 4.62
C TYR D 339 1.11 30.54 3.73
N THR D 340 2.04 31.47 3.55
CA THR D 340 1.76 32.63 2.70
C THR D 340 1.42 32.20 1.27
N LYS D 341 2.09 31.15 0.77
CA LYS D 341 1.84 30.64 -0.57
C LYS D 341 0.51 29.89 -0.68
N VAL D 342 0.15 29.13 0.35
CA VAL D 342 -1.12 28.41 0.31
C VAL D 342 -2.29 29.39 0.41
N GLN D 343 -2.22 30.34 1.36
CA GLN D 343 -3.30 31.31 1.51
C GLN D 343 -3.42 32.22 0.28
N ASN D 344 -2.28 32.60 -0.31
CA ASN D 344 -2.29 33.43 -1.52
C ASN D 344 -3.07 32.70 -2.61
N ALA D 345 -2.87 31.39 -2.70
CA ALA D 345 -3.55 30.58 -3.71
C ALA D 345 -5.07 30.69 -3.51
N SER D 346 -5.51 30.68 -2.26
CA SER D 346 -6.95 30.79 -1.95
C SER D 346 -7.51 32.15 -2.34
N TYR D 347 -6.79 33.22 -1.98
CA TYR D 347 -7.24 34.55 -2.30
C TYR D 347 -7.27 34.77 -3.81
N GLN D 348 -6.28 34.20 -4.50
CA GLN D 348 -6.20 34.30 -5.95
C GLN D 348 -7.45 33.72 -6.58
N VAL D 349 -7.87 32.57 -6.09
CA VAL D 349 -9.05 31.89 -6.58
C VAL D 349 -10.33 32.67 -6.23
N ALA D 350 -10.43 33.13 -4.99
CA ALA D 350 -11.62 33.89 -4.58
C ALA D 350 -11.76 35.16 -5.43
N ALA D 351 -10.65 35.86 -5.65
CA ALA D 351 -10.67 37.07 -6.45
C ALA D 351 -11.10 36.75 -7.87
N TYR D 352 -10.64 35.60 -8.37
CA TYR D 352 -10.97 35.16 -9.72
C TYR D 352 -12.48 35.03 -9.88
N LEU D 353 -13.07 34.21 -9.02
CA LEU D 353 -14.51 33.96 -9.03
C LEU D 353 -15.32 35.23 -8.82
N ALA D 354 -14.84 36.11 -7.94
CA ALA D 354 -15.53 37.36 -7.69
C ALA D 354 -15.59 38.15 -8.99
N ASP D 355 -14.45 38.25 -9.66
CA ASP D 355 -14.34 38.98 -10.92
C ASP D 355 -15.21 38.40 -12.02
N GLU D 356 -15.14 37.08 -12.21
CA GLU D 356 -15.90 36.41 -13.25
C GLU D 356 -17.39 36.34 -13.00
N ILE D 357 -17.79 36.08 -11.77
CA ILE D 357 -19.21 36.00 -11.46
C ILE D 357 -19.90 37.37 -11.65
N ALA D 358 -19.16 38.44 -11.38
CA ALA D 358 -19.70 39.78 -11.52
C ALA D 358 -20.17 40.04 -12.97
N LYS D 359 -19.50 39.42 -13.93
CA LYS D 359 -19.88 39.61 -15.33
C LYS D 359 -21.11 38.82 -15.74
N LEU D 360 -21.63 38.01 -14.82
CA LEU D 360 -22.78 37.16 -15.13
C LEU D 360 -24.16 37.59 -14.63
N GLY D 361 -24.22 38.64 -13.82
CA GLY D 361 -25.52 39.09 -13.33
C GLY D 361 -25.51 40.37 -12.51
N PRO D 362 -26.69 40.90 -12.18
CA PRO D 362 -26.86 42.13 -11.39
C PRO D 362 -26.59 41.86 -9.92
N TYR D 363 -25.32 41.71 -9.57
CA TYR D 363 -24.94 41.41 -8.19
C TYR D 363 -24.19 42.56 -7.53
N GLU D 364 -24.26 42.58 -6.20
CA GLU D 364 -23.57 43.54 -5.37
C GLU D 364 -22.75 42.65 -4.46
N PHE D 365 -21.44 42.82 -4.48
CA PHE D 365 -20.60 41.97 -3.66
C PHE D 365 -20.37 42.50 -2.26
N ILE D 366 -20.31 41.57 -1.30
CA ILE D 366 -20.08 41.89 0.10
C ILE D 366 -18.66 41.49 0.47
N CYS D 367 -18.19 40.40 -0.13
CA CYS D 367 -16.83 39.91 0.07
C CYS D 367 -16.31 39.51 -1.31
N THR D 368 -15.11 39.95 -1.66
CA THR D 368 -14.52 39.64 -2.96
C THR D 368 -13.13 39.01 -2.89
N GLY D 369 -12.80 38.42 -1.75
CA GLY D 369 -11.51 37.77 -1.59
C GLY D 369 -10.33 38.71 -1.49
N ARG D 370 -10.52 39.84 -0.81
CA ARG D 370 -9.43 40.80 -0.64
C ARG D 370 -8.74 40.54 0.70
N PRO D 371 -7.45 40.19 0.68
CA PRO D 371 -6.69 39.92 1.91
C PRO D 371 -6.74 41.03 2.96
N ASP D 372 -7.03 42.25 2.57
CA ASP D 372 -7.09 43.33 3.55
C ASP D 372 -8.47 43.56 4.16
N GLU D 373 -9.49 42.88 3.63
CA GLU D 373 -10.84 43.06 4.15
C GLU D 373 -11.39 41.82 4.87
N GLY D 374 -10.83 40.67 4.57
CA GLY D 374 -11.31 39.45 5.19
C GLY D 374 -10.68 38.17 4.68
N ILE D 375 -11.47 37.09 4.71
CA ILE D 375 -11.01 35.77 4.29
C ILE D 375 -11.16 35.48 2.80
N PRO D 376 -10.67 34.31 2.34
CA PRO D 376 -10.78 33.96 0.91
C PRO D 376 -12.18 33.41 0.63
N ALA D 377 -13.13 34.31 0.43
CA ALA D 377 -14.48 33.90 0.15
C ALA D 377 -15.11 34.91 -0.78
N VAL D 378 -16.16 34.47 -1.47
CA VAL D 378 -16.88 35.35 -2.36
C VAL D 378 -18.29 35.36 -1.78
N CYS D 379 -18.81 36.55 -1.48
CA CYS D 379 -20.15 36.67 -0.93
C CYS D 379 -20.89 37.77 -1.66
N PHE D 380 -22.09 37.47 -2.15
CA PHE D 380 -22.84 38.48 -2.88
C PHE D 380 -24.34 38.29 -2.84
N LYS D 381 -25.04 39.33 -3.27
CA LYS D 381 -26.50 39.32 -3.32
C LYS D 381 -26.94 39.99 -4.60
N LEU D 382 -28.21 39.85 -4.94
CA LEU D 382 -28.74 40.50 -6.13
C LEU D 382 -28.88 41.98 -5.79
N LYS D 383 -28.62 42.86 -6.75
CA LYS D 383 -28.77 44.29 -6.51
C LYS D 383 -30.22 44.57 -6.17
N ASP D 384 -30.45 45.34 -5.11
CA ASP D 384 -31.80 45.67 -4.67
C ASP D 384 -32.67 46.16 -5.82
N GLY D 385 -33.87 45.61 -5.92
CA GLY D 385 -34.78 46.01 -6.96
C GLY D 385 -34.64 45.25 -8.27
N GLU D 386 -33.52 44.54 -8.45
CA GLU D 386 -33.28 43.78 -9.68
C GLU D 386 -33.90 42.39 -9.64
N ASP D 387 -34.42 41.96 -10.79
CA ASP D 387 -35.03 40.64 -10.90
C ASP D 387 -34.47 40.01 -12.17
N PRO D 388 -33.43 39.18 -12.03
CA PRO D 388 -32.83 38.53 -13.20
C PRO D 388 -33.60 37.29 -13.67
N GLY D 389 -34.70 36.98 -12.99
CA GLY D 389 -35.51 35.84 -13.36
C GLY D 389 -35.27 34.63 -12.49
N TYR D 390 -34.48 34.81 -11.44
CA TYR D 390 -34.17 33.72 -10.52
C TYR D 390 -33.72 34.29 -9.18
N THR D 391 -33.66 33.43 -8.17
CA THR D 391 -33.19 33.83 -6.85
C THR D 391 -31.90 33.03 -6.65
N LEU D 392 -31.08 33.43 -5.68
CA LEU D 392 -29.84 32.71 -5.44
C LEU D 392 -30.14 31.30 -4.95
N TYR D 393 -31.34 31.11 -4.38
CA TYR D 393 -31.76 29.80 -3.89
C TYR D 393 -31.87 28.84 -5.07
N ASP D 394 -32.47 29.31 -6.16
CA ASP D 394 -32.64 28.51 -7.36
C ASP D 394 -31.29 28.19 -7.98
N LEU D 395 -30.38 29.17 -7.97
CA LEU D 395 -29.05 28.98 -8.53
C LEU D 395 -28.29 27.93 -7.71
N SER D 396 -28.38 28.05 -6.40
CA SER D 396 -27.74 27.11 -5.50
C SER D 396 -28.23 25.70 -5.82
N GLU D 397 -29.54 25.55 -6.03
CA GLU D 397 -30.12 24.25 -6.33
C GLU D 397 -29.59 23.66 -7.65
N ARG D 398 -29.45 24.50 -8.67
CA ARG D 398 -28.95 24.03 -9.96
C ARG D 398 -27.51 23.52 -9.79
N LEU D 399 -26.68 24.30 -9.11
CA LEU D 399 -25.28 23.92 -8.89
C LEU D 399 -25.18 22.58 -8.15
N ARG D 400 -26.15 22.29 -7.27
CA ARG D 400 -26.11 21.03 -6.53
C ARG D 400 -26.30 19.81 -7.46
N LEU D 401 -26.88 20.03 -8.63
CA LEU D 401 -27.08 18.94 -9.58
C LEU D 401 -25.73 18.43 -10.10
N ARG D 402 -24.71 19.25 -9.94
CA ARG D 402 -23.37 18.88 -10.39
C ARG D 402 -22.47 18.50 -9.22
N GLY D 403 -23.07 18.36 -8.04
CA GLY D 403 -22.32 17.98 -6.86
C GLY D 403 -21.84 19.11 -5.97
N TRP D 404 -22.01 20.35 -6.40
CA TRP D 404 -21.55 21.49 -5.62
C TRP D 404 -22.48 21.91 -4.49
N GLN D 405 -21.91 22.20 -3.34
CA GLN D 405 -22.69 22.70 -2.22
C GLN D 405 -22.32 24.17 -2.03
N VAL D 406 -23.10 25.06 -2.64
CA VAL D 406 -22.87 26.51 -2.54
C VAL D 406 -24.10 27.09 -1.85
N PRO D 407 -23.96 27.47 -0.58
CA PRO D 407 -25.08 28.02 0.20
C PRO D 407 -25.60 29.40 -0.16
N ALA D 408 -26.91 29.53 -0.05
CA ALA D 408 -27.62 30.78 -0.28
C ALA D 408 -28.45 30.88 0.99
N PHE D 409 -28.37 32.01 1.68
CA PHE D 409 -29.12 32.18 2.91
C PHE D 409 -29.35 33.65 3.22
N THR D 410 -30.31 33.90 4.09
CA THR D 410 -30.64 35.26 4.47
C THR D 410 -29.72 35.69 5.61
N LEU D 411 -29.42 36.97 5.69
CA LEU D 411 -28.58 37.46 6.77
C LEU D 411 -29.51 37.68 7.95
N GLY D 412 -28.98 37.83 9.15
CA GLY D 412 -29.83 38.02 10.31
C GLY D 412 -29.99 39.49 10.69
N GLY D 413 -30.37 39.71 11.95
CA GLY D 413 -30.55 41.07 12.44
C GLY D 413 -31.56 41.87 11.66
N GLU D 414 -31.16 43.08 11.25
CA GLU D 414 -32.03 43.96 10.50
C GLU D 414 -31.91 43.74 8.99
N ALA D 415 -31.16 42.70 8.61
CA ALA D 415 -30.95 42.38 7.20
C ALA D 415 -31.58 41.06 6.80
N THR D 416 -32.56 40.61 7.58
CA THR D 416 -33.23 39.33 7.31
C THR D 416 -33.89 39.26 5.94
N ASP D 417 -34.03 40.41 5.30
CA ASP D 417 -34.66 40.48 3.98
C ASP D 417 -33.64 40.26 2.86
N ILE D 418 -32.35 40.30 3.20
CA ILE D 418 -31.29 40.13 2.22
C ILE D 418 -30.85 38.68 2.08
N VAL D 419 -30.70 38.24 0.83
CA VAL D 419 -30.28 36.88 0.54
C VAL D 419 -28.90 36.90 -0.11
N VAL D 420 -27.97 36.14 0.46
CA VAL D 420 -26.62 36.10 -0.10
C VAL D 420 -26.20 34.68 -0.45
N MET D 421 -25.18 34.59 -1.31
CA MET D 421 -24.61 33.33 -1.72
C MET D 421 -23.14 33.46 -1.32
N ARG D 422 -22.60 32.44 -0.67
CA ARG D 422 -21.21 32.48 -0.22
C ARG D 422 -20.43 31.28 -0.72
N ILE D 423 -19.28 31.55 -1.34
CA ILE D 423 -18.40 30.51 -1.85
C ILE D 423 -17.12 30.52 -1.02
N MET D 424 -16.79 29.40 -0.39
CA MET D 424 -15.55 29.33 0.40
C MET D 424 -14.42 28.77 -0.45
N CYS D 425 -13.29 29.47 -0.47
CA CYS D 425 -12.13 29.04 -1.25
C CYS D 425 -11.02 28.52 -0.35
N ARG D 426 -11.07 27.23 -0.02
CA ARG D 426 -10.09 26.63 0.86
C ARG D 426 -8.93 25.98 0.12
N ARG D 427 -7.94 25.52 0.87
CA ARG D 427 -6.82 24.85 0.25
C ARG D 427 -7.40 23.63 -0.45
N GLY D 428 -6.93 23.36 -1.65
CA GLY D 428 -7.44 22.20 -2.37
C GLY D 428 -8.55 22.58 -3.33
N PHE D 429 -8.83 23.88 -3.43
CA PHE D 429 -9.84 24.37 -4.36
C PHE D 429 -9.04 25.20 -5.34
N GLU D 430 -8.19 24.51 -6.09
CA GLU D 430 -7.31 25.13 -7.05
C GLU D 430 -8.01 25.81 -8.22
N MET D 431 -7.30 26.75 -8.85
CA MET D 431 -7.83 27.52 -9.97
C MET D 431 -8.55 26.68 -11.02
N ASP D 432 -7.95 25.56 -11.43
CA ASP D 432 -8.58 24.73 -12.44
C ASP D 432 -9.90 24.14 -11.97
N PHE D 433 -9.95 23.75 -10.70
CA PHE D 433 -11.16 23.18 -10.14
C PHE D 433 -12.25 24.26 -10.03
N ALA D 434 -11.84 25.48 -9.70
CA ALA D 434 -12.76 26.61 -9.59
C ALA D 434 -13.32 27.00 -10.96
N GLU D 435 -12.51 26.82 -12.01
CA GLU D 435 -12.94 27.14 -13.37
C GLU D 435 -14.10 26.22 -13.75
N LEU D 436 -14.05 25.00 -13.24
CA LEU D 436 -15.12 24.05 -13.50
C LEU D 436 -16.40 24.55 -12.86
N LEU D 437 -16.29 25.15 -11.68
CA LEU D 437 -17.46 25.68 -10.99
C LEU D 437 -18.05 26.84 -11.78
N LEU D 438 -17.17 27.68 -12.29
CA LEU D 438 -17.58 28.84 -13.08
C LEU D 438 -18.38 28.36 -14.29
N GLU D 439 -17.89 27.31 -14.94
CA GLU D 439 -18.57 26.75 -16.09
C GLU D 439 -19.97 26.31 -15.69
N ASP D 440 -20.08 25.70 -14.51
CA ASP D 440 -21.37 25.23 -14.02
C ASP D 440 -22.30 26.41 -13.68
N TYR D 441 -21.72 27.52 -13.27
CA TYR D 441 -22.49 28.73 -12.95
C TYR D 441 -23.07 29.27 -14.26
N LYS D 442 -22.25 29.30 -15.30
CA LYS D 442 -22.71 29.79 -16.59
C LYS D 442 -23.81 28.90 -17.15
N ALA D 443 -23.67 27.60 -16.98
CA ALA D 443 -24.68 26.65 -17.47
C ALA D 443 -25.97 26.75 -16.66
N SER D 444 -25.87 27.02 -15.36
CA SER D 444 -27.05 27.14 -14.52
C SER D 444 -27.85 28.39 -14.91
N LEU D 445 -27.15 29.48 -15.14
CA LEU D 445 -27.80 30.73 -15.53
C LEU D 445 -28.53 30.57 -16.87
N LYS D 446 -27.90 29.90 -17.83
CA LYS D 446 -28.55 29.72 -19.11
C LYS D 446 -29.81 28.86 -18.94
N TYR D 447 -29.73 27.85 -18.09
CA TYR D 447 -30.88 26.99 -17.86
C TYR D 447 -32.00 27.80 -17.21
N LEU D 448 -31.65 28.59 -16.20
CA LEU D 448 -32.64 29.40 -15.51
C LEU D 448 -33.28 30.42 -16.43
N SER D 449 -32.56 30.86 -17.46
CA SER D 449 -33.12 31.83 -18.40
C SER D 449 -34.05 31.12 -19.37
N ASP D 450 -33.77 29.84 -19.61
CA ASP D 450 -34.60 29.04 -20.51
C ASP D 450 -35.79 28.44 -19.78
N HIS D 451 -35.82 28.59 -18.46
CA HIS D 451 -36.92 28.06 -17.66
C HIS D 451 -37.35 29.04 -16.57
N PRO D 452 -38.08 30.09 -16.96
CA PRO D 452 -38.59 31.15 -16.08
C PRO D 452 -39.40 30.64 -14.88
N LYS D 453 -40.19 29.59 -15.09
CA LYS D 453 -41.01 29.03 -14.03
C LYS D 453 -40.23 28.68 -12.76
N LEU D 454 -38.95 28.38 -12.94
CA LEU D 454 -38.09 28.02 -11.80
C LEU D 454 -37.94 29.17 -10.82
N GLN D 455 -38.29 30.37 -11.26
CA GLN D 455 -38.19 31.57 -10.42
C GLN D 455 -39.02 31.45 -9.14
N GLY D 456 -38.37 31.62 -8.00
CA GLY D 456 -39.07 31.53 -6.73
C GLY D 456 -39.20 30.11 -6.23
N LYS E 3 19.38 36.12 -10.95
CA LYS E 3 19.10 35.23 -9.79
C LYS E 3 17.60 34.98 -9.62
N LYS E 4 16.83 35.26 -10.67
CA LYS E 4 15.39 35.06 -10.66
C LYS E 4 15.09 33.58 -10.93
N GLN E 5 15.84 33.00 -11.87
CA GLN E 5 15.68 31.60 -12.21
C GLN E 5 15.82 30.75 -10.97
N VAL E 6 16.95 30.91 -10.29
CA VAL E 6 17.24 30.17 -9.07
C VAL E 6 16.14 30.34 -8.02
N THR E 7 15.60 31.56 -7.91
CA THR E 7 14.55 31.86 -6.95
C THR E 7 13.30 31.02 -7.21
N ASP E 8 12.85 31.01 -8.47
CA ASP E 8 11.67 30.24 -8.82
C ASP E 8 11.89 28.75 -8.75
N LEU E 9 13.10 28.31 -9.05
CA LEU E 9 13.42 26.88 -9.00
C LEU E 9 13.32 26.39 -7.56
N ARG E 10 13.81 27.21 -6.64
CA ARG E 10 13.77 26.85 -5.22
C ARG E 10 12.32 26.59 -4.81
N SER E 11 11.42 27.48 -5.22
CA SER E 11 10.01 27.30 -4.87
C SER E 11 9.44 26.07 -5.56
N GLU E 12 9.88 25.84 -6.79
CA GLU E 12 9.40 24.69 -7.54
C GLU E 12 9.80 23.40 -6.83
N LEU E 13 10.90 23.45 -6.07
CA LEU E 13 11.34 22.27 -5.35
C LEU E 13 10.69 22.10 -3.99
N LEU E 14 10.57 23.20 -3.25
CA LEU E 14 10.04 23.15 -1.89
C LEU E 14 8.56 23.46 -1.70
N ASP E 15 7.95 24.15 -2.65
CA ASP E 15 6.53 24.50 -2.55
C ASP E 15 5.61 23.30 -2.39
N SER E 16 4.55 23.48 -1.61
CA SER E 16 3.59 22.43 -1.40
C SER E 16 2.71 22.28 -2.65
N ARG E 17 1.93 21.21 -2.68
CA ARG E 17 1.05 20.91 -3.79
C ARG E 17 0.16 22.06 -4.24
N PHE E 18 -0.55 22.67 -3.31
CA PHE E 18 -1.46 23.75 -3.65
C PHE E 18 -0.88 25.15 -3.58
N GLY E 19 0.33 25.27 -3.06
CA GLY E 19 0.96 26.58 -2.99
C GLY E 19 1.90 26.78 -4.17
N ALA E 20 2.10 25.72 -4.95
CA ALA E 20 2.99 25.76 -6.11
C ALA E 20 2.48 26.62 -7.27
N LYS E 21 3.40 27.26 -7.96
CA LYS E 21 3.08 28.13 -9.08
C LYS E 21 2.41 27.37 -10.23
N SER E 22 2.86 26.14 -10.46
CA SER E 22 2.31 25.35 -11.56
C SER E 22 0.82 25.01 -11.42
N ILE E 23 0.28 25.16 -10.21
CA ILE E 23 -1.14 24.84 -10.01
C ILE E 23 -1.95 26.14 -9.88
N SER E 24 -1.32 27.26 -10.17
CA SER E 24 -1.98 28.56 -10.08
C SER E 24 -2.79 28.90 -11.33
N THR E 25 -2.66 28.11 -12.39
CA THR E 25 -3.39 28.37 -13.63
C THR E 25 -4.39 27.29 -14.04
N ILE E 26 -5.21 27.62 -15.02
CA ILE E 26 -6.22 26.69 -15.54
C ILE E 26 -5.52 25.74 -16.51
N ALA E 27 -5.87 24.46 -16.44
CA ALA E 27 -5.24 23.46 -17.30
C ALA E 27 -5.43 23.73 -18.78
N GLU E 28 -4.42 23.37 -19.58
CA GLU E 28 -4.45 23.57 -21.02
C GLU E 28 -5.55 22.75 -21.67
N SER E 29 -6.26 23.35 -22.63
CA SER E 29 -7.35 22.67 -23.32
C SER E 29 -7.36 23.00 -24.82
N LYS E 30 -6.42 23.81 -25.26
CA LYS E 30 -6.37 24.21 -26.66
C LYS E 30 -5.16 23.76 -27.47
N ARG E 31 -3.96 23.92 -26.92
CA ARG E 31 -2.76 23.53 -27.63
C ARG E 31 -1.94 22.54 -26.84
N PHE E 32 -1.02 21.87 -27.52
CA PHE E 32 -0.16 20.91 -26.84
C PHE E 32 0.72 21.71 -25.87
N PRO E 33 0.77 21.30 -24.59
CA PRO E 33 1.57 21.98 -23.57
C PRO E 33 3.04 22.13 -24.00
N LEU E 34 3.67 23.23 -23.61
CA LEU E 34 5.07 23.46 -23.99
C LEU E 34 6.08 22.84 -23.02
N HIS E 35 5.95 23.18 -21.75
CA HIS E 35 6.87 22.72 -20.72
C HIS E 35 6.42 21.52 -19.91
N GLU E 36 7.39 20.85 -19.30
CA GLU E 36 7.06 19.72 -18.46
C GLU E 36 6.71 20.36 -17.11
N MET E 37 5.97 19.67 -16.26
CA MET E 37 5.60 20.23 -14.97
C MET E 37 5.65 19.20 -13.86
N ARG E 38 5.61 19.66 -12.61
CA ARG E 38 5.64 18.74 -11.48
C ARG E 38 4.58 17.67 -11.66
N ASP E 39 4.99 16.42 -11.53
CA ASP E 39 4.09 15.29 -11.69
C ASP E 39 2.98 15.27 -10.66
N ASP E 40 3.27 15.69 -9.44
CA ASP E 40 2.24 15.67 -8.42
C ASP E 40 1.12 16.65 -8.71
N VAL E 41 1.48 17.83 -9.22
CA VAL E 41 0.48 18.84 -9.55
C VAL E 41 -0.36 18.35 -10.72
N ALA E 42 0.29 17.78 -11.74
CA ALA E 42 -0.45 17.28 -12.90
C ALA E 42 -1.47 16.22 -12.45
N PHE E 43 -1.05 15.31 -11.58
CA PHE E 43 -1.95 14.28 -11.10
C PHE E 43 -3.11 14.84 -10.29
N GLN E 44 -2.82 15.75 -9.37
CA GLN E 44 -3.82 16.38 -8.51
C GLN E 44 -4.89 17.11 -9.33
N ILE E 45 -4.45 17.85 -10.33
CA ILE E 45 -5.36 18.59 -11.19
C ILE E 45 -6.37 17.66 -11.86
N ILE E 46 -5.88 16.60 -12.49
CA ILE E 46 -6.76 15.68 -13.18
C ILE E 46 -7.63 14.89 -12.22
N ASN E 47 -7.05 14.49 -11.08
CA ASN E 47 -7.79 13.74 -10.08
C ASN E 47 -9.00 14.56 -9.62
N ASP E 48 -8.77 15.84 -9.37
CA ASP E 48 -9.83 16.71 -8.89
C ASP E 48 -10.90 16.98 -9.95
N GLU E 49 -10.48 17.15 -11.20
CA GLU E 49 -11.43 17.39 -12.29
C GLU E 49 -12.42 16.22 -12.41
N LEU E 50 -11.91 15.01 -12.18
CA LEU E 50 -12.73 13.81 -12.29
C LEU E 50 -13.85 13.71 -11.26
N TYR E 51 -13.82 14.57 -10.25
CA TYR E 51 -14.88 14.55 -9.24
C TYR E 51 -16.18 15.02 -9.88
N LEU E 52 -16.07 15.75 -10.98
CA LEU E 52 -17.25 16.24 -11.68
C LEU E 52 -17.99 15.15 -12.45
N ASP E 53 -17.42 13.95 -12.49
CA ASP E 53 -18.09 12.85 -13.17
C ASP E 53 -19.20 12.33 -12.26
N GLY E 54 -19.09 12.59 -10.97
CA GLY E 54 -20.10 12.12 -10.05
C GLY E 54 -19.73 10.74 -9.52
N ASN E 55 -20.68 10.04 -8.91
CA ASN E 55 -20.40 8.72 -8.34
C ASN E 55 -20.98 7.59 -9.19
N ALA E 56 -20.09 6.71 -9.66
CA ALA E 56 -20.47 5.58 -10.49
C ALA E 56 -21.41 4.61 -9.77
N ARG E 57 -21.18 4.42 -8.48
CA ARG E 57 -21.99 3.51 -7.69
C ARG E 57 -23.44 4.02 -7.61
N GLN E 58 -23.61 5.32 -7.82
CA GLN E 58 -24.93 5.94 -7.76
C GLN E 58 -25.52 6.12 -9.16
N ASN E 59 -24.75 5.77 -10.18
CA ASN E 59 -25.20 5.86 -11.57
C ASN E 59 -26.11 4.64 -11.77
N LEU E 60 -27.41 4.85 -11.80
CA LEU E 60 -28.33 3.74 -11.96
C LEU E 60 -28.84 3.64 -13.39
N ALA E 61 -28.21 4.40 -14.28
CA ALA E 61 -28.61 4.39 -15.69
C ALA E 61 -27.77 3.42 -16.51
N THR E 62 -26.57 3.12 -16.03
CA THR E 62 -25.66 2.22 -16.76
C THR E 62 -25.86 0.72 -16.53
N PHE E 63 -25.49 -0.06 -17.54
CA PHE E 63 -25.58 -1.53 -17.51
C PHE E 63 -24.21 -2.12 -17.21
N CYS E 64 -23.17 -1.30 -17.28
CA CYS E 64 -21.80 -1.76 -17.08
C CYS E 64 -21.34 -1.80 -15.61
N GLN E 65 -20.39 -2.68 -15.33
CA GLN E 65 -19.88 -2.82 -13.98
C GLN E 65 -19.34 -1.53 -13.36
N THR E 66 -19.80 -1.21 -12.16
CA THR E 66 -19.30 -0.01 -11.49
C THR E 66 -18.55 -0.40 -10.21
N TRP E 67 -18.23 -1.68 -10.10
CA TRP E 67 -17.49 -2.21 -8.96
C TRP E 67 -16.78 -3.50 -9.37
N ASP E 68 -15.59 -3.72 -8.81
CA ASP E 68 -14.80 -4.91 -9.08
C ASP E 68 -14.14 -5.29 -7.76
N ASP E 69 -13.95 -6.58 -7.49
CA ASP E 69 -13.31 -6.94 -6.22
C ASP E 69 -11.79 -6.73 -6.27
N GLU E 70 -11.17 -6.80 -5.11
CA GLU E 70 -9.73 -6.58 -4.97
C GLU E 70 -8.84 -7.39 -5.90
N ASN E 71 -9.18 -8.66 -6.12
CA ASN E 71 -8.36 -9.48 -6.99
C ASN E 71 -8.41 -9.03 -8.46
N VAL E 72 -9.54 -8.48 -8.88
CA VAL E 72 -9.66 -7.99 -10.24
C VAL E 72 -8.86 -6.70 -10.38
N HIS E 73 -8.83 -5.91 -9.32
CA HIS E 73 -8.07 -4.67 -9.34
C HIS E 73 -6.60 -5.04 -9.52
N LYS E 74 -6.15 -6.05 -8.78
CA LYS E 74 -4.78 -6.50 -8.87
C LYS E 74 -4.47 -7.10 -10.24
N LEU E 75 -5.35 -7.97 -10.74
CA LEU E 75 -5.13 -8.59 -12.06
C LEU E 75 -5.07 -7.55 -13.17
N MET E 76 -5.92 -6.53 -13.07
CA MET E 76 -5.94 -5.47 -14.06
C MET E 76 -4.65 -4.64 -14.00
N ASP E 77 -4.16 -4.37 -12.80
CA ASP E 77 -2.93 -3.61 -12.64
C ASP E 77 -1.74 -4.44 -13.15
N LEU E 78 -1.76 -5.75 -12.90
CA LEU E 78 -0.69 -6.65 -13.34
C LEU E 78 -0.64 -6.84 -14.85
N SER E 79 -1.79 -6.68 -15.50
CA SER E 79 -1.90 -6.86 -16.94
C SER E 79 -1.96 -5.55 -17.74
N ILE E 80 -1.86 -4.42 -17.05
CA ILE E 80 -1.93 -3.12 -17.70
C ILE E 80 -1.15 -3.03 -19.02
N ASN E 81 -0.05 -3.78 -19.13
CA ASN E 81 0.76 -3.77 -20.34
C ASN E 81 0.74 -5.06 -21.16
N LYS E 82 -0.17 -5.97 -20.87
CA LYS E 82 -0.25 -7.22 -21.64
C LYS E 82 -1.14 -7.00 -22.86
N ASN E 83 -0.56 -7.18 -24.05
CA ASN E 83 -1.31 -6.96 -25.29
C ASN E 83 -2.14 -8.18 -25.75
N TRP E 84 -3.45 -8.05 -25.71
CA TRP E 84 -4.37 -9.12 -26.12
C TRP E 84 -4.11 -9.67 -27.52
N ILE E 85 -3.70 -8.80 -28.44
CA ILE E 85 -3.49 -9.19 -29.83
C ILE E 85 -2.22 -10.00 -30.13
N ASP E 86 -1.18 -9.79 -29.32
CA ASP E 86 0.09 -10.49 -29.53
C ASP E 86 0.08 -11.89 -28.96
N LYS E 87 -0.64 -12.79 -29.63
CA LYS E 87 -0.79 -14.16 -29.19
C LYS E 87 0.55 -14.88 -28.99
N GLU E 88 1.56 -14.56 -29.78
CA GLU E 88 2.85 -15.22 -29.66
C GLU E 88 3.73 -14.60 -28.57
N GLU E 89 3.53 -13.31 -28.32
CA GLU E 89 4.32 -12.61 -27.31
C GLU E 89 3.73 -12.76 -25.88
N TYR E 90 2.42 -12.95 -25.81
CA TYR E 90 1.72 -13.13 -24.53
C TYR E 90 0.88 -14.40 -24.68
N PRO E 91 1.56 -15.55 -24.89
CA PRO E 91 0.95 -16.87 -25.07
C PRO E 91 0.01 -17.44 -23.99
N GLN E 92 0.30 -17.22 -22.72
CA GLN E 92 -0.56 -17.75 -21.67
C GLN E 92 -1.82 -16.90 -21.56
N SER E 93 -1.69 -15.61 -21.81
CA SER E 93 -2.85 -14.72 -21.79
C SER E 93 -3.78 -15.20 -22.91
N ALA E 94 -3.19 -15.55 -24.05
CA ALA E 94 -3.98 -16.03 -25.18
C ALA E 94 -4.68 -17.35 -24.83
N ALA E 95 -3.97 -18.25 -24.16
CA ALA E 95 -4.54 -19.55 -23.76
C ALA E 95 -5.73 -19.35 -22.82
N ILE E 96 -5.61 -18.40 -21.90
CA ILE E 96 -6.68 -18.10 -20.96
C ILE E 96 -7.90 -17.62 -21.72
N ASP E 97 -7.66 -16.75 -22.69
CA ASP E 97 -8.70 -16.21 -23.54
C ASP E 97 -9.51 -17.36 -24.17
N LEU E 98 -8.79 -18.34 -24.72
CA LEU E 98 -9.43 -19.49 -25.36
C LEU E 98 -10.28 -20.35 -24.40
N ARG E 99 -9.87 -20.44 -23.14
CA ARG E 99 -10.64 -21.21 -22.17
C ARG E 99 -11.98 -20.51 -21.94
N CYS E 100 -11.94 -19.17 -21.90
CA CYS E 100 -13.15 -18.38 -21.72
C CYS E 100 -14.09 -18.61 -22.89
N VAL E 101 -13.54 -18.63 -24.11
CA VAL E 101 -14.37 -18.87 -25.28
C VAL E 101 -15.10 -20.20 -25.11
N ASN E 102 -14.36 -21.24 -24.71
CA ASN E 102 -14.97 -22.55 -24.50
C ASN E 102 -16.07 -22.49 -23.44
N MET E 103 -15.76 -21.86 -22.31
CA MET E 103 -16.72 -21.77 -21.21
C MET E 103 -18.01 -21.03 -21.56
N VAL E 104 -17.88 -19.92 -22.27
CA VAL E 104 -19.05 -19.14 -22.69
C VAL E 104 -19.85 -19.96 -23.71
N ALA E 105 -19.15 -20.60 -24.64
CA ALA E 105 -19.83 -21.42 -25.62
C ALA E 105 -20.62 -22.53 -24.92
N ASP E 106 -20.01 -23.10 -23.88
CA ASP E 106 -20.66 -24.17 -23.12
C ASP E 106 -21.90 -23.62 -22.40
N LEU E 107 -21.75 -22.42 -21.84
CA LEU E 107 -22.85 -21.76 -21.12
C LEU E 107 -24.06 -21.55 -22.02
N TRP E 108 -23.81 -21.29 -23.31
CA TRP E 108 -24.88 -21.03 -24.28
C TRP E 108 -25.29 -22.25 -25.10
N HIS E 109 -24.91 -23.43 -24.64
CA HIS E 109 -25.23 -24.70 -25.28
C HIS E 109 -24.73 -24.88 -26.72
N ALA E 110 -23.59 -24.31 -27.03
CA ALA E 110 -23.05 -24.46 -28.38
C ALA E 110 -22.69 -25.93 -28.56
N PRO E 111 -22.83 -26.45 -29.79
CA PRO E 111 -22.47 -27.86 -30.02
C PRO E 111 -21.06 -28.09 -29.50
N ALA E 112 -20.83 -29.22 -28.83
CA ALA E 112 -19.51 -29.52 -28.29
C ALA E 112 -18.45 -29.52 -29.39
N PRO E 113 -17.36 -28.77 -29.21
CA PRO E 113 -16.32 -28.73 -30.24
C PRO E 113 -15.54 -30.03 -30.33
N LYS E 114 -15.56 -30.65 -31.50
CA LYS E 114 -14.87 -31.91 -31.73
C LYS E 114 -13.36 -31.78 -31.51
N ASN E 115 -12.80 -30.63 -31.90
CA ASN E 115 -11.37 -30.40 -31.76
C ASN E 115 -10.99 -29.76 -30.42
N GLY E 116 -11.96 -29.65 -29.52
CA GLY E 116 -11.71 -29.08 -28.21
C GLY E 116 -11.67 -27.55 -28.11
N GLN E 117 -11.98 -26.86 -29.19
CA GLN E 117 -11.97 -25.41 -29.16
C GLN E 117 -13.21 -24.81 -29.82
N ALA E 118 -14.05 -24.16 -29.03
CA ALA E 118 -15.25 -23.53 -29.57
C ALA E 118 -14.86 -22.40 -30.52
N VAL E 119 -15.77 -22.05 -31.41
CA VAL E 119 -15.54 -20.98 -32.39
C VAL E 119 -16.10 -19.69 -31.82
N GLY E 120 -15.23 -18.72 -31.58
CA GLY E 120 -15.66 -17.46 -31.02
C GLY E 120 -14.49 -16.60 -30.60
N THR E 121 -14.78 -15.40 -30.11
CA THR E 121 -13.70 -14.51 -29.71
C THR E 121 -14.10 -13.46 -28.69
N ASN E 122 -13.09 -12.96 -27.98
CA ASN E 122 -13.31 -11.90 -27.01
C ASN E 122 -13.26 -10.62 -27.83
N THR E 123 -13.93 -9.58 -27.35
CA THR E 123 -13.98 -8.28 -28.00
C THR E 123 -13.94 -7.22 -26.91
N ILE E 124 -13.83 -5.96 -27.32
CA ILE E 124 -13.83 -4.84 -26.37
C ILE E 124 -15.21 -4.71 -25.74
N GLY E 125 -16.24 -5.10 -26.48
CA GLY E 125 -17.59 -5.02 -25.99
C GLY E 125 -18.60 -5.63 -26.94
N SER E 126 -19.89 -5.51 -26.63
CA SER E 126 -20.91 -6.07 -27.49
C SER E 126 -20.99 -5.41 -28.84
N SER E 127 -20.61 -4.13 -28.92
CA SER E 127 -20.66 -3.42 -30.19
C SER E 127 -19.81 -4.14 -31.23
N GLU E 128 -18.53 -4.31 -30.93
CA GLU E 128 -17.63 -5.01 -31.86
C GLU E 128 -18.13 -6.44 -32.09
N ALA E 129 -18.61 -7.07 -31.02
CA ALA E 129 -19.11 -8.44 -31.09
C ALA E 129 -20.29 -8.54 -32.05
N CYS E 130 -21.17 -7.54 -31.99
CA CYS E 130 -22.34 -7.50 -32.88
C CYS E 130 -21.91 -7.18 -34.30
N MET E 131 -20.88 -6.36 -34.46
CA MET E 131 -20.41 -6.03 -35.80
C MET E 131 -19.79 -7.24 -36.47
N LEU E 132 -19.06 -8.03 -35.69
CA LEU E 132 -18.45 -9.25 -36.20
C LEU E 132 -19.59 -10.21 -36.53
N GLY E 133 -20.59 -10.24 -35.66
CA GLY E 133 -21.73 -11.10 -35.90
C GLY E 133 -22.49 -10.66 -37.14
N GLY E 134 -22.61 -9.36 -37.34
CA GLY E 134 -23.31 -8.84 -38.50
C GLY E 134 -22.57 -9.09 -39.80
N MET E 135 -21.24 -8.97 -39.78
CA MET E 135 -20.46 -9.21 -40.99
C MET E 135 -20.58 -10.66 -41.42
N ALA E 136 -20.42 -11.58 -40.48
CA ALA E 136 -20.53 -13.00 -40.78
C ALA E 136 -21.93 -13.27 -41.34
N MET E 137 -22.94 -12.65 -40.73
CA MET E 137 -24.32 -12.79 -41.16
C MET E 137 -24.45 -12.29 -42.60
N LYS E 138 -23.82 -11.16 -42.90
CA LYS E 138 -23.88 -10.59 -44.25
C LYS E 138 -23.19 -11.49 -45.27
N TRP E 139 -22.02 -12.01 -44.92
CA TRP E 139 -21.25 -12.88 -45.80
C TRP E 139 -21.96 -14.22 -46.06
N ARG E 140 -22.57 -14.79 -45.04
CA ARG E 140 -23.28 -16.06 -45.25
C ARG E 140 -24.44 -15.80 -46.22
N TRP E 141 -25.13 -14.67 -46.06
CA TRP E 141 -26.25 -14.31 -46.94
C TRP E 141 -25.77 -14.15 -48.38
N ARG E 142 -24.67 -13.43 -48.56
CA ARG E 142 -24.11 -13.21 -49.90
C ARG E 142 -23.85 -14.54 -50.61
N LYS E 143 -23.23 -15.48 -49.90
CA LYS E 143 -22.94 -16.80 -50.45
C LYS E 143 -24.22 -17.56 -50.79
N ARG E 144 -25.25 -17.38 -49.96
CA ARG E 144 -26.52 -18.06 -50.20
C ARG E 144 -27.13 -17.51 -51.50
N MET E 145 -27.14 -16.19 -51.64
CA MET E 145 -27.70 -15.55 -52.81
C MET E 145 -26.88 -15.85 -54.05
N GLU E 146 -25.56 -15.98 -53.89
CA GLU E 146 -24.68 -16.27 -55.00
C GLU E 146 -24.98 -17.69 -55.48
N ALA E 147 -25.25 -18.58 -54.54
CA ALA E 147 -25.57 -19.97 -54.88
C ALA E 147 -26.89 -19.98 -55.66
N ALA E 148 -27.79 -19.08 -55.28
CA ALA E 148 -29.11 -18.97 -55.92
C ALA E 148 -29.08 -18.16 -57.21
N GLY E 149 -27.95 -17.51 -57.48
CA GLY E 149 -27.82 -16.70 -58.68
C GLY E 149 -28.58 -15.38 -58.63
N LYS E 150 -28.80 -14.88 -57.42
CA LYS E 150 -29.52 -13.62 -57.23
C LYS E 150 -28.59 -12.48 -56.80
N PRO E 151 -29.00 -11.23 -57.06
CA PRO E 151 -28.24 -10.03 -56.72
C PRO E 151 -28.00 -9.92 -55.21
N THR E 152 -26.87 -9.31 -54.84
CA THR E 152 -26.52 -9.17 -53.42
C THR E 152 -26.29 -7.71 -53.04
N ASP E 153 -26.84 -6.79 -53.83
CA ASP E 153 -26.65 -5.36 -53.59
C ASP E 153 -27.70 -4.64 -52.75
N LYS E 154 -28.72 -5.37 -52.27
CA LYS E 154 -29.77 -4.74 -51.48
C LYS E 154 -30.07 -5.49 -50.18
N PRO E 155 -29.05 -5.71 -49.35
CA PRO E 155 -29.27 -6.43 -48.09
C PRO E 155 -30.00 -5.63 -47.01
N ASN E 156 -30.82 -6.33 -46.23
CA ASN E 156 -31.52 -5.69 -45.12
C ASN E 156 -31.40 -6.57 -43.89
N LEU E 157 -31.64 -5.99 -42.71
CA LEU E 157 -31.57 -6.69 -41.45
C LEU E 157 -32.84 -6.38 -40.68
N VAL E 158 -33.52 -7.41 -40.18
CA VAL E 158 -34.76 -7.25 -39.43
C VAL E 158 -34.51 -7.34 -37.94
N CYS E 159 -35.05 -6.40 -37.18
CA CYS E 159 -34.84 -6.38 -35.73
C CYS E 159 -35.93 -5.61 -34.99
N GLY E 160 -35.83 -5.63 -33.66
CA GLY E 160 -36.78 -4.93 -32.81
C GLY E 160 -36.12 -3.67 -32.27
N PRO E 161 -36.40 -3.28 -31.02
CA PRO E 161 -35.82 -2.08 -30.41
C PRO E 161 -34.34 -2.29 -30.05
N VAL E 162 -33.48 -2.33 -31.07
CA VAL E 162 -32.06 -2.57 -30.87
C VAL E 162 -31.28 -1.40 -30.28
N GLN E 163 -30.12 -1.73 -29.70
CA GLN E 163 -29.25 -0.72 -29.14
C GLN E 163 -28.64 -0.03 -30.35
N ILE E 164 -28.06 1.15 -30.14
CA ILE E 164 -27.50 1.93 -31.22
C ILE E 164 -26.40 1.29 -32.08
N CYS E 165 -25.67 0.31 -31.53
CA CYS E 165 -24.61 -0.35 -32.30
C CYS E 165 -25.11 -0.97 -33.61
N TRP E 166 -26.35 -1.46 -33.62
CA TRP E 166 -26.89 -2.05 -34.84
C TRP E 166 -27.21 -0.99 -35.89
N HIS E 167 -27.55 0.21 -35.46
CA HIS E 167 -27.81 1.30 -36.41
C HIS E 167 -26.48 1.68 -37.04
N LYS E 168 -25.41 1.64 -36.23
CA LYS E 168 -24.08 1.98 -36.75
C LYS E 168 -23.65 0.90 -37.72
N PHE E 169 -23.92 -0.36 -37.38
CA PHE E 169 -23.58 -1.46 -38.28
C PHE E 169 -24.26 -1.20 -39.63
N ALA E 170 -25.56 -0.93 -39.58
CA ALA E 170 -26.35 -0.68 -40.79
C ALA E 170 -25.73 0.40 -41.67
N ARG E 171 -25.36 1.52 -41.05
CA ARG E 171 -24.77 2.64 -41.77
C ARG E 171 -23.36 2.34 -42.29
N TYR E 172 -22.50 1.75 -41.45
CA TYR E 172 -21.13 1.47 -41.87
C TYR E 172 -20.99 0.33 -42.87
N TRP E 173 -21.91 -0.62 -42.86
CA TRP E 173 -21.83 -1.73 -43.81
C TRP E 173 -22.91 -1.71 -44.88
N ASP E 174 -23.48 -0.53 -45.11
CA ASP E 174 -24.52 -0.34 -46.11
C ASP E 174 -25.60 -1.42 -46.15
N VAL E 175 -26.21 -1.67 -45.00
CA VAL E 175 -27.28 -2.65 -44.88
C VAL E 175 -28.53 -1.90 -44.46
N GLU E 176 -29.65 -2.19 -45.13
CA GLU E 176 -30.91 -1.53 -44.81
C GLU E 176 -31.45 -2.09 -43.49
N LEU E 177 -31.65 -1.22 -42.50
CA LEU E 177 -32.16 -1.67 -41.22
C LEU E 177 -33.68 -1.61 -41.19
N ARG E 178 -34.31 -2.75 -40.96
CA ARG E 178 -35.76 -2.80 -40.87
C ARG E 178 -36.16 -3.06 -39.42
N GLU E 179 -36.26 -1.98 -38.66
CA GLU E 179 -36.61 -2.07 -37.24
C GLU E 179 -38.12 -2.05 -37.03
N ILE E 180 -38.62 -3.04 -36.32
CA ILE E 180 -40.03 -3.10 -36.00
C ILE E 180 -40.18 -2.17 -34.81
N PRO E 181 -40.92 -1.06 -34.98
CA PRO E 181 -41.14 -0.06 -33.93
C PRO E 181 -41.96 -0.49 -32.74
N MET E 182 -41.66 0.08 -31.57
CA MET E 182 -42.41 -0.23 -30.36
C MET E 182 -43.77 0.45 -30.50
N ARG E 183 -44.76 -0.09 -29.81
CA ARG E 183 -46.09 0.50 -29.79
C ARG E 183 -46.76 0.12 -28.46
N PRO E 184 -47.58 1.02 -27.91
CA PRO E 184 -48.27 0.76 -26.64
C PRO E 184 -48.72 -0.68 -26.47
N GLY E 185 -48.29 -1.30 -25.37
CA GLY E 185 -48.66 -2.69 -25.10
C GLY E 185 -47.84 -3.73 -25.83
N GLN E 186 -46.95 -3.29 -26.72
CA GLN E 186 -46.12 -4.20 -27.48
C GLN E 186 -44.79 -3.50 -27.79
N LEU E 187 -43.94 -3.39 -26.76
CA LEU E 187 -42.66 -2.70 -26.89
C LEU E 187 -41.54 -3.61 -27.38
N PHE E 188 -41.81 -4.38 -28.43
CA PHE E 188 -40.82 -5.29 -28.97
C PHE E 188 -41.22 -5.80 -30.35
N MET E 189 -40.38 -6.67 -30.90
CA MET E 189 -40.64 -7.26 -32.19
C MET E 189 -41.40 -8.57 -32.01
N ASP E 190 -42.64 -8.59 -32.48
CA ASP E 190 -43.49 -9.78 -32.41
C ASP E 190 -43.31 -10.56 -33.71
N PRO E 191 -43.65 -11.85 -33.71
CA PRO E 191 -43.52 -12.68 -34.91
C PRO E 191 -44.15 -12.10 -36.17
N LYS E 192 -45.43 -11.73 -36.07
CA LYS E 192 -46.19 -11.20 -37.20
C LYS E 192 -45.52 -10.03 -37.93
N ARG E 193 -45.16 -8.99 -37.19
CA ARG E 193 -44.52 -7.86 -37.82
C ARG E 193 -43.10 -8.18 -38.28
N MET E 194 -42.45 -9.13 -37.61
CA MET E 194 -41.10 -9.52 -38.00
C MET E 194 -41.20 -10.11 -39.41
N ILE E 195 -42.03 -11.15 -39.54
CA ILE E 195 -42.23 -11.83 -40.82
C ILE E 195 -42.63 -10.86 -41.92
N GLU E 196 -43.47 -9.89 -41.59
CA GLU E 196 -43.92 -8.90 -42.57
C GLU E 196 -42.76 -8.09 -43.17
N ALA E 197 -41.66 -8.01 -42.44
CA ALA E 197 -40.48 -7.27 -42.88
C ALA E 197 -39.43 -8.13 -43.59
N CYS E 198 -39.53 -9.45 -43.43
CA CYS E 198 -38.58 -10.38 -44.04
C CYS E 198 -38.79 -10.65 -45.52
N ASP E 199 -37.69 -10.85 -46.24
CA ASP E 199 -37.74 -11.20 -47.65
C ASP E 199 -36.41 -11.87 -48.05
N GLU E 200 -36.19 -12.10 -49.34
CA GLU E 200 -34.97 -12.78 -49.75
C GLU E 200 -33.71 -11.94 -49.57
N ASN E 201 -33.88 -10.64 -49.35
CA ASN E 201 -32.71 -9.78 -49.15
C ASN E 201 -32.32 -9.63 -47.69
N THR E 202 -33.10 -10.27 -46.82
CA THR E 202 -32.84 -10.23 -45.37
C THR E 202 -31.65 -11.11 -45.00
N ILE E 203 -30.60 -10.50 -44.47
CA ILE E 203 -29.41 -11.25 -44.10
C ILE E 203 -29.60 -12.03 -42.81
N GLY E 204 -30.59 -11.61 -42.01
CA GLY E 204 -30.85 -12.29 -40.77
C GLY E 204 -31.77 -11.47 -39.88
N VAL E 205 -32.13 -12.04 -38.74
CA VAL E 205 -32.99 -11.39 -37.75
C VAL E 205 -32.19 -11.29 -36.46
N VAL E 206 -32.31 -10.16 -35.77
CA VAL E 206 -31.59 -9.97 -34.52
C VAL E 206 -32.50 -9.72 -33.32
N PRO E 207 -32.78 -10.76 -32.53
CA PRO E 207 -33.63 -10.64 -31.35
C PRO E 207 -32.75 -10.05 -30.24
N THR E 208 -33.27 -9.12 -29.47
CA THR E 208 -32.48 -8.52 -28.40
C THR E 208 -32.89 -9.18 -27.09
N PHE E 209 -32.03 -10.07 -26.60
CA PHE E 209 -32.30 -10.79 -25.37
C PHE E 209 -31.96 -9.91 -24.19
N GLY E 210 -32.80 -8.91 -23.96
CA GLY E 210 -32.59 -7.96 -22.89
C GLY E 210 -32.60 -6.57 -23.49
N VAL E 211 -33.80 -6.08 -23.80
CA VAL E 211 -33.99 -4.76 -24.38
C VAL E 211 -33.52 -3.67 -23.42
N THR E 212 -32.66 -2.78 -23.90
CA THR E 212 -32.10 -1.70 -23.08
C THR E 212 -33.13 -0.72 -22.52
N TYR E 213 -34.04 -0.28 -23.38
CA TYR E 213 -35.05 0.70 -23.00
C TYR E 213 -36.07 0.23 -21.96
N THR E 214 -36.39 -1.05 -21.98
CA THR E 214 -37.38 -1.61 -21.07
C THR E 214 -36.88 -2.61 -20.04
N GLY E 215 -35.80 -3.30 -20.35
CA GLY E 215 -35.27 -4.30 -19.44
C GLY E 215 -35.85 -5.68 -19.69
N ASN E 216 -36.79 -5.80 -20.63
CA ASN E 216 -37.41 -7.08 -20.92
C ASN E 216 -36.77 -7.84 -22.07
N TYR E 217 -36.87 -9.17 -21.99
CA TYR E 217 -36.32 -10.03 -23.03
C TYR E 217 -37.24 -10.10 -24.24
N GLU E 218 -36.65 -10.28 -25.42
CA GLU E 218 -37.42 -10.53 -26.62
C GLU E 218 -37.16 -12.02 -26.67
N PHE E 219 -38.20 -12.83 -26.63
CA PHE E 219 -38.02 -14.27 -26.66
C PHE E 219 -37.77 -14.80 -28.07
N PRO E 220 -36.59 -15.40 -28.32
CA PRO E 220 -36.25 -15.93 -29.65
C PRO E 220 -37.11 -17.10 -30.14
N GLN E 221 -37.53 -18.00 -29.25
CA GLN E 221 -38.31 -19.14 -29.69
C GLN E 221 -39.54 -18.82 -30.55
N PRO E 222 -40.45 -17.96 -30.08
CA PRO E 222 -41.63 -17.65 -30.91
C PRO E 222 -41.23 -17.09 -32.27
N LEU E 223 -40.14 -16.34 -32.30
CA LEU E 223 -39.66 -15.77 -33.55
C LEU E 223 -39.07 -16.90 -34.39
N HIS E 224 -38.38 -17.81 -33.72
CA HIS E 224 -37.79 -18.96 -34.39
C HIS E 224 -38.88 -19.79 -35.05
N ASP E 225 -40.00 -19.98 -34.35
CA ASP E 225 -41.11 -20.75 -34.90
C ASP E 225 -41.61 -20.07 -36.18
N ALA E 226 -41.65 -18.74 -36.18
CA ALA E 226 -42.11 -17.98 -37.33
C ALA E 226 -41.18 -18.06 -38.52
N LEU E 227 -39.87 -18.19 -38.28
CA LEU E 227 -38.91 -18.29 -39.38
C LEU E 227 -39.01 -19.69 -39.99
N ASP E 228 -39.32 -20.69 -39.18
CA ASP E 228 -39.47 -22.05 -39.68
C ASP E 228 -40.67 -22.06 -40.63
N LYS E 229 -41.77 -21.47 -40.19
CA LYS E 229 -42.99 -21.40 -40.99
C LYS E 229 -42.72 -20.65 -42.29
N PHE E 230 -42.01 -19.53 -42.17
CA PHE E 230 -41.66 -18.70 -43.31
C PHE E 230 -40.89 -19.48 -44.36
N GLN E 231 -39.93 -20.30 -43.94
CA GLN E 231 -39.18 -21.07 -44.91
C GLN E 231 -40.05 -22.16 -45.54
N ALA E 232 -40.93 -22.74 -44.74
CA ALA E 232 -41.82 -23.80 -45.24
C ALA E 232 -42.82 -23.22 -46.23
N ASP E 233 -43.08 -21.92 -46.14
CA ASP E 233 -44.03 -21.25 -47.01
C ASP E 233 -43.42 -20.56 -48.23
N THR E 234 -42.21 -20.02 -48.07
CA THR E 234 -41.55 -19.28 -49.13
C THR E 234 -40.26 -19.89 -49.66
N GLY E 235 -39.64 -20.75 -48.87
CA GLY E 235 -38.38 -21.34 -49.28
C GLY E 235 -37.21 -20.50 -48.80
N ILE E 236 -37.50 -19.31 -48.28
CA ILE E 236 -36.46 -18.41 -47.77
C ILE E 236 -35.98 -18.87 -46.39
N ASP E 237 -34.69 -19.13 -46.28
CA ASP E 237 -34.06 -19.62 -45.06
C ASP E 237 -33.26 -18.52 -44.35
N ILE E 238 -33.84 -17.96 -43.28
CA ILE E 238 -33.22 -16.89 -42.53
C ILE E 238 -32.68 -17.31 -41.15
N ASP E 239 -31.47 -16.89 -40.84
CA ASP E 239 -30.86 -17.23 -39.57
C ASP E 239 -30.97 -16.11 -38.55
N MET E 240 -30.57 -16.40 -37.32
CA MET E 240 -30.64 -15.40 -36.27
C MET E 240 -29.30 -15.18 -35.58
N HIS E 241 -29.13 -13.98 -35.06
CA HIS E 241 -27.96 -13.62 -34.24
C HIS E 241 -28.65 -13.08 -33.00
N ILE E 242 -28.32 -13.62 -31.82
CA ILE E 242 -28.95 -13.11 -30.62
C ILE E 242 -28.09 -12.03 -29.97
N ASP E 243 -28.64 -10.83 -29.79
CA ASP E 243 -27.89 -9.77 -29.11
C ASP E 243 -28.25 -9.95 -27.64
N ALA E 244 -27.45 -10.73 -26.93
CA ALA E 244 -27.70 -10.99 -25.52
C ALA E 244 -26.72 -10.22 -24.65
N ALA E 245 -26.47 -8.96 -25.02
CA ALA E 245 -25.54 -8.12 -24.28
C ALA E 245 -25.69 -8.29 -22.78
N SER E 246 -26.94 -8.23 -22.31
CA SER E 246 -27.25 -8.39 -20.89
C SER E 246 -27.69 -9.82 -20.56
N GLY E 247 -28.73 -10.29 -21.22
CA GLY E 247 -29.27 -11.62 -20.96
C GLY E 247 -28.34 -12.81 -21.03
N GLY E 248 -27.29 -12.72 -21.85
CA GLY E 248 -26.37 -13.83 -21.99
C GLY E 248 -25.70 -14.29 -20.69
N PHE E 249 -25.61 -13.41 -19.71
CA PHE E 249 -24.98 -13.76 -18.45
C PHE E 249 -25.95 -13.75 -17.29
N LEU E 250 -27.24 -13.80 -17.62
CA LEU E 250 -28.29 -13.81 -16.62
C LEU E 250 -29.14 -15.09 -16.69
N ALA E 251 -29.87 -15.26 -17.80
CA ALA E 251 -30.76 -16.41 -17.99
C ALA E 251 -30.16 -17.79 -17.72
N PRO E 252 -28.90 -18.02 -18.12
CA PRO E 252 -28.29 -19.33 -17.86
C PRO E 252 -28.22 -19.67 -16.38
N PHE E 253 -28.12 -18.63 -15.55
CA PHE E 253 -28.01 -18.85 -14.11
C PHE E 253 -29.34 -18.80 -13.35
N VAL E 254 -30.25 -17.92 -13.76
CA VAL E 254 -31.52 -17.79 -13.03
C VAL E 254 -32.79 -18.24 -13.75
N ALA E 255 -32.71 -18.50 -15.04
CA ALA E 255 -33.88 -18.94 -15.81
C ALA E 255 -33.38 -19.86 -16.93
N PRO E 256 -32.75 -20.98 -16.55
CA PRO E 256 -32.18 -21.97 -17.47
C PRO E 256 -33.15 -22.62 -18.46
N ASP E 257 -34.44 -22.61 -18.15
CA ASP E 257 -35.41 -23.23 -19.05
C ASP E 257 -35.79 -22.36 -20.24
N ILE E 258 -35.44 -21.07 -20.20
CA ILE E 258 -35.75 -20.22 -21.34
C ILE E 258 -34.90 -20.73 -22.50
N VAL E 259 -35.56 -21.08 -23.60
CA VAL E 259 -34.88 -21.56 -24.80
C VAL E 259 -34.58 -20.34 -25.68
N TRP E 260 -33.36 -19.83 -25.60
CA TRP E 260 -32.99 -18.65 -26.38
C TRP E 260 -31.65 -18.75 -27.10
N ASP E 261 -30.83 -19.72 -26.71
CA ASP E 261 -29.49 -19.87 -27.26
C ASP E 261 -29.31 -20.84 -28.43
N PHE E 262 -28.14 -21.48 -28.49
CA PHE E 262 -27.84 -22.41 -29.57
C PHE E 262 -28.75 -23.64 -29.55
N ARG E 263 -29.61 -23.73 -28.55
CA ARG E 263 -30.57 -24.83 -28.47
C ARG E 263 -31.51 -24.63 -29.65
N LEU E 264 -31.55 -23.40 -30.17
CA LEU E 264 -32.39 -23.09 -31.32
C LEU E 264 -31.52 -23.19 -32.58
N PRO E 265 -31.89 -24.07 -33.52
CA PRO E 265 -31.20 -24.33 -34.79
C PRO E 265 -30.76 -23.12 -35.62
N ARG E 266 -31.64 -22.13 -35.76
CA ARG E 266 -31.34 -20.93 -36.55
C ARG E 266 -30.37 -19.94 -35.92
N VAL E 267 -30.05 -20.10 -34.64
CA VAL E 267 -29.12 -19.20 -34.00
C VAL E 267 -27.71 -19.63 -34.42
N LYS E 268 -27.07 -18.83 -35.26
CA LYS E 268 -25.74 -19.14 -35.75
C LYS E 268 -24.65 -18.43 -34.96
N SER E 269 -25.03 -17.40 -34.23
CA SER E 269 -24.08 -16.66 -33.39
C SER E 269 -24.80 -15.89 -32.31
N ILE E 270 -24.11 -15.67 -31.20
CA ILE E 270 -24.64 -14.95 -30.05
C ILE E 270 -23.55 -14.06 -29.51
N SER E 271 -23.92 -12.89 -29.01
CA SER E 271 -22.95 -11.97 -28.45
C SER E 271 -23.46 -11.45 -27.11
N ALA E 272 -22.53 -11.05 -26.24
CA ALA E 272 -22.89 -10.53 -24.93
C ALA E 272 -21.75 -9.68 -24.39
N SER E 273 -22.05 -8.84 -23.40
CA SER E 273 -21.03 -7.98 -22.81
C SER E 273 -20.55 -8.56 -21.50
N GLY E 274 -19.27 -8.92 -21.43
CA GLY E 274 -18.73 -9.44 -20.21
C GLY E 274 -18.78 -8.36 -19.14
N HIS E 275 -18.52 -7.12 -19.55
CA HIS E 275 -18.53 -5.99 -18.62
C HIS E 275 -19.92 -5.50 -18.21
N LYS E 276 -20.97 -6.23 -18.61
CA LYS E 276 -22.30 -5.87 -18.16
C LYS E 276 -22.55 -6.92 -17.08
N PHE E 277 -23.54 -7.79 -17.24
CA PHE E 277 -23.79 -8.80 -16.21
C PHE E 277 -22.78 -9.96 -16.18
N GLY E 278 -21.79 -9.90 -17.06
CA GLY E 278 -20.75 -10.93 -17.05
C GLY E 278 -19.77 -10.68 -15.91
N LEU E 279 -19.96 -9.55 -15.23
CA LEU E 279 -19.14 -9.16 -14.08
C LEU E 279 -17.69 -8.78 -14.35
N ALA E 280 -17.31 -8.61 -15.60
CA ALA E 280 -15.96 -8.20 -15.92
C ALA E 280 -15.86 -6.67 -15.95
N PRO E 281 -14.64 -6.13 -15.81
CA PRO E 281 -14.48 -4.67 -15.84
C PRO E 281 -14.63 -4.17 -17.28
N LEU E 282 -15.01 -2.90 -17.43
CA LEU E 282 -15.21 -2.29 -18.75
C LEU E 282 -14.14 -2.70 -19.74
N GLY E 283 -14.55 -3.17 -20.90
CA GLY E 283 -13.61 -3.57 -21.93
C GLY E 283 -13.56 -5.08 -22.22
N CYS E 284 -14.70 -5.75 -22.05
CA CYS E 284 -14.78 -7.17 -22.32
C CYS E 284 -16.12 -7.52 -22.95
N GLY E 285 -16.07 -8.10 -24.14
CA GLY E 285 -17.28 -8.50 -24.85
C GLY E 285 -17.06 -9.90 -25.43
N TRP E 286 -18.14 -10.57 -25.81
CA TRP E 286 -18.03 -11.92 -26.37
C TRP E 286 -18.95 -12.23 -27.53
N VAL E 287 -18.43 -12.98 -28.50
CA VAL E 287 -19.26 -13.43 -29.63
C VAL E 287 -18.87 -14.88 -29.91
N ILE E 288 -19.87 -15.76 -29.98
CA ILE E 288 -19.69 -17.17 -30.21
C ILE E 288 -20.50 -17.61 -31.43
N TRP E 289 -19.93 -18.51 -32.24
CA TRP E 289 -20.61 -19.04 -33.41
C TRP E 289 -20.95 -20.50 -33.11
N ARG E 290 -22.07 -21.01 -33.62
CA ARG E 290 -22.43 -22.38 -33.30
C ARG E 290 -21.44 -23.42 -33.79
N ASP E 291 -20.73 -23.13 -34.87
CA ASP E 291 -19.71 -24.03 -35.42
C ASP E 291 -18.89 -23.31 -36.49
N GLU E 292 -17.86 -23.99 -36.99
CA GLU E 292 -16.99 -23.40 -38.00
C GLU E 292 -17.71 -22.95 -39.28
N GLU E 293 -18.77 -23.63 -39.65
CA GLU E 293 -19.51 -23.28 -40.87
C GLU E 293 -20.28 -21.97 -40.76
N ALA E 294 -20.57 -21.55 -39.53
CA ALA E 294 -21.30 -20.31 -39.30
C ALA E 294 -20.40 -19.09 -39.46
N LEU E 295 -19.09 -19.30 -39.43
CA LEU E 295 -18.14 -18.20 -39.57
C LEU E 295 -17.34 -18.29 -40.87
N PRO E 296 -17.66 -17.43 -41.86
CA PRO E 296 -16.95 -17.44 -43.15
C PRO E 296 -15.45 -17.21 -42.99
N GLN E 297 -14.65 -18.16 -43.47
CA GLN E 297 -13.20 -18.05 -43.36
C GLN E 297 -12.59 -16.81 -44.01
N GLU E 298 -13.24 -16.27 -45.04
CA GLU E 298 -12.75 -15.07 -45.71
C GLU E 298 -12.60 -13.91 -44.72
N LEU E 299 -13.30 -14.00 -43.59
CA LEU E 299 -13.27 -12.94 -42.58
C LEU E 299 -12.25 -13.17 -41.47
N VAL E 300 -11.65 -14.36 -41.44
CA VAL E 300 -10.69 -14.68 -40.40
C VAL E 300 -9.25 -14.55 -40.88
N PHE E 301 -8.42 -13.89 -40.07
CA PHE E 301 -7.01 -13.71 -40.37
C PHE E 301 -6.21 -14.56 -39.40
N ASN E 302 -5.56 -15.60 -39.90
CA ASN E 302 -4.78 -16.50 -39.07
C ASN E 302 -3.40 -15.97 -38.69
N VAL E 303 -3.01 -16.21 -37.44
CA VAL E 303 -1.72 -15.77 -36.93
C VAL E 303 -0.99 -16.97 -36.31
N ASP E 304 0.33 -16.93 -36.31
CA ASP E 304 1.10 -18.02 -35.73
C ASP E 304 0.89 -18.11 -34.22
N TYR E 305 0.83 -19.34 -33.71
CA TYR E 305 0.63 -19.55 -32.29
C TYR E 305 1.13 -20.92 -31.85
N LEU E 306 2.24 -20.92 -31.11
CA LEU E 306 2.83 -22.14 -30.60
C LEU E 306 2.96 -23.25 -31.65
N GLY E 307 3.82 -23.03 -32.64
CA GLY E 307 4.02 -24.03 -33.68
C GLY E 307 2.86 -24.20 -34.64
N GLY E 308 1.82 -23.40 -34.46
CA GLY E 308 0.67 -23.50 -35.34
C GLY E 308 0.09 -22.13 -35.66
N GLN E 309 -1.18 -22.10 -36.03
CA GLN E 309 -1.84 -20.85 -36.36
C GLN E 309 -3.26 -20.81 -35.81
N ILE E 310 -3.61 -19.70 -35.18
CA ILE E 310 -4.93 -19.50 -34.62
C ILE E 310 -5.69 -18.48 -35.46
N GLY E 311 -6.99 -18.69 -35.61
CA GLY E 311 -7.79 -17.77 -36.38
C GLY E 311 -8.21 -16.57 -35.54
N THR E 312 -8.09 -15.37 -36.11
CA THR E 312 -8.47 -14.16 -35.42
C THR E 312 -9.50 -13.42 -36.27
N PHE E 313 -10.49 -12.84 -35.62
CA PHE E 313 -11.53 -12.07 -36.30
C PHE E 313 -11.80 -10.93 -35.35
N ALA E 314 -11.22 -9.76 -35.65
CA ALA E 314 -11.40 -8.60 -34.81
C ALA E 314 -11.29 -7.30 -35.58
N ILE E 315 -11.91 -6.27 -35.03
CA ILE E 315 -11.88 -4.94 -35.63
C ILE E 315 -10.71 -4.19 -35.00
N ASN E 316 -10.55 -4.33 -33.68
CA ASN E 316 -9.45 -3.69 -32.99
C ASN E 316 -8.23 -4.58 -33.09
N PHE E 317 -7.06 -4.02 -32.82
CA PHE E 317 -5.83 -4.79 -32.85
C PHE E 317 -5.27 -4.79 -31.42
N SER E 318 -4.24 -4.00 -31.16
CA SER E 318 -3.67 -3.95 -29.81
C SER E 318 -4.66 -3.43 -28.79
N ARG E 319 -4.68 -4.06 -27.62
CA ARG E 319 -5.54 -3.68 -26.51
C ARG E 319 -5.16 -4.50 -25.28
N PRO E 320 -5.58 -4.06 -24.08
CA PRO E 320 -5.25 -4.77 -22.83
C PRO E 320 -5.90 -6.13 -22.70
N ALA E 321 -5.17 -7.08 -22.11
CA ALA E 321 -5.66 -8.43 -21.90
C ALA E 321 -6.16 -8.60 -20.47
N GLY E 322 -6.08 -7.54 -19.67
CA GLY E 322 -6.52 -7.62 -18.28
C GLY E 322 -7.99 -7.98 -18.09
N GLN E 323 -8.88 -7.47 -18.93
CA GLN E 323 -10.29 -7.77 -18.79
C GLN E 323 -10.62 -9.24 -18.99
N VAL E 324 -10.02 -9.90 -19.97
CA VAL E 324 -10.29 -11.32 -20.19
C VAL E 324 -9.73 -12.12 -19.02
N ILE E 325 -8.57 -11.69 -18.53
CA ILE E 325 -7.95 -12.38 -17.41
C ILE E 325 -8.89 -12.23 -16.21
N ALA E 326 -9.43 -11.03 -16.03
CA ALA E 326 -10.37 -10.76 -14.96
C ALA E 326 -11.62 -11.62 -15.16
N GLN E 327 -12.07 -11.74 -16.41
CA GLN E 327 -13.25 -12.55 -16.71
C GLN E 327 -13.03 -14.01 -16.31
N TYR E 328 -11.87 -14.55 -16.66
CA TYR E 328 -11.55 -15.93 -16.33
C TYR E 328 -11.55 -16.09 -14.81
N TYR E 329 -11.01 -15.11 -14.11
CA TYR E 329 -10.96 -15.14 -12.65
C TYR E 329 -12.38 -15.29 -12.08
N GLU E 330 -13.31 -14.48 -12.57
CA GLU E 330 -14.69 -14.55 -12.08
C GLU E 330 -15.27 -15.93 -12.38
N PHE E 331 -15.07 -16.43 -13.60
CA PHE E 331 -15.56 -17.75 -13.98
C PHE E 331 -15.08 -18.82 -12.99
N LEU E 332 -13.79 -18.81 -12.68
CA LEU E 332 -13.23 -19.79 -11.76
C LEU E 332 -13.62 -19.54 -10.30
N ARG E 333 -13.59 -18.29 -9.88
CA ARG E 333 -13.91 -17.97 -8.50
C ARG E 333 -15.39 -18.10 -8.14
N LEU E 334 -16.27 -17.78 -9.08
CA LEU E 334 -17.71 -17.88 -8.79
C LEU E 334 -18.39 -19.13 -9.34
N GLY E 335 -18.06 -19.49 -10.57
CA GLY E 335 -18.69 -20.65 -11.20
C GLY E 335 -20.18 -20.41 -11.29
N ARG E 336 -20.95 -21.43 -11.70
CA ARG E 336 -22.39 -21.27 -11.82
C ARG E 336 -23.01 -20.88 -10.49
N GLU E 337 -22.54 -21.53 -9.42
CA GLU E 337 -23.03 -21.27 -8.07
C GLU E 337 -22.89 -19.79 -7.71
N GLY E 338 -21.68 -19.26 -7.86
CA GLY E 338 -21.43 -17.86 -7.54
C GLY E 338 -22.22 -16.88 -8.39
N TYR E 339 -22.25 -17.10 -9.70
CA TYR E 339 -23.00 -16.21 -10.58
C TYR E 339 -24.49 -16.17 -10.22
N THR E 340 -25.03 -17.32 -9.87
CA THR E 340 -26.44 -17.41 -9.51
C THR E 340 -26.71 -16.58 -8.25
N LYS E 341 -25.83 -16.69 -7.26
CA LYS E 341 -25.99 -15.94 -6.03
C LYS E 341 -25.89 -14.43 -6.30
N VAL E 342 -24.91 -14.03 -7.09
CA VAL E 342 -24.76 -12.61 -7.39
C VAL E 342 -25.94 -12.06 -8.23
N GLN E 343 -26.37 -12.79 -9.25
CA GLN E 343 -27.49 -12.31 -10.06
C GLN E 343 -28.77 -12.33 -9.24
N ASN E 344 -28.94 -13.34 -8.39
CA ASN E 344 -30.14 -13.41 -7.55
C ASN E 344 -30.20 -12.21 -6.62
N ALA E 345 -29.05 -11.75 -6.15
CA ALA E 345 -29.00 -10.58 -5.27
C ALA E 345 -29.54 -9.38 -6.03
N SER E 346 -29.17 -9.24 -7.31
CA SER E 346 -29.64 -8.12 -8.12
C SER E 346 -31.16 -8.21 -8.33
N TYR E 347 -31.67 -9.38 -8.66
CA TYR E 347 -33.09 -9.57 -8.87
C TYR E 347 -33.89 -9.29 -7.60
N GLN E 348 -33.32 -9.63 -6.44
CA GLN E 348 -34.00 -9.37 -5.18
C GLN E 348 -34.16 -7.87 -4.97
N VAL E 349 -33.10 -7.13 -5.26
CA VAL E 349 -33.14 -5.67 -5.11
C VAL E 349 -34.14 -5.04 -6.08
N ALA E 350 -34.15 -5.49 -7.33
CA ALA E 350 -35.06 -4.95 -8.33
C ALA E 350 -36.51 -5.22 -7.94
N ALA E 351 -36.76 -6.43 -7.47
CA ALA E 351 -38.09 -6.83 -7.03
C ALA E 351 -38.53 -5.99 -5.83
N TYR E 352 -37.60 -5.71 -4.91
CA TYR E 352 -37.89 -4.91 -3.73
C TYR E 352 -38.34 -3.50 -4.13
N LEU E 353 -37.49 -2.82 -4.90
CA LEU E 353 -37.79 -1.48 -5.36
C LEU E 353 -39.09 -1.45 -6.17
N ALA E 354 -39.32 -2.48 -6.97
CA ALA E 354 -40.53 -2.56 -7.77
C ALA E 354 -41.76 -2.55 -6.86
N ASP E 355 -41.69 -3.37 -5.82
CA ASP E 355 -42.78 -3.48 -4.86
C ASP E 355 -42.99 -2.19 -4.05
N GLU E 356 -41.91 -1.63 -3.53
CA GLU E 356 -41.99 -0.41 -2.73
C GLU E 356 -42.41 0.81 -3.55
N ILE E 357 -41.79 1.02 -4.69
CA ILE E 357 -42.13 2.18 -5.52
C ILE E 357 -43.59 2.14 -5.98
N ALA E 358 -44.10 0.94 -6.20
CA ALA E 358 -45.50 0.80 -6.64
C ALA E 358 -46.46 1.38 -5.61
N LYS E 359 -46.04 1.40 -4.35
CA LYS E 359 -46.88 1.92 -3.26
C LYS E 359 -46.90 3.44 -3.17
N LEU E 360 -45.98 4.10 -3.87
CA LEU E 360 -45.84 5.55 -3.81
C LEU E 360 -46.50 6.42 -4.88
N GLY E 361 -46.92 5.82 -5.99
CA GLY E 361 -47.55 6.62 -7.03
C GLY E 361 -48.37 5.82 -8.01
N PRO E 362 -49.15 6.48 -8.88
CA PRO E 362 -50.01 5.84 -9.88
C PRO E 362 -49.15 5.36 -11.05
N TYR E 363 -48.35 4.34 -10.82
CA TYR E 363 -47.45 3.83 -11.85
C TYR E 363 -47.88 2.51 -12.48
N GLU E 364 -47.45 2.31 -13.72
CA GLU E 364 -47.71 1.08 -14.45
C GLU E 364 -46.33 0.58 -14.86
N PHE E 365 -45.96 -0.59 -14.37
CA PHE E 365 -44.63 -1.12 -14.67
C PHE E 365 -44.50 -1.90 -15.96
N ILE E 366 -43.35 -1.73 -16.59
CA ILE E 366 -42.99 -2.39 -17.83
C ILE E 366 -42.05 -3.55 -17.50
N CYS E 367 -41.27 -3.39 -16.43
CA CYS E 367 -40.33 -4.41 -15.96
C CYS E 367 -40.29 -4.36 -14.43
N THR E 368 -40.36 -5.52 -13.78
CA THR E 368 -40.35 -5.58 -12.31
C THR E 368 -39.29 -6.52 -11.73
N GLY E 369 -38.19 -6.71 -12.45
CA GLY E 369 -37.12 -7.56 -11.96
C GLY E 369 -37.43 -9.04 -11.86
N ARG E 370 -38.29 -9.55 -12.72
CA ARG E 370 -38.64 -10.97 -12.73
C ARG E 370 -37.64 -11.70 -13.64
N PRO E 371 -36.95 -12.72 -13.10
CA PRO E 371 -35.95 -13.50 -13.84
C PRO E 371 -36.47 -14.15 -15.12
N ASP E 372 -37.75 -14.53 -15.13
CA ASP E 372 -38.31 -15.17 -16.31
C ASP E 372 -38.78 -14.18 -17.38
N GLU E 373 -38.78 -12.89 -17.05
CA GLU E 373 -39.22 -11.86 -17.99
C GLU E 373 -38.13 -10.93 -18.53
N GLY E 374 -37.04 -10.79 -17.79
CA GLY E 374 -35.98 -9.91 -18.25
C GLY E 374 -34.81 -9.77 -17.30
N ILE E 375 -34.15 -8.61 -17.34
CA ILE E 375 -33.00 -8.34 -16.49
C ILE E 375 -33.38 -7.71 -15.14
N PRO E 376 -32.43 -7.63 -14.20
CA PRO E 376 -32.77 -7.04 -12.90
C PRO E 376 -32.90 -5.52 -13.01
N ALA E 377 -34.08 -5.07 -13.40
CA ALA E 377 -34.33 -3.64 -13.53
C ALA E 377 -35.78 -3.34 -13.21
N VAL E 378 -36.04 -2.08 -12.92
CA VAL E 378 -37.38 -1.59 -12.62
C VAL E 378 -37.66 -0.54 -13.67
N CYS E 379 -38.72 -0.72 -14.44
CA CYS E 379 -39.09 0.24 -15.48
C CYS E 379 -40.59 0.50 -15.37
N PHE E 380 -40.95 1.77 -15.30
CA PHE E 380 -42.35 2.14 -15.18
C PHE E 380 -42.66 3.50 -15.79
N LYS E 381 -43.97 3.77 -15.89
CA LYS E 381 -44.46 5.03 -16.42
C LYS E 381 -45.68 5.40 -15.57
N LEU E 382 -46.17 6.62 -15.73
CA LEU E 382 -47.37 7.04 -15.00
C LEU E 382 -48.54 6.41 -15.75
N LYS E 383 -49.52 5.90 -15.02
CA LYS E 383 -50.69 5.31 -15.67
C LYS E 383 -51.31 6.36 -16.58
N ASP E 384 -51.67 5.95 -17.79
CA ASP E 384 -52.26 6.87 -18.76
C ASP E 384 -53.35 7.75 -18.16
N GLY E 385 -53.27 9.05 -18.41
CA GLY E 385 -54.26 9.96 -17.89
C GLY E 385 -54.15 10.32 -16.41
N GLU E 386 -53.19 9.70 -15.72
CA GLU E 386 -53.01 9.99 -14.30
C GLU E 386 -52.01 11.12 -14.11
N ASP E 387 -52.40 12.14 -13.34
CA ASP E 387 -51.53 13.28 -13.08
C ASP E 387 -51.33 13.50 -11.58
N PRO E 388 -50.23 12.95 -11.03
CA PRO E 388 -49.88 13.06 -9.62
C PRO E 388 -49.28 14.41 -9.24
N GLY E 389 -49.14 15.30 -10.23
CA GLY E 389 -48.58 16.61 -9.98
C GLY E 389 -47.10 16.75 -10.27
N TYR E 390 -46.57 15.84 -11.08
CA TYR E 390 -45.17 15.85 -11.47
C TYR E 390 -44.96 14.85 -12.59
N THR E 391 -43.85 14.99 -13.31
CA THR E 391 -43.52 14.06 -14.37
C THR E 391 -42.33 13.26 -13.87
N LEU E 392 -41.94 12.22 -14.59
CA LEU E 392 -40.80 11.42 -14.17
C LEU E 392 -39.50 12.20 -14.39
N TYR E 393 -39.57 13.23 -15.23
CA TYR E 393 -38.40 14.08 -15.48
C TYR E 393 -38.08 14.89 -14.22
N ASP E 394 -39.11 15.44 -13.58
CA ASP E 394 -38.94 16.24 -12.37
C ASP E 394 -38.41 15.37 -11.23
N LEU E 395 -38.98 14.18 -11.11
CA LEU E 395 -38.59 13.23 -10.08
C LEU E 395 -37.13 12.83 -10.30
N SER E 396 -36.78 12.56 -11.55
CA SER E 396 -35.41 12.20 -11.89
C SER E 396 -34.48 13.32 -11.44
N GLU E 397 -34.88 14.56 -11.69
CA GLU E 397 -34.07 15.70 -11.30
C GLU E 397 -33.90 15.82 -9.78
N ARG E 398 -34.97 15.60 -9.02
CA ARG E 398 -34.87 15.70 -7.56
C ARG E 398 -33.90 14.65 -7.03
N LEU E 399 -33.91 13.47 -7.64
CA LEU E 399 -33.03 12.39 -7.19
C LEU E 399 -31.57 12.72 -7.47
N ARG E 400 -31.31 13.45 -8.54
CA ARG E 400 -29.93 13.81 -8.89
C ARG E 400 -29.34 14.78 -7.86
N LEU E 401 -30.19 15.41 -7.06
CA LEU E 401 -29.73 16.35 -6.04
C LEU E 401 -28.98 15.60 -4.94
N ARG E 402 -29.23 14.30 -4.86
CA ARG E 402 -28.58 13.47 -3.85
C ARG E 402 -27.48 12.59 -4.45
N GLY E 403 -27.18 12.83 -5.73
CA GLY E 403 -26.14 12.09 -6.41
C GLY E 403 -26.57 10.93 -7.31
N TRP E 404 -27.86 10.58 -7.30
CA TRP E 404 -28.34 9.48 -8.12
C TRP E 404 -28.60 9.87 -9.57
N GLN E 405 -28.28 8.95 -10.48
CA GLN E 405 -28.54 9.16 -11.89
C GLN E 405 -29.57 8.09 -12.23
N VAL E 406 -30.83 8.50 -12.26
CA VAL E 406 -31.95 7.61 -12.59
C VAL E 406 -32.63 8.27 -13.77
N PRO E 407 -32.36 7.76 -14.98
CA PRO E 407 -32.91 8.26 -16.24
C PRO E 407 -34.41 8.15 -16.44
N ALA E 408 -34.97 9.22 -17.01
CA ALA E 408 -36.38 9.28 -17.36
C ALA E 408 -36.30 9.60 -18.85
N PHE E 409 -37.06 8.88 -19.67
CA PHE E 409 -37.00 9.12 -21.11
C PHE E 409 -38.22 8.62 -21.86
N THR E 410 -38.35 9.07 -23.10
CA THR E 410 -39.45 8.68 -23.97
C THR E 410 -39.08 7.43 -24.76
N LEU E 411 -40.06 6.57 -25.01
CA LEU E 411 -39.82 5.37 -25.77
C LEU E 411 -39.83 5.75 -27.26
N GLY E 412 -39.51 4.81 -28.15
CA GLY E 412 -39.47 5.14 -29.55
C GLY E 412 -40.65 4.66 -30.38
N GLY E 413 -40.47 4.65 -31.70
CA GLY E 413 -41.51 4.20 -32.60
C GLY E 413 -42.89 4.79 -32.37
N GLU E 414 -43.87 3.91 -32.17
CA GLU E 414 -45.25 4.32 -31.96
C GLU E 414 -45.57 4.55 -30.47
N ALA E 415 -44.54 4.69 -29.65
CA ALA E 415 -44.73 4.91 -28.21
C ALA E 415 -43.99 6.16 -27.73
N THR E 416 -43.68 7.06 -28.65
CA THR E 416 -42.96 8.28 -28.32
C THR E 416 -43.65 9.18 -27.29
N ASP E 417 -44.95 9.00 -27.13
CA ASP E 417 -45.71 9.82 -26.18
C ASP E 417 -45.64 9.24 -24.77
N ILE E 418 -44.92 8.12 -24.62
CA ILE E 418 -44.79 7.47 -23.32
C ILE E 418 -43.45 7.81 -22.68
N VAL E 419 -43.50 8.20 -21.40
CA VAL E 419 -42.29 8.53 -20.63
C VAL E 419 -42.07 7.47 -19.57
N VAL E 420 -40.88 6.89 -19.55
CA VAL E 420 -40.57 5.86 -18.56
C VAL E 420 -39.33 6.20 -17.75
N MET E 421 -39.25 5.61 -16.56
CA MET E 421 -38.11 5.76 -15.65
C MET E 421 -37.55 4.35 -15.52
N ARG E 422 -36.23 4.21 -15.58
CA ARG E 422 -35.60 2.90 -15.48
C ARG E 422 -34.48 2.90 -14.44
N ILE E 423 -34.50 1.91 -13.55
CA ILE E 423 -33.47 1.77 -12.52
C ILE E 423 -32.75 0.45 -12.74
N MET E 424 -31.44 0.50 -12.92
CA MET E 424 -30.66 -0.72 -13.13
C MET E 424 -30.10 -1.19 -11.80
N CYS E 425 -30.23 -2.48 -11.52
CA CYS E 425 -29.72 -3.04 -10.28
C CYS E 425 -28.56 -4.00 -10.54
N ARG E 426 -27.36 -3.45 -10.56
CA ARG E 426 -26.15 -4.22 -10.83
C ARG E 426 -25.47 -4.70 -9.56
N ARG E 427 -24.42 -5.51 -9.75
CA ARG E 427 -23.65 -5.99 -8.63
C ARG E 427 -23.13 -4.75 -7.91
N GLY E 428 -23.21 -4.74 -6.59
CA GLY E 428 -22.71 -3.59 -5.86
C GLY E 428 -23.81 -2.61 -5.53
N PHE E 429 -25.06 -2.98 -5.81
CA PHE E 429 -26.19 -2.12 -5.46
C PHE E 429 -26.96 -2.96 -4.46
N GLU E 430 -26.35 -3.17 -3.30
CA GLU E 430 -26.92 -3.99 -2.26
C GLU E 430 -28.20 -3.46 -1.64
N MET E 431 -28.97 -4.36 -1.05
CA MET E 431 -30.25 -4.02 -0.43
C MET E 431 -30.19 -2.75 0.44
N ASP E 432 -29.20 -2.66 1.32
CA ASP E 432 -29.08 -1.49 2.18
C ASP E 432 -28.90 -0.19 1.39
N PHE E 433 -28.10 -0.25 0.33
CA PHE E 433 -27.83 0.90 -0.51
C PHE E 433 -29.08 1.31 -1.29
N ALA E 434 -29.80 0.32 -1.80
CA ALA E 434 -31.03 0.58 -2.54
C ALA E 434 -32.12 1.15 -1.63
N GLU E 435 -32.05 0.82 -0.34
CA GLU E 435 -33.02 1.30 0.64
C GLU E 435 -32.84 2.81 0.82
N LEU E 436 -31.61 3.28 0.63
CA LEU E 436 -31.31 4.69 0.74
C LEU E 436 -31.96 5.41 -0.44
N LEU E 437 -31.91 4.77 -1.62
CA LEU E 437 -32.51 5.34 -2.81
C LEU E 437 -34.02 5.49 -2.55
N LEU E 438 -34.61 4.44 -1.97
CA LEU E 438 -36.03 4.45 -1.68
C LEU E 438 -36.35 5.63 -0.75
N GLU E 439 -35.44 5.93 0.15
CA GLU E 439 -35.61 7.05 1.07
C GLU E 439 -35.65 8.38 0.33
N ASP E 440 -34.75 8.55 -0.62
CA ASP E 440 -34.69 9.80 -1.38
C ASP E 440 -35.87 9.93 -2.34
N TYR E 441 -36.41 8.79 -2.77
CA TYR E 441 -37.56 8.79 -3.67
C TYR E 441 -38.76 9.35 -2.89
N LYS E 442 -38.96 8.83 -1.69
CA LYS E 442 -40.06 9.29 -0.84
C LYS E 442 -39.90 10.77 -0.53
N ALA E 443 -38.67 11.19 -0.23
CA ALA E 443 -38.40 12.58 0.07
C ALA E 443 -38.65 13.48 -1.16
N SER E 444 -38.27 12.99 -2.34
CA SER E 444 -38.48 13.77 -3.56
C SER E 444 -39.98 13.94 -3.82
N LEU E 445 -40.74 12.87 -3.66
CA LEU E 445 -42.19 12.94 -3.86
C LEU E 445 -42.80 13.94 -2.88
N LYS E 446 -42.38 13.85 -1.63
CA LYS E 446 -42.88 14.76 -0.59
C LYS E 446 -42.57 16.21 -0.96
N TYR E 447 -41.40 16.44 -1.54
CA TYR E 447 -41.01 17.78 -1.93
C TYR E 447 -41.88 18.29 -3.09
N LEU E 448 -42.09 17.43 -4.08
CA LEU E 448 -42.88 17.80 -5.25
C LEU E 448 -44.33 18.07 -4.86
N SER E 449 -44.81 17.42 -3.81
CA SER E 449 -46.18 17.60 -3.36
C SER E 449 -46.35 18.94 -2.64
N ASP E 450 -45.28 19.43 -2.04
CA ASP E 450 -45.36 20.68 -1.31
C ASP E 450 -44.81 21.85 -2.12
N HIS E 451 -44.45 21.58 -3.37
CA HIS E 451 -43.92 22.61 -4.24
C HIS E 451 -44.44 22.45 -5.67
N PRO E 452 -45.76 22.58 -5.86
CA PRO E 452 -46.36 22.45 -7.19
C PRO E 452 -46.00 23.66 -8.05
N LYS F 3 -19.58 -35.86 9.85
CA LYS F 3 -18.30 -35.19 10.25
C LYS F 3 -17.45 -34.84 9.03
N LYS F 4 -17.43 -35.73 8.04
CA LYS F 4 -16.65 -35.52 6.82
C LYS F 4 -16.87 -34.13 6.25
N GLN F 5 -18.13 -33.73 6.14
CA GLN F 5 -18.47 -32.42 5.60
C GLN F 5 -17.82 -31.29 6.40
N VAL F 6 -18.04 -31.28 7.72
CA VAL F 6 -17.48 -30.24 8.57
C VAL F 6 -15.96 -30.27 8.58
N THR F 7 -15.40 -31.48 8.47
CA THR F 7 -13.95 -31.64 8.47
C THR F 7 -13.36 -30.99 7.21
N ASP F 8 -14.00 -31.20 6.07
CA ASP F 8 -13.52 -30.62 4.81
C ASP F 8 -13.64 -29.10 4.88
N LEU F 9 -14.73 -28.62 5.48
CA LEU F 9 -14.96 -27.19 5.60
C LEU F 9 -13.90 -26.55 6.49
N ARG F 10 -13.54 -27.24 7.58
CA ARG F 10 -12.54 -26.71 8.49
C ARG F 10 -11.23 -26.50 7.72
N SER F 11 -10.87 -27.46 6.89
CA SER F 11 -9.65 -27.37 6.08
C SER F 11 -9.76 -26.22 5.09
N GLU F 12 -10.93 -26.08 4.47
CA GLU F 12 -11.15 -25.01 3.50
C GLU F 12 -10.96 -23.64 4.15
N LEU F 13 -11.29 -23.55 5.44
CA LEU F 13 -11.14 -22.30 6.16
C LEU F 13 -9.71 -22.06 6.65
N LEU F 14 -9.08 -23.10 7.16
CA LEU F 14 -7.73 -22.98 7.74
C LEU F 14 -6.52 -23.33 6.87
N ASP F 15 -6.72 -24.10 5.81
CA ASP F 15 -5.61 -24.49 4.96
C ASP F 15 -4.87 -23.30 4.36
N SER F 16 -3.56 -23.43 4.24
CA SER F 16 -2.77 -22.36 3.65
C SER F 16 -3.02 -22.37 2.15
N ARG F 17 -2.49 -21.37 1.46
CA ARG F 17 -2.67 -21.25 0.02
C ARG F 17 -2.33 -22.48 -0.78
N PHE F 18 -1.15 -23.05 -0.56
CA PHE F 18 -0.75 -24.20 -1.33
C PHE F 18 -1.08 -25.58 -0.75
N GLY F 19 -1.56 -25.60 0.48
CA GLY F 19 -1.94 -26.87 1.10
C GLY F 19 -3.43 -27.13 0.97
N ALA F 20 -4.14 -26.19 0.37
CA ALA F 20 -5.59 -26.30 0.19
C ALA F 20 -6.00 -27.29 -0.89
N LYS F 21 -7.11 -27.98 -0.66
CA LYS F 21 -7.60 -28.96 -1.63
C LYS F 21 -7.96 -28.30 -2.95
N SER F 22 -8.52 -27.09 -2.89
CA SER F 22 -8.92 -26.40 -4.11
C SER F 22 -7.80 -26.07 -5.09
N ILE F 23 -6.55 -26.19 -4.64
CA ILE F 23 -5.43 -25.89 -5.53
C ILE F 23 -4.69 -27.16 -5.94
N SER F 24 -5.27 -28.31 -5.61
CA SER F 24 -4.66 -29.60 -5.95
C SER F 24 -5.01 -30.10 -7.35
N THR F 25 -5.75 -29.31 -8.13
CA THR F 25 -6.13 -29.73 -9.47
C THR F 25 -5.84 -28.72 -10.57
N ILE F 26 -5.95 -29.17 -11.82
CA ILE F 26 -5.72 -28.33 -12.99
C ILE F 26 -6.93 -27.43 -13.21
N ALA F 27 -6.68 -26.16 -13.54
CA ALA F 27 -7.76 -25.21 -13.75
C ALA F 27 -8.66 -25.62 -14.92
N GLU F 28 -9.94 -25.32 -14.80
CA GLU F 28 -10.91 -25.65 -15.84
C GLU F 28 -10.59 -24.91 -17.13
N SER F 29 -10.80 -25.58 -18.26
CA SER F 29 -10.53 -24.98 -19.57
C SER F 29 -11.58 -25.36 -20.62
N LYS F 30 -12.49 -26.26 -20.26
CA LYS F 30 -13.51 -26.70 -21.22
C LYS F 30 -14.95 -26.27 -20.96
N ARG F 31 -15.39 -26.31 -19.71
CA ARG F 31 -16.76 -25.94 -19.40
C ARG F 31 -16.86 -24.95 -18.27
N PHE F 32 -17.97 -24.23 -18.21
CA PHE F 32 -18.19 -23.26 -17.16
C PHE F 32 -18.14 -24.01 -15.82
N PRO F 33 -17.37 -23.50 -14.85
CA PRO F 33 -17.23 -24.10 -13.51
C PRO F 33 -18.57 -24.24 -12.80
N LEU F 34 -18.71 -25.31 -12.01
CA LEU F 34 -19.94 -25.59 -11.29
C LEU F 34 -20.11 -24.87 -9.95
N HIS F 35 -19.08 -24.89 -9.12
CA HIS F 35 -19.16 -24.28 -7.80
C HIS F 35 -18.19 -23.12 -7.61
N GLU F 36 -18.38 -22.39 -6.51
CA GLU F 36 -17.51 -21.28 -6.16
C GLU F 36 -16.29 -21.91 -5.49
N MET F 37 -15.23 -21.13 -5.34
CA MET F 37 -14.02 -21.61 -4.68
C MET F 37 -13.37 -20.44 -3.95
N ARG F 38 -12.37 -20.74 -3.13
CA ARG F 38 -11.67 -19.71 -2.38
C ARG F 38 -11.10 -18.69 -3.35
N ASP F 39 -11.37 -17.41 -3.10
CA ASP F 39 -10.86 -16.38 -4.00
C ASP F 39 -9.34 -16.27 -4.03
N ASP F 40 -8.67 -16.54 -2.91
CA ASP F 40 -7.22 -16.45 -2.90
C ASP F 40 -6.58 -17.52 -3.79
N VAL F 41 -7.19 -18.71 -3.84
CA VAL F 41 -6.66 -19.78 -4.67
C VAL F 41 -6.88 -19.44 -6.14
N ALA F 42 -8.06 -18.94 -6.49
CA ALA F 42 -8.37 -18.57 -7.87
C ALA F 42 -7.37 -17.53 -8.39
N PHE F 43 -7.09 -16.50 -7.57
CA PHE F 43 -6.16 -15.45 -7.95
C PHE F 43 -4.75 -16.01 -8.15
N GLN F 44 -4.31 -16.81 -7.17
CA GLN F 44 -2.98 -17.42 -7.21
C GLN F 44 -2.73 -18.23 -8.47
N ILE F 45 -3.67 -19.11 -8.78
CA ILE F 45 -3.58 -19.95 -9.98
C ILE F 45 -3.37 -19.13 -11.24
N ILE F 46 -4.20 -18.11 -11.42
CA ILE F 46 -4.09 -17.27 -12.62
C ILE F 46 -2.83 -16.43 -12.61
N ASN F 47 -2.52 -15.84 -11.46
CA ASN F 47 -1.32 -15.03 -11.31
C ASN F 47 -0.11 -15.84 -11.76
N ASP F 48 -0.02 -17.09 -11.28
CA ASP F 48 1.10 -17.95 -11.63
C ASP F 48 1.11 -18.35 -13.10
N GLU F 49 -0.06 -18.65 -13.67
CA GLU F 49 -0.11 -19.02 -15.09
C GLU F 49 0.51 -17.90 -15.95
N LEU F 50 0.22 -16.65 -15.58
CA LEU F 50 0.70 -15.49 -16.33
C LEU F 50 2.21 -15.30 -16.42
N TYR F 51 2.97 -16.04 -15.61
CA TYR F 51 4.42 -15.93 -15.69
C TYR F 51 4.89 -16.51 -17.02
N LEU F 52 4.08 -17.39 -17.61
CA LEU F 52 4.41 -18.00 -18.89
C LEU F 52 4.31 -17.05 -20.06
N ASP F 53 3.90 -15.81 -19.77
CA ASP F 53 3.82 -14.75 -20.77
C ASP F 53 5.21 -14.18 -20.97
N GLY F 54 6.06 -14.35 -19.96
CA GLY F 54 7.41 -13.84 -20.04
C GLY F 54 7.49 -12.41 -19.55
N ASN F 55 8.61 -11.74 -19.82
CA ASN F 55 8.78 -10.37 -19.38
C ASN F 55 8.58 -9.34 -20.49
N ALA F 56 7.55 -8.50 -20.33
CA ALA F 56 7.23 -7.48 -21.32
C ALA F 56 8.35 -6.45 -21.49
N ARG F 57 9.08 -6.16 -20.42
CA ARG F 57 10.16 -5.18 -20.52
C ARG F 57 11.26 -5.73 -21.41
N GLN F 58 11.31 -7.05 -21.56
CA GLN F 58 12.31 -7.70 -22.41
C GLN F 58 11.76 -8.00 -23.81
N ASN F 59 10.50 -7.62 -24.04
CA ASN F 59 9.85 -7.83 -25.33
C ASN F 59 10.28 -6.67 -26.21
N LEU F 60 11.21 -6.92 -27.11
CA LEU F 60 11.70 -5.87 -28.01
C LEU F 60 11.04 -5.97 -29.38
N ALA F 61 9.97 -6.75 -29.48
CA ALA F 61 9.24 -6.90 -30.73
C ALA F 61 8.08 -5.93 -30.82
N THR F 62 7.45 -5.62 -29.68
CA THR F 62 6.29 -4.73 -29.63
C THR F 62 6.58 -3.21 -29.71
N PHE F 63 5.59 -2.46 -30.20
CA PHE F 63 5.69 -0.99 -30.33
C PHE F 63 4.89 -0.36 -29.20
N CYS F 64 4.10 -1.18 -28.51
CA CYS F 64 3.23 -0.71 -27.43
C CYS F 64 3.91 -0.57 -26.08
N GLN F 65 3.44 0.40 -25.30
CA GLN F 65 3.99 0.68 -23.97
C GLN F 65 4.06 -0.55 -23.08
N THR F 66 5.23 -0.78 -22.48
CA THR F 66 5.41 -1.89 -21.56
C THR F 66 5.74 -1.41 -20.14
N TRP F 67 5.57 -0.10 -19.92
CA TRP F 67 5.81 0.51 -18.61
C TRP F 67 4.99 1.80 -18.52
N ASP F 68 4.53 2.13 -17.33
CA ASP F 68 3.74 3.35 -17.11
C ASP F 68 4.19 3.88 -15.75
N ASP F 69 4.16 5.19 -15.56
CA ASP F 69 4.59 5.71 -14.26
C ASP F 69 3.49 5.50 -13.22
N GLU F 70 3.86 5.63 -11.95
CA GLU F 70 2.93 5.42 -10.84
C GLU F 70 1.61 6.20 -10.92
N ASN F 71 1.67 7.45 -11.39
CA ASN F 71 0.45 8.25 -11.49
C ASN F 71 -0.52 7.67 -12.52
N VAL F 72 0.01 7.09 -13.59
CA VAL F 72 -0.87 6.51 -14.61
C VAL F 72 -1.51 5.26 -14.02
N HIS F 73 -0.74 4.51 -13.24
CA HIS F 73 -1.27 3.31 -12.60
C HIS F 73 -2.42 3.73 -11.69
N LYS F 74 -2.26 4.86 -10.99
CA LYS F 74 -3.30 5.35 -10.11
C LYS F 74 -4.54 5.84 -10.87
N LEU F 75 -4.31 6.57 -11.96
CA LEU F 75 -5.42 7.08 -12.77
C LEU F 75 -6.20 5.94 -13.40
N MET F 76 -5.47 4.90 -13.86
CA MET F 76 -6.12 3.76 -14.46
C MET F 76 -6.98 3.02 -13.43
N ASP F 77 -6.43 2.82 -12.23
CA ASP F 77 -7.18 2.14 -11.17
C ASP F 77 -8.42 2.96 -10.77
N LEU F 78 -8.29 4.28 -10.73
CA LEU F 78 -9.41 5.15 -10.37
C LEU F 78 -10.49 5.19 -11.45
N SER F 79 -10.09 5.00 -12.70
CA SER F 79 -11.01 5.06 -13.84
C SER F 79 -11.47 3.71 -14.37
N ILE F 80 -11.12 2.64 -13.67
CA ILE F 80 -11.47 1.30 -14.09
C ILE F 80 -12.96 1.10 -14.42
N ASN F 81 -13.82 1.92 -13.84
CA ASN F 81 -15.26 1.81 -14.09
C ASN F 81 -15.87 3.02 -14.81
N LYS F 82 -15.03 3.92 -15.31
CA LYS F 82 -15.55 5.08 -16.02
C LYS F 82 -15.76 4.71 -17.50
N ASN F 83 -16.98 4.85 -17.98
CA ASN F 83 -17.32 4.51 -19.36
C ASN F 83 -17.11 5.66 -20.33
N TRP F 84 -16.12 5.49 -21.20
CA TRP F 84 -15.76 6.47 -22.22
C TRP F 84 -16.93 6.93 -23.12
N ILE F 85 -17.84 6.01 -23.44
CA ILE F 85 -18.96 6.33 -24.32
C ILE F 85 -20.11 7.12 -23.68
N ASP F 86 -20.28 6.98 -22.37
CA ASP F 86 -21.33 7.67 -21.64
C ASP F 86 -20.93 9.12 -21.39
N LYS F 87 -21.06 9.95 -22.42
CA LYS F 87 -20.69 11.36 -22.32
C LYS F 87 -21.48 12.12 -21.26
N GLU F 88 -22.76 11.80 -21.13
CA GLU F 88 -23.62 12.48 -20.17
C GLU F 88 -23.42 12.03 -18.72
N GLU F 89 -23.11 10.75 -18.52
CA GLU F 89 -22.93 10.20 -17.19
C GLU F 89 -21.53 10.45 -16.61
N TYR F 90 -20.55 10.59 -17.50
CA TYR F 90 -19.16 10.84 -17.12
C TYR F 90 -18.71 12.04 -17.96
N PRO F 91 -19.37 13.20 -17.77
CA PRO F 91 -19.10 14.46 -18.48
C PRO F 91 -17.71 15.08 -18.41
N GLN F 92 -16.99 14.94 -17.29
CA GLN F 92 -15.68 15.54 -17.22
C GLN F 92 -14.66 14.65 -17.93
N SER F 93 -14.91 13.33 -17.93
CA SER F 93 -14.02 12.42 -18.64
C SER F 93 -14.19 12.78 -20.12
N ALA F 94 -15.42 13.10 -20.50
CA ALA F 94 -15.71 13.47 -21.87
C ALA F 94 -15.02 14.80 -22.21
N ALA F 95 -15.05 15.75 -21.27
CA ALA F 95 -14.43 17.05 -21.48
C ALA F 95 -12.92 16.94 -21.66
N ILE F 96 -12.31 16.05 -20.88
CA ILE F 96 -10.87 15.84 -20.95
C ILE F 96 -10.50 15.21 -22.30
N ASP F 97 -11.28 14.24 -22.74
CA ASP F 97 -11.04 13.59 -24.02
C ASP F 97 -11.06 14.62 -25.17
N LEU F 98 -12.00 15.57 -25.10
CA LEU F 98 -12.12 16.61 -26.12
C LEU F 98 -10.91 17.54 -26.10
N ARG F 99 -10.33 17.75 -24.93
CA ARG F 99 -9.13 18.58 -24.83
C ARG F 99 -8.00 17.89 -25.56
N CYS F 100 -7.86 16.58 -25.35
CA CYS F 100 -6.81 15.81 -26.02
C CYS F 100 -6.95 15.90 -27.53
N VAL F 101 -8.19 15.84 -28.01
CA VAL F 101 -8.43 15.96 -29.45
C VAL F 101 -7.84 17.28 -29.95
N ASN F 102 -8.10 18.38 -29.25
CA ASN F 102 -7.55 19.68 -29.64
C ASN F 102 -6.03 19.66 -29.65
N MET F 103 -5.45 19.14 -28.58
CA MET F 103 -4.00 19.08 -28.45
C MET F 103 -3.32 18.25 -29.53
N VAL F 104 -3.89 17.10 -29.87
CA VAL F 104 -3.31 16.25 -30.90
C VAL F 104 -3.47 16.92 -32.28
N ALA F 105 -4.64 17.53 -32.49
CA ALA F 105 -4.90 18.22 -33.75
C ALA F 105 -3.90 19.36 -33.89
N ASP F 106 -3.59 20.02 -32.78
CA ASP F 106 -2.64 21.13 -32.78
C ASP F 106 -1.23 20.61 -33.08
N LEU F 107 -0.88 19.49 -32.45
CA LEU F 107 0.42 18.86 -32.63
C LEU F 107 0.68 18.56 -34.11
N TRP F 108 -0.38 18.23 -34.84
CA TRP F 108 -0.27 17.91 -36.26
C TRP F 108 -0.59 19.06 -37.23
N HIS F 109 -0.59 20.28 -36.72
CA HIS F 109 -0.85 21.48 -37.50
C HIS F 109 -2.19 21.54 -38.21
N ALA F 110 -3.23 21.00 -37.57
CA ALA F 110 -4.54 21.04 -38.18
C ALA F 110 -4.99 22.51 -38.17
N PRO F 111 -5.77 22.92 -39.16
CA PRO F 111 -6.23 24.32 -39.17
C PRO F 111 -6.91 24.56 -37.83
N ALA F 112 -6.64 25.71 -37.21
CA ALA F 112 -7.23 26.05 -35.92
C ALA F 112 -8.75 26.04 -36.04
N PRO F 113 -9.43 25.30 -35.15
CA PRO F 113 -10.89 25.22 -35.17
C PRO F 113 -11.54 26.54 -34.76
N LYS F 114 -12.38 27.09 -35.63
CA LYS F 114 -13.04 28.35 -35.35
C LYS F 114 -14.01 28.27 -34.16
N ASN F 115 -14.60 27.10 -33.93
CA ASN F 115 -15.54 26.92 -32.83
C ASN F 115 -14.87 26.41 -31.55
N GLY F 116 -13.54 26.36 -31.56
CA GLY F 116 -12.80 25.91 -30.38
C GLY F 116 -12.63 24.40 -30.20
N GLN F 117 -13.18 23.61 -31.11
CA GLN F 117 -13.07 22.15 -31.00
C GLN F 117 -12.66 21.49 -32.32
N ALA F 118 -11.50 20.84 -32.32
CA ALA F 118 -11.04 20.18 -33.53
C ALA F 118 -11.91 18.98 -33.82
N VAL F 119 -11.85 18.52 -35.07
CA VAL F 119 -12.63 17.37 -35.54
C VAL F 119 -11.79 16.12 -35.39
N GLY F 120 -12.24 15.21 -34.53
CA GLY F 120 -11.50 13.98 -34.33
C GLY F 120 -12.05 13.22 -33.14
N THR F 121 -11.47 12.05 -32.87
CA THR F 121 -11.93 11.24 -31.77
C THR F 121 -10.86 10.30 -31.25
N ASN F 122 -11.00 9.92 -29.98
CA ASN F 122 -10.09 8.97 -29.40
C ASN F 122 -10.66 7.62 -29.83
N THR F 123 -9.80 6.60 -29.85
CA THR F 123 -10.21 5.25 -30.25
C THR F 123 -9.44 4.25 -29.38
N ILE F 124 -9.80 2.97 -29.49
CA ILE F 124 -9.10 1.92 -28.74
C ILE F 124 -7.66 1.77 -29.23
N GLY F 125 -7.42 2.11 -30.49
CA GLY F 125 -6.08 2.03 -31.05
C GLY F 125 -6.06 2.50 -32.49
N SER F 126 -4.90 2.39 -33.15
CA SER F 126 -4.80 2.82 -34.53
C SER F 126 -5.67 2.00 -35.48
N SER F 127 -5.94 0.75 -35.13
CA SER F 127 -6.76 -0.08 -36.00
C SER F 127 -8.12 0.58 -36.22
N GLU F 128 -8.83 0.86 -35.13
CA GLU F 128 -10.13 1.51 -35.22
C GLU F 128 -9.98 2.88 -35.88
N ALA F 129 -8.95 3.61 -35.50
CA ALA F 129 -8.70 4.94 -36.06
C ALA F 129 -8.57 4.86 -37.59
N CYS F 130 -7.82 3.86 -38.07
CA CYS F 130 -7.60 3.67 -39.49
C CYS F 130 -8.88 3.28 -40.24
N MET F 131 -9.73 2.49 -39.59
CA MET F 131 -10.99 2.06 -40.20
C MET F 131 -11.94 3.25 -40.30
N LEU F 132 -11.93 4.10 -39.29
CA LEU F 132 -12.76 5.29 -39.29
C LEU F 132 -12.25 6.19 -40.40
N GLY F 133 -10.93 6.34 -40.48
CA GLY F 133 -10.35 7.17 -41.53
C GLY F 133 -10.63 6.59 -42.90
N GLY F 134 -10.62 5.27 -42.99
CA GLY F 134 -10.87 4.60 -44.26
C GLY F 134 -12.31 4.75 -44.70
N MET F 135 -13.25 4.64 -43.77
CA MET F 135 -14.66 4.79 -44.10
C MET F 135 -14.91 6.20 -44.61
N ALA F 136 -14.36 7.18 -43.92
CA ALA F 136 -14.53 8.57 -44.32
C ALA F 136 -14.00 8.74 -45.74
N MET F 137 -12.89 8.08 -46.04
CA MET F 137 -12.30 8.15 -47.38
C MET F 137 -13.24 7.55 -48.43
N LYS F 138 -13.74 6.36 -48.14
CA LYS F 138 -14.62 5.70 -49.10
C LYS F 138 -15.83 6.59 -49.40
N TRP F 139 -16.42 7.16 -48.34
CA TRP F 139 -17.59 8.03 -48.49
C TRP F 139 -17.30 9.29 -49.29
N ARG F 140 -16.17 9.94 -49.02
CA ARG F 140 -15.82 11.15 -49.76
C ARG F 140 -15.60 10.81 -51.23
N TRP F 141 -14.99 9.66 -51.50
CA TRP F 141 -14.74 9.21 -52.86
C TRP F 141 -16.08 9.00 -53.56
N ARG F 142 -16.99 8.27 -52.92
CA ARG F 142 -18.31 8.00 -53.48
C ARG F 142 -18.97 9.31 -53.89
N LYS F 143 -18.90 10.30 -53.01
CA LYS F 143 -19.49 11.60 -53.30
C LYS F 143 -18.82 12.22 -54.52
N ARG F 144 -17.50 12.12 -54.58
CA ARG F 144 -16.77 12.70 -55.71
C ARG F 144 -17.21 12.06 -57.02
N MET F 145 -17.35 10.74 -57.00
CA MET F 145 -17.76 10.01 -58.20
C MET F 145 -19.20 10.31 -58.58
N GLU F 146 -20.08 10.33 -57.58
CA GLU F 146 -21.48 10.60 -57.83
C GLU F 146 -21.70 12.03 -58.35
N ALA F 147 -20.78 12.93 -58.03
CA ALA F 147 -20.88 14.31 -58.49
C ALA F 147 -20.66 14.39 -60.01
N ALA F 148 -20.05 13.34 -60.56
CA ALA F 148 -19.79 13.27 -62.00
C ALA F 148 -20.61 12.16 -62.63
N GLY F 149 -21.53 11.61 -61.84
CA GLY F 149 -22.40 10.55 -62.32
C GLY F 149 -21.75 9.21 -62.62
N LYS F 150 -20.60 8.94 -62.02
CA LYS F 150 -19.91 7.68 -62.28
C LYS F 150 -20.17 6.57 -61.26
N PRO F 151 -20.01 5.30 -61.67
CA PRO F 151 -20.23 4.16 -60.79
C PRO F 151 -19.23 4.11 -59.65
N THR F 152 -19.66 3.60 -58.50
CA THR F 152 -18.82 3.51 -57.31
C THR F 152 -18.69 2.07 -56.83
N ASP F 153 -18.80 1.13 -57.76
CA ASP F 153 -18.75 -0.29 -57.44
C ASP F 153 -17.36 -0.91 -57.31
N LYS F 154 -16.32 -0.21 -57.74
CA LYS F 154 -14.96 -0.77 -57.71
C LYS F 154 -13.90 0.08 -57.01
N PRO F 155 -14.13 0.43 -55.74
CA PRO F 155 -13.12 1.24 -55.04
C PRO F 155 -11.84 0.46 -54.73
N ASN F 156 -10.71 1.18 -54.75
CA ASN F 156 -9.42 0.59 -54.41
C ASN F 156 -8.67 1.59 -53.53
N LEU F 157 -7.71 1.09 -52.79
CA LEU F 157 -6.90 1.91 -51.89
C LEU F 157 -5.43 1.65 -52.20
N VAL F 158 -4.68 2.71 -52.45
CA VAL F 158 -3.25 2.60 -52.78
C VAL F 158 -2.41 2.81 -51.52
N CYS F 159 -1.43 1.92 -51.32
CA CYS F 159 -0.57 2.04 -50.14
C CYS F 159 0.77 1.31 -50.30
N GLY F 160 1.59 1.37 -49.24
CA GLY F 160 2.87 0.70 -49.24
C GLY F 160 2.81 -0.49 -48.30
N PRO F 161 3.92 -0.85 -47.62
CA PRO F 161 3.97 -1.98 -46.69
C PRO F 161 3.22 -1.68 -45.38
N VAL F 162 1.89 -1.62 -45.50
CA VAL F 162 1.01 -1.32 -44.37
C VAL F 162 0.87 -2.41 -43.32
N GLN F 163 0.39 -2.01 -42.15
CA GLN F 163 0.15 -2.93 -41.05
C GLN F 163 -1.09 -3.73 -41.43
N ILE F 164 -1.28 -4.89 -40.83
CA ILE F 164 -2.40 -5.74 -41.17
C ILE F 164 -3.78 -5.10 -41.06
N CYS F 165 -3.94 -4.07 -40.23
CA CYS F 165 -5.25 -3.44 -40.08
C CYS F 165 -5.81 -2.91 -41.40
N TRP F 166 -4.96 -2.55 -42.34
CA TRP F 166 -5.45 -2.04 -43.62
C TRP F 166 -5.98 -3.17 -44.51
N HIS F 167 -5.47 -4.37 -44.29
CA HIS F 167 -5.91 -5.54 -45.05
C HIS F 167 -7.29 -5.91 -44.53
N LYS F 168 -7.49 -5.72 -43.23
CA LYS F 168 -8.77 -6.02 -42.63
C LYS F 168 -9.76 -5.00 -43.14
N PHE F 169 -9.36 -3.74 -43.18
CA PHE F 169 -10.25 -2.69 -43.68
C PHE F 169 -10.73 -3.05 -45.07
N ALA F 170 -9.78 -3.38 -45.95
CA ALA F 170 -10.10 -3.74 -47.32
C ALA F 170 -11.07 -4.91 -47.42
N ARG F 171 -10.86 -5.91 -46.58
CA ARG F 171 -11.70 -7.11 -46.57
C ARG F 171 -13.11 -6.83 -46.02
N TYR F 172 -13.18 -6.13 -44.89
CA TYR F 172 -14.45 -5.81 -44.26
C TYR F 172 -15.30 -4.81 -45.05
N TRP F 173 -14.66 -3.85 -45.69
CA TRP F 173 -15.40 -2.85 -46.44
C TRP F 173 -15.39 -2.99 -47.96
N ASP F 174 -15.02 -4.16 -48.44
CA ASP F 174 -15.01 -4.45 -49.87
C ASP F 174 -14.26 -3.42 -50.71
N VAL F 175 -13.03 -3.13 -50.31
CA VAL F 175 -12.19 -2.19 -51.05
C VAL F 175 -10.98 -2.99 -51.52
N GLU F 176 -10.59 -2.81 -52.78
CA GLU F 176 -9.45 -3.49 -53.35
C GLU F 176 -8.17 -2.81 -52.86
N LEU F 177 -7.36 -3.53 -52.11
CA LEU F 177 -6.13 -2.95 -51.60
C LEU F 177 -5.02 -3.10 -52.63
N ARG F 178 -4.51 -1.97 -53.10
CA ARG F 178 -3.42 -2.00 -54.06
C ARG F 178 -2.14 -1.68 -53.30
N GLU F 179 -1.57 -2.71 -52.68
CA GLU F 179 -0.34 -2.55 -51.91
C GLU F 179 0.89 -2.65 -52.78
N ILE F 180 1.65 -1.57 -52.85
CA ILE F 180 2.87 -1.58 -53.63
C ILE F 180 3.84 -2.40 -52.78
N PRO F 181 4.36 -3.51 -53.32
CA PRO F 181 5.29 -4.38 -52.60
C PRO F 181 6.71 -3.87 -52.39
N MET F 182 7.35 -4.42 -51.36
CA MET F 182 8.73 -4.08 -51.07
C MET F 182 9.61 -4.82 -52.08
N ARG F 183 10.77 -4.25 -52.38
CA ARG F 183 11.74 -4.87 -53.27
C ARG F 183 13.09 -4.34 -52.82
N PRO F 184 14.14 -5.17 -52.86
CA PRO F 184 15.47 -4.73 -52.44
C PRO F 184 15.87 -3.34 -52.93
N GLY F 185 16.27 -2.49 -51.99
CA GLY F 185 16.67 -1.14 -52.34
C GLY F 185 15.50 -0.17 -52.30
N GLN F 186 14.29 -0.69 -52.19
CA GLN F 186 13.09 0.14 -52.15
C GLN F 186 12.02 -0.55 -51.33
N LEU F 187 12.18 -0.50 -50.01
CA LEU F 187 11.26 -1.14 -49.08
C LEU F 187 10.10 -0.23 -48.70
N PHE F 188 9.56 0.47 -49.69
CA PHE F 188 8.46 1.39 -49.44
C PHE F 188 7.74 1.76 -50.72
N MET F 189 6.66 2.53 -50.59
CA MET F 189 5.89 2.98 -51.72
C MET F 189 6.53 4.26 -52.25
N ASP F 190 7.14 4.17 -53.42
CA ASP F 190 7.78 5.31 -54.05
C ASP F 190 6.76 6.02 -54.93
N PRO F 191 6.99 7.32 -55.22
CA PRO F 191 6.10 8.13 -56.06
C PRO F 191 5.74 7.50 -57.42
N LYS F 192 6.73 7.00 -58.14
CA LYS F 192 6.47 6.41 -59.46
C LYS F 192 5.45 5.27 -59.40
N ARG F 193 5.72 4.27 -58.57
CA ARG F 193 4.80 3.14 -58.46
C ARG F 193 3.44 3.53 -57.86
N MET F 194 3.44 4.56 -57.01
CA MET F 194 2.18 5.01 -56.41
C MET F 194 1.27 5.48 -57.53
N ILE F 195 1.79 6.37 -58.37
CA ILE F 195 1.02 6.90 -59.50
C ILE F 195 0.56 5.76 -60.42
N GLU F 196 1.43 4.78 -60.65
CA GLU F 196 1.04 3.66 -61.51
C GLU F 196 -0.23 3.00 -60.99
N ALA F 197 -0.33 2.81 -59.68
CA ALA F 197 -1.47 2.16 -59.05
C ALA F 197 -2.73 3.00 -58.91
N CYS F 198 -2.58 4.32 -58.91
CA CYS F 198 -3.73 5.22 -58.77
C CYS F 198 -4.57 5.36 -60.04
N ASP F 199 -5.87 5.53 -59.86
CA ASP F 199 -6.78 5.74 -61.00
C ASP F 199 -8.09 6.37 -60.50
N GLU F 200 -9.05 6.55 -61.39
CA GLU F 200 -10.31 7.15 -60.99
C GLU F 200 -11.01 6.43 -59.83
N ASN F 201 -10.68 5.14 -59.63
CA ASN F 201 -11.32 4.37 -58.57
C ASN F 201 -10.59 4.36 -57.22
N THR F 202 -9.47 5.06 -57.13
CA THR F 202 -8.70 5.13 -55.88
C THR F 202 -9.39 6.04 -54.87
N ILE F 203 -9.73 5.51 -53.71
CA ILE F 203 -10.40 6.32 -52.70
C ILE F 203 -9.42 7.21 -51.95
N GLY F 204 -8.14 6.88 -52.03
CA GLY F 204 -7.15 7.69 -51.35
C GLY F 204 -5.83 6.94 -51.27
N VAL F 205 -4.78 7.62 -50.83
CA VAL F 205 -3.47 7.00 -50.68
C VAL F 205 -3.10 7.00 -49.20
N VAL F 206 -2.56 5.89 -48.71
CA VAL F 206 -2.19 5.80 -47.30
C VAL F 206 -0.70 5.59 -47.10
N PRO F 207 0.04 6.67 -46.84
CA PRO F 207 1.49 6.60 -46.61
C PRO F 207 1.64 6.14 -45.16
N THR F 208 2.61 5.28 -44.89
CA THR F 208 2.81 4.81 -43.52
C THR F 208 3.98 5.58 -42.93
N PHE F 209 3.65 6.54 -42.06
CA PHE F 209 4.67 7.37 -41.42
C PHE F 209 5.29 6.57 -40.27
N GLY F 210 6.06 5.56 -40.63
CA GLY F 210 6.70 4.70 -39.65
C GLY F 210 6.28 3.26 -39.94
N VAL F 211 6.94 2.67 -40.92
CA VAL F 211 6.67 1.29 -41.34
C VAL F 211 7.08 0.30 -40.26
N THR F 212 6.15 -0.56 -39.86
CA THR F 212 6.42 -1.55 -38.82
C THR F 212 7.60 -2.47 -39.11
N TYR F 213 7.66 -2.96 -40.34
CA TYR F 213 8.68 -3.90 -40.79
C TYR F 213 10.13 -3.45 -40.77
N THR F 214 10.36 -2.19 -41.13
CA THR F 214 11.69 -1.62 -41.20
C THR F 214 11.94 -0.50 -40.19
N GLY F 215 10.88 0.17 -39.76
CA GLY F 215 11.01 1.27 -38.83
C GLY F 215 11.22 2.61 -39.52
N ASN F 216 11.24 2.61 -40.85
CA ASN F 216 11.46 3.86 -41.57
C ASN F 216 10.19 4.59 -41.98
N TYR F 217 10.30 5.90 -42.10
CA TYR F 217 9.17 6.74 -42.49
C TYR F 217 8.95 6.72 -43.99
N GLU F 218 7.69 6.71 -44.41
CA GLU F 218 7.37 6.85 -45.82
C GLU F 218 7.04 8.34 -45.79
N PHE F 219 7.85 9.15 -46.46
CA PHE F 219 7.66 10.60 -46.46
C PHE F 219 6.48 11.03 -47.34
N PRO F 220 5.46 11.65 -46.73
CA PRO F 220 4.28 12.11 -47.49
C PRO F 220 4.52 13.21 -48.52
N GLN F 221 5.45 14.11 -48.27
CA GLN F 221 5.68 15.22 -49.20
C GLN F 221 5.97 14.86 -50.65
N PRO F 222 6.93 13.97 -50.92
CA PRO F 222 7.19 13.63 -52.33
C PRO F 222 5.99 12.95 -53.00
N LEU F 223 5.21 12.24 -52.19
CA LEU F 223 4.02 11.56 -52.69
C LEU F 223 2.97 12.62 -52.97
N HIS F 224 2.89 13.61 -52.09
CA HIS F 224 1.93 14.69 -52.24
C HIS F 224 2.20 15.42 -53.56
N ASP F 225 3.48 15.73 -53.81
CA ASP F 225 3.86 16.41 -55.05
C ASP F 225 3.41 15.60 -56.27
N ALA F 226 3.50 14.28 -56.18
CA ALA F 226 3.11 13.41 -57.28
C ALA F 226 1.60 13.48 -57.50
N LEU F 227 0.82 13.53 -56.42
CA LEU F 227 -0.63 13.60 -56.54
C LEU F 227 -1.06 14.95 -57.14
N ASP F 228 -0.24 15.98 -56.94
CA ASP F 228 -0.54 17.30 -57.49
C ASP F 228 -0.38 17.24 -59.01
N LYS F 229 0.73 16.66 -59.46
CA LYS F 229 1.02 16.52 -60.89
C LYS F 229 -0.04 15.59 -61.50
N PHE F 230 -0.42 14.56 -60.74
CA PHE F 230 -1.42 13.60 -61.21
C PHE F 230 -2.75 14.29 -61.49
N GLN F 231 -3.15 15.21 -60.61
CA GLN F 231 -4.40 15.93 -60.84
C GLN F 231 -4.26 16.83 -62.06
N ALA F 232 -3.09 17.45 -62.21
CA ALA F 232 -2.86 18.32 -63.35
C ALA F 232 -2.94 17.54 -64.67
N ASP F 233 -2.40 16.34 -64.70
CA ASP F 233 -2.41 15.53 -65.92
C ASP F 233 -3.73 14.79 -66.21
N THR F 234 -4.40 14.31 -65.17
CA THR F 234 -5.63 13.54 -65.36
C THR F 234 -6.93 14.15 -64.86
N GLY F 235 -6.83 15.14 -63.99
CA GLY F 235 -8.04 15.75 -63.45
C GLY F 235 -8.54 14.96 -62.24
N ILE F 236 -7.89 13.83 -61.97
CA ILE F 236 -8.28 13.00 -60.82
C ILE F 236 -7.66 13.54 -59.54
N ASP F 237 -8.52 13.93 -58.59
CA ASP F 237 -8.11 14.51 -57.31
C ASP F 237 -8.14 13.48 -56.17
N ILE F 238 -6.96 13.05 -55.73
CA ILE F 238 -6.86 12.04 -54.68
C ILE F 238 -6.36 12.55 -53.31
N ASP F 239 -7.08 12.19 -52.26
CA ASP F 239 -6.73 12.59 -50.89
C ASP F 239 -5.79 11.58 -50.26
N MET F 240 -5.25 11.96 -49.11
CA MET F 240 -4.35 11.08 -48.38
C MET F 240 -4.81 10.96 -46.93
N HIS F 241 -4.54 9.78 -46.35
CA HIS F 241 -4.79 9.53 -44.95
C HIS F 241 -3.42 9.07 -44.49
N ILE F 242 -2.84 9.74 -43.49
CA ILE F 242 -1.52 9.34 -43.03
C ILE F 242 -1.67 8.41 -41.84
N ASP F 243 -1.13 7.20 -41.96
CA ASP F 243 -1.16 6.23 -40.86
C ASP F 243 0.14 6.53 -40.10
N ALA F 244 0.03 7.36 -39.07
CA ALA F 244 1.19 7.73 -38.27
C ALA F 244 1.14 7.04 -36.92
N ALA F 245 0.73 5.77 -36.92
CA ALA F 245 0.62 5.00 -35.68
C ALA F 245 1.79 5.23 -34.74
N SER F 246 3.01 5.23 -35.29
CA SER F 246 4.21 5.48 -34.50
C SER F 246 4.73 6.89 -34.71
N GLY F 247 5.01 7.26 -35.96
CA GLY F 247 5.54 8.58 -36.25
C GLY F 247 4.74 9.77 -35.72
N GLY F 248 3.44 9.59 -35.54
CA GLY F 248 2.61 10.70 -35.07
C GLY F 248 3.05 11.35 -33.76
N PHE F 249 3.68 10.58 -32.88
CA PHE F 249 4.14 11.13 -31.60
C PHE F 249 5.66 11.13 -31.48
N LEU F 250 6.35 11.16 -32.62
CA LEU F 250 7.81 11.18 -32.64
C LEU F 250 8.31 12.42 -33.41
N ALA F 251 8.02 12.44 -34.71
CA ALA F 251 8.46 13.52 -35.57
C ALA F 251 8.17 14.93 -35.03
N PRO F 252 6.96 15.16 -34.50
CA PRO F 252 6.64 16.50 -33.98
C PRO F 252 7.58 17.00 -32.89
N PHE F 253 8.25 16.08 -32.21
CA PHE F 253 9.15 16.46 -31.13
C PHE F 253 10.63 16.48 -31.50
N VAL F 254 11.07 15.51 -32.30
CA VAL F 254 12.48 15.41 -32.65
C VAL F 254 12.81 15.72 -34.10
N ALA F 255 11.79 15.95 -34.92
CA ALA F 255 12.01 16.25 -36.33
C ALA F 255 10.86 17.10 -36.86
N PRO F 256 10.67 18.30 -36.29
CA PRO F 256 9.59 19.19 -36.73
C PRO F 256 9.66 19.65 -38.19
N ASP F 257 10.86 19.70 -38.76
CA ASP F 257 11.05 20.15 -40.14
C ASP F 257 10.45 19.19 -41.18
N ILE F 258 10.14 17.98 -40.77
CA ILE F 258 9.56 17.04 -41.72
C ILE F 258 8.10 17.42 -41.93
N VAL F 259 7.73 17.71 -43.17
CA VAL F 259 6.35 18.10 -43.51
C VAL F 259 5.59 16.84 -43.91
N TRP F 260 4.81 16.30 -42.97
CA TRP F 260 4.07 15.07 -43.23
C TRP F 260 2.60 15.16 -42.83
N ASP F 261 2.25 16.20 -42.11
CA ASP F 261 0.89 16.36 -41.57
C ASP F 261 -0.10 17.26 -42.29
N PHE F 262 -0.98 17.93 -41.54
CA PHE F 262 -1.97 18.79 -42.18
C PHE F 262 -1.36 19.99 -42.89
N ARG F 263 -0.05 20.15 -42.80
CA ARG F 263 0.60 21.24 -43.51
C ARG F 263 0.48 20.90 -45.00
N LEU F 264 0.17 19.64 -45.30
CA LEU F 264 -0.02 19.18 -46.67
C LEU F 264 -1.53 19.17 -46.95
N PRO F 265 -1.97 19.95 -47.95
CA PRO F 265 -3.38 20.08 -48.36
C PRO F 265 -4.16 18.78 -48.59
N ARG F 266 -3.54 17.81 -49.24
CA ARG F 266 -4.21 16.54 -49.53
C ARG F 266 -4.43 15.63 -48.33
N VAL F 267 -3.76 15.91 -47.22
CA VAL F 267 -3.93 15.10 -46.02
C VAL F 267 -5.24 15.54 -45.36
N LYS F 268 -6.25 14.69 -45.44
CA LYS F 268 -7.56 15.00 -44.89
C LYS F 268 -7.78 14.42 -43.50
N SER F 269 -6.96 13.43 -43.14
CA SER F 269 -7.03 12.80 -41.83
C SER F 269 -5.70 12.14 -41.49
N ILE F 270 -5.48 11.93 -40.19
CA ILE F 270 -4.26 11.30 -39.69
C ILE F 270 -4.63 10.46 -38.47
N SER F 271 -4.01 9.29 -38.34
CA SER F 271 -4.26 8.43 -37.20
C SER F 271 -2.93 8.05 -36.55
N ALA F 272 -2.95 7.77 -35.25
CA ALA F 272 -1.74 7.36 -34.52
C ALA F 272 -2.14 6.62 -33.26
N SER F 273 -1.21 5.83 -32.71
CA SER F 273 -1.48 5.07 -31.50
C SER F 273 -0.93 5.78 -30.28
N GLY F 274 -1.83 6.18 -29.38
CA GLY F 274 -1.40 6.85 -28.17
C GLY F 274 -0.57 5.88 -27.34
N HIS F 275 -0.98 4.61 -27.37
CA HIS F 275 -0.29 3.58 -26.60
C HIS F 275 1.02 3.09 -27.24
N LYS F 276 1.40 3.68 -28.37
CA LYS F 276 2.68 3.30 -28.94
C LYS F 276 3.59 4.41 -28.41
N PHE F 277 4.06 5.31 -29.26
CA PHE F 277 4.94 6.37 -28.80
C PHE F 277 4.24 7.56 -28.15
N GLY F 278 2.93 7.46 -28.00
CA GLY F 278 2.18 8.53 -27.37
C GLY F 278 2.31 8.40 -25.86
N LEU F 279 2.95 7.32 -25.43
CA LEU F 279 3.21 7.03 -24.01
C LEU F 279 2.00 6.66 -23.17
N ALA F 280 0.85 6.47 -23.81
CA ALA F 280 -0.35 6.08 -23.08
C ALA F 280 -0.37 4.57 -22.86
N PRO F 281 -1.13 4.09 -21.86
CA PRO F 281 -1.20 2.65 -21.61
C PRO F 281 -2.08 2.01 -22.70
N LEU F 282 -1.87 0.71 -22.95
CA LEU F 282 -2.65 -0.01 -23.97
C LEU F 282 -4.14 0.32 -23.94
N GLY F 283 -4.68 0.63 -25.12
CA GLY F 283 -6.09 0.95 -25.23
C GLY F 283 -6.37 2.40 -25.60
N CYS F 284 -5.47 3.01 -26.35
CA CYS F 284 -5.66 4.39 -26.74
C CYS F 284 -5.12 4.72 -28.14
N GLY F 285 -5.97 5.27 -28.99
CA GLY F 285 -5.57 5.64 -30.33
C GLY F 285 -6.21 6.96 -30.69
N TRP F 286 -5.78 7.58 -31.78
CA TRP F 286 -6.34 8.87 -32.19
C TRP F 286 -6.46 9.02 -33.69
N VAL F 287 -7.52 9.70 -34.11
CA VAL F 287 -7.72 10.00 -35.52
C VAL F 287 -8.28 11.42 -35.59
N ILE F 288 -7.60 12.26 -36.37
CA ILE F 288 -8.00 13.65 -36.54
C ILE F 288 -8.29 13.93 -38.01
N TRP F 289 -9.30 14.75 -38.27
CA TRP F 289 -9.65 15.15 -39.65
C TRP F 289 -9.26 16.62 -39.76
N ARG F 290 -8.86 17.08 -40.94
CA ARG F 290 -8.44 18.47 -41.07
C ARG F 290 -9.53 19.50 -40.80
N ASP F 291 -10.78 19.11 -41.01
CA ASP F 291 -11.90 20.01 -40.77
C ASP F 291 -13.25 19.31 -40.96
N GLU F 292 -14.32 20.06 -40.77
CA GLU F 292 -15.68 19.54 -40.90
C GLU F 292 -15.91 18.85 -42.24
N GLU F 293 -15.53 19.52 -43.32
CA GLU F 293 -15.73 18.99 -44.67
C GLU F 293 -15.05 17.65 -44.93
N ALA F 294 -13.96 17.36 -44.22
CA ALA F 294 -13.26 16.10 -44.42
C ALA F 294 -13.98 14.89 -43.81
N LEU F 295 -14.95 15.15 -42.94
CA LEU F 295 -15.70 14.08 -42.28
C LEU F 295 -17.19 14.06 -42.62
N PRO F 296 -17.65 13.03 -43.34
CA PRO F 296 -19.07 12.90 -43.74
C PRO F 296 -19.99 12.77 -42.52
N GLN F 297 -20.87 13.75 -42.34
CA GLN F 297 -21.78 13.73 -41.19
C GLN F 297 -22.69 12.51 -41.15
N GLU F 298 -22.80 11.82 -42.27
CA GLU F 298 -23.65 10.63 -42.32
C GLU F 298 -23.03 9.50 -41.49
N LEU F 299 -21.75 9.64 -41.19
CA LEU F 299 -21.04 8.62 -40.41
C LEU F 299 -20.97 8.99 -38.93
N VAL F 300 -21.47 10.17 -38.61
CA VAL F 300 -21.43 10.65 -37.23
C VAL F 300 -22.77 10.49 -36.53
N PHE F 301 -22.75 9.95 -35.31
CA PHE F 301 -23.96 9.78 -34.53
C PHE F 301 -23.90 10.77 -33.36
N ASN F 302 -24.80 11.75 -33.37
CA ASN F 302 -24.84 12.77 -32.32
C ASN F 302 -25.51 12.29 -31.04
N VAL F 303 -24.95 12.71 -29.91
CA VAL F 303 -25.50 12.36 -28.60
C VAL F 303 -25.64 13.62 -27.74
N ASP F 304 -26.59 13.58 -26.81
CA ASP F 304 -26.83 14.71 -25.93
C ASP F 304 -25.63 14.93 -25.01
N TYR F 305 -25.26 16.19 -24.80
CA TYR F 305 -24.14 16.51 -23.93
C TYR F 305 -24.18 17.94 -23.41
N LEU F 306 -24.41 18.08 -22.11
CA LEU F 306 -24.47 19.37 -21.44
C LEU F 306 -25.26 20.44 -22.20
N GLY F 307 -26.57 20.23 -22.31
CA GLY F 307 -27.42 21.20 -22.99
C GLY F 307 -27.33 21.19 -24.51
N GLY F 308 -26.25 20.65 -25.05
CA GLY F 308 -26.09 20.61 -26.49
C GLY F 308 -25.89 19.20 -27.02
N GLN F 309 -25.10 19.07 -28.07
CA GLN F 309 -24.81 17.78 -28.67
C GLN F 309 -23.35 17.65 -29.08
N ILE F 310 -22.85 16.43 -29.00
CA ILE F 310 -21.48 16.11 -29.36
C ILE F 310 -21.55 15.02 -30.42
N GLY F 311 -20.71 15.12 -31.45
CA GLY F 311 -20.71 14.11 -32.49
C GLY F 311 -19.83 12.96 -32.07
N THR F 312 -20.23 11.74 -32.45
CA THR F 312 -19.45 10.55 -32.12
C THR F 312 -19.30 9.67 -33.35
N PHE F 313 -18.07 9.21 -33.58
CA PHE F 313 -17.77 8.33 -34.71
C PHE F 313 -16.86 7.26 -34.13
N ALA F 314 -17.45 6.12 -33.82
CA ALA F 314 -16.69 5.02 -33.23
C ALA F 314 -17.31 3.67 -33.56
N ILE F 315 -16.47 2.65 -33.60
CA ILE F 315 -16.95 1.30 -33.87
C ILE F 315 -17.29 0.64 -32.55
N ASN F 316 -16.49 0.92 -31.52
CA ASN F 316 -16.73 0.37 -30.19
C ASN F 316 -17.74 1.25 -29.46
N PHE F 317 -18.38 0.71 -28.43
CA PHE F 317 -19.32 1.51 -27.64
C PHE F 317 -18.73 1.65 -26.23
N SER F 318 -19.21 0.88 -25.26
CA SER F 318 -18.67 0.98 -23.90
C SER F 318 -17.21 0.51 -23.81
N ARG F 319 -16.40 1.28 -23.11
CA ARG F 319 -14.99 0.95 -22.89
C ARG F 319 -14.42 1.88 -21.83
N PRO F 320 -13.33 1.46 -21.17
CA PRO F 320 -12.72 2.29 -20.12
C PRO F 320 -12.20 3.64 -20.58
N ALA F 321 -12.35 4.65 -19.72
CA ALA F 321 -11.88 6.00 -20.01
C ALA F 321 -10.50 6.26 -19.43
N GLY F 322 -9.98 5.30 -18.67
CA GLY F 322 -8.68 5.46 -18.05
C GLY F 322 -7.55 5.83 -18.99
N GLN F 323 -7.48 5.16 -20.15
CA GLN F 323 -6.39 5.45 -21.08
C GLN F 323 -6.35 6.90 -21.58
N VAL F 324 -7.50 7.46 -21.91
CA VAL F 324 -7.51 8.83 -22.39
C VAL F 324 -7.21 9.81 -21.25
N ILE F 325 -7.63 9.45 -20.03
CA ILE F 325 -7.32 10.29 -18.87
C ILE F 325 -5.81 10.24 -18.69
N ALA F 326 -5.23 9.04 -18.79
CA ALA F 326 -3.78 8.87 -18.64
C ALA F 326 -3.04 9.66 -19.73
N GLN F 327 -3.55 9.61 -20.95
CA GLN F 327 -2.96 10.34 -22.07
C GLN F 327 -2.85 11.82 -21.76
N TYR F 328 -3.96 12.39 -21.29
CA TYR F 328 -4.02 13.80 -20.93
C TYR F 328 -2.99 14.11 -19.84
N TYR F 329 -2.85 13.21 -18.87
CA TYR F 329 -1.86 13.40 -17.81
C TYR F 329 -0.47 13.50 -18.44
N GLU F 330 -0.13 12.58 -19.34
CA GLU F 330 1.18 12.62 -20.00
C GLU F 330 1.39 13.92 -20.76
N PHE F 331 0.33 14.39 -21.41
CA PHE F 331 0.40 15.63 -22.16
C PHE F 331 0.71 16.79 -21.23
N LEU F 332 0.02 16.83 -20.10
CA LEU F 332 0.19 17.89 -19.12
C LEU F 332 1.50 17.78 -18.34
N ARG F 333 1.82 16.57 -17.86
CA ARG F 333 3.04 16.37 -17.08
C ARG F 333 4.34 16.55 -17.89
N LEU F 334 4.35 16.04 -19.12
CA LEU F 334 5.52 16.13 -19.97
C LEU F 334 5.57 17.36 -20.89
N GLY F 335 4.50 17.58 -21.63
CA GLY F 335 4.49 18.70 -22.55
C GLY F 335 5.47 18.45 -23.69
N ARG F 336 5.63 19.42 -24.59
CA ARG F 336 6.56 19.23 -25.69
C ARG F 336 7.97 18.94 -25.17
N GLU F 337 8.39 19.72 -24.16
CA GLU F 337 9.72 19.56 -23.56
C GLU F 337 9.97 18.13 -23.08
N GLY F 338 9.01 17.60 -22.32
CA GLY F 338 9.10 16.26 -21.76
C GLY F 338 9.07 15.14 -22.80
N TYR F 339 8.17 15.23 -23.78
CA TYR F 339 8.12 14.19 -24.81
C TYR F 339 9.41 14.17 -25.59
N THR F 340 9.96 15.35 -25.85
CA THR F 340 11.20 15.45 -26.61
C THR F 340 12.33 14.72 -25.86
N LYS F 341 12.41 14.94 -24.55
CA LYS F 341 13.42 14.27 -23.74
C LYS F 341 13.22 12.75 -23.71
N VAL F 342 11.97 12.30 -23.59
CA VAL F 342 11.73 10.86 -23.58
C VAL F 342 12.04 10.22 -24.93
N GLN F 343 11.60 10.84 -26.02
CA GLN F 343 11.86 10.28 -27.34
C GLN F 343 13.36 10.37 -27.65
N ASN F 344 14.01 11.43 -27.18
CA ASN F 344 15.44 11.58 -27.39
C ASN F 344 16.17 10.40 -26.73
N ALA F 345 15.71 9.97 -25.55
CA ALA F 345 16.36 8.86 -24.86
C ALA F 345 16.23 7.57 -25.67
N SER F 346 15.08 7.37 -26.32
CA SER F 346 14.87 6.16 -27.13
C SER F 346 15.79 6.16 -28.35
N TYR F 347 15.91 7.30 -29.00
CA TYR F 347 16.76 7.41 -30.17
C TYR F 347 18.23 7.24 -29.78
N GLN F 348 18.56 7.67 -28.57
CA GLN F 348 19.92 7.55 -28.07
C GLN F 348 20.29 6.06 -28.01
N VAL F 349 19.40 5.28 -27.43
CA VAL F 349 19.62 3.86 -27.28
C VAL F 349 19.66 3.15 -28.64
N ALA F 350 18.72 3.46 -29.51
CA ALA F 350 18.68 2.83 -30.82
C ALA F 350 20.00 3.05 -31.54
N ALA F 351 20.50 4.29 -31.55
CA ALA F 351 21.76 4.61 -32.21
C ALA F 351 22.95 3.91 -31.55
N TYR F 352 22.90 3.77 -30.23
CA TYR F 352 23.97 3.10 -29.49
C TYR F 352 24.08 1.65 -29.96
N LEU F 353 22.96 0.94 -29.87
CA LEU F 353 22.89 -0.45 -30.28
C LEU F 353 23.23 -0.63 -31.76
N ALA F 354 22.76 0.29 -32.59
CA ALA F 354 23.05 0.18 -34.01
C ALA F 354 24.57 0.27 -34.19
N ASP F 355 25.19 1.22 -33.51
CA ASP F 355 26.63 1.39 -33.62
C ASP F 355 27.38 0.17 -33.09
N GLU F 356 27.02 -0.26 -31.89
CA GLU F 356 27.69 -1.41 -31.27
C GLU F 356 27.51 -2.71 -32.06
N ILE F 357 26.27 -3.05 -32.38
CA ILE F 357 25.99 -4.28 -33.12
C ILE F 357 26.72 -4.33 -34.46
N ALA F 358 26.92 -3.16 -35.08
CA ALA F 358 27.62 -3.10 -36.35
C ALA F 358 29.04 -3.67 -36.25
N LYS F 359 29.64 -3.53 -35.08
CA LYS F 359 31.00 -4.02 -34.85
C LYS F 359 31.06 -5.53 -34.65
N LEU F 360 29.92 -6.16 -34.44
CA LEU F 360 29.87 -7.60 -34.17
C LEU F 360 29.69 -8.54 -35.35
N GLY F 361 29.35 -8.02 -36.53
CA GLY F 361 29.15 -8.90 -37.66
C GLY F 361 28.94 -8.24 -39.01
N PRO F 362 28.91 -9.03 -40.09
CA PRO F 362 28.73 -8.55 -41.47
C PRO F 362 27.26 -8.18 -41.71
N TYR F 363 26.86 -7.04 -41.17
CA TYR F 363 25.48 -6.59 -41.30
C TYR F 363 25.27 -5.35 -42.16
N GLU F 364 24.07 -5.24 -42.71
CA GLU F 364 23.69 -4.09 -43.52
C GLU F 364 22.45 -3.57 -42.80
N PHE F 365 22.51 -2.35 -42.33
CA PHE F 365 21.38 -1.80 -41.59
C PHE F 365 20.35 -1.10 -42.47
N ILE F 366 19.09 -1.32 -42.12
CA ILE F 366 17.97 -0.72 -42.84
C ILE F 366 17.46 0.46 -42.01
N CYS F 367 17.60 0.36 -40.68
CA CYS F 367 17.19 1.41 -39.77
C CYS F 367 18.23 1.50 -38.67
N THR F 368 18.71 2.70 -38.38
CA THR F 368 19.73 2.88 -37.34
C THR F 368 19.32 3.88 -36.26
N GLY F 369 18.02 4.02 -36.04
CA GLY F 369 17.52 4.94 -35.03
C GLY F 369 17.76 6.42 -35.26
N ARG F 370 17.81 6.83 -36.53
CA ARG F 370 18.00 8.24 -36.85
C ARG F 370 16.64 8.94 -36.85
N PRO F 371 16.47 9.97 -36.01
CA PRO F 371 15.18 10.67 -35.95
C PRO F 371 14.68 11.28 -37.27
N ASP F 372 15.60 11.54 -38.20
CA ASP F 372 15.18 12.12 -39.48
C ASP F 372 14.79 11.07 -40.52
N GLU F 373 14.98 9.79 -40.21
CA GLU F 373 14.63 8.73 -41.16
C GLU F 373 13.50 7.82 -40.69
N GLY F 374 13.25 7.79 -39.39
CA GLY F 374 12.20 6.93 -38.90
C GLY F 374 12.11 6.91 -37.39
N ILE F 375 11.59 5.80 -36.86
CA ILE F 375 11.40 5.61 -35.43
C ILE F 375 12.66 5.11 -34.71
N PRO F 376 12.63 5.09 -33.36
CA PRO F 376 13.80 4.62 -32.59
C PRO F 376 13.88 3.11 -32.70
N ALA F 377 14.46 2.62 -33.78
CA ALA F 377 14.57 1.19 -33.97
C ALA F 377 15.87 0.83 -34.66
N VAL F 378 16.24 -0.42 -34.52
CA VAL F 378 17.44 -0.96 -35.16
C VAL F 378 16.93 -2.11 -36.01
N CYS F 379 17.24 -2.10 -37.31
CA CYS F 379 16.80 -3.16 -38.20
C CYS F 379 17.93 -3.43 -39.18
N PHE F 380 18.34 -4.69 -39.28
CA PHE F 380 19.44 -5.06 -40.16
C PHE F 380 19.32 -6.48 -40.69
N LYS F 381 20.14 -6.78 -41.69
CA LYS F 381 20.15 -8.10 -42.32
C LYS F 381 21.62 -8.46 -42.50
N LEU F 382 21.90 -9.72 -42.81
CA LEU F 382 23.27 -10.14 -43.07
C LEU F 382 23.58 -9.59 -44.46
N LYS F 383 24.79 -9.09 -44.66
CA LYS F 383 25.16 -8.56 -45.97
C LYS F 383 25.01 -9.65 -47.01
N ASP F 384 24.46 -9.29 -48.17
CA ASP F 384 24.26 -10.24 -49.25
C ASP F 384 25.53 -11.03 -49.53
N GLY F 385 25.40 -12.36 -49.58
CA GLY F 385 26.55 -13.21 -49.85
C GLY F 385 27.38 -13.67 -48.67
N GLU F 386 27.29 -12.97 -47.54
CA GLU F 386 28.08 -13.34 -46.36
C GLU F 386 27.40 -14.40 -45.51
N ASP F 387 28.21 -15.29 -44.94
CA ASP F 387 27.72 -16.37 -44.10
C ASP F 387 28.58 -16.40 -42.84
N PRO F 388 28.14 -15.70 -41.77
CA PRO F 388 28.87 -15.64 -40.50
C PRO F 388 28.83 -16.92 -39.69
N GLY F 389 28.17 -17.95 -40.23
CA GLY F 389 28.07 -19.21 -39.54
C GLY F 389 26.78 -19.33 -38.75
N TYR F 390 25.85 -18.43 -39.00
CA TYR F 390 24.56 -18.45 -38.32
C TYR F 390 23.55 -17.59 -39.07
N THR F 391 22.28 -17.79 -38.79
CA THR F 391 21.23 -17.01 -39.40
C THR F 391 20.69 -16.13 -38.28
N LEU F 392 19.96 -15.08 -38.62
CA LEU F 392 19.40 -14.20 -37.60
C LEU F 392 18.37 -14.96 -36.76
N TYR F 393 17.79 -16.01 -37.35
CA TYR F 393 16.80 -16.83 -36.63
C TYR F 393 17.49 -17.51 -35.44
N ASP F 394 18.69 -18.02 -35.69
CA ASP F 394 19.48 -18.70 -34.66
C ASP F 394 19.82 -17.73 -33.54
N LEU F 395 20.25 -16.53 -33.94
CA LEU F 395 20.62 -15.49 -33.01
C LEU F 395 19.42 -15.12 -32.15
N SER F 396 18.28 -14.94 -32.81
CA SER F 396 17.04 -14.62 -32.12
C SER F 396 16.75 -15.69 -31.04
N GLU F 397 16.88 -16.95 -31.42
CA GLU F 397 16.62 -18.04 -30.48
C GLU F 397 17.58 -18.04 -29.28
N ARG F 398 18.86 -17.73 -29.52
CA ARG F 398 19.85 -17.69 -28.44
C ARG F 398 19.48 -16.58 -27.44
N LEU F 399 19.11 -15.42 -27.96
CA LEU F 399 18.74 -14.29 -27.11
C LEU F 399 17.50 -14.61 -26.27
N ARG F 400 16.59 -15.41 -26.82
CA ARG F 400 15.39 -15.79 -26.08
C ARG F 400 15.70 -16.63 -24.84
N LEU F 401 16.86 -17.27 -24.82
CA LEU F 401 17.23 -18.08 -23.66
C LEU F 401 17.43 -17.20 -22.44
N ARG F 402 17.64 -15.91 -22.67
CA ARG F 402 17.84 -14.95 -21.59
C ARG F 402 16.61 -14.07 -21.35
N GLY F 403 15.49 -14.43 -21.96
CA GLY F 403 14.26 -13.68 -21.77
C GLY F 403 13.91 -12.64 -22.83
N TRP F 404 14.86 -12.34 -23.72
CA TRP F 404 14.63 -11.34 -24.74
C TRP F 404 13.81 -11.82 -25.93
N GLN F 405 12.91 -10.97 -26.40
CA GLN F 405 12.12 -11.29 -27.57
C GLN F 405 12.56 -10.33 -28.67
N VAL F 406 13.49 -10.78 -29.50
CA VAL F 406 13.99 -9.98 -30.61
C VAL F 406 13.59 -10.73 -31.87
N PRO F 407 12.58 -10.22 -32.58
CA PRO F 407 12.10 -10.86 -33.80
C PRO F 407 13.06 -10.86 -34.98
N ALA F 408 13.07 -11.99 -35.69
CA ALA F 408 13.86 -12.19 -36.89
C ALA F 408 12.80 -12.62 -37.89
N PHE F 409 12.73 -11.95 -39.03
CA PHE F 409 11.71 -12.29 -40.02
C PHE F 409 12.05 -11.83 -41.44
N THR F 410 11.38 -12.43 -42.40
CA THR F 410 11.60 -12.09 -43.81
C THR F 410 10.68 -10.96 -44.20
N LEU F 411 11.14 -10.11 -45.12
CA LEU F 411 10.34 -9.00 -45.60
C LEU F 411 9.35 -9.57 -46.61
N GLY F 412 8.36 -8.79 -47.00
CA GLY F 412 7.37 -9.27 -47.94
C GLY F 412 7.60 -8.84 -49.38
N GLY F 413 6.53 -8.85 -50.17
CA GLY F 413 6.62 -8.47 -51.56
C GLY F 413 7.71 -9.18 -52.33
N GLU F 414 8.64 -8.41 -52.89
CA GLU F 414 9.73 -8.96 -53.67
C GLU F 414 11.02 -9.02 -52.87
N ALA F 415 10.89 -9.07 -51.55
CA ALA F 415 12.03 -9.14 -50.65
C ALA F 415 11.86 -10.30 -49.67
N THR F 416 10.99 -11.25 -50.04
CA THR F 416 10.71 -12.39 -49.20
C THR F 416 11.90 -13.30 -48.90
N ASP F 417 13.02 -13.09 -49.58
CA ASP F 417 14.20 -13.93 -49.34
C ASP F 417 15.16 -13.23 -48.36
N ILE F 418 14.88 -11.97 -48.07
CA ILE F 418 15.70 -11.21 -47.15
C ILE F 418 15.16 -11.39 -45.74
N VAL F 419 16.06 -11.67 -44.80
CA VAL F 419 15.68 -11.86 -43.41
C VAL F 419 16.25 -10.73 -42.58
N VAL F 420 15.40 -10.10 -41.77
CA VAL F 420 15.87 -9.02 -40.94
C VAL F 420 15.57 -9.26 -39.47
N MET F 421 16.29 -8.53 -38.63
CA MET F 421 16.12 -8.58 -37.20
C MET F 421 15.80 -7.16 -36.82
N ARG F 422 14.76 -6.96 -36.00
CA ARG F 422 14.36 -5.61 -35.60
C ARG F 422 14.30 -5.51 -34.08
N ILE F 423 14.87 -4.43 -33.55
CA ILE F 423 14.88 -4.19 -32.11
C ILE F 423 14.14 -2.87 -31.87
N MET F 424 13.09 -2.90 -31.06
CA MET F 424 12.34 -1.69 -30.76
C MET F 424 12.82 -1.07 -29.46
N CYS F 425 13.17 0.21 -29.50
CA CYS F 425 13.66 0.92 -28.32
C CYS F 425 12.61 1.89 -27.76
N ARG F 426 11.75 1.35 -26.90
CA ARG F 426 10.67 2.12 -26.29
C ARG F 426 11.06 2.76 -24.97
N ARG F 427 10.14 3.57 -24.44
CA ARG F 427 10.38 4.20 -23.16
C ARG F 427 10.48 3.07 -22.16
N GLY F 428 11.48 3.11 -21.30
CA GLY F 428 11.62 2.04 -20.32
C GLY F 428 12.70 1.07 -20.74
N PHE F 429 13.36 1.36 -21.85
CA PHE F 429 14.46 0.52 -22.32
C PHE F 429 15.66 1.45 -22.27
N GLU F 430 16.03 1.79 -21.03
CA GLU F 430 17.13 2.70 -20.76
C GLU F 430 18.49 2.14 -21.17
N MET F 431 19.44 3.04 -21.41
CA MET F 431 20.78 2.67 -21.85
C MET F 431 21.41 1.50 -21.09
N ASP F 432 21.33 1.51 -19.77
CA ASP F 432 21.92 0.45 -18.96
C ASP F 432 21.31 -0.91 -19.30
N PHE F 433 19.97 -0.92 -19.42
CA PHE F 433 19.22 -2.12 -19.75
C PHE F 433 19.63 -2.62 -21.15
N ALA F 434 19.77 -1.68 -22.08
CA ALA F 434 20.17 -2.02 -23.44
C ALA F 434 21.59 -2.60 -23.46
N GLU F 435 22.45 -2.10 -22.57
CA GLU F 435 23.82 -2.58 -22.50
C GLU F 435 23.81 -4.07 -22.13
N LEU F 436 22.84 -4.48 -21.32
CA LEU F 436 22.72 -5.87 -20.94
C LEU F 436 22.37 -6.70 -22.18
N LEU F 437 21.48 -6.16 -23.02
CA LEU F 437 21.10 -6.85 -24.24
C LEU F 437 22.34 -7.06 -25.11
N LEU F 438 23.14 -6.00 -25.24
CA LEU F 438 24.35 -6.06 -26.04
C LEU F 438 25.29 -7.14 -25.52
N GLU F 439 25.37 -7.27 -24.21
CA GLU F 439 26.23 -8.28 -23.60
C GLU F 439 25.73 -9.66 -24.03
N ASP F 440 24.41 -9.85 -24.02
CA ASP F 440 23.85 -11.15 -24.41
C ASP F 440 24.03 -11.42 -25.88
N TYR F 441 24.09 -10.36 -26.66
CA TYR F 441 24.27 -10.49 -28.09
C TYR F 441 25.69 -11.00 -28.30
N LYS F 442 26.66 -10.38 -27.63
CA LYS F 442 28.05 -10.79 -27.75
C LYS F 442 28.21 -12.25 -27.31
N ALA F 443 27.56 -12.61 -26.21
CA ALA F 443 27.65 -13.99 -25.72
C ALA F 443 27.03 -14.95 -26.74
N SER F 444 25.88 -14.59 -27.30
CA SER F 444 25.22 -15.46 -28.28
C SER F 444 26.11 -15.70 -29.49
N LEU F 445 26.80 -14.65 -29.93
CA LEU F 445 27.69 -14.75 -31.07
C LEU F 445 28.85 -15.69 -30.78
N LYS F 446 29.40 -15.61 -29.58
CA LYS F 446 30.52 -16.48 -29.23
C LYS F 446 30.03 -17.92 -29.16
N TYR F 447 28.78 -18.12 -28.75
CA TYR F 447 28.24 -19.47 -28.64
C TYR F 447 28.01 -20.05 -30.03
N LEU F 448 27.50 -19.23 -30.94
CA LEU F 448 27.24 -19.68 -32.30
C LEU F 448 28.54 -20.05 -33.00
N SER F 449 29.60 -19.31 -32.72
CA SER F 449 30.90 -19.58 -33.32
C SER F 449 31.51 -20.87 -32.77
N ASP F 450 31.16 -21.21 -31.53
CA ASP F 450 31.68 -22.42 -30.90
C ASP F 450 30.82 -23.64 -31.26
N HIS F 451 29.63 -23.38 -31.80
CA HIS F 451 28.72 -24.46 -32.18
C HIS F 451 28.15 -24.23 -33.58
N PRO F 452 29.01 -24.36 -34.62
CA PRO F 452 28.66 -24.18 -36.03
C PRO F 452 27.48 -25.01 -36.53
N LYS F 453 27.01 -25.96 -35.74
CA LYS F 453 25.89 -26.80 -36.14
C LYS F 453 24.54 -26.15 -35.96
N LEU F 454 24.46 -25.12 -35.13
CA LEU F 454 23.20 -24.43 -34.90
C LEU F 454 22.73 -23.70 -36.16
N GLN F 455 23.65 -23.47 -37.08
CA GLN F 455 23.33 -22.77 -38.33
C GLN F 455 22.33 -23.55 -39.18
N GLY F 456 21.14 -23.00 -39.35
CA GLY F 456 20.12 -23.66 -40.15
C GLY F 456 18.77 -23.77 -39.47
I IOD G . 8.55 8.59 -18.40
I IOD H . 21.94 -45.23 -12.61
I IOD I . 17.00 -29.78 -38.58
I IOD J . 6.52 -14.24 -3.04
I IOD K . 21.42 -37.52 -22.39
I IOD L . 27.21 -56.93 16.41
N1 PLP M . 23.61 -30.13 2.22
C2 PLP M . 22.65 -30.61 1.39
C2A PLP M . 22.42 -32.10 1.34
C3 PLP M . 21.91 -29.68 0.62
O3 PLP M . 20.94 -30.07 -0.21
C4 PLP M . 22.20 -28.30 0.73
C4A PLP M . 21.36 -27.34 -0.14
C5 PLP M . 23.22 -27.86 1.62
C6 PLP M . 23.90 -28.82 2.34
C5A PLP M . 23.59 -26.39 1.82
O4P PLP M . 22.55 -25.79 2.62
P PLP M . 22.36 -24.19 2.53
O1P PLP M . 21.03 -23.90 3.16
O2P PLP M . 22.31 -23.84 1.02
O3P PLP M . 23.60 -23.58 3.14
C FMT N . 26.24 -4.17 17.20
O1 FMT N . 27.30 -4.16 16.53
O2 FMT N . 25.23 -4.89 16.96
C FMT O . 20.07 -24.35 -4.03
O1 FMT O . 19.81 -23.28 -4.63
O2 FMT O . 19.23 -25.22 -3.67
C FMT P . 20.40 -20.27 18.97
O1 FMT P . 20.26 -19.49 19.94
O2 FMT P . 19.63 -20.38 18.00
I IOD Q . -11.33 -7.20 17.88
I IOD R . 20.13 8.16 4.04
I IOD S . 41.72 5.32 30.28
I IOD T . 16.93 8.35 48.10
I IOD U . 13.32 1.33 8.61
I IOD V . 31.34 4.43 37.12
N1 PLP W . 35.09 -6.53 13.91
C2 PLP W . 34.85 -5.29 14.39
C2A PLP W . 36.02 -4.36 14.65
C3 PLP W . 33.50 -4.92 14.62
O3 PLP W . 33.18 -3.69 15.09
C4 PLP W . 32.46 -5.83 14.36
C4A PLP W . 31.03 -5.37 14.64
C5 PLP W . 32.79 -7.12 13.85
C6 PLP W . 34.11 -7.42 13.63
C5A PLP W . 31.73 -8.17 13.51
O4P PLP W . 31.19 -7.83 12.21
P PLP W . 29.73 -8.42 11.80
O1P PLP W . 29.30 -7.63 10.60
O2P PLP W . 28.78 -8.11 13.00
O3P PLP W . 29.88 -9.91 11.67
C FMT X . 31.84 -12.40 -4.77
O1 FMT X . 31.21 -11.69 -3.95
O2 FMT X . 31.35 -12.91 -5.80
I IOD Y . -8.21 -1.01 51.18
I IOD Z . 22.03 -3.26 46.64
I IOD AA . -3.90 -0.22 15.73
I IOD BA . 3.93 0.09 48.46
N1 PLP CA . -15.23 9.19 33.98
C2 PLP CA . -14.68 7.98 34.25
C2A PLP CA . -15.27 7.15 35.35
C3 PLP CA . -13.58 7.57 33.46
O3 PLP CA . -12.98 6.38 33.67
C4 PLP CA . -13.09 8.41 32.44
C4A PLP CA . -11.91 7.89 31.61
C5 PLP CA . -13.73 9.66 32.21
C6 PLP CA . -14.79 10.02 33.00
C5A PLP CA . -13.29 10.65 31.13
O4P PLP CA . -13.85 10.19 29.88
P PLP CA . -13.06 10.54 28.52
O1P PLP CA . -13.60 9.61 27.48
O2P PLP CA . -11.56 10.20 28.78
O3P PLP CA . -13.20 12.02 28.33
C FMT DA . -26.42 13.11 17.98
O1 FMT DA . -26.97 13.31 16.88
O2 FMT DA . -25.55 12.25 18.21
I IOD EA . -19.04 -10.14 -6.13
I IOD FA . -26.08 44.60 2.54
I IOD GA . -40.47 26.60 -17.81
I IOD HA . -7.52 14.08 1.69
I IOD IA . -32.57 36.05 -4.00
I IOD JA . 9.11 38.14 8.46
N1 PLP KA . -16.18 31.10 15.49
C2 PLP KA . -16.08 31.45 14.17
C2A PLP KA . -15.93 32.90 13.84
C3 PLP KA . -16.12 30.42 13.22
O3 PLP KA . -16.01 30.68 11.90
C4 PLP KA . -16.26 29.07 13.63
C4A PLP KA . -16.30 28.00 12.53
C5 PLP KA . -16.35 28.78 15.01
C6 PLP KA . -16.31 29.82 15.91
C5A PLP KA . -16.47 27.35 15.56
O4P PLP KA . -15.14 26.77 15.56
P PLP KA . -14.99 25.17 15.42
O1P PLP KA . -13.61 24.93 14.90
O2P PLP KA . -16.03 24.71 14.36
O3P PLP KA . -15.37 24.58 16.77
C FMT LA . -18.14 24.77 8.63
O1 FMT LA . -18.15 23.55 8.36
O2 FMT LA . -17.17 25.40 9.12
C FMT MA . -6.93 7.30 30.21
O1 FMT MA . -7.97 6.62 30.27
O2 FMT MA . -6.08 7.26 29.29
C FMT NA . -1.74 22.76 25.94
O1 FMT NA . -2.04 22.73 24.73
O2 FMT NA . -0.70 22.30 26.45
I IOD OA . -0.62 21.98 0.82
I IOD PA . -46.62 0.79 -22.70
I IOD QA . -44.31 26.13 -5.52
I IOD RA . -14.31 -0.83 -7.64
I IOD SA . -44.09 11.81 -17.20
N1 PLP TA . -26.65 -4.28 -27.33
C2 PLP TA . -27.44 -4.23 -26.23
C2A PLP TA . -28.76 -4.92 -26.25
C3 PLP TA . -26.94 -3.52 -25.11
O3 PLP TA . -27.65 -3.45 -23.97
C4 PLP TA . -25.67 -2.88 -25.17
C4A PLP TA . -25.21 -2.14 -23.91
C5 PLP TA . -24.92 -2.98 -26.36
C6 PLP TA . -25.43 -3.69 -27.43
C5A PLP TA . -23.53 -2.35 -26.52
O4P PLP TA . -22.58 -3.23 -25.90
P PLP TA . -21.17 -2.62 -25.38
O1P PLP TA . -20.65 -3.62 -24.39
O2P PLP TA . -21.49 -1.30 -24.65
O3P PLP TA . -20.36 -2.34 -26.60
C FMT UA . -10.27 -15.25 -29.23
O1 FMT UA . -9.11 -15.66 -29.37
O2 FMT UA . -10.73 -14.69 -28.21
C ACY VA . -24.07 1.44 -20.73
O ACY VA . -23.34 2.37 -20.17
OXT ACY VA . -24.90 0.65 -20.16
CH3 ACY VA . -23.87 1.34 -22.22
C1 PEG WA . -30.50 -23.01 -40.94
O1 PEG WA . -31.14 -21.74 -41.14
C2 PEG WA . -31.10 -23.70 -39.72
O2 PEG WA . -32.51 -23.89 -39.92
C3 PEG WA . -33.08 -24.53 -38.77
C4 PEG WA . -34.59 -24.72 -38.98
O4 PEG WA . -35.15 -25.35 -37.82
I IOD XA . 1.69 -22.18 2.11
I IOD YA . 17.08 -4.61 -48.55
I IOD ZA . 28.45 -28.26 -32.64
I IOD AB . 4.69 -0.87 -14.96
I IOD BB . 19.51 -14.95 -41.95
N1 PLP CB . -0.62 0.88 -38.28
C2 PLP CB . 0.71 0.90 -38.05
C2A PLP CB . 1.61 1.56 -39.05
C3 PLP CB . 1.18 0.29 -36.86
O3 PLP CB . 2.49 0.30 -36.53
C4 PLP CB . 0.26 -0.30 -35.96
C4A PLP CB . 0.83 -0.94 -34.68
C5 PLP CB . -1.12 -0.29 -36.28
C6 PLP CB . -1.53 0.31 -37.45
C5A PLP CB . -2.19 -0.87 -35.37
O4P PLP CB . -2.37 0.02 -34.26
P PLP CB . -3.07 -0.53 -32.93
O1P PLP CB . -2.81 0.51 -31.86
O2P PLP CB . -2.32 -1.85 -32.55
O3P PLP CB . -4.50 -0.85 -33.30
C FMT DB . 3.14 -4.73 -31.13
O1 FMT DB . 2.47 -5.39 -30.31
O2 FMT DB . 2.87 -3.59 -31.56
C FMT EB . -14.00 11.64 -29.01
O1 FMT EB . -12.77 11.62 -28.79
O2 FMT EB . -14.73 12.66 -29.00
C FMT FB . -15.47 15.55 -31.21
O1 FMT FB . -16.69 15.27 -31.31
O2 FMT FB . -14.83 16.30 -31.97
C FMT GB . -10.68 22.77 -38.48
O1 FMT GB . -9.68 22.07 -38.18
O2 FMT GB . -11.80 22.72 -37.92
#